data_2CH0
#
_entry.id   2CH0
#
_cell.length_a   1.000
_cell.length_b   1.000
_cell.length_c   1.000
_cell.angle_alpha   90.00
_cell.angle_beta   90.00
_cell.angle_gamma   90.00
#
_symmetry.space_group_name_H-M   'P 1'
#
_entity_poly.entity_id   1
_entity_poly.type   'polypeptide(L)'
_entity_poly.pdbx_seq_one_letter_code
;GSPEFRWTKEEEETRQMYDMVVKIIDVLRSHNEACQENKDLQPYMPIPHVRDSLIQPHDRKKMKKVWDRAVDFLAANESR
VRTETRRIGGADFLVWRWIQPSASCDKILVIPSKVWQGQAFHLDRRLERPHRD
;
_entity_poly.pdbx_strand_id   A
#
# COMPACT_ATOMS: atom_id res chain seq x y z
N GLY A 1 19.33 10.54 11.45
CA GLY A 1 20.34 10.18 12.42
C GLY A 1 19.70 9.69 13.67
N SER A 2 18.37 9.46 13.62
CA SER A 2 17.54 8.98 14.70
C SER A 2 16.34 8.30 14.07
N PRO A 3 15.74 7.20 14.62
CA PRO A 3 14.49 6.61 14.15
C PRO A 3 13.26 7.41 14.61
N GLU A 4 12.06 7.01 14.12
CA GLU A 4 10.76 7.65 14.35
C GLU A 4 10.01 7.18 15.59
N PHE A 5 10.22 5.89 15.98
CA PHE A 5 9.58 5.16 17.08
C PHE A 5 8.22 4.58 16.66
N ARG A 6 7.32 5.52 16.34
CA ARG A 6 5.93 5.41 15.85
C ARG A 6 4.94 4.71 16.76
N TRP A 7 4.32 5.55 17.63
CA TRP A 7 3.41 5.19 18.67
C TRP A 7 2.12 6.01 18.52
N THR A 8 1.31 6.26 19.59
CA THR A 8 0.01 6.97 19.57
C THR A 8 0.06 8.49 19.39
N LYS A 9 1.07 9.23 19.96
CA LYS A 9 1.23 10.69 19.83
C LYS A 9 1.69 11.23 18.49
N GLU A 10 2.50 10.46 17.70
CA GLU A 10 2.99 10.80 16.35
C GLU A 10 1.91 11.15 15.29
N GLU A 11 0.64 10.76 15.60
CA GLU A 11 -0.65 11.03 15.00
C GLU A 11 -1.09 12.48 15.17
N GLU A 12 -0.69 13.17 16.30
CA GLU A 12 -0.98 14.57 16.62
C GLU A 12 -0.29 15.56 15.68
N GLU A 13 0.92 15.20 15.17
CA GLU A 13 1.69 15.88 14.10
C GLU A 13 1.02 15.82 12.71
N THR A 14 0.53 14.62 12.29
CA THR A 14 -0.14 14.25 11.06
C THR A 14 -1.61 14.71 10.98
N ARG A 15 -2.34 14.84 12.12
CA ARG A 15 -3.72 15.34 12.21
C ARG A 15 -3.96 16.83 11.82
N GLN A 16 -4.53 17.05 10.59
CA GLN A 16 -4.86 18.27 9.85
C GLN A 16 -4.36 18.08 8.41
N MET A 17 -3.26 17.30 8.27
CA MET A 17 -2.53 16.93 7.06
C MET A 17 -3.24 15.98 6.13
N TYR A 18 -4.07 15.06 6.69
CA TYR A 18 -4.80 13.97 6.05
C TYR A 18 -5.71 14.21 4.83
N ASP A 19 -6.15 15.46 4.48
CA ASP A 19 -6.97 15.91 3.33
C ASP A 19 -6.95 15.05 2.05
N MET A 20 -5.89 15.11 1.19
CA MET A 20 -5.71 14.25 0.00
C MET A 20 -5.26 12.81 0.27
N VAL A 21 -4.54 12.60 1.40
CA VAL A 21 -3.92 11.29 1.80
C VAL A 21 -4.95 10.28 2.30
N VAL A 22 -6.09 10.75 2.92
CA VAL A 22 -7.25 9.97 3.40
C VAL A 22 -7.85 8.99 2.35
N LYS A 23 -7.81 9.34 1.02
CA LYS A 23 -8.10 8.45 -0.11
C LYS A 23 -7.07 7.32 -0.35
N ILE A 24 -5.74 7.61 -0.27
CA ILE A 24 -4.63 6.65 -0.43
C ILE A 24 -4.41 5.78 0.81
N ILE A 25 -4.59 6.30 2.07
CA ILE A 25 -4.59 5.51 3.33
C ILE A 25 -5.80 4.58 3.39
N ASP A 26 -6.94 5.01 2.75
CA ASP A 26 -8.14 4.21 2.47
C ASP A 26 -7.86 3.10 1.44
N VAL A 27 -7.20 3.35 0.26
CA VAL A 27 -6.70 2.39 -0.78
C VAL A 27 -5.87 1.26 -0.16
N LEU A 28 -4.80 1.62 0.62
CA LEU A 28 -3.96 0.63 1.30
C LEU A 28 -4.58 -0.13 2.49
N ARG A 29 -5.17 0.55 3.52
CA ARG A 29 -5.87 -0.10 4.68
C ARG A 29 -7.08 -1.02 4.35
N SER A 30 -7.75 -0.71 3.22
CA SER A 30 -8.95 -1.34 2.61
C SER A 30 -8.69 -2.62 1.84
N HIS A 31 -7.71 -2.58 0.87
CA HIS A 31 -7.20 -3.69 0.07
C HIS A 31 -6.53 -4.71 1.01
N ASN A 32 -5.90 -4.23 2.13
CA ASN A 32 -5.29 -4.99 3.21
C ASN A 32 -6.13 -6.03 3.93
N GLU A 33 -7.41 -5.75 4.29
CA GLU A 33 -8.31 -6.64 5.05
C GLU A 33 -8.71 -7.91 4.29
N ALA A 34 -8.94 -7.73 2.96
CA ALA A 34 -9.14 -8.75 1.93
C ALA A 34 -7.86 -9.48 1.57
N CYS A 35 -6.71 -8.80 1.78
CA CYS A 35 -5.37 -9.27 1.45
C CYS A 35 -4.76 -10.28 2.40
N GLN A 36 -4.98 -10.14 3.73
CA GLN A 36 -4.52 -11.03 4.82
C GLN A 36 -5.22 -12.38 4.87
N GLU A 37 -6.33 -12.44 4.10
CA GLU A 37 -7.25 -13.57 3.89
C GLU A 37 -6.73 -14.58 2.87
N ASN A 38 -6.14 -13.93 1.84
CA ASN A 38 -5.59 -14.40 0.62
C ASN A 38 -4.11 -14.30 0.85
N LYS A 39 -3.27 -14.64 -0.15
CA LYS A 39 -1.82 -14.55 -0.04
C LYS A 39 -1.32 -13.10 -0.01
N ASP A 40 -1.46 -12.39 -1.14
CA ASP A 40 -1.34 -10.98 -1.28
C ASP A 40 -2.26 -10.81 -2.47
N LEU A 41 -3.38 -10.06 -2.46
CA LEU A 41 -4.24 -9.84 -3.65
C LEU A 41 -3.63 -8.98 -4.78
N GLN A 42 -2.59 -8.16 -4.47
CA GLN A 42 -1.75 -7.29 -5.25
C GLN A 42 -0.33 -7.72 -5.66
N PRO A 43 0.18 -8.93 -6.02
CA PRO A 43 1.62 -9.30 -6.09
C PRO A 43 2.66 -8.30 -6.66
N TYR A 44 2.29 -7.38 -7.61
CA TYR A 44 3.12 -6.29 -8.09
C TYR A 44 2.19 -5.28 -8.77
N MET A 45 2.41 -3.96 -8.55
CA MET A 45 1.72 -2.82 -9.17
C MET A 45 2.73 -1.67 -9.36
N PRO A 46 2.55 -0.67 -10.28
CA PRO A 46 3.47 0.49 -10.42
C PRO A 46 3.24 1.54 -9.34
N ILE A 47 4.05 2.65 -9.34
CA ILE A 47 3.95 3.85 -8.48
C ILE A 47 2.61 4.59 -8.74
N PRO A 48 2.24 4.94 -10.00
CA PRO A 48 0.90 5.24 -10.47
C PRO A 48 -0.24 4.28 -10.16
N HIS A 49 -0.18 2.97 -9.71
CA HIS A 49 -1.44 2.28 -9.21
C HIS A 49 -2.10 3.10 -8.09
N VAL A 50 -1.20 3.46 -7.13
CA VAL A 50 -1.40 4.33 -6.00
C VAL A 50 -1.41 5.80 -6.46
N ARG A 51 -0.46 6.31 -7.32
CA ARG A 51 -0.55 7.68 -7.88
C ARG A 51 -1.70 7.93 -8.89
N ASP A 52 -2.28 6.98 -9.65
CA ASP A 52 -3.55 7.15 -10.36
C ASP A 52 -4.77 7.05 -9.44
N SER A 53 -4.70 6.24 -8.33
CA SER A 53 -5.76 5.95 -7.35
C SER A 53 -6.40 7.10 -6.61
N LEU A 54 -5.79 8.32 -6.57
CA LEU A 54 -6.33 9.52 -5.94
C LEU A 54 -7.56 10.04 -6.71
N ILE A 55 -7.65 9.67 -8.02
CA ILE A 55 -8.72 10.03 -8.97
C ILE A 55 -8.81 9.00 -10.12
N GLN A 56 -9.98 8.39 -10.42
CA GLN A 56 -10.18 7.39 -11.50
C GLN A 56 -10.12 7.76 -13.03
N PRO A 57 -10.72 8.82 -13.63
CA PRO A 57 -10.84 9.03 -15.09
C PRO A 57 -9.64 9.72 -15.78
N HIS A 58 -9.89 10.79 -16.59
CA HIS A 58 -8.97 11.64 -17.34
C HIS A 58 -8.21 12.66 -16.49
N ASP A 59 -8.81 13.07 -15.35
CA ASP A 59 -8.33 13.96 -14.31
C ASP A 59 -7.48 13.24 -13.30
N ARG A 60 -7.15 11.92 -13.54
CA ARG A 60 -6.42 10.97 -12.71
C ARG A 60 -5.14 11.46 -12.11
N LYS A 61 -4.21 11.94 -12.96
CA LYS A 61 -2.95 12.54 -12.61
C LYS A 61 -3.00 13.86 -11.92
N LYS A 62 -4.06 14.68 -12.05
CA LYS A 62 -4.19 16.00 -11.41
C LYS A 62 -3.97 16.14 -9.89
N MET A 63 -4.01 15.03 -9.10
CA MET A 63 -3.55 15.01 -7.72
C MET A 63 -2.34 14.08 -7.55
N LYS A 64 -1.77 13.43 -8.62
CA LYS A 64 -0.54 12.61 -8.59
C LYS A 64 0.70 13.50 -8.42
N LYS A 65 0.60 14.75 -8.95
CA LYS A 65 1.61 15.82 -8.74
C LYS A 65 1.63 16.41 -7.30
N VAL A 66 0.43 16.40 -6.63
CA VAL A 66 0.14 16.74 -5.23
C VAL A 66 0.63 15.65 -4.28
N TRP A 67 0.60 14.36 -4.75
CA TRP A 67 1.03 13.12 -4.10
C TRP A 67 2.47 13.14 -3.58
N ASP A 68 3.33 13.88 -4.30
CA ASP A 68 4.73 14.25 -4.06
C ASP A 68 4.93 14.93 -2.67
N ARG A 69 4.00 15.87 -2.35
CA ARG A 69 3.76 16.48 -1.05
C ARG A 69 2.98 15.60 -0.07
N ALA A 70 1.86 14.91 -0.49
CA ALA A 70 0.96 14.06 0.33
C ALA A 70 1.62 12.92 1.15
N VAL A 71 2.66 12.28 0.52
CA VAL A 71 3.66 11.32 1.02
C VAL A 71 4.38 11.76 2.28
N ASP A 72 4.65 13.09 2.48
CA ASP A 72 5.22 13.72 3.70
C ASP A 72 4.33 13.45 4.94
N PHE A 73 2.99 13.54 4.76
CA PHE A 73 1.89 13.13 5.65
C PHE A 73 1.78 11.59 5.82
N LEU A 74 1.68 10.76 4.70
CA LEU A 74 1.65 9.25 4.71
C LEU A 74 2.76 8.55 5.47
N ALA A 75 4.01 8.92 5.13
CA ALA A 75 5.27 8.36 5.54
C ALA A 75 5.67 8.58 7.00
N ALA A 76 4.98 9.49 7.75
CA ALA A 76 5.15 9.67 9.19
C ALA A 76 4.27 8.70 10.01
N ASN A 77 3.31 7.99 9.36
CA ASN A 77 2.39 7.07 10.03
C ASN A 77 2.02 5.78 9.30
N GLU A 78 2.10 5.68 7.94
CA GLU A 78 1.63 4.49 7.24
C GLU A 78 2.43 4.14 5.98
N SER A 79 2.62 2.82 5.77
CA SER A 79 3.21 2.19 4.60
C SER A 79 2.68 0.76 4.59
N ARG A 80 1.38 0.56 4.23
CA ARG A 80 0.68 -0.73 4.24
C ARG A 80 0.71 -1.46 2.86
N VAL A 81 1.85 -1.31 2.11
CA VAL A 81 2.24 -1.92 0.85
C VAL A 81 3.77 -1.82 1.00
N ARG A 82 4.57 -2.69 0.33
CA ARG A 82 6.03 -2.75 0.31
C ARG A 82 6.64 -2.04 -0.89
N THR A 83 7.77 -1.28 -0.72
CA THR A 83 8.52 -0.62 -1.80
C THR A 83 9.73 -1.49 -2.14
N GLU A 84 9.91 -1.77 -3.45
CA GLU A 84 11.00 -2.60 -3.97
C GLU A 84 11.47 -2.08 -5.33
N THR A 85 12.78 -2.23 -5.66
CA THR A 85 13.38 -1.96 -6.98
C THR A 85 13.50 -3.31 -7.68
N ARG A 86 12.80 -3.54 -8.81
CA ARG A 86 12.72 -4.87 -9.41
C ARG A 86 13.03 -4.79 -10.89
N ARG A 87 13.64 -5.85 -11.49
CA ARG A 87 14.00 -5.91 -12.91
C ARG A 87 12.86 -6.50 -13.77
N ILE A 88 12.35 -5.73 -14.76
CA ILE A 88 11.25 -6.13 -15.64
C ILE A 88 11.66 -5.78 -17.06
N GLY A 89 11.68 -6.79 -17.99
CA GLY A 89 12.12 -6.64 -19.42
C GLY A 89 13.59 -6.32 -19.60
N GLY A 90 14.39 -6.65 -18.55
CA GLY A 90 15.82 -6.30 -18.42
C GLY A 90 16.09 -4.94 -17.81
N ALA A 91 15.10 -4.23 -17.20
CA ALA A 91 15.28 -2.90 -16.68
C ALA A 91 14.72 -2.80 -15.25
N ASP A 92 15.47 -2.15 -14.32
CA ASP A 92 15.22 -1.95 -12.90
C ASP A 92 14.52 -0.62 -12.62
N PHE A 93 13.22 -0.66 -12.20
CA PHE A 93 12.41 0.51 -11.87
C PHE A 93 11.88 0.30 -10.45
N LEU A 94 11.26 1.34 -9.82
CA LEU A 94 10.66 1.24 -8.50
C LEU A 94 9.17 0.94 -8.66
N VAL A 95 8.65 -0.09 -7.94
CA VAL A 95 7.29 -0.60 -7.97
C VAL A 95 6.80 -0.69 -6.52
N TRP A 96 5.45 -0.72 -6.29
CA TRP A 96 4.89 -0.90 -4.91
C TRP A 96 4.14 -2.25 -4.94
N ARG A 97 4.21 -3.16 -3.92
CA ARG A 97 3.67 -4.53 -3.98
C ARG A 97 3.03 -4.90 -2.65
N TRP A 98 2.09 -5.88 -2.52
CA TRP A 98 1.36 -6.09 -1.24
C TRP A 98 1.92 -6.92 -0.04
N ILE A 99 1.86 -6.29 1.19
CA ILE A 99 2.16 -6.87 2.50
C ILE A 99 0.90 -6.62 3.34
N GLN A 100 0.39 -7.69 4.01
CA GLN A 100 -0.88 -7.75 4.72
C GLN A 100 -0.64 -8.19 6.18
N PRO A 101 -0.72 -7.34 7.24
CA PRO A 101 -0.52 -7.74 8.64
C PRO A 101 -1.62 -8.62 9.22
N SER A 102 -1.25 -9.59 10.10
CA SER A 102 -2.14 -10.49 10.86
C SER A 102 -2.61 -11.71 10.08
N ALA A 103 -3.11 -12.77 10.76
CA ALA A 103 -3.60 -14.05 10.21
C ALA A 103 -2.63 -14.96 9.40
N SER A 104 -1.69 -14.38 8.61
CA SER A 104 -0.71 -15.05 7.77
C SER A 104 0.60 -15.29 8.53
N CYS A 105 1.04 -14.24 9.26
CA CYS A 105 2.24 -14.18 10.06
C CYS A 105 2.03 -14.75 11.46
N ASP A 106 2.13 -16.09 11.56
CA ASP A 106 1.99 -16.86 12.79
C ASP A 106 3.16 -17.82 12.79
N LYS A 107 3.79 -18.05 13.97
CA LYS A 107 4.95 -18.91 14.08
C LYS A 107 5.05 -19.40 15.52
N ILE A 108 5.91 -20.43 15.76
CA ILE A 108 6.19 -21.06 17.05
C ILE A 108 7.69 -20.87 17.29
N LEU A 109 8.07 -20.52 18.55
CA LEU A 109 9.44 -20.33 19.02
C LEU A 109 9.94 -21.56 19.78
N VAL A 110 10.91 -21.43 20.73
CA VAL A 110 11.50 -22.51 21.54
C VAL A 110 10.55 -23.24 22.50
N ILE A 111 9.57 -22.52 23.10
CA ILE A 111 8.56 -23.03 24.01
C ILE A 111 7.19 -22.92 23.33
N PRO A 112 6.55 -24.00 22.76
CA PRO A 112 5.26 -23.97 22.05
C PRO A 112 4.07 -23.55 22.92
N SER A 113 3.90 -22.22 23.03
CA SER A 113 2.98 -21.51 23.91
C SER A 113 1.62 -21.26 23.29
N LYS A 114 0.86 -22.35 23.10
CA LYS A 114 -0.47 -22.36 22.53
C LYS A 114 -1.20 -23.59 23.03
N VAL A 115 -2.53 -23.62 22.78
CA VAL A 115 -3.44 -24.71 23.12
C VAL A 115 -4.05 -25.17 21.80
N TRP A 116 -4.38 -26.50 21.73
CA TRP A 116 -4.96 -27.35 20.68
C TRP A 116 -5.57 -26.74 19.41
N GLN A 117 -6.70 -25.99 19.53
CA GLN A 117 -7.39 -25.37 18.41
C GLN A 117 -7.74 -23.94 18.78
N GLY A 118 -7.64 -23.08 17.76
CA GLY A 118 -7.84 -21.64 17.79
C GLY A 118 -7.15 -21.10 16.58
N GLN A 119 -5.81 -21.37 16.50
CA GLN A 119 -4.89 -20.97 15.43
C GLN A 119 -4.92 -21.88 14.19
N ALA A 120 -4.01 -22.88 14.09
CA ALA A 120 -3.87 -23.78 12.95
C ALA A 120 -3.88 -25.27 13.31
N PHE A 121 -2.79 -26.01 12.96
CA PHE A 121 -2.58 -27.42 13.22
C PHE A 121 -1.09 -27.57 13.50
N HIS A 122 -0.62 -28.75 13.99
CA HIS A 122 0.79 -29.02 14.23
C HIS A 122 1.05 -30.47 13.90
N LEU A 123 2.13 -30.75 13.12
CA LEU A 123 2.58 -32.06 12.61
C LEU A 123 1.73 -32.56 11.43
N ASP A 124 0.42 -32.74 11.67
CA ASP A 124 -0.61 -33.14 10.71
C ASP A 124 -1.19 -31.91 10.00
N ARG A 125 -1.37 -32.00 8.66
CA ARG A 125 -1.88 -30.95 7.76
C ARG A 125 -0.89 -29.79 7.53
N ARG A 126 0.25 -30.09 6.85
CA ARG A 126 1.33 -29.17 6.56
C ARG A 126 1.07 -28.23 5.39
N LEU A 127 0.18 -27.24 5.66
CA LEU A 127 -0.23 -26.14 4.79
C LEU A 127 0.17 -24.85 5.50
N GLU A 128 -0.43 -23.71 5.10
CA GLU A 128 -0.25 -22.41 5.73
C GLU A 128 -1.55 -22.08 6.44
N ARG A 129 -1.56 -20.98 7.23
CA ARG A 129 -2.67 -20.45 8.03
C ARG A 129 -3.90 -20.01 7.22
N PRO A 130 -3.87 -19.09 6.21
CA PRO A 130 -5.01 -18.75 5.35
C PRO A 130 -5.27 -19.87 4.33
N HIS A 131 -6.54 -20.08 3.91
CA HIS A 131 -6.93 -21.19 3.04
C HIS A 131 -7.80 -20.65 1.89
N ARG A 132 -8.35 -21.55 1.02
CA ARG A 132 -9.16 -21.25 -0.16
C ARG A 132 -10.58 -20.67 0.06
N ASP A 133 -10.62 -19.45 0.66
CA ASP A 133 -11.78 -18.62 1.03
C ASP A 133 -12.38 -19.05 2.36
N GLY A 1 3.28 26.79 28.26
CA GLY A 1 3.87 28.12 28.38
C GLY A 1 5.19 28.15 27.68
N SER A 2 5.52 27.06 26.96
CA SER A 2 6.73 26.86 26.20
C SER A 2 6.42 25.86 25.09
N PRO A 3 6.95 25.94 23.85
CA PRO A 3 6.80 24.92 22.81
C PRO A 3 7.77 23.73 23.04
N GLU A 4 7.69 22.69 22.18
CA GLU A 4 8.50 21.48 22.25
C GLU A 4 9.64 21.50 21.25
N PHE A 5 10.63 20.58 21.44
CA PHE A 5 11.74 20.32 20.53
C PHE A 5 11.28 19.22 19.57
N ARG A 6 10.48 19.62 18.55
CA ARG A 6 9.73 18.76 17.65
C ARG A 6 10.41 18.43 16.33
N TRP A 7 11.71 18.09 16.42
CA TRP A 7 12.71 17.69 15.43
C TRP A 7 12.34 16.49 14.52
N THR A 8 12.77 15.25 14.90
CA THR A 8 12.47 13.95 14.30
C THR A 8 11.12 13.44 14.77
N LYS A 9 10.58 14.10 15.83
CA LYS A 9 9.23 14.01 16.39
C LYS A 9 8.17 14.51 15.41
N GLU A 10 8.56 15.44 14.47
CA GLU A 10 7.74 16.05 13.41
C GLU A 10 6.99 15.08 12.48
N GLU A 11 7.39 13.78 12.53
CA GLU A 11 6.79 12.57 11.99
C GLU A 11 5.45 12.20 12.65
N GLU A 12 5.27 12.56 13.96
CA GLU A 12 4.04 12.36 14.75
C GLU A 12 2.94 13.35 14.36
N GLU A 13 3.35 14.60 14.02
CA GLU A 13 2.57 15.70 13.48
C GLU A 13 2.05 15.56 12.04
N THR A 14 2.81 14.86 11.14
CA THR A 14 2.60 14.71 9.71
C THR A 14 1.57 13.72 9.21
N ARG A 15 1.63 12.43 9.64
CA ARG A 15 0.73 11.29 9.41
C ARG A 15 -0.23 11.22 8.18
N GLN A 16 -1.55 11.00 8.39
CA GLN A 16 -2.45 10.90 7.26
C GLN A 16 -3.80 11.41 7.63
N MET A 17 -3.85 12.30 8.66
CA MET A 17 -5.08 12.87 9.19
C MET A 17 -5.81 13.89 8.33
N TYR A 18 -5.14 15.01 7.93
CA TYR A 18 -5.75 16.16 7.27
C TYR A 18 -6.22 16.35 5.81
N ASP A 19 -5.35 16.30 4.77
CA ASP A 19 -5.70 16.84 3.45
C ASP A 19 -6.07 15.80 2.39
N MET A 20 -5.42 15.86 1.17
CA MET A 20 -5.55 15.00 -0.01
C MET A 20 -5.30 13.52 0.26
N VAL A 21 -4.54 13.30 1.34
CA VAL A 21 -4.25 12.01 2.01
C VAL A 21 -5.48 11.22 2.51
N VAL A 22 -6.57 11.91 2.97
CA VAL A 22 -7.85 11.36 3.48
C VAL A 22 -8.62 10.42 2.52
N LYS A 23 -8.68 10.75 1.20
CA LYS A 23 -9.26 9.94 0.13
C LYS A 23 -8.42 8.72 -0.31
N ILE A 24 -7.05 8.79 -0.20
CA ILE A 24 -6.11 7.70 -0.52
C ILE A 24 -6.03 6.57 0.51
N ILE A 25 -6.14 6.91 1.84
CA ILE A 25 -6.14 5.99 3.03
C ILE A 25 -7.17 4.87 2.94
N ASP A 26 -8.30 5.17 2.24
CA ASP A 26 -9.38 4.27 1.86
C ASP A 26 -9.03 3.25 0.76
N VAL A 27 -7.94 3.45 -0.07
CA VAL A 27 -7.49 2.47 -1.09
C VAL A 27 -6.75 1.29 -0.42
N LEU A 28 -5.70 1.54 0.42
CA LEU A 28 -4.89 0.55 1.15
C LEU A 28 -5.63 -0.35 2.12
N ARG A 29 -6.49 0.21 3.01
CA ARG A 29 -7.38 -0.51 3.95
C ARG A 29 -8.26 -1.61 3.33
N SER A 30 -8.59 -1.47 2.03
CA SER A 30 -9.50 -2.27 1.20
C SER A 30 -8.98 -3.66 0.84
N HIS A 31 -7.74 -3.68 0.26
CA HIS A 31 -6.94 -4.84 -0.09
C HIS A 31 -6.34 -5.50 1.15
N ASN A 32 -6.05 -4.66 2.19
CA ASN A 32 -5.64 -5.05 3.55
C ASN A 32 -6.70 -5.83 4.38
N GLU A 33 -8.05 -5.65 4.24
CA GLU A 33 -9.02 -6.54 4.93
C GLU A 33 -9.09 -7.96 4.36
N ALA A 34 -8.92 -8.09 3.02
CA ALA A 34 -8.76 -9.31 2.22
C ALA A 34 -7.41 -10.00 2.36
N CYS A 35 -6.34 -9.24 2.75
CA CYS A 35 -4.95 -9.67 2.94
C CYS A 35 -4.77 -10.80 3.93
N GLN A 36 -5.68 -10.88 4.95
CA GLN A 36 -5.87 -11.92 5.97
C GLN A 36 -6.01 -13.33 5.43
N GLU A 37 -6.19 -13.48 4.11
CA GLU A 37 -6.57 -14.70 3.44
C GLU A 37 -5.61 -15.02 2.33
N ASN A 38 -5.32 -13.98 1.52
CA ASN A 38 -4.48 -14.02 0.36
C ASN A 38 -3.36 -13.03 0.64
N LYS A 39 -2.18 -13.59 0.97
CA LYS A 39 -0.88 -13.08 1.43
C LYS A 39 -0.43 -11.76 0.84
N ASP A 40 -0.70 -11.65 -0.45
CA ASP A 40 -0.61 -10.47 -1.25
C ASP A 40 -1.62 -10.60 -2.36
N LEU A 41 -2.93 -10.24 -2.19
CA LEU A 41 -3.87 -10.15 -3.34
C LEU A 41 -3.59 -9.00 -4.38
N GLN A 42 -2.73 -8.04 -3.94
CA GLN A 42 -1.97 -6.92 -4.49
C GLN A 42 -0.50 -7.30 -4.74
N PRO A 43 -0.04 -8.52 -5.21
CA PRO A 43 1.35 -9.06 -5.20
C PRO A 43 2.40 -8.11 -5.75
N TYR A 44 2.01 -7.15 -6.65
CA TYR A 44 2.76 -6.04 -7.16
C TYR A 44 1.72 -5.01 -7.64
N MET A 45 2.07 -3.70 -7.55
CA MET A 45 1.35 -2.51 -7.99
C MET A 45 2.40 -1.52 -8.59
N PRO A 46 2.22 -0.64 -9.61
CA PRO A 46 3.19 0.44 -9.95
C PRO A 46 3.02 1.66 -9.01
N ILE A 47 3.90 2.72 -9.03
CA ILE A 47 3.78 3.96 -8.22
C ILE A 47 2.49 4.75 -8.52
N PRO A 48 2.06 4.98 -9.78
CA PRO A 48 0.70 5.26 -10.21
C PRO A 48 -0.43 4.35 -9.74
N HIS A 49 -0.37 3.09 -9.15
CA HIS A 49 -1.63 2.56 -8.52
C HIS A 49 -2.13 3.49 -7.39
N VAL A 50 -1.19 3.88 -6.47
CA VAL A 50 -1.44 4.91 -5.46
C VAL A 50 -1.40 6.34 -6.03
N ARG A 51 -0.45 6.70 -6.98
CA ARG A 51 -0.44 7.98 -7.71
C ARG A 51 -1.63 8.18 -8.69
N ASP A 52 -2.18 7.21 -9.48
CA ASP A 52 -3.39 7.31 -10.32
C ASP A 52 -4.73 7.19 -9.58
N SER A 53 -4.80 6.69 -8.30
CA SER A 53 -6.01 6.42 -7.48
C SER A 53 -6.98 7.53 -7.17
N LEU A 54 -6.42 8.76 -7.01
CA LEU A 54 -6.97 9.99 -6.48
C LEU A 54 -8.05 10.59 -7.39
N ILE A 55 -7.93 10.35 -8.73
CA ILE A 55 -8.91 10.74 -9.76
C ILE A 55 -8.78 9.64 -10.82
N GLN A 56 -9.88 9.26 -11.50
CA GLN A 56 -9.94 8.25 -12.56
C GLN A 56 -9.73 8.68 -14.03
N PRO A 57 -10.25 9.79 -14.62
CA PRO A 57 -10.30 10.01 -16.08
C PRO A 57 -9.06 10.71 -16.67
N HIS A 58 -9.24 11.94 -17.22
CA HIS A 58 -8.26 12.85 -17.80
C HIS A 58 -7.43 13.60 -16.76
N ASP A 59 -8.03 14.00 -15.61
CA ASP A 59 -7.42 14.77 -14.53
C ASP A 59 -6.71 13.92 -13.50
N ARG A 60 -6.56 12.58 -13.67
CA ARG A 60 -5.88 11.60 -12.81
C ARG A 60 -4.51 11.98 -12.28
N LYS A 61 -3.63 12.50 -13.15
CA LYS A 61 -2.32 13.02 -12.80
C LYS A 61 -2.30 14.32 -12.01
N LYS A 62 -3.39 15.15 -12.14
CA LYS A 62 -3.60 16.44 -11.52
C LYS A 62 -3.64 16.49 -9.99
N MET A 63 -4.01 15.38 -9.29
CA MET A 63 -3.74 15.28 -7.87
C MET A 63 -2.68 14.22 -7.67
N LYS A 64 -2.14 13.50 -8.74
CA LYS A 64 -1.02 12.55 -8.64
C LYS A 64 0.28 13.27 -8.28
N LYS A 65 0.48 14.34 -9.05
CA LYS A 65 1.53 15.38 -8.93
C LYS A 65 1.54 16.10 -7.57
N VAL A 66 0.33 16.22 -6.93
CA VAL A 66 0.07 16.65 -5.53
C VAL A 66 0.38 15.52 -4.55
N TRP A 67 0.03 14.25 -4.90
CA TRP A 67 0.27 13.02 -4.14
C TRP A 67 1.76 12.74 -3.91
N ASP A 68 2.65 13.12 -4.87
CA ASP A 68 4.13 13.11 -4.75
C ASP A 68 4.66 13.93 -3.56
N ARG A 69 4.02 15.11 -3.30
CA ARG A 69 4.14 16.01 -2.16
C ARG A 69 3.39 15.48 -0.92
N ALA A 70 2.06 15.13 -1.03
CA ALA A 70 1.16 14.61 0.01
C ALA A 70 1.64 13.37 0.78
N VAL A 71 2.42 12.50 0.05
CA VAL A 71 3.23 11.33 0.42
C VAL A 71 4.27 11.65 1.46
N ASP A 72 4.84 12.91 1.48
CA ASP A 72 5.77 13.46 2.49
C ASP A 72 5.14 13.46 3.89
N PHE A 73 3.78 13.63 3.98
CA PHE A 73 2.96 13.37 5.16
C PHE A 73 2.68 11.87 5.44
N LEU A 74 2.04 11.03 4.51
CA LEU A 74 1.69 9.56 4.73
C LEU A 74 2.81 8.66 5.22
N ALA A 75 3.94 8.77 4.50
CA ALA A 75 5.20 8.10 4.62
C ALA A 75 5.97 8.33 5.92
N ALA A 76 5.57 9.32 6.78
CA ALA A 76 6.06 9.54 8.13
C ALA A 76 5.39 8.62 9.16
N ASN A 77 4.35 7.83 8.74
CA ASN A 77 3.63 6.85 9.52
C ASN A 77 3.78 5.49 8.82
N GLU A 78 2.66 4.81 8.50
CA GLU A 78 2.63 3.52 7.85
C GLU A 78 1.78 3.64 6.61
N SER A 79 2.33 3.21 5.45
CA SER A 79 1.70 3.20 4.14
C SER A 79 1.27 1.81 3.75
N ARG A 80 1.57 0.80 4.62
CA ARG A 80 1.40 -0.65 4.50
C ARG A 80 2.17 -1.34 3.36
N VAL A 81 2.13 -0.77 2.12
CA VAL A 81 2.88 -1.20 0.94
C VAL A 81 4.25 -0.50 0.87
N ARG A 82 5.25 -1.24 0.31
CA ARG A 82 6.69 -0.93 0.34
C ARG A 82 7.28 -0.81 -1.05
N THR A 83 8.31 0.09 -1.27
CA THR A 83 9.04 0.31 -2.52
C THR A 83 10.25 -0.61 -2.59
N GLU A 84 10.28 -1.48 -3.61
CA GLU A 84 11.38 -2.42 -3.81
C GLU A 84 11.83 -2.24 -5.25
N THR A 85 13.15 -2.44 -5.52
CA THR A 85 13.76 -2.34 -6.85
C THR A 85 13.90 -3.74 -7.41
N ARG A 86 13.13 -4.10 -8.47
CA ARG A 86 13.09 -5.45 -9.06
C ARG A 86 13.09 -5.29 -10.55
N ARG A 87 13.56 -6.35 -11.25
CA ARG A 87 13.76 -6.41 -12.70
C ARG A 87 12.56 -6.95 -13.48
N ILE A 88 11.98 -6.16 -14.43
CA ILE A 88 10.82 -6.53 -15.23
C ILE A 88 11.12 -6.14 -16.66
N GLY A 89 11.10 -7.13 -17.62
CA GLY A 89 11.43 -6.94 -19.08
C GLY A 89 12.86 -6.56 -19.35
N GLY A 90 13.76 -6.89 -18.38
CA GLY A 90 15.18 -6.50 -18.36
C GLY A 90 15.45 -5.14 -17.70
N ALA A 91 14.47 -4.48 -17.03
CA ALA A 91 14.66 -3.16 -16.46
C ALA A 91 14.21 -3.14 -15.00
N ASP A 92 14.99 -2.49 -14.11
CA ASP A 92 14.80 -2.40 -12.67
C ASP A 92 14.10 -1.11 -12.23
N PHE A 93 12.85 -1.20 -11.69
CA PHE A 93 12.04 -0.05 -11.29
C PHE A 93 11.63 -0.21 -9.84
N LEU A 94 11.08 0.89 -9.24
CA LEU A 94 10.50 0.92 -7.91
C LEU A 94 9.01 0.63 -8.04
N VAL A 95 8.59 -0.56 -7.52
CA VAL A 95 7.22 -1.07 -7.50
C VAL A 95 6.74 -0.78 -6.08
N TRP A 96 5.41 -0.52 -5.89
CA TRP A 96 4.90 -0.47 -4.50
C TRP A 96 4.21 -1.84 -4.39
N ARG A 97 4.47 -2.70 -3.38
CA ARG A 97 3.89 -4.04 -3.35
C ARG A 97 3.50 -4.31 -1.91
N TRP A 98 2.53 -5.22 -1.70
CA TRP A 98 1.94 -5.53 -0.43
C TRP A 98 2.33 -6.92 0.09
N ILE A 99 2.50 -7.04 1.43
CA ILE A 99 2.96 -8.20 2.19
C ILE A 99 2.00 -8.65 3.32
N GLN A 100 1.71 -9.98 3.48
CA GLN A 100 0.89 -10.56 4.58
C GLN A 100 1.45 -11.95 4.97
N PRO A 101 2.28 -12.16 6.03
CA PRO A 101 2.97 -13.43 6.31
C PRO A 101 2.08 -14.61 6.72
N SER A 102 2.25 -15.78 6.05
CA SER A 102 1.54 -17.05 6.31
C SER A 102 0.01 -17.00 6.06
N ALA A 103 -0.43 -16.13 5.12
CA ALA A 103 -1.81 -15.87 4.71
C ALA A 103 -2.61 -15.03 5.72
N SER A 104 -2.90 -15.67 6.87
CA SER A 104 -3.70 -15.26 8.02
C SER A 104 -2.86 -15.19 9.30
N CYS A 105 -1.52 -15.39 9.18
CA CYS A 105 -0.52 -15.40 10.25
C CYS A 105 -0.51 -16.66 11.12
N ASP A 106 -1.65 -16.93 11.83
CA ASP A 106 -1.79 -18.04 12.77
C ASP A 106 -3.23 -18.50 12.88
N LYS A 107 -4.23 -17.56 12.87
CA LYS A 107 -5.64 -17.83 13.11
C LYS A 107 -6.44 -17.81 11.81
N ILE A 108 -7.08 -18.98 11.49
CA ILE A 108 -7.85 -19.26 10.27
C ILE A 108 -6.93 -19.75 9.14
N LEU A 109 -7.38 -20.79 8.40
CA LEU A 109 -6.68 -21.40 7.28
C LEU A 109 -6.98 -20.73 5.93
N VAL A 110 -6.54 -21.39 4.82
CA VAL A 110 -6.68 -20.99 3.43
C VAL A 110 -7.99 -21.54 2.90
N ILE A 111 -9.05 -20.69 2.90
CA ILE A 111 -10.41 -21.03 2.48
C ILE A 111 -10.67 -20.35 1.13
N PRO A 112 -10.85 -21.04 -0.03
CA PRO A 112 -11.22 -20.40 -1.30
C PRO A 112 -12.73 -20.11 -1.33
N SER A 113 -13.56 -21.14 -1.63
CA SER A 113 -15.02 -21.22 -1.69
C SER A 113 -15.35 -22.09 -2.87
N LYS A 114 -14.73 -21.77 -4.04
CA LYS A 114 -14.85 -22.45 -5.30
C LYS A 114 -13.60 -22.03 -6.04
N VAL A 115 -13.36 -22.50 -7.29
CA VAL A 115 -12.20 -22.20 -8.12
C VAL A 115 -12.48 -21.07 -9.12
N TRP A 116 -13.79 -20.79 -9.40
CA TRP A 116 -14.36 -19.75 -10.26
C TRP A 116 -13.85 -19.68 -11.72
N GLN A 117 -12.68 -19.05 -11.91
CA GLN A 117 -11.97 -18.84 -13.16
C GLN A 117 -10.58 -19.48 -13.12
N GLY A 118 -10.24 -20.27 -12.06
CA GLY A 118 -8.90 -20.84 -11.79
C GLY A 118 -8.26 -21.85 -12.75
N GLN A 119 -8.03 -21.44 -14.02
CA GLN A 119 -7.43 -22.28 -15.04
C GLN A 119 -6.21 -21.67 -15.71
N ALA A 120 -5.93 -20.34 -15.56
CA ALA A 120 -4.79 -19.62 -16.17
C ALA A 120 -3.41 -19.94 -15.58
N PHE A 121 -3.11 -21.27 -15.55
CA PHE A 121 -1.92 -21.90 -15.01
C PHE A 121 -1.88 -23.35 -15.46
N HIS A 122 -2.98 -24.14 -15.26
CA HIS A 122 -3.01 -25.58 -15.54
C HIS A 122 -3.76 -25.87 -16.83
N LEU A 123 -3.08 -26.50 -17.84
CA LEU A 123 -3.60 -26.83 -19.17
C LEU A 123 -3.71 -25.66 -20.13
N ASP A 124 -4.36 -24.52 -19.71
CA ASP A 124 -4.59 -23.28 -20.48
C ASP A 124 -3.33 -22.43 -20.71
N ARG A 125 -2.26 -23.11 -21.15
CA ARG A 125 -0.95 -22.63 -21.51
C ARG A 125 -0.72 -23.09 -22.94
N ARG A 126 -1.10 -24.36 -23.26
CA ARG A 126 -0.97 -24.92 -24.60
C ARG A 126 -2.11 -25.87 -24.96
N LEU A 127 -3.12 -26.09 -24.08
CA LEU A 127 -4.26 -26.95 -24.36
C LEU A 127 -5.53 -26.26 -23.91
N GLU A 128 -6.68 -26.78 -24.42
CA GLU A 128 -8.07 -26.36 -24.18
C GLU A 128 -8.54 -25.22 -25.10
N ARG A 129 -9.80 -25.33 -25.59
CA ARG A 129 -10.44 -24.41 -26.53
C ARG A 129 -11.62 -23.59 -25.99
N PRO A 130 -12.68 -24.08 -25.28
CA PRO A 130 -13.83 -23.26 -24.89
C PRO A 130 -13.61 -22.39 -23.64
N HIS A 131 -12.76 -22.84 -22.67
CA HIS A 131 -12.41 -22.21 -21.41
C HIS A 131 -13.44 -22.40 -20.29
N ARG A 132 -13.36 -23.56 -19.57
CA ARG A 132 -14.25 -23.91 -18.47
C ARG A 132 -13.45 -24.82 -17.55
N ASP A 133 -13.56 -24.63 -16.21
CA ASP A 133 -12.83 -25.38 -15.19
C ASP A 133 -13.74 -26.33 -14.43
N GLY A 1 6.88 35.34 8.30
CA GLY A 1 5.48 35.55 8.56
C GLY A 1 5.05 34.74 9.75
N SER A 2 5.99 33.99 10.34
CA SER A 2 5.84 33.13 11.50
C SER A 2 7.25 32.61 11.81
N PRO A 3 7.61 32.11 13.02
CA PRO A 3 8.96 31.65 13.38
C PRO A 3 9.35 30.25 12.85
N GLU A 4 10.26 29.51 13.55
CA GLU A 4 10.67 28.15 13.21
C GLU A 4 9.84 27.07 13.89
N PHE A 5 9.63 25.95 13.17
CA PHE A 5 8.80 24.83 13.60
C PHE A 5 9.60 23.53 13.55
N ARG A 6 10.86 23.55 14.07
CA ARG A 6 11.82 22.43 14.15
C ARG A 6 11.61 21.51 15.34
N TRP A 7 10.39 21.60 15.88
CA TRP A 7 9.81 20.97 17.04
C TRP A 7 9.09 19.65 16.72
N THR A 8 8.57 18.94 17.76
CA THR A 8 7.87 17.64 17.67
C THR A 8 6.41 17.76 17.23
N LYS A 9 5.82 18.98 17.38
CA LYS A 9 4.44 19.35 17.09
C LYS A 9 3.98 19.43 15.65
N GLU A 10 4.90 19.70 14.69
CA GLU A 10 4.65 19.73 13.23
C GLU A 10 4.04 18.43 12.61
N GLU A 11 4.33 17.28 13.29
CA GLU A 11 3.87 15.92 13.19
C GLU A 11 2.42 15.74 13.62
N GLU A 12 1.91 16.52 14.63
CA GLU A 12 0.56 16.50 15.23
C GLU A 12 -0.58 16.64 14.21
N GLU A 13 -0.34 17.50 13.19
CA GLU A 13 -1.08 17.67 11.94
C GLU A 13 -1.10 16.48 10.95
N THR A 14 -0.08 15.58 10.99
CA THR A 14 0.26 14.50 10.06
C THR A 14 -0.45 13.16 10.05
N ARG A 15 -1.01 12.64 11.19
CA ARG A 15 -1.61 11.29 11.36
C ARG A 15 -2.81 10.86 10.48
N GLN A 16 -2.62 10.87 9.14
CA GLN A 16 -3.45 10.44 8.02
C GLN A 16 -4.85 10.99 7.78
N MET A 17 -5.53 11.59 8.78
CA MET A 17 -6.88 12.05 8.69
C MET A 17 -7.25 13.17 7.70
N TYR A 18 -6.43 14.25 7.53
CA TYR A 18 -6.80 15.46 6.79
C TYR A 18 -6.92 15.73 5.28
N ASP A 19 -5.84 15.63 4.47
CA ASP A 19 -5.83 16.22 3.12
C ASP A 19 -6.28 15.26 2.02
N MET A 20 -5.57 15.32 0.86
CA MET A 20 -5.64 14.51 -0.36
C MET A 20 -5.39 13.02 -0.09
N VAL A 21 -4.67 12.78 1.03
CA VAL A 21 -4.31 11.47 1.65
C VAL A 21 -5.47 10.52 1.91
N VAL A 22 -6.71 11.01 2.25
CA VAL A 22 -7.95 10.22 2.47
C VAL A 22 -8.34 9.29 1.30
N LYS A 23 -8.06 9.73 0.04
CA LYS A 23 -8.26 9.03 -1.22
C LYS A 23 -7.29 7.85 -1.45
N ILE A 24 -5.96 8.04 -1.16
CA ILE A 24 -4.88 7.06 -1.22
C ILE A 24 -4.89 6.06 -0.05
N ILE A 25 -5.27 6.49 1.20
CA ILE A 25 -5.53 5.59 2.35
C ILE A 25 -6.76 4.71 2.11
N ASP A 26 -7.79 5.19 1.34
CA ASP A 26 -8.92 4.35 0.83
C ASP A 26 -8.46 3.28 -0.18
N VAL A 27 -7.45 3.60 -1.06
CA VAL A 27 -6.72 2.69 -2.00
C VAL A 27 -5.92 1.62 -1.22
N LEU A 28 -5.03 2.06 -0.26
CA LEU A 28 -4.24 1.19 0.62
C LEU A 28 -5.05 0.34 1.62
N ARG A 29 -5.98 0.92 2.43
CA ARG A 29 -6.91 0.24 3.38
C ARG A 29 -7.81 -0.87 2.79
N SER A 30 -8.12 -0.80 1.47
CA SER A 30 -9.01 -1.68 0.70
C SER A 30 -8.44 -3.07 0.46
N HIS A 31 -7.16 -3.20 0.02
CA HIS A 31 -6.39 -4.46 -0.13
C HIS A 31 -6.22 -5.19 1.22
N ASN A 32 -6.13 -4.36 2.27
CA ASN A 32 -5.91 -4.59 3.69
C ASN A 32 -6.94 -5.35 4.49
N GLU A 33 -8.23 -5.29 4.14
CA GLU A 33 -9.27 -6.13 4.73
C GLU A 33 -9.23 -7.61 4.32
N ALA A 34 -9.05 -7.87 3.01
CA ALA A 34 -8.83 -9.16 2.35
C ALA A 34 -7.46 -9.80 2.56
N CYS A 35 -6.47 -8.93 2.86
CA CYS A 35 -5.03 -9.14 3.13
C CYS A 35 -4.76 -10.11 4.24
N GLN A 36 -5.68 -10.14 5.26
CA GLN A 36 -5.76 -11.08 6.38
C GLN A 36 -5.77 -12.57 6.04
N GLU A 37 -5.95 -12.87 4.73
CA GLU A 37 -6.22 -14.19 4.19
C GLU A 37 -5.23 -14.56 3.11
N ASN A 38 -5.03 -13.60 2.19
CA ASN A 38 -4.22 -13.71 1.00
C ASN A 38 -3.13 -12.67 1.16
N LYS A 39 -1.97 -13.19 1.63
CA LYS A 39 -0.65 -12.67 2.02
C LYS A 39 -0.16 -11.39 1.35
N ASP A 40 -0.49 -11.37 0.06
CA ASP A 40 -0.46 -10.33 -0.92
C ASP A 40 -1.54 -10.60 -2.00
N LEU A 41 -2.85 -10.21 -1.85
CA LEU A 41 -3.85 -10.26 -2.95
C LEU A 41 -3.68 -9.22 -4.10
N GLN A 42 -2.90 -8.15 -3.80
CA GLN A 42 -2.28 -7.02 -4.49
C GLN A 42 -0.79 -7.30 -4.80
N PRO A 43 -0.26 -8.53 -5.19
CA PRO A 43 1.14 -9.05 -5.12
C PRO A 43 2.26 -8.07 -5.52
N TYR A 44 1.93 -7.14 -6.46
CA TYR A 44 2.68 -6.02 -6.98
C TYR A 44 1.61 -5.08 -7.55
N MET A 45 2.05 -3.83 -7.82
CA MET A 45 1.35 -2.70 -8.43
C MET A 45 2.46 -1.75 -8.97
N PRO A 46 2.26 -0.85 -9.99
CA PRO A 46 3.17 0.26 -10.32
C PRO A 46 2.96 1.43 -9.32
N ILE A 47 3.77 2.53 -9.35
CA ILE A 47 3.58 3.71 -8.47
C ILE A 47 2.25 4.44 -8.75
N PRO A 48 1.88 4.84 -9.99
CA PRO A 48 0.54 5.18 -10.45
C PRO A 48 -0.63 4.22 -10.16
N HIS A 49 -0.60 2.90 -9.76
CA HIS A 49 -1.86 2.23 -9.27
C HIS A 49 -2.49 2.99 -8.08
N VAL A 50 -1.58 3.38 -7.18
CA VAL A 50 -1.79 4.27 -6.04
C VAL A 50 -1.88 5.74 -6.50
N ARG A 51 -0.92 6.28 -7.31
CA ARG A 51 -0.97 7.63 -7.90
C ARG A 51 -1.98 7.94 -9.05
N ASP A 52 -2.46 7.03 -9.93
CA ASP A 52 -3.51 7.29 -10.95
C ASP A 52 -4.95 7.32 -10.41
N SER A 53 -5.17 6.80 -9.18
CA SER A 53 -6.41 6.50 -8.46
C SER A 53 -7.00 7.54 -7.59
N LEU A 54 -6.23 8.62 -7.24
CA LEU A 54 -6.55 9.69 -6.30
C LEU A 54 -7.70 10.56 -6.79
N ILE A 55 -7.96 10.46 -8.12
CA ILE A 55 -9.06 11.00 -8.92
C ILE A 55 -9.26 9.86 -9.92
N GLN A 56 -10.44 9.80 -10.58
CA GLN A 56 -10.85 8.82 -11.58
C GLN A 56 -10.54 9.15 -13.06
N PRO A 57 -11.04 10.24 -13.70
CA PRO A 57 -10.88 10.57 -15.13
C PRO A 57 -9.52 11.20 -15.48
N HIS A 58 -9.49 12.10 -16.52
CA HIS A 58 -8.42 12.92 -17.09
C HIS A 58 -7.70 13.86 -16.11
N ASP A 59 -8.37 14.30 -15.01
CA ASP A 59 -7.92 15.17 -13.94
C ASP A 59 -7.20 14.39 -12.86
N ARG A 60 -6.94 13.07 -13.05
CA ARG A 60 -6.17 12.21 -12.15
C ARG A 60 -4.74 12.59 -11.92
N LYS A 61 -3.86 12.78 -12.96
CA LYS A 61 -2.47 13.24 -12.80
C LYS A 61 -2.26 14.57 -12.08
N LYS A 62 -3.29 15.47 -12.13
CA LYS A 62 -3.40 16.68 -11.34
C LYS A 62 -3.23 16.53 -9.80
N MET A 63 -3.64 15.38 -9.17
CA MET A 63 -3.34 15.15 -7.76
C MET A 63 -2.22 14.15 -7.54
N LYS A 64 -1.62 13.56 -8.63
CA LYS A 64 -0.41 12.72 -8.60
C LYS A 64 0.84 13.57 -8.33
N LYS A 65 0.79 14.85 -8.79
CA LYS A 65 1.80 15.90 -8.54
C LYS A 65 1.89 16.38 -7.05
N VAL A 66 0.72 16.65 -6.38
CA VAL A 66 0.52 16.94 -4.93
C VAL A 66 0.81 15.71 -4.06
N TRP A 67 0.58 14.47 -4.57
CA TRP A 67 0.95 13.19 -3.93
C TRP A 67 2.43 13.09 -3.45
N ASP A 68 3.38 13.73 -4.17
CA ASP A 68 4.80 13.92 -3.82
C ASP A 68 5.02 14.72 -2.50
N ARG A 69 4.18 15.76 -2.26
CA ARG A 69 4.04 16.47 -0.99
C ARG A 69 3.19 15.71 0.05
N ALA A 70 1.99 15.18 -0.31
CA ALA A 70 1.06 14.45 0.56
C ALA A 70 1.57 13.16 1.19
N VAL A 71 2.47 12.43 0.46
CA VAL A 71 3.25 11.26 0.85
C VAL A 71 4.15 11.47 2.08
N ASP A 72 4.66 12.73 2.28
CA ASP A 72 5.40 13.23 3.47
C ASP A 72 4.61 13.02 4.79
N PHE A 73 3.26 13.23 4.73
CA PHE A 73 2.26 12.84 5.75
C PHE A 73 2.10 11.28 5.87
N LEU A 74 1.91 10.50 4.74
CA LEU A 74 1.85 8.99 4.66
C LEU A 74 3.05 8.26 5.32
N ALA A 75 4.27 8.85 5.27
CA ALA A 75 5.49 8.46 5.96
C ALA A 75 5.45 8.39 7.51
N ALA A 76 4.37 8.92 8.17
CA ALA A 76 4.12 8.76 9.61
C ALA A 76 3.55 7.37 9.99
N ASN A 77 2.44 6.86 9.38
CA ASN A 77 1.93 5.51 9.67
C ASN A 77 1.19 4.93 8.46
N GLU A 78 1.11 3.57 8.36
CA GLU A 78 0.46 2.81 7.29
C GLU A 78 1.37 2.55 6.07
N SER A 79 2.71 2.39 6.32
CA SER A 79 3.76 2.07 5.33
C SER A 79 3.97 0.56 5.27
N ARG A 80 2.87 -0.17 5.03
CA ARG A 80 2.79 -1.63 4.91
C ARG A 80 2.83 -2.09 3.47
N VAL A 81 3.02 -1.15 2.51
CA VAL A 81 3.26 -1.41 1.08
C VAL A 81 4.70 -0.94 0.89
N ARG A 82 5.61 -1.84 0.43
CA ARG A 82 7.05 -1.62 0.35
C ARG A 82 7.52 -1.21 -1.02
N THR A 83 8.69 -0.50 -1.07
CA THR A 83 9.35 0.00 -2.28
C THR A 83 10.49 -0.93 -2.68
N GLU A 84 10.49 -1.37 -3.98
CA GLU A 84 11.48 -2.31 -4.49
C GLU A 84 11.93 -1.97 -5.91
N THR A 85 13.27 -2.10 -6.19
CA THR A 85 13.91 -2.12 -7.51
C THR A 85 13.77 -3.56 -8.01
N ARG A 86 12.93 -3.79 -9.05
CA ARG A 86 12.60 -5.15 -9.47
C ARG A 86 12.75 -5.23 -10.97
N ARG A 87 13.31 -6.37 -11.48
CA ARG A 87 13.65 -6.60 -12.88
C ARG A 87 12.52 -7.26 -13.69
N ILE A 88 11.98 -6.57 -14.72
CA ILE A 88 10.90 -7.08 -15.56
C ILE A 88 11.23 -6.80 -17.01
N GLY A 89 11.28 -7.87 -17.86
CA GLY A 89 11.68 -7.80 -19.31
C GLY A 89 13.16 -7.53 -19.51
N GLY A 90 13.96 -7.82 -18.45
CA GLY A 90 15.40 -7.50 -18.35
C GLY A 90 15.71 -6.09 -17.87
N ALA A 91 14.76 -5.33 -17.26
CA ALA A 91 14.98 -3.96 -16.85
C ALA A 91 14.39 -3.71 -15.47
N ASP A 92 15.14 -3.00 -14.57
CA ASP A 92 14.81 -2.64 -13.18
C ASP A 92 14.13 -1.27 -13.07
N PHE A 93 12.87 -1.21 -12.57
CA PHE A 93 12.10 0.01 -12.40
C PHE A 93 11.71 0.06 -10.94
N LEU A 94 10.96 1.12 -10.51
CA LEU A 94 10.51 1.22 -9.13
C LEU A 94 9.04 0.81 -9.09
N VAL A 95 8.76 -0.36 -8.46
CA VAL A 95 7.43 -0.93 -8.28
C VAL A 95 7.14 -0.87 -6.78
N TRP A 96 5.84 -0.84 -6.42
CA TRP A 96 5.39 -0.79 -5.01
C TRP A 96 4.56 -2.07 -4.77
N ARG A 97 4.62 -2.74 -3.59
CA ARG A 97 3.79 -3.94 -3.41
C ARG A 97 3.40 -4.19 -1.99
N TRP A 98 2.22 -4.82 -1.78
CA TRP A 98 1.59 -5.00 -0.49
C TRP A 98 1.75 -6.41 0.02
N ILE A 99 2.39 -6.56 1.20
CA ILE A 99 2.68 -7.77 1.91
C ILE A 99 1.99 -7.68 3.27
N GLN A 100 1.14 -8.67 3.62
CA GLN A 100 0.40 -8.86 4.87
C GLN A 100 1.40 -9.31 5.94
N PRO A 101 1.76 -8.58 7.04
CA PRO A 101 2.88 -8.93 7.92
C PRO A 101 2.83 -10.28 8.61
N SER A 102 3.94 -11.05 8.50
CA SER A 102 4.14 -12.38 9.05
C SER A 102 3.40 -13.54 8.36
N ALA A 103 2.59 -13.26 7.28
CA ALA A 103 1.86 -14.20 6.41
C ALA A 103 0.66 -14.95 7.00
N SER A 104 0.85 -15.48 8.24
CA SER A 104 -0.05 -16.27 9.05
C SER A 104 0.22 -17.78 8.90
N CYS A 105 1.28 -18.18 8.13
CA CYS A 105 1.78 -19.55 7.91
C CYS A 105 0.95 -20.43 6.95
N ASP A 106 -0.37 -20.55 7.20
CA ASP A 106 -1.34 -21.35 6.46
C ASP A 106 -1.88 -20.61 5.24
N LYS A 107 -1.28 -20.89 4.05
CA LYS A 107 -1.63 -20.32 2.77
C LYS A 107 -1.09 -21.28 1.70
N ILE A 108 -1.02 -20.81 0.43
CA ILE A 108 -0.48 -21.50 -0.74
C ILE A 108 0.26 -20.42 -1.54
N LEU A 109 0.90 -20.76 -2.68
CA LEU A 109 1.61 -19.89 -3.60
C LEU A 109 0.71 -19.50 -4.80
N VAL A 110 1.24 -18.89 -5.89
CA VAL A 110 0.46 -18.34 -7.02
C VAL A 110 -0.04 -19.35 -8.06
N ILE A 111 0.18 -20.67 -7.84
CA ILE A 111 -0.26 -21.77 -8.68
C ILE A 111 -1.21 -22.64 -7.85
N PRO A 112 -2.55 -22.46 -7.86
CA PRO A 112 -3.51 -23.28 -7.09
C PRO A 112 -3.79 -24.65 -7.74
N SER A 113 -3.62 -24.79 -9.09
CA SER A 113 -3.77 -26.00 -9.91
C SER A 113 -5.19 -26.56 -10.06
N LYS A 114 -5.85 -26.86 -8.92
CA LYS A 114 -7.20 -27.37 -8.81
C LYS A 114 -8.13 -26.26 -8.32
N VAL A 115 -8.54 -25.33 -9.22
CA VAL A 115 -9.43 -24.18 -8.95
C VAL A 115 -10.91 -24.54 -8.86
N TRP A 116 -11.25 -25.83 -9.14
CA TRP A 116 -12.56 -26.44 -9.04
C TRP A 116 -12.30 -27.78 -8.35
N GLN A 117 -13.15 -28.20 -7.37
CA GLN A 117 -13.02 -29.44 -6.59
C GLN A 117 -14.00 -30.52 -7.10
N GLY A 118 -14.40 -30.43 -8.39
CA GLY A 118 -15.32 -31.34 -9.10
C GLY A 118 -14.72 -32.66 -9.52
N GLN A 119 -13.38 -32.67 -9.61
CA GLN A 119 -12.49 -33.79 -9.94
C GLN A 119 -12.11 -34.65 -8.72
N ALA A 120 -12.54 -34.28 -7.49
CA ALA A 120 -12.22 -35.05 -6.30
C ALA A 120 -13.37 -35.11 -5.29
N PHE A 121 -14.45 -35.88 -5.62
CA PHE A 121 -15.59 -36.17 -4.74
C PHE A 121 -15.44 -37.53 -4.05
N HIS A 122 -14.17 -37.97 -3.88
CA HIS A 122 -13.72 -39.19 -3.24
C HIS A 122 -12.22 -39.01 -3.10
N LEU A 123 -11.57 -39.87 -2.26
CA LEU A 123 -10.13 -39.89 -2.01
C LEU A 123 -9.90 -41.14 -1.17
N ASP A 124 -8.74 -41.24 -0.46
CA ASP A 124 -8.31 -42.31 0.46
C ASP A 124 -7.85 -43.62 -0.16
N ARG A 125 -8.73 -44.25 -0.99
CA ARG A 125 -8.52 -45.53 -1.63
C ARG A 125 -8.18 -45.40 -3.12
N ARG A 126 -7.02 -45.96 -3.57
CA ARG A 126 -6.53 -45.94 -4.96
C ARG A 126 -7.05 -47.11 -5.82
N LEU A 127 -8.27 -47.61 -5.52
CA LEU A 127 -8.94 -48.71 -6.19
C LEU A 127 -10.40 -48.32 -6.38
N GLU A 128 -10.64 -47.49 -7.42
CA GLU A 128 -11.97 -47.01 -7.83
C GLU A 128 -12.12 -47.42 -9.29
N ARG A 129 -11.68 -48.67 -9.58
CA ARG A 129 -11.59 -49.36 -10.86
C ARG A 129 -10.51 -48.81 -11.82
N PRO A 130 -9.20 -48.70 -11.47
CA PRO A 130 -8.16 -48.13 -12.34
C PRO A 130 -7.58 -49.22 -13.25
N HIS A 131 -8.42 -49.88 -14.09
CA HIS A 131 -8.03 -51.01 -14.92
C HIS A 131 -8.44 -50.75 -16.36
N ARG A 132 -7.53 -50.12 -17.16
CA ARG A 132 -7.78 -49.77 -18.55
C ARG A 132 -6.45 -49.88 -19.28
N ASP A 133 -6.46 -50.31 -20.56
CA ASP A 133 -5.27 -50.47 -21.39
C ASP A 133 -5.59 -49.84 -22.74
N GLY A 1 10.49 0.75 20.27
CA GLY A 1 11.45 1.28 21.22
C GLY A 1 11.33 2.76 21.31
N SER A 2 10.35 3.33 20.56
CA SER A 2 10.03 4.74 20.48
C SER A 2 8.58 4.84 20.05
N PRO A 3 7.75 5.82 20.52
CA PRO A 3 6.40 6.06 20.00
C PRO A 3 6.43 6.88 18.68
N GLU A 4 5.24 7.08 18.06
CA GLU A 4 5.02 7.78 16.80
C GLU A 4 4.74 9.28 16.93
N PHE A 5 4.24 9.70 18.12
CA PHE A 5 3.86 11.05 18.57
C PHE A 5 2.72 11.76 17.82
N ARG A 6 1.93 10.99 17.03
CA ARG A 6 0.81 11.33 16.15
C ARG A 6 -0.49 11.87 16.75
N TRP A 7 -0.25 12.82 17.65
CA TRP A 7 -1.10 13.62 18.48
C TRP A 7 -1.57 14.90 17.77
N THR A 8 -2.03 15.87 18.60
CA THR A 8 -2.54 17.19 18.33
C THR A 8 -1.69 18.18 17.56
N LYS A 9 -0.46 18.53 18.03
CA LYS A 9 0.41 19.54 17.40
C LYS A 9 1.06 19.16 16.09
N GLU A 10 1.32 17.84 15.88
CA GLU A 10 1.84 17.20 14.66
C GLU A 10 1.01 17.43 13.37
N GLU A 11 -0.26 17.91 13.55
CA GLU A 11 -1.19 18.40 12.57
C GLU A 11 -0.71 19.69 11.86
N GLU A 12 0.12 20.57 12.50
CA GLU A 12 0.72 21.76 11.86
C GLU A 12 1.83 21.40 10.87
N GLU A 13 2.60 20.33 11.21
CA GLU A 13 3.64 19.66 10.43
C GLU A 13 3.13 18.79 9.26
N THR A 14 2.09 17.93 9.49
CA THR A 14 1.43 17.02 8.56
C THR A 14 0.41 17.67 7.63
N ARG A 15 -0.32 18.70 8.16
CA ARG A 15 -1.35 19.60 7.62
C ARG A 15 -2.15 19.26 6.37
N GLN A 16 -1.46 19.13 5.20
CA GLN A 16 -2.05 18.91 3.89
C GLN A 16 -2.35 17.47 3.56
N MET A 17 -2.09 16.55 4.52
CA MET A 17 -2.45 15.13 4.47
C MET A 17 -3.95 14.92 4.61
N TYR A 18 -4.63 15.77 5.45
CA TYR A 18 -6.06 15.81 5.76
C TYR A 18 -6.98 16.13 4.57
N ASP A 19 -6.41 16.70 3.48
CA ASP A 19 -7.05 16.98 2.20
C ASP A 19 -7.00 15.75 1.26
N MET A 20 -5.85 15.52 0.55
CA MET A 20 -5.59 14.45 -0.43
C MET A 20 -5.30 13.06 0.06
N VAL A 21 -4.61 12.84 1.22
CA VAL A 21 -4.20 11.45 1.62
C VAL A 21 -5.30 10.49 2.01
N VAL A 22 -6.44 10.98 2.58
CA VAL A 22 -7.61 10.21 3.01
C VAL A 22 -8.21 9.26 1.94
N LYS A 23 -8.22 9.62 0.62
CA LYS A 23 -8.56 8.68 -0.47
C LYS A 23 -7.46 7.64 -0.78
N ILE A 24 -6.17 8.02 -0.59
CA ILE A 24 -4.96 7.21 -0.78
C ILE A 24 -4.71 6.21 0.35
N ILE A 25 -4.93 6.60 1.64
CA ILE A 25 -4.88 5.72 2.83
C ILE A 25 -6.04 4.73 2.83
N ASP A 26 -7.21 5.16 2.22
CA ASP A 26 -8.38 4.32 1.89
C ASP A 26 -8.09 3.33 0.76
N VAL A 27 -7.22 3.64 -0.28
CA VAL A 27 -6.73 2.64 -1.29
C VAL A 27 -5.89 1.51 -0.66
N LEU A 28 -4.98 1.85 0.31
CA LEU A 28 -4.17 0.89 1.10
C LEU A 28 -4.92 -0.12 1.98
N ARG A 29 -5.90 0.36 2.78
CA ARG A 29 -6.91 -0.42 3.55
C ARG A 29 -7.73 -1.48 2.78
N SER A 30 -7.89 -1.27 1.45
CA SER A 30 -8.79 -1.92 0.49
C SER A 30 -8.38 -3.31 0.04
N HIS A 31 -7.11 -3.46 -0.44
CA HIS A 31 -6.46 -4.74 -0.72
C HIS A 31 -5.99 -5.38 0.59
N ASN A 32 -5.61 -4.57 1.64
CA ASN A 32 -5.25 -5.01 2.98
C ASN A 32 -6.38 -5.68 3.78
N GLU A 33 -7.69 -5.30 3.64
CA GLU A 33 -8.81 -6.00 4.28
C GLU A 33 -9.14 -7.37 3.67
N ALA A 34 -8.97 -7.51 2.32
CA ALA A 34 -8.97 -8.74 1.54
C ALA A 34 -7.73 -9.60 1.67
N CYS A 35 -6.56 -9.00 2.03
CA CYS A 35 -5.24 -9.64 2.20
C CYS A 35 -5.22 -10.78 3.19
N GLN A 36 -6.08 -10.73 4.26
CA GLN A 36 -6.39 -11.73 5.30
C GLN A 36 -6.81 -13.12 4.80
N GLU A 37 -7.05 -13.23 3.49
CA GLU A 37 -7.61 -14.38 2.78
C GLU A 37 -6.73 -14.77 1.61
N ASN A 38 -6.31 -13.78 0.80
CA ASN A 38 -5.49 -13.94 -0.40
C ASN A 38 -4.25 -13.08 -0.12
N LYS A 39 -3.17 -13.81 0.23
CA LYS A 39 -1.83 -13.54 0.78
C LYS A 39 -1.20 -12.20 0.48
N ASP A 40 -1.26 -11.89 -0.79
CA ASP A 40 -0.97 -10.64 -1.42
C ASP A 40 -1.82 -10.70 -2.67
N LEU A 41 -3.13 -10.34 -2.65
CA LEU A 41 -4.07 -10.43 -3.80
C LEU A 41 -3.83 -9.59 -5.04
N GLN A 42 -3.09 -8.47 -4.85
CA GLN A 42 -2.52 -7.46 -5.72
C GLN A 42 -1.07 -7.80 -6.15
N PRO A 43 -0.42 -8.98 -6.49
CA PRO A 43 0.98 -9.36 -6.21
C PRO A 43 2.14 -8.34 -6.31
N TYR A 44 2.02 -7.28 -7.13
CA TYR A 44 2.91 -6.16 -7.28
C TYR A 44 2.03 -5.09 -7.97
N MET A 45 2.09 -3.80 -7.56
CA MET A 45 1.44 -2.66 -8.26
C MET A 45 2.45 -1.51 -8.53
N PRO A 46 2.49 -0.73 -9.66
CA PRO A 46 3.47 0.35 -9.92
C PRO A 46 3.21 1.61 -9.07
N ILE A 47 4.09 2.69 -9.13
CA ILE A 47 3.94 3.97 -8.41
C ILE A 47 2.63 4.67 -8.83
N PRO A 48 2.29 4.93 -10.12
CA PRO A 48 0.96 5.12 -10.63
C PRO A 48 -0.17 4.11 -10.35
N HIS A 49 -0.11 2.81 -9.89
CA HIS A 49 -1.40 2.12 -9.49
C HIS A 49 -1.86 2.66 -8.15
N VAL A 50 -0.99 2.81 -7.10
CA VAL A 50 -1.33 3.54 -5.87
C VAL A 50 -1.71 5.01 -6.13
N ARG A 51 -1.03 5.60 -7.16
CA ARG A 51 -1.37 6.90 -7.75
C ARG A 51 -2.65 6.95 -8.56
N ASP A 52 -2.94 6.15 -9.63
CA ASP A 52 -4.11 6.16 -10.54
C ASP A 52 -5.49 6.08 -9.89
N SER A 53 -5.47 5.76 -8.58
CA SER A 53 -6.50 5.49 -7.64
C SER A 53 -6.94 6.72 -6.85
N LEU A 54 -6.11 7.82 -6.82
CA LEU A 54 -6.27 9.02 -5.98
C LEU A 54 -7.52 9.83 -6.40
N ILE A 55 -7.86 9.66 -7.69
CA ILE A 55 -9.03 10.11 -8.45
C ILE A 55 -9.08 8.96 -9.45
N GLN A 56 -10.25 8.67 -10.08
CA GLN A 56 -10.45 7.61 -11.07
C GLN A 56 -10.22 7.96 -12.56
N PRO A 57 -10.75 9.05 -13.19
CA PRO A 57 -10.79 9.19 -14.65
C PRO A 57 -9.57 9.92 -15.22
N HIS A 58 -9.78 11.01 -16.03
CA HIS A 58 -8.80 11.91 -16.65
C HIS A 58 -8.18 12.89 -15.65
N ASP A 59 -8.91 13.24 -14.57
CA ASP A 59 -8.57 14.12 -13.46
C ASP A 59 -7.67 13.45 -12.46
N ARG A 60 -7.26 12.16 -12.68
CA ARG A 60 -6.33 11.36 -11.89
C ARG A 60 -4.98 12.00 -11.64
N LYS A 61 -4.19 12.36 -12.69
CA LYS A 61 -2.90 13.01 -12.60
C LYS A 61 -2.84 14.34 -11.87
N LYS A 62 -3.99 15.08 -11.85
CA LYS A 62 -4.23 16.28 -11.04
C LYS A 62 -3.99 16.13 -9.51
N MET A 63 -4.11 14.90 -8.93
CA MET A 63 -3.68 14.64 -7.54
C MET A 63 -2.46 13.75 -7.40
N LYS A 64 -1.85 13.28 -8.54
CA LYS A 64 -0.58 12.56 -8.65
C LYS A 64 0.58 13.54 -8.39
N LYS A 65 0.44 14.79 -8.96
CA LYS A 65 1.40 15.89 -8.79
C LYS A 65 1.45 16.54 -7.37
N VAL A 66 0.32 16.56 -6.58
CA VAL A 66 0.26 16.97 -5.16
C VAL A 66 0.83 15.89 -4.26
N TRP A 67 0.73 14.56 -4.62
CA TRP A 67 1.34 13.43 -3.89
C TRP A 67 2.84 13.58 -3.57
N ASP A 68 3.59 14.26 -4.49
CA ASP A 68 5.00 14.67 -4.43
C ASP A 68 5.32 15.48 -3.17
N ARG A 69 4.40 16.41 -2.82
CA ARG A 69 4.25 17.12 -1.55
C ARG A 69 3.60 16.30 -0.43
N ALA A 70 2.45 15.58 -0.64
CA ALA A 70 1.69 14.82 0.37
C ALA A 70 2.41 13.64 1.05
N VAL A 71 3.33 12.95 0.30
CA VAL A 71 4.32 11.91 0.71
C VAL A 71 5.19 12.33 1.87
N ASP A 72 5.69 13.61 1.91
CA ASP A 72 6.50 14.25 2.96
C ASP A 72 5.83 14.18 4.35
N PHE A 73 4.50 14.43 4.37
CA PHE A 73 3.54 14.24 5.45
C PHE A 73 3.08 12.80 5.70
N LEU A 74 2.49 12.04 4.71
CA LEU A 74 2.04 10.62 4.87
C LEU A 74 3.14 9.61 5.22
N ALA A 75 4.38 9.71 4.63
CA ALA A 75 5.51 8.84 4.93
C ALA A 75 6.05 8.83 6.38
N ALA A 76 5.62 9.82 7.24
CA ALA A 76 5.89 9.89 8.66
C ALA A 76 4.95 8.99 9.51
N ASN A 77 3.87 8.41 8.89
CA ASN A 77 2.91 7.53 9.54
C ASN A 77 2.94 6.11 8.95
N GLU A 78 4.04 5.75 8.23
CA GLU A 78 4.33 4.43 7.63
C GLU A 78 3.54 4.03 6.36
N SER A 79 3.13 2.75 6.24
CA SER A 79 2.36 2.18 5.14
C SER A 79 2.08 0.74 5.55
N ARG A 80 1.46 -0.02 4.63
CA ARG A 80 1.12 -1.42 4.65
C ARG A 80 1.79 -2.07 3.44
N VAL A 81 1.61 -1.49 2.19
CA VAL A 81 2.31 -1.93 0.97
C VAL A 81 3.69 -1.23 0.94
N ARG A 82 4.78 -1.95 0.50
CA ARG A 82 6.18 -1.52 0.63
C ARG A 82 6.86 -1.38 -0.72
N THR A 83 7.74 -0.35 -0.89
CA THR A 83 8.53 -0.04 -2.09
C THR A 83 9.80 -0.87 -2.19
N GLU A 84 9.85 -1.75 -3.22
CA GLU A 84 10.96 -2.62 -3.50
C GLU A 84 11.55 -2.19 -4.84
N THR A 85 12.89 -2.32 -5.03
CA THR A 85 13.54 -2.06 -6.31
C THR A 85 13.62 -3.43 -7.00
N ARG A 86 12.84 -3.63 -8.08
CA ARG A 86 12.66 -4.93 -8.71
C ARG A 86 12.72 -4.73 -10.20
N ARG A 87 13.31 -5.70 -10.96
CA ARG A 87 13.47 -5.67 -12.40
C ARG A 87 12.24 -6.19 -13.16
N ILE A 88 11.63 -5.39 -14.07
CA ILE A 88 10.46 -5.74 -14.87
C ILE A 88 10.73 -5.31 -16.29
N GLY A 89 10.68 -6.27 -17.27
CA GLY A 89 10.97 -6.05 -18.73
C GLY A 89 12.39 -5.63 -19.04
N GLY A 90 13.32 -5.97 -18.12
CA GLY A 90 14.73 -5.57 -18.15
C GLY A 90 15.05 -4.28 -17.41
N ALA A 91 14.09 -3.60 -16.72
CA ALA A 91 14.36 -2.33 -16.07
C ALA A 91 13.91 -2.39 -14.61
N ASP A 92 14.72 -1.86 -13.66
CA ASP A 92 14.48 -1.85 -12.21
C ASP A 92 13.88 -0.52 -11.73
N PHE A 93 12.69 -0.55 -11.10
CA PHE A 93 11.98 0.62 -10.62
C PHE A 93 11.61 0.34 -9.18
N LEU A 94 11.05 1.38 -8.49
CA LEU A 94 10.46 1.31 -7.17
C LEU A 94 8.99 0.96 -7.41
N VAL A 95 8.60 -0.27 -7.01
CA VAL A 95 7.29 -0.85 -7.27
C VAL A 95 6.71 -1.08 -5.89
N TRP A 96 5.37 -0.97 -5.67
CA TRP A 96 4.85 -1.20 -4.30
C TRP A 96 4.28 -2.64 -4.28
N ARG A 97 4.61 -3.49 -3.27
CA ARG A 97 4.09 -4.85 -3.17
C ARG A 97 3.95 -5.11 -1.68
N TRP A 98 3.03 -6.03 -1.28
CA TRP A 98 2.69 -6.38 0.10
C TRP A 98 2.77 -7.77 0.64
N ILE A 99 3.08 -7.86 1.95
CA ILE A 99 3.13 -9.07 2.72
C ILE A 99 1.87 -9.23 3.60
N GLN A 100 1.03 -10.32 3.49
CA GLN A 100 -0.02 -10.59 4.50
C GLN A 100 0.54 -11.62 5.47
N PRO A 101 0.96 -11.32 6.74
CA PRO A 101 1.52 -12.29 7.68
C PRO A 101 0.45 -13.20 8.32
N SER A 102 0.70 -14.53 8.40
CA SER A 102 -0.14 -15.51 9.09
C SER A 102 -1.39 -15.94 8.32
N ALA A 103 -1.24 -16.24 7.00
CA ALA A 103 -2.29 -16.67 6.08
C ALA A 103 -2.86 -18.08 6.25
N SER A 104 -1.99 -19.14 6.35
CA SER A 104 -2.30 -20.57 6.51
C SER A 104 -2.40 -21.33 5.18
N CYS A 105 -3.62 -21.79 4.83
CA CYS A 105 -3.96 -22.54 3.63
C CYS A 105 -4.81 -21.66 2.72
N ASP A 106 -6.15 -21.85 2.68
CA ASP A 106 -7.12 -21.07 1.93
C ASP A 106 -8.48 -21.53 2.42
N LYS A 107 -9.49 -20.61 2.38
CA LYS A 107 -10.89 -20.82 2.71
C LYS A 107 -11.75 -20.36 1.52
N ILE A 108 -11.30 -20.65 0.26
CA ILE A 108 -11.92 -20.30 -1.03
C ILE A 108 -11.52 -18.88 -1.47
N LEU A 109 -10.51 -18.79 -2.37
CA LEU A 109 -9.85 -17.58 -2.91
C LEU A 109 -10.67 -16.51 -3.68
N VAL A 110 -11.86 -16.17 -3.13
CA VAL A 110 -12.83 -15.14 -3.54
C VAL A 110 -13.57 -15.45 -4.85
N ILE A 111 -14.63 -16.29 -4.73
CA ILE A 111 -15.57 -16.69 -5.76
C ILE A 111 -16.85 -15.94 -5.38
N PRO A 112 -17.65 -15.30 -6.29
CA PRO A 112 -18.78 -14.39 -5.98
C PRO A 112 -19.84 -14.85 -4.97
N SER A 113 -20.14 -16.18 -4.89
CA SER A 113 -21.02 -16.84 -3.93
C SER A 113 -22.51 -16.55 -4.10
N LYS A 114 -23.12 -17.07 -5.20
CA LYS A 114 -24.51 -16.87 -5.61
C LYS A 114 -25.48 -17.79 -4.86
N VAL A 115 -25.97 -17.32 -3.69
CA VAL A 115 -26.83 -18.03 -2.76
C VAL A 115 -27.39 -16.95 -1.86
N TRP A 116 -28.37 -17.27 -0.97
CA TRP A 116 -28.91 -16.36 0.04
C TRP A 116 -28.51 -16.94 1.39
N GLN A 117 -27.55 -16.28 2.09
CA GLN A 117 -27.03 -16.70 3.40
C GLN A 117 -27.84 -16.07 4.55
N GLY A 118 -28.53 -14.94 4.26
CA GLY A 118 -29.29 -14.13 5.21
C GLY A 118 -28.68 -12.77 5.44
N GLN A 119 -27.36 -12.70 5.66
CA GLN A 119 -26.57 -11.48 5.99
C GLN A 119 -26.24 -10.55 4.80
N ALA A 120 -26.49 -11.00 3.53
CA ALA A 120 -26.25 -10.27 2.29
C ALA A 120 -27.25 -9.13 1.95
N PHE A 121 -27.43 -8.19 2.91
CA PHE A 121 -28.22 -6.97 2.79
C PHE A 121 -27.25 -5.82 2.55
N HIS A 122 -26.30 -5.61 3.50
CA HIS A 122 -25.25 -4.59 3.43
C HIS A 122 -23.88 -5.26 3.53
N LEU A 123 -23.83 -6.60 3.27
CA LEU A 123 -22.68 -7.52 3.32
C LEU A 123 -22.19 -7.84 4.72
N ASP A 124 -21.78 -6.80 5.48
CA ASP A 124 -21.15 -6.77 6.81
C ASP A 124 -19.65 -6.83 6.62
N ARG A 125 -19.00 -7.96 6.99
CA ARG A 125 -17.57 -8.18 6.76
C ARG A 125 -17.33 -9.66 7.00
N ARG A 126 -17.14 -10.47 5.92
CA ARG A 126 -16.94 -11.92 5.84
C ARG A 126 -15.70 -12.56 6.52
N LEU A 127 -15.33 -12.11 7.74
CA LEU A 127 -14.17 -12.60 8.51
C LEU A 127 -14.60 -13.39 9.74
N GLU A 128 -15.83 -13.93 9.64
CA GLU A 128 -16.54 -14.74 10.62
C GLU A 128 -17.11 -15.92 9.87
N ARG A 129 -18.09 -15.64 8.96
CA ARG A 129 -18.71 -16.62 8.08
C ARG A 129 -18.48 -16.17 6.64
N PRO A 130 -17.47 -16.66 5.89
CA PRO A 130 -17.24 -16.36 4.48
C PRO A 130 -18.13 -17.23 3.58
N HIS A 131 -17.71 -18.48 3.28
CA HIS A 131 -18.47 -19.42 2.48
C HIS A 131 -18.75 -20.66 3.33
N ARG A 132 -19.92 -20.67 4.05
CA ARG A 132 -20.42 -21.75 4.89
C ARG A 132 -19.75 -21.95 6.26
N ASP A 133 -18.40 -21.77 6.33
CA ASP A 133 -17.52 -21.86 7.51
C ASP A 133 -17.36 -23.26 8.08
N GLY A 1 6.78 28.37 30.44
CA GLY A 1 7.21 27.40 31.42
C GLY A 1 8.05 26.35 30.75
N SER A 2 8.23 26.49 29.43
CA SER A 2 9.01 25.62 28.56
C SER A 2 9.05 26.35 27.22
N PRO A 3 10.03 26.17 26.31
CA PRO A 3 10.14 26.91 25.05
C PRO A 3 9.21 26.40 23.95
N GLU A 4 8.99 27.27 22.93
CA GLU A 4 8.19 27.08 21.70
C GLU A 4 6.69 26.87 21.86
N PHE A 5 6.30 25.87 22.70
CA PHE A 5 4.96 25.34 22.98
C PHE A 5 4.54 24.40 21.84
N ARG A 6 5.24 23.26 21.70
CA ARG A 6 5.18 22.30 20.60
C ARG A 6 4.19 21.15 20.75
N TRP A 7 3.08 21.40 21.49
CA TRP A 7 1.95 20.55 21.83
C TRP A 7 1.28 19.75 20.68
N THR A 8 0.39 20.40 19.90
CA THR A 8 -0.32 19.88 18.74
C THR A 8 0.38 20.36 17.48
N LYS A 9 1.33 21.34 17.56
CA LYS A 9 2.03 22.01 16.45
C LYS A 9 2.67 21.16 15.37
N GLU A 10 3.07 19.90 15.68
CA GLU A 10 3.48 18.82 14.76
C GLU A 10 2.44 18.46 13.66
N GLU A 11 1.16 18.91 13.84
CA GLU A 11 0.03 18.98 12.91
C GLU A 11 0.27 19.97 11.76
N GLU A 12 1.08 21.06 11.96
CA GLU A 12 1.46 22.07 10.96
C GLU A 12 2.44 21.51 9.92
N GLU A 13 3.47 20.75 10.40
CA GLU A 13 4.45 19.95 9.63
C GLU A 13 3.86 18.81 8.76
N THR A 14 2.82 18.12 9.28
CA THR A 14 1.99 17.08 8.69
C THR A 14 0.89 17.58 7.73
N ARG A 15 0.36 18.83 7.95
CA ARG A 15 -0.68 19.57 7.22
C ARG A 15 -0.66 19.50 5.68
N GLN A 16 -1.82 19.13 5.09
CA GLN A 16 -2.15 18.85 3.69
C GLN A 16 -2.67 17.43 3.66
N MET A 17 -2.11 16.55 4.54
CA MET A 17 -2.42 15.14 4.86
C MET A 17 -3.89 14.91 5.16
N TYR A 18 -4.46 15.84 5.95
CA TYR A 18 -5.84 15.95 6.40
C TYR A 18 -6.86 16.23 5.25
N ASP A 19 -6.32 16.71 4.07
CA ASP A 19 -6.98 16.91 2.78
C ASP A 19 -6.74 15.69 1.85
N MET A 20 -5.86 15.75 0.79
CA MET A 20 -5.61 14.70 -0.24
C MET A 20 -5.24 13.30 0.24
N VAL A 21 -4.64 13.13 1.45
CA VAL A 21 -4.27 11.76 1.92
C VAL A 21 -5.44 10.85 2.32
N VAL A 22 -6.54 11.43 2.88
CA VAL A 22 -7.79 10.76 3.31
C VAL A 22 -8.49 9.86 2.27
N LYS A 23 -8.49 10.23 0.97
CA LYS A 23 -8.97 9.47 -0.18
C LYS A 23 -8.07 8.30 -0.61
N ILE A 24 -6.71 8.46 -0.50
CA ILE A 24 -5.70 7.44 -0.86
C ILE A 24 -5.55 6.32 0.16
N ILE A 25 -5.70 6.56 1.49
CA ILE A 25 -5.74 5.51 2.55
C ILE A 25 -6.79 4.39 2.31
N ASP A 26 -7.91 4.75 1.61
CA ASP A 26 -8.96 3.89 1.07
C ASP A 26 -8.50 2.88 0.01
N VAL A 27 -7.50 3.22 -0.91
CA VAL A 27 -6.84 2.27 -1.84
C VAL A 27 -6.03 1.22 -1.05
N LEU A 28 -5.23 1.63 -0.03
CA LEU A 28 -4.46 0.79 0.89
C LEU A 28 -5.29 -0.16 1.82
N ARG A 29 -6.32 0.35 2.56
CA ARG A 29 -7.30 -0.38 3.41
C ARG A 29 -8.12 -1.53 2.75
N SER A 30 -8.32 -1.44 1.42
CA SER A 30 -9.09 -2.29 0.47
C SER A 30 -8.36 -3.56 0.14
N HIS A 31 -7.07 -3.47 -0.29
CA HIS A 31 -6.12 -4.56 -0.50
C HIS A 31 -5.94 -5.39 0.76
N ASN A 32 -6.07 -4.72 1.94
CA ASN A 32 -5.93 -5.12 3.32
C ASN A 32 -7.02 -6.03 3.84
N GLU A 33 -8.25 -5.85 3.31
CA GLU A 33 -9.44 -6.70 3.51
C GLU A 33 -9.31 -8.05 2.78
N ALA A 34 -8.75 -7.99 1.55
CA ALA A 34 -8.26 -9.05 0.69
C ALA A 34 -6.94 -9.73 1.14
N CYS A 35 -6.11 -8.98 1.92
CA CYS A 35 -4.76 -9.32 2.39
C CYS A 35 -4.68 -10.42 3.40
N GLN A 36 -5.66 -10.42 4.36
CA GLN A 36 -5.89 -11.39 5.45
C GLN A 36 -6.21 -12.82 4.98
N GLU A 37 -6.47 -12.86 3.66
CA GLU A 37 -6.92 -13.99 2.87
C GLU A 37 -5.80 -14.54 2.01
N ASN A 38 -4.71 -13.79 1.75
CA ASN A 38 -3.74 -14.19 0.75
C ASN A 38 -2.34 -13.92 1.24
N LYS A 39 -1.33 -14.39 0.47
CA LYS A 39 0.07 -14.09 0.67
C LYS A 39 0.46 -12.72 0.13
N ASP A 40 0.06 -12.42 -1.13
CA ASP A 40 0.17 -11.12 -1.77
C ASP A 40 -0.89 -10.97 -2.83
N LEU A 41 -2.15 -10.46 -2.59
CA LEU A 41 -3.15 -10.21 -3.67
C LEU A 41 -2.80 -9.16 -4.75
N GLN A 42 -1.96 -8.19 -4.33
CA GLN A 42 -1.20 -7.11 -4.89
C GLN A 42 0.30 -7.40 -5.15
N PRO A 43 0.78 -8.62 -5.63
CA PRO A 43 2.17 -9.16 -5.64
C PRO A 43 3.29 -8.17 -6.04
N TYR A 44 2.97 -7.18 -6.93
CA TYR A 44 3.70 -6.01 -7.38
C TYR A 44 2.63 -5.01 -7.79
N MET A 45 3.02 -3.71 -7.82
CA MET A 45 2.15 -2.54 -7.99
C MET A 45 2.94 -1.34 -8.52
N PRO A 46 2.68 -0.54 -9.60
CA PRO A 46 3.41 0.71 -9.86
C PRO A 46 3.01 1.81 -8.85
N ILE A 47 3.74 2.96 -8.75
CA ILE A 47 3.42 4.11 -7.89
C ILE A 47 2.08 4.76 -8.31
N PRO A 48 1.80 5.05 -9.61
CA PRO A 48 0.49 5.25 -10.23
C PRO A 48 -0.62 4.22 -10.01
N HIS A 49 -0.43 2.97 -9.47
CA HIS A 49 -1.57 2.05 -9.12
C HIS A 49 -2.51 2.73 -8.13
N VAL A 50 -1.85 3.29 -7.12
CA VAL A 50 -2.31 4.19 -6.09
C VAL A 50 -2.44 5.63 -6.66
N ARG A 51 -1.39 6.26 -7.34
CA ARG A 51 -1.49 7.56 -8.04
C ARG A 51 -2.50 7.70 -9.20
N ASP A 52 -3.05 6.63 -9.82
CA ASP A 52 -4.24 6.72 -10.70
C ASP A 52 -5.59 6.88 -9.95
N SER A 53 -5.65 6.62 -8.60
CA SER A 53 -6.86 6.53 -7.79
C SER A 53 -7.34 7.78 -7.12
N LEU A 54 -6.53 8.87 -7.01
CA LEU A 54 -6.81 10.04 -6.19
C LEU A 54 -8.06 10.83 -6.69
N ILE A 55 -8.26 10.62 -8.02
CA ILE A 55 -9.30 11.02 -8.97
C ILE A 55 -9.22 9.96 -10.07
N GLN A 56 -10.33 9.30 -10.48
CA GLN A 56 -10.39 8.22 -11.48
C GLN A 56 -10.02 8.49 -12.98
N PRO A 57 -10.55 9.46 -13.74
CA PRO A 57 -10.43 9.53 -15.21
C PRO A 57 -9.14 10.23 -15.70
N HIS A 58 -9.30 11.30 -16.52
CA HIS A 58 -8.33 12.18 -17.18
C HIS A 58 -7.65 13.21 -16.29
N ASP A 59 -8.31 13.65 -15.18
CA ASP A 59 -7.87 14.59 -14.16
C ASP A 59 -7.05 13.92 -13.08
N ARG A 60 -6.68 12.61 -13.21
CA ARG A 60 -5.84 11.85 -12.29
C ARG A 60 -4.44 12.38 -12.09
N LYS A 61 -3.76 12.85 -13.18
CA LYS A 61 -2.44 13.45 -13.15
C LYS A 61 -2.32 14.76 -12.38
N LYS A 62 -3.46 15.47 -12.27
CA LYS A 62 -3.63 16.67 -11.48
C LYS A 62 -3.46 16.54 -9.95
N MET A 63 -3.81 15.39 -9.29
CA MET A 63 -3.47 15.22 -7.88
C MET A 63 -2.41 14.14 -7.73
N LYS A 64 -1.85 13.58 -8.86
CA LYS A 64 -0.71 12.65 -8.84
C LYS A 64 0.58 13.43 -8.52
N LYS A 65 0.64 14.69 -9.08
CA LYS A 65 1.71 15.65 -8.87
C LYS A 65 1.83 16.20 -7.41
N VAL A 66 0.66 16.40 -6.69
CA VAL A 66 0.55 16.76 -5.26
C VAL A 66 0.81 15.56 -4.36
N TRP A 67 0.46 14.32 -4.83
CA TRP A 67 0.73 13.02 -4.20
C TRP A 67 2.23 12.81 -3.86
N ASP A 68 3.14 13.31 -4.75
CA ASP A 68 4.61 13.40 -4.61
C ASP A 68 5.06 14.14 -3.32
N ARG A 69 4.38 15.26 -3.01
CA ARG A 69 4.42 16.05 -1.78
C ARG A 69 3.62 15.42 -0.62
N ALA A 70 2.33 15.00 -0.81
CA ALA A 70 1.39 14.37 0.16
C ALA A 70 1.92 13.11 0.88
N VAL A 71 2.77 12.35 0.12
CA VAL A 71 3.62 11.20 0.49
C VAL A 71 4.62 11.53 1.59
N ASP A 72 5.16 12.79 1.68
CA ASP A 72 6.05 13.30 2.75
C ASP A 72 5.38 13.25 4.15
N PHE A 73 4.05 13.51 4.20
CA PHE A 73 3.07 13.31 5.28
C PHE A 73 2.64 11.82 5.43
N LEU A 74 2.10 11.10 4.37
CA LEU A 74 1.72 9.64 4.44
C LEU A 74 2.86 8.66 4.84
N ALA A 75 4.12 8.82 4.33
CA ALA A 75 5.31 8.03 4.65
C ALA A 75 5.90 8.14 6.07
N ALA A 76 5.48 9.14 6.91
CA ALA A 76 5.92 9.42 8.28
C ALA A 76 5.39 8.46 9.37
N ASN A 77 4.69 7.36 8.98
CA ASN A 77 4.14 6.32 9.82
C ASN A 77 4.54 4.99 9.19
N GLU A 78 4.23 3.86 9.86
CA GLU A 78 4.50 2.51 9.39
C GLU A 78 3.16 1.85 9.08
N SER A 79 3.05 1.18 7.92
CA SER A 79 1.81 0.53 7.47
C SER A 79 2.16 -0.79 6.81
N ARG A 80 1.21 -1.36 6.03
CA ARG A 80 1.31 -2.67 5.38
C ARG A 80 1.77 -2.67 3.93
N VAL A 81 2.17 -1.50 3.33
CA VAL A 81 2.75 -1.49 1.97
C VAL A 81 4.26 -1.16 2.05
N ARG A 82 5.09 -1.87 1.21
CA ARG A 82 6.54 -1.80 1.17
C ARG A 82 7.03 -1.36 -0.20
N THR A 83 8.05 -0.46 -0.26
CA THR A 83 8.69 0.06 -1.48
C THR A 83 10.08 -0.54 -1.67
N GLU A 84 10.41 -0.90 -2.95
CA GLU A 84 11.73 -1.40 -3.34
C GLU A 84 12.02 -0.98 -4.77
N THR A 85 13.30 -1.01 -5.24
CA THR A 85 13.68 -0.81 -6.66
C THR A 85 13.88 -2.22 -7.22
N ARG A 86 12.99 -2.68 -8.14
CA ARG A 86 13.00 -4.08 -8.54
C ARG A 86 12.78 -4.22 -10.04
N ARG A 87 13.42 -5.26 -10.67
CA ARG A 87 13.32 -5.62 -12.08
C ARG A 87 12.10 -6.50 -12.36
N ILE A 88 11.18 -6.04 -13.24
CA ILE A 88 9.89 -6.68 -13.52
C ILE A 88 9.67 -6.61 -15.01
N GLY A 89 9.57 -7.80 -15.70
CA GLY A 89 9.43 -7.91 -17.18
C GLY A 89 10.68 -7.55 -17.96
N GLY A 90 11.84 -7.61 -17.26
CA GLY A 90 13.17 -7.19 -17.76
C GLY A 90 13.52 -5.72 -17.55
N ALA A 91 12.76 -4.93 -16.75
CA ALA A 91 13.05 -3.52 -16.55
C ALA A 91 12.85 -3.19 -15.08
N ASP A 92 13.77 -2.38 -14.48
CA ASP A 92 13.77 -1.99 -13.06
C ASP A 92 13.17 -0.61 -12.80
N PHE A 93 12.12 -0.50 -11.95
CA PHE A 93 11.40 0.73 -11.65
C PHE A 93 11.44 0.90 -10.15
N LEU A 94 10.96 2.07 -9.62
CA LEU A 94 10.65 2.23 -8.20
C LEU A 94 9.16 1.88 -8.15
N VAL A 95 8.86 0.77 -7.47
CA VAL A 95 7.61 0.04 -7.52
C VAL A 95 7.17 -0.27 -6.08
N TRP A 96 5.85 -0.37 -5.83
CA TRP A 96 5.33 -0.79 -4.49
C TRP A 96 4.89 -2.26 -4.60
N ARG A 97 4.59 -2.93 -3.46
CA ARG A 97 4.00 -4.28 -3.45
C ARG A 97 3.32 -4.45 -2.10
N TRP A 98 2.27 -5.33 -2.02
CA TRP A 98 1.53 -5.59 -0.79
C TRP A 98 2.06 -6.77 0.04
N ILE A 99 2.52 -6.52 1.29
CA ILE A 99 2.97 -7.50 2.29
C ILE A 99 1.91 -7.58 3.36
N GLN A 100 1.49 -8.82 3.66
CA GLN A 100 0.28 -9.10 4.41
C GLN A 100 0.43 -10.35 5.27
N PRO A 101 -0.28 -10.53 6.43
CA PRO A 101 -0.18 -11.69 7.35
C PRO A 101 -0.65 -13.07 6.83
N SER A 102 -0.18 -14.18 7.44
CA SER A 102 -0.51 -15.58 7.15
C SER A 102 0.31 -16.22 6.02
N ALA A 103 -0.12 -17.40 5.51
CA ALA A 103 0.58 -18.18 4.51
C ALA A 103 -0.36 -18.91 3.54
N SER A 104 -1.05 -18.14 2.66
CA SER A 104 -1.94 -18.69 1.64
C SER A 104 -1.23 -18.83 0.27
N CYS A 105 -1.88 -18.44 -0.86
CA CYS A 105 -1.33 -18.57 -2.20
C CYS A 105 -2.03 -17.54 -3.07
N ASP A 106 -1.59 -17.40 -4.35
CA ASP A 106 -2.13 -16.49 -5.36
C ASP A 106 -2.00 -17.18 -6.71
N LYS A 107 -3.00 -17.00 -7.62
CA LYS A 107 -3.07 -17.61 -8.96
C LYS A 107 -2.96 -16.57 -10.08
N ILE A 108 -2.81 -15.28 -9.68
CA ILE A 108 -2.72 -14.04 -10.46
C ILE A 108 -4.11 -13.47 -10.77
N LEU A 109 -4.41 -12.25 -10.26
CA LEU A 109 -5.70 -11.58 -10.35
C LEU A 109 -6.08 -10.93 -11.68
N VAL A 110 -5.22 -9.96 -12.14
CA VAL A 110 -5.38 -9.00 -13.23
C VAL A 110 -6.12 -7.77 -12.68
N ILE A 111 -5.39 -6.62 -12.48
CA ILE A 111 -5.83 -5.36 -11.88
C ILE A 111 -6.90 -4.59 -12.70
N PRO A 112 -8.12 -4.26 -12.22
CA PRO A 112 -9.17 -3.58 -13.00
C PRO A 112 -8.97 -2.03 -13.08
N SER A 113 -7.99 -1.57 -13.89
CA SER A 113 -7.68 -0.15 -14.11
C SER A 113 -6.94 -0.06 -15.45
N LYS A 114 -6.43 1.14 -15.81
CA LYS A 114 -5.66 1.44 -17.01
C LYS A 114 -4.49 2.34 -16.60
N VAL A 115 -3.71 2.89 -17.56
CA VAL A 115 -2.59 3.80 -17.32
C VAL A 115 -2.31 4.46 -18.67
N TRP A 116 -1.46 5.51 -18.72
CA TRP A 116 -1.04 6.18 -19.93
C TRP A 116 0.32 6.84 -19.62
N GLN A 117 0.65 7.97 -20.30
CA GLN A 117 1.86 8.78 -20.14
C GLN A 117 1.68 9.84 -19.05
N GLY A 118 0.42 10.29 -18.89
CA GLY A 118 -0.01 11.32 -17.96
C GLY A 118 -1.05 12.07 -18.72
N GLN A 119 -1.06 13.41 -18.52
CA GLN A 119 -1.93 14.40 -19.12
C GLN A 119 -0.99 15.51 -19.55
N ALA A 120 -1.22 16.15 -20.73
CA ALA A 120 -0.39 17.23 -21.25
C ALA A 120 -1.04 18.62 -21.11
N PHE A 121 -0.29 19.68 -21.46
CA PHE A 121 -0.69 21.07 -21.43
C PHE A 121 0.07 21.79 -22.55
N HIS A 122 -0.42 21.72 -23.82
CA HIS A 122 0.18 22.34 -24.99
C HIS A 122 -0.96 23.08 -25.68
N LEU A 123 -1.41 24.20 -25.07
CA LEU A 123 -2.59 24.98 -25.43
C LEU A 123 -2.32 26.18 -26.33
N ASP A 124 -1.72 25.93 -27.52
CA ASP A 124 -1.39 26.95 -28.52
C ASP A 124 -1.65 26.31 -29.88
N ARG A 125 -2.43 26.97 -30.79
CA ARG A 125 -2.80 26.45 -32.11
C ARG A 125 -1.77 26.67 -33.22
N ARG A 126 -0.51 26.24 -32.93
CA ARG A 126 0.65 26.25 -33.81
C ARG A 126 1.34 24.91 -33.63
N LEU A 127 2.15 24.75 -32.54
CA LEU A 127 2.88 23.53 -32.17
C LEU A 127 2.09 22.70 -31.17
N GLU A 128 1.88 21.39 -31.45
CA GLU A 128 1.14 20.50 -30.60
C GLU A 128 1.81 19.15 -30.58
N ARG A 129 1.34 18.30 -29.64
CA ARG A 129 1.75 16.93 -29.36
C ARG A 129 3.08 16.79 -28.61
N PRO A 130 3.26 17.10 -27.29
CA PRO A 130 4.50 16.85 -26.52
C PRO A 130 4.61 15.35 -26.14
N HIS A 131 4.59 14.52 -27.20
CA HIS A 131 4.60 13.07 -27.23
C HIS A 131 5.37 12.75 -28.50
N ARG A 132 4.97 13.39 -29.63
CA ARG A 132 5.61 13.25 -30.94
C ARG A 132 6.52 14.43 -31.28
N ASP A 133 6.10 15.69 -30.95
CA ASP A 133 6.80 16.96 -31.18
C ASP A 133 6.96 17.38 -32.65
N GLY A 1 6.57 22.03 31.03
CA GLY A 1 6.14 20.92 31.84
C GLY A 1 5.30 19.98 31.04
N SER A 2 4.92 20.41 29.81
CA SER A 2 4.14 19.66 28.83
C SER A 2 4.14 20.51 27.56
N PRO A 3 3.94 19.98 26.31
CA PRO A 3 4.01 20.75 25.06
C PRO A 3 2.72 21.53 24.71
N GLU A 4 2.70 22.19 23.53
CA GLU A 4 1.58 22.97 23.05
C GLU A 4 1.65 23.02 21.54
N PHE A 5 0.50 23.33 20.88
CA PHE A 5 0.40 23.50 19.43
C PHE A 5 -0.07 24.93 19.17
N ARG A 6 0.63 25.92 19.81
CA ARG A 6 0.36 27.36 19.79
C ARG A 6 0.80 28.06 18.50
N TRP A 7 1.85 27.50 17.84
CA TRP A 7 2.38 27.89 16.55
C TRP A 7 1.89 26.90 15.46
N THR A 8 2.20 27.14 14.16
CA THR A 8 1.77 26.27 13.05
C THR A 8 2.84 25.30 12.59
N LYS A 9 4.13 25.51 13.01
CA LYS A 9 5.34 24.79 12.60
C LYS A 9 5.39 23.29 12.72
N GLU A 10 4.62 22.70 13.68
CA GLU A 10 4.37 21.26 13.82
C GLU A 10 3.71 20.56 12.59
N GLU A 11 3.16 21.36 11.62
CA GLU A 11 2.73 21.01 10.27
C GLU A 11 3.90 20.69 9.35
N GLU A 12 5.14 21.27 9.56
CA GLU A 12 6.36 21.01 8.75
C GLU A 12 6.81 19.54 8.76
N GLU A 13 6.69 18.88 9.93
CA GLU A 13 6.81 17.43 10.19
C GLU A 13 5.85 16.51 9.40
N THR A 14 4.59 16.98 9.21
CA THR A 14 3.46 16.36 8.54
C THR A 14 3.54 16.45 7.03
N ARG A 15 3.89 17.67 6.53
CA ARG A 15 3.87 18.09 5.14
C ARG A 15 2.45 18.37 4.60
N GLN A 16 1.42 18.24 5.48
CA GLN A 16 0.00 18.53 5.32
C GLN A 16 -0.83 17.37 4.77
N MET A 17 -1.38 16.54 5.70
CA MET A 17 -2.20 15.36 5.46
C MET A 17 -3.63 15.55 4.95
N TYR A 18 -4.41 16.46 5.61
CA TYR A 18 -5.85 16.72 5.57
C TYR A 18 -6.54 16.97 4.23
N ASP A 19 -5.78 17.31 3.16
CA ASP A 19 -6.29 17.57 1.80
C ASP A 19 -6.40 16.28 0.99
N MET A 20 -5.33 15.91 0.23
CA MET A 20 -5.21 14.76 -0.66
C MET A 20 -4.97 13.40 -0.03
N VAL A 21 -4.39 13.21 1.18
CA VAL A 21 -4.16 11.81 1.69
C VAL A 21 -5.39 11.04 2.12
N VAL A 22 -6.43 11.74 2.68
CA VAL A 22 -7.66 11.17 3.23
C VAL A 22 -8.46 10.18 2.35
N LYS A 23 -8.61 10.42 1.01
CA LYS A 23 -9.24 9.46 0.08
C LYS A 23 -8.39 8.25 -0.31
N ILE A 24 -7.05 8.40 -0.20
CA ILE A 24 -6.04 7.40 -0.55
C ILE A 24 -5.83 6.27 0.37
N ILE A 25 -5.94 6.47 1.71
CA ILE A 25 -5.85 5.47 2.79
C ILE A 25 -6.85 4.31 2.61
N ASP A 26 -7.99 4.64 1.93
CA ASP A 26 -8.94 3.72 1.29
C ASP A 26 -8.35 2.80 0.16
N VAL A 27 -7.13 3.07 -0.45
CA VAL A 27 -6.38 2.16 -1.36
C VAL A 27 -5.82 0.99 -0.54
N LEU A 28 -5.05 1.24 0.57
CA LEU A 28 -4.40 0.21 1.37
C LEU A 28 -5.31 -0.66 2.25
N ARG A 29 -6.20 -0.08 3.12
CA ARG A 29 -7.27 -0.69 3.98
C ARG A 29 -8.27 -1.62 3.27
N SER A 30 -8.47 -1.39 1.96
CA SER A 30 -9.38 -2.09 1.03
C SER A 30 -8.82 -3.44 0.58
N HIS A 31 -7.55 -3.48 0.09
CA HIS A 31 -6.74 -4.63 -0.29
C HIS A 31 -6.42 -5.51 0.91
N ASN A 32 -6.29 -4.84 2.08
CA ASN A 32 -6.07 -5.27 3.44
C ASN A 32 -7.05 -6.30 4.03
N GLU A 33 -8.34 -6.28 3.60
CA GLU A 33 -9.35 -7.31 3.91
C GLU A 33 -9.15 -8.63 3.17
N ALA A 34 -8.80 -8.51 1.86
CA ALA A 34 -8.39 -9.53 0.93
C ALA A 34 -6.99 -10.07 1.19
N CYS A 35 -6.08 -9.27 1.84
CA CYS A 35 -4.71 -9.66 2.19
C CYS A 35 -4.60 -10.89 3.11
N GLN A 36 -5.52 -11.06 4.11
CA GLN A 36 -5.62 -12.21 5.05
C GLN A 36 -6.05 -13.54 4.40
N GLU A 37 -6.47 -13.37 3.15
CA GLU A 37 -7.10 -14.35 2.29
C GLU A 37 -6.18 -14.73 1.15
N ASN A 38 -5.61 -13.70 0.49
CA ASN A 38 -4.67 -13.88 -0.60
C ASN A 38 -3.53 -13.02 -0.13
N LYS A 39 -2.42 -13.69 0.25
CA LYS A 39 -1.14 -13.29 0.85
C LYS A 39 -0.61 -11.94 0.42
N ASP A 40 -0.51 -11.82 -0.88
CA ASP A 40 -0.16 -10.61 -1.52
C ASP A 40 -1.01 -10.63 -2.79
N LEU A 41 -2.29 -10.18 -2.72
CA LEU A 41 -3.14 -9.82 -3.89
C LEU A 41 -2.66 -8.58 -4.71
N GLN A 42 -1.83 -7.76 -4.01
CA GLN A 42 -1.02 -6.61 -4.20
C GLN A 42 0.45 -7.05 -4.40
N PRO A 43 0.92 -8.18 -5.09
CA PRO A 43 2.28 -8.78 -5.03
C PRO A 43 3.37 -7.76 -5.37
N TYR A 44 3.05 -6.81 -6.30
CA TYR A 44 3.77 -5.61 -6.70
C TYR A 44 2.75 -4.67 -7.37
N MET A 45 2.79 -3.33 -7.12
CA MET A 45 1.94 -2.28 -7.70
C MET A 45 2.78 -0.98 -7.91
N PRO A 46 2.74 -0.12 -8.96
CA PRO A 46 3.61 1.08 -9.11
C PRO A 46 3.41 2.22 -8.08
N ILE A 47 4.29 3.26 -7.96
CA ILE A 47 4.11 4.48 -7.11
C ILE A 47 2.88 5.32 -7.56
N PRO A 48 2.72 5.61 -8.87
CA PRO A 48 1.45 5.83 -9.56
C PRO A 48 0.29 4.79 -9.38
N HIS A 49 0.38 3.52 -8.85
CA HIS A 49 -0.75 2.52 -8.72
C HIS A 49 -1.96 3.04 -7.98
N VAL A 50 -1.65 3.78 -6.89
CA VAL A 50 -2.55 4.56 -6.05
C VAL A 50 -3.11 5.78 -6.79
N ARG A 51 -2.32 6.38 -7.76
CA ARG A 51 -2.74 7.36 -8.79
C ARG A 51 -3.88 6.90 -9.71
N ASP A 52 -4.15 5.56 -9.85
CA ASP A 52 -5.46 5.11 -10.41
C ASP A 52 -6.70 5.47 -9.51
N SER A 53 -6.49 5.62 -8.15
CA SER A 53 -7.42 6.11 -7.15
C SER A 53 -7.37 7.60 -6.81
N LEU A 54 -6.23 8.36 -7.01
CA LEU A 54 -5.98 9.70 -6.37
C LEU A 54 -6.94 10.75 -6.92
N ILE A 55 -7.37 10.43 -8.17
CA ILE A 55 -8.52 10.85 -8.96
C ILE A 55 -8.60 9.61 -9.87
N GLN A 56 -9.76 9.20 -10.45
CA GLN A 56 -9.88 8.02 -11.32
C GLN A 56 -9.71 8.16 -12.86
N PRO A 57 -10.18 9.20 -13.61
CA PRO A 57 -10.30 9.18 -15.08
C PRO A 57 -9.10 9.83 -15.77
N HIS A 58 -9.35 10.84 -16.66
CA HIS A 58 -8.42 11.68 -17.42
C HIS A 58 -7.64 12.69 -16.57
N ASP A 59 -8.20 13.12 -15.40
CA ASP A 59 -7.65 14.03 -14.41
C ASP A 59 -6.84 13.28 -13.36
N ARG A 60 -6.62 11.95 -13.51
CA ARG A 60 -5.79 11.05 -12.69
C ARG A 60 -4.40 11.57 -12.34
N LYS A 61 -3.57 12.08 -13.31
CA LYS A 61 -2.29 12.74 -13.02
C LYS A 61 -2.37 14.11 -12.35
N LYS A 62 -3.47 14.87 -12.48
CA LYS A 62 -3.68 16.18 -11.85
C LYS A 62 -3.51 16.31 -10.32
N MET A 63 -3.58 15.22 -9.50
CA MET A 63 -3.16 15.30 -8.11
C MET A 63 -1.96 14.40 -7.88
N LYS A 64 -1.35 13.74 -8.94
CA LYS A 64 -0.10 12.97 -8.87
C LYS A 64 1.11 13.91 -8.66
N LYS A 65 1.00 15.15 -9.20
CA LYS A 65 2.00 16.21 -8.99
C LYS A 65 2.07 16.78 -7.52
N VAL A 66 0.89 17.02 -6.86
CA VAL A 66 0.72 17.39 -5.42
C VAL A 66 0.92 16.20 -4.51
N TRP A 67 0.58 14.96 -4.96
CA TRP A 67 0.79 13.65 -4.32
C TRP A 67 2.24 13.43 -3.86
N ASP A 68 3.23 13.84 -4.68
CA ASP A 68 4.68 13.84 -4.43
C ASP A 68 5.11 14.60 -3.15
N ARG A 69 4.40 15.73 -2.86
CA ARG A 69 4.37 16.42 -1.58
C ARG A 69 3.44 15.75 -0.52
N ALA A 70 2.13 15.50 -0.85
CA ALA A 70 1.07 14.93 0.03
C ALA A 70 1.38 13.56 0.65
N VAL A 71 2.06 12.69 -0.15
CA VAL A 71 2.68 11.39 0.14
C VAL A 71 3.72 11.45 1.25
N ASP A 72 4.43 12.61 1.44
CA ASP A 72 5.44 12.90 2.47
C ASP A 72 4.91 12.78 3.91
N PHE A 73 3.59 13.07 4.18
CA PHE A 73 2.91 12.56 5.40
C PHE A 73 2.78 10.99 5.42
N LEU A 74 2.11 10.37 4.39
CA LEU A 74 1.79 8.92 4.26
C LEU A 74 3.01 7.98 4.29
N ALA A 75 4.06 8.24 3.45
CA ALA A 75 5.34 7.55 3.46
C ALA A 75 6.28 7.80 4.66
N ALA A 76 6.02 8.84 5.52
CA ALA A 76 6.74 9.13 6.76
C ALA A 76 6.03 8.53 7.96
N ASN A 77 4.67 8.44 7.91
CA ASN A 77 3.79 7.91 8.94
C ASN A 77 3.47 6.41 8.85
N GLU A 78 3.13 5.87 7.65
CA GLU A 78 2.63 4.50 7.48
C GLU A 78 3.67 3.43 7.16
N SER A 79 3.46 2.21 7.74
CA SER A 79 4.35 1.05 7.64
C SER A 79 3.60 -0.26 7.40
N ARG A 80 2.83 -0.31 6.29
CA ARG A 80 2.07 -1.48 5.83
C ARG A 80 2.66 -1.93 4.52
N VAL A 81 2.25 -1.40 3.33
CA VAL A 81 2.84 -1.74 2.03
C VAL A 81 4.28 -1.15 1.93
N ARG A 82 5.22 -1.90 1.30
CA ARG A 82 6.65 -1.58 1.33
C ARG A 82 7.12 -1.10 -0.03
N THR A 83 8.23 -0.32 -0.08
CA THR A 83 8.85 0.19 -1.31
C THR A 83 10.03 -0.71 -1.68
N GLU A 84 9.90 -1.50 -2.76
CA GLU A 84 10.92 -2.50 -3.15
C GLU A 84 11.31 -2.32 -4.60
N THR A 85 12.58 -2.68 -4.97
CA THR A 85 13.14 -2.61 -6.33
C THR A 85 12.83 -3.92 -7.08
N ARG A 86 11.97 -3.90 -8.13
CA ARG A 86 11.53 -5.08 -8.85
C ARG A 86 11.73 -4.88 -10.34
N ARG A 87 12.21 -5.93 -11.09
CA ARG A 87 12.41 -5.89 -12.55
C ARG A 87 11.14 -6.23 -13.35
N ILE A 88 10.58 -5.27 -14.13
CA ILE A 88 9.36 -5.45 -14.92
C ILE A 88 9.62 -4.89 -16.30
N GLY A 89 9.46 -5.75 -17.37
CA GLY A 89 9.74 -5.41 -18.80
C GLY A 89 11.21 -5.26 -19.10
N GLY A 90 12.06 -5.84 -18.23
CA GLY A 90 13.53 -5.70 -18.23
C GLY A 90 14.06 -4.48 -17.49
N ALA A 91 13.25 -3.76 -16.66
CA ALA A 91 13.68 -2.55 -15.98
C ALA A 91 13.27 -2.62 -14.52
N ASP A 92 14.18 -2.26 -13.58
CA ASP A 92 14.04 -2.30 -12.14
C ASP A 92 13.54 -0.96 -11.55
N PHE A 93 12.30 -0.93 -10.99
CA PHE A 93 11.67 0.27 -10.46
C PHE A 93 11.27 0.03 -9.01
N LEU A 94 10.88 1.12 -8.29
CA LEU A 94 10.37 1.11 -6.94
C LEU A 94 8.85 0.95 -7.00
N VAL A 95 8.31 -0.13 -6.44
CA VAL A 95 6.89 -0.44 -6.37
C VAL A 95 6.47 -0.30 -4.93
N TRP A 96 5.15 -0.05 -4.69
CA TRP A 96 4.63 -0.28 -3.32
C TRP A 96 3.92 -1.65 -3.48
N ARG A 97 4.23 -2.62 -2.60
CA ARG A 97 3.74 -3.97 -2.72
C ARG A 97 3.28 -4.33 -1.34
N TRP A 98 2.28 -5.23 -1.20
CA TRP A 98 1.85 -5.66 0.12
C TRP A 98 2.21 -7.07 0.35
N ILE A 99 2.60 -7.37 1.61
CA ILE A 99 3.07 -8.66 2.04
C ILE A 99 2.24 -9.11 3.25
N GLN A 100 1.29 -10.07 3.09
CA GLN A 100 0.50 -10.62 4.18
C GLN A 100 0.91 -12.09 4.35
N PRO A 101 1.70 -12.55 5.36
CA PRO A 101 2.14 -13.94 5.53
C PRO A 101 1.03 -14.96 5.79
N SER A 102 1.20 -16.22 5.33
CA SER A 102 0.29 -17.35 5.51
C SER A 102 -0.77 -17.43 4.41
N ALA A 103 -2.04 -17.04 4.75
CA ALA A 103 -3.26 -16.96 3.95
C ALA A 103 -4.36 -17.85 4.51
N SER A 104 -5.61 -17.33 4.62
CA SER A 104 -6.79 -18.09 5.08
C SER A 104 -7.81 -18.33 3.98
N CYS A 105 -7.47 -17.98 2.70
CA CYS A 105 -8.26 -18.11 1.48
C CYS A 105 -9.46 -17.17 1.34
N ASP A 106 -10.36 -17.13 2.34
CA ASP A 106 -11.53 -16.27 2.39
C ASP A 106 -11.41 -15.31 3.56
N LYS A 107 -12.48 -14.58 3.92
CA LYS A 107 -12.55 -13.69 5.07
C LYS A 107 -13.68 -14.23 5.93
N ILE A 108 -13.43 -14.49 7.24
CA ILE A 108 -14.39 -15.07 8.18
C ILE A 108 -15.40 -14.07 8.70
N LEU A 109 -14.93 -12.84 9.02
CA LEU A 109 -15.65 -11.67 9.49
C LEU A 109 -16.11 -11.68 10.96
N VAL A 110 -16.11 -10.48 11.59
CA VAL A 110 -16.58 -10.26 12.97
C VAL A 110 -17.84 -9.38 12.92
N ILE A 111 -18.28 -9.08 11.67
CA ILE A 111 -19.39 -8.23 11.28
C ILE A 111 -20.20 -9.03 10.26
N PRO A 112 -21.55 -9.14 10.22
CA PRO A 112 -22.33 -9.94 9.24
C PRO A 112 -22.43 -9.28 7.84
N SER A 113 -21.28 -8.88 7.24
CA SER A 113 -21.15 -8.17 5.98
C SER A 113 -20.69 -9.06 4.82
N LYS A 114 -21.53 -10.01 4.36
CA LYS A 114 -21.30 -10.86 3.19
C LYS A 114 -22.33 -10.43 2.16
N VAL A 115 -21.86 -9.81 1.04
CA VAL A 115 -22.56 -9.16 -0.08
C VAL A 115 -23.75 -9.91 -0.69
N TRP A 116 -23.66 -11.27 -0.71
CA TRP A 116 -24.65 -12.20 -1.22
C TRP A 116 -25.20 -13.09 -0.09
N GLN A 117 -25.19 -12.61 1.18
CA GLN A 117 -25.72 -13.27 2.39
C GLN A 117 -24.80 -14.31 3.02
N GLY A 118 -24.22 -15.25 2.24
CA GLY A 118 -23.34 -16.30 2.74
C GLY A 118 -22.18 -16.53 1.81
N GLN A 119 -21.17 -17.32 2.29
CA GLN A 119 -19.98 -17.70 1.55
C GLN A 119 -19.52 -18.97 2.24
N ALA A 120 -18.66 -19.78 1.58
CA ALA A 120 -18.10 -21.02 2.07
C ALA A 120 -16.63 -21.05 1.69
N PHE A 121 -15.89 -22.15 2.03
CA PHE A 121 -14.46 -22.33 1.84
C PHE A 121 -14.02 -22.67 0.41
N HIS A 122 -14.30 -21.71 -0.50
CA HIS A 122 -14.01 -21.76 -1.92
C HIS A 122 -14.10 -20.34 -2.48
N LEU A 123 -13.08 -19.90 -3.25
CA LEU A 123 -12.98 -18.55 -3.82
C LEU A 123 -13.10 -18.57 -5.35
N ASP A 124 -13.64 -19.68 -5.92
CA ASP A 124 -13.80 -19.95 -7.36
C ASP A 124 -12.48 -20.32 -8.03
N ARG A 125 -11.85 -21.40 -7.50
CA ARG A 125 -10.52 -21.87 -7.86
C ARG A 125 -10.52 -22.88 -9.00
N ARG A 126 -10.95 -22.43 -10.20
CA ARG A 126 -11.00 -23.23 -11.40
C ARG A 126 -10.76 -22.31 -12.58
N LEU A 127 -9.79 -22.67 -13.46
CA LEU A 127 -9.42 -22.01 -14.72
C LEU A 127 -8.62 -20.70 -14.61
N GLU A 128 -9.20 -19.64 -13.97
CA GLU A 128 -8.65 -18.29 -13.85
C GLU A 128 -7.43 -18.11 -12.95
N ARG A 129 -6.21 -18.30 -13.54
CA ARG A 129 -4.92 -18.19 -12.89
C ARG A 129 -4.20 -16.93 -13.40
N PRO A 130 -4.22 -15.74 -12.75
CA PRO A 130 -3.48 -14.54 -13.18
C PRO A 130 -1.99 -14.66 -12.78
N HIS A 131 -1.24 -15.57 -13.46
CA HIS A 131 0.14 -15.99 -13.22
C HIS A 131 1.24 -14.99 -13.59
N ARG A 132 1.15 -13.77 -13.00
CA ARG A 132 2.09 -12.67 -13.15
C ARG A 132 3.02 -12.64 -11.94
N ASP A 133 4.15 -13.40 -12.03
CA ASP A 133 5.19 -13.59 -11.01
C ASP A 133 4.79 -14.58 -9.92
N GLY A 1 15.95 19.06 29.85
CA GLY A 1 17.32 19.37 29.52
C GLY A 1 17.45 19.61 28.05
N SER A 2 16.37 19.30 27.29
CA SER A 2 16.26 19.46 25.84
C SER A 2 14.80 19.13 25.51
N PRO A 3 14.15 19.61 24.41
CA PRO A 3 12.74 19.38 24.11
C PRO A 3 12.43 18.01 23.47
N GLU A 4 11.13 17.76 23.15
CA GLU A 4 10.65 16.54 22.52
C GLU A 4 10.26 16.81 21.08
N PHE A 5 9.45 17.89 20.90
CA PHE A 5 8.96 18.48 19.65
C PHE A 5 7.78 17.74 19.01
N ARG A 6 7.14 16.77 19.72
CA ARG A 6 6.00 15.95 19.25
C ARG A 6 4.63 16.66 19.35
N TRP A 7 4.70 18.01 19.27
CA TRP A 7 3.70 19.02 19.48
C TRP A 7 3.17 19.72 18.20
N THR A 8 2.60 20.94 18.39
CA THR A 8 1.94 21.89 17.48
C THR A 8 2.69 22.38 16.27
N LYS A 9 4.02 22.60 16.34
CA LYS A 9 4.85 23.12 15.24
C LYS A 9 5.02 22.17 14.07
N GLU A 10 4.94 20.84 14.35
CA GLU A 10 4.99 19.70 13.41
C GLU A 10 3.96 19.73 12.26
N GLU A 11 2.93 20.60 12.40
CA GLU A 11 1.91 21.03 11.44
C GLU A 11 2.48 21.85 10.28
N GLU A 12 3.61 22.61 10.51
CA GLU A 12 4.34 23.40 9.51
C GLU A 12 5.13 22.50 8.54
N GLU A 13 5.72 21.41 9.12
CA GLU A 13 6.36 20.27 8.47
C GLU A 13 5.39 19.34 7.70
N THR A 14 4.19 19.00 8.27
CA THR A 14 3.11 18.16 7.73
C THR A 14 2.20 18.85 6.69
N ARG A 15 2.04 20.19 6.76
CA ARG A 15 1.50 21.09 5.74
C ARG A 15 0.00 21.09 5.39
N GLN A 16 -0.35 20.73 4.12
CA GLN A 16 -1.71 20.75 3.55
C GLN A 16 -2.02 19.37 2.96
N MET A 17 -1.19 18.36 3.33
CA MET A 17 -1.17 16.95 2.92
C MET A 17 -2.39 16.19 3.39
N TYR A 18 -2.80 16.40 4.66
CA TYR A 18 -4.03 15.96 5.33
C TYR A 18 -5.35 16.32 4.65
N ASP A 19 -5.37 17.30 3.70
CA ASP A 19 -6.53 17.63 2.86
C ASP A 19 -6.71 16.64 1.69
N MET A 20 -5.68 16.40 0.81
CA MET A 20 -5.68 15.46 -0.33
C MET A 20 -5.50 14.00 0.01
N VAL A 21 -4.85 13.73 1.15
CA VAL A 21 -4.54 12.36 1.64
C VAL A 21 -5.70 11.47 2.02
N VAL A 22 -6.81 12.08 2.55
CA VAL A 22 -8.07 11.45 3.00
C VAL A 22 -8.72 10.51 1.99
N LYS A 23 -8.59 10.86 0.69
CA LYS A 23 -8.96 10.02 -0.45
C LYS A 23 -8.05 8.84 -0.76
N ILE A 24 -6.70 8.95 -0.54
CA ILE A 24 -5.73 7.85 -0.76
C ILE A 24 -5.77 6.81 0.32
N ILE A 25 -5.98 7.11 1.63
CA ILE A 25 -6.05 6.12 2.73
C ILE A 25 -7.07 4.98 2.53
N ASP A 26 -8.14 5.28 1.75
CA ASP A 26 -9.08 4.34 1.14
C ASP A 26 -8.49 3.36 0.09
N VAL A 27 -7.24 3.58 -0.52
CA VAL A 27 -6.60 2.66 -1.50
C VAL A 27 -6.21 1.36 -0.86
N LEU A 28 -5.40 1.42 0.22
CA LEU A 28 -4.84 0.25 0.86
C LEU A 28 -5.82 -0.64 1.65
N ARG A 29 -6.69 -0.08 2.55
CA ARG A 29 -7.64 -0.77 3.48
C ARG A 29 -8.58 -1.83 2.88
N SER A 30 -8.90 -1.66 1.58
CA SER A 30 -9.82 -2.48 0.76
C SER A 30 -9.17 -3.79 0.34
N HIS A 31 -7.94 -3.70 -0.24
CA HIS A 31 -7.09 -4.83 -0.53
C HIS A 31 -6.50 -5.46 0.76
N ASN A 32 -6.26 -4.64 1.83
CA ASN A 32 -5.69 -5.03 3.13
C ASN A 32 -6.65 -5.84 4.00
N GLU A 33 -7.99 -5.59 3.95
CA GLU A 33 -8.99 -6.46 4.58
C GLU A 33 -9.19 -7.78 3.85
N ALA A 34 -9.06 -7.76 2.50
CA ALA A 34 -9.05 -8.85 1.55
C ALA A 34 -7.80 -9.67 1.52
N CYS A 35 -6.64 -9.07 1.92
CA CYS A 35 -5.33 -9.67 2.01
C CYS A 35 -5.25 -10.88 2.88
N GLN A 36 -6.05 -10.96 3.99
CA GLN A 36 -6.18 -12.04 4.98
C GLN A 36 -6.43 -13.46 4.46
N GLU A 37 -6.75 -13.50 3.15
CA GLU A 37 -7.15 -14.63 2.34
C GLU A 37 -6.02 -15.21 1.52
N ASN A 38 -5.22 -14.32 0.96
CA ASN A 38 -4.28 -14.62 -0.09
C ASN A 38 -2.94 -14.26 0.44
N LYS A 39 -1.85 -14.98 0.05
CA LYS A 39 -0.50 -14.79 0.59
C LYS A 39 0.05 -13.36 0.52
N ASP A 40 -0.05 -12.89 -0.73
CA ASP A 40 0.08 -11.57 -1.31
C ASP A 40 -0.77 -11.48 -2.59
N LEU A 41 -2.10 -11.13 -2.53
CA LEU A 41 -3.04 -10.84 -3.64
C LEU A 41 -2.68 -9.69 -4.61
N GLN A 42 -1.83 -8.78 -4.09
CA GLN A 42 -1.11 -7.60 -4.46
C GLN A 42 0.33 -7.93 -4.77
N PRO A 43 0.84 -9.07 -5.40
CA PRO A 43 2.26 -9.49 -5.45
C PRO A 43 3.24 -8.38 -5.90
N TYR A 44 2.76 -7.36 -6.68
CA TYR A 44 3.43 -6.15 -7.13
C TYR A 44 2.36 -5.17 -7.59
N MET A 45 2.65 -3.84 -7.52
CA MET A 45 1.82 -2.69 -7.89
C MET A 45 2.80 -1.48 -8.22
N PRO A 46 2.80 -0.58 -9.26
CA PRO A 46 3.80 0.53 -9.46
C PRO A 46 3.70 1.75 -8.47
N ILE A 47 4.61 2.77 -8.47
CA ILE A 47 4.49 4.03 -7.64
C ILE A 47 3.21 4.83 -7.95
N PRO A 48 2.85 5.16 -9.21
CA PRO A 48 1.51 5.45 -9.69
C PRO A 48 0.36 4.47 -9.37
N HIS A 49 0.48 3.18 -8.87
CA HIS A 49 -0.63 2.22 -8.64
C HIS A 49 -1.75 2.75 -7.77
N VAL A 50 -1.35 3.40 -6.65
CA VAL A 50 -2.17 4.19 -5.73
C VAL A 50 -2.63 5.50 -6.37
N ARG A 51 -1.79 6.11 -7.27
CA ARG A 51 -2.08 7.20 -8.18
C ARG A 51 -3.06 6.90 -9.35
N ASP A 52 -3.39 5.63 -9.69
CA ASP A 52 -4.53 5.32 -10.58
C ASP A 52 -5.92 5.53 -9.87
N SER A 53 -5.93 5.64 -8.52
CA SER A 53 -7.11 5.78 -7.66
C SER A 53 -7.67 7.15 -7.23
N LEU A 54 -6.79 8.19 -7.08
CA LEU A 54 -6.92 9.49 -6.36
C LEU A 54 -7.93 10.45 -6.95
N ILE A 55 -8.26 10.20 -8.24
CA ILE A 55 -9.36 10.75 -9.02
C ILE A 55 -9.60 9.63 -10.06
N GLN A 56 -10.82 9.53 -10.64
CA GLN A 56 -11.21 8.64 -11.73
C GLN A 56 -11.10 9.11 -13.20
N PRO A 57 -11.47 10.33 -13.67
CA PRO A 57 -11.57 10.68 -15.09
C PRO A 57 -10.23 11.16 -15.68
N HIS A 58 -10.28 12.19 -16.57
CA HIS A 58 -9.19 12.91 -17.22
C HIS A 58 -8.27 13.68 -16.27
N ASP A 59 -8.78 14.09 -15.08
CA ASP A 59 -8.11 14.78 -14.01
C ASP A 59 -7.38 13.84 -13.06
N ARG A 60 -7.37 12.49 -13.30
CA ARG A 60 -6.70 11.42 -12.51
C ARG A 60 -5.26 11.68 -12.13
N LYS A 61 -4.39 12.18 -13.05
CA LYS A 61 -3.05 12.69 -12.76
C LYS A 61 -2.95 14.01 -12.00
N LYS A 62 -3.97 14.90 -12.03
CA LYS A 62 -3.98 16.19 -11.33
C LYS A 62 -3.74 16.21 -9.80
N MET A 63 -3.94 15.07 -9.10
CA MET A 63 -3.52 14.94 -7.70
C MET A 63 -2.41 13.91 -7.55
N LYS A 64 -1.87 13.33 -8.67
CA LYS A 64 -0.69 12.46 -8.70
C LYS A 64 0.59 13.28 -8.43
N LYS A 65 0.63 14.51 -9.00
CA LYS A 65 1.71 15.49 -8.81
C LYS A 65 1.90 16.02 -7.35
N VAL A 66 0.78 16.35 -6.63
CA VAL A 66 0.71 16.71 -5.20
C VAL A 66 0.91 15.51 -4.28
N TRP A 67 0.51 14.27 -4.70
CA TRP A 67 0.74 13.00 -3.97
C TRP A 67 2.20 12.75 -3.56
N ASP A 68 3.21 13.14 -4.40
CA ASP A 68 4.67 13.14 -4.14
C ASP A 68 5.07 13.93 -2.88
N ARG A 69 4.37 15.07 -2.63
CA ARG A 69 4.35 15.85 -1.41
C ARG A 69 3.47 15.21 -0.34
N ALA A 70 2.16 14.88 -0.60
CA ALA A 70 1.20 14.24 0.33
C ALA A 70 1.63 12.94 1.03
N VAL A 71 2.48 12.15 0.29
CA VAL A 71 3.30 10.99 0.64
C VAL A 71 4.25 11.23 1.79
N ASP A 72 4.81 12.47 2.00
CA ASP A 72 5.73 12.86 3.08
C ASP A 72 5.09 12.71 4.47
N PHE A 73 3.85 13.25 4.69
CA PHE A 73 3.00 13.04 5.87
C PHE A 73 2.57 11.55 6.07
N LEU A 74 1.97 10.89 5.03
CA LEU A 74 1.51 9.48 5.11
C LEU A 74 2.61 8.41 5.25
N ALA A 75 3.71 8.45 4.46
CA ALA A 75 4.85 7.54 4.59
C ALA A 75 5.66 7.60 5.92
N ALA A 76 5.55 8.72 6.71
CA ALA A 76 6.15 8.90 8.02
C ALA A 76 5.21 8.44 9.15
N ASN A 77 4.05 7.81 8.81
CA ASN A 77 3.03 7.33 9.71
C ASN A 77 2.57 5.91 9.35
N GLU A 78 2.28 5.63 8.04
CA GLU A 78 1.76 4.34 7.60
C GLU A 78 2.51 3.83 6.37
N SER A 79 3.65 3.12 6.59
CA SER A 79 4.49 2.55 5.53
C SER A 79 4.58 1.05 5.72
N ARG A 80 3.43 0.34 5.56
CA ARG A 80 3.26 -1.12 5.66
C ARG A 80 3.53 -1.77 4.31
N VAL A 81 2.88 -1.26 3.21
CA VAL A 81 3.06 -1.56 1.78
C VAL A 81 4.46 -1.02 1.38
N ARG A 82 5.37 -1.94 0.92
CA ARG A 82 6.82 -1.72 0.90
C ARG A 82 7.43 -1.61 -0.49
N THR A 83 8.47 -0.70 -0.62
CA THR A 83 9.24 -0.39 -1.83
C THR A 83 10.41 -1.33 -2.05
N GLU A 84 10.43 -2.06 -3.18
CA GLU A 84 11.50 -2.96 -3.57
C GLU A 84 12.06 -2.48 -4.89
N THR A 85 13.37 -2.73 -5.18
CA THR A 85 13.99 -2.47 -6.47
C THR A 85 13.89 -3.79 -7.25
N ARG A 86 13.03 -3.84 -8.30
CA ARG A 86 12.70 -5.06 -9.00
C ARG A 86 12.69 -4.82 -10.50
N ARG A 87 13.14 -5.83 -11.31
CA ARG A 87 13.20 -5.76 -12.77
C ARG A 87 11.87 -6.08 -13.46
N ILE A 88 11.24 -5.09 -14.14
CA ILE A 88 9.97 -5.30 -14.87
C ILE A 88 10.03 -4.59 -16.19
N GLY A 89 9.75 -5.34 -17.31
CA GLY A 89 9.88 -4.87 -18.73
C GLY A 89 11.32 -4.72 -19.17
N GLY A 90 12.23 -5.41 -18.43
CA GLY A 90 13.70 -5.29 -18.56
C GLY A 90 14.33 -4.14 -17.79
N ALA A 91 13.61 -3.47 -16.85
CA ALA A 91 14.14 -2.30 -16.16
C ALA A 91 13.88 -2.43 -14.65
N ASP A 92 14.89 -2.08 -13.81
CA ASP A 92 14.93 -2.13 -12.36
C ASP A 92 14.30 -0.86 -11.76
N PHE A 93 13.08 -1.00 -11.17
CA PHE A 93 12.25 0.10 -10.69
C PHE A 93 11.92 -0.08 -9.23
N LEU A 94 11.48 1.04 -8.57
CA LEU A 94 11.01 1.08 -7.19
C LEU A 94 9.50 0.84 -7.29
N VAL A 95 9.05 -0.33 -6.82
CA VAL A 95 7.70 -0.85 -7.03
C VAL A 95 7.14 -1.07 -5.64
N TRP A 96 5.81 -0.86 -5.41
CA TRP A 96 5.28 -1.08 -4.05
C TRP A 96 4.57 -2.44 -4.09
N ARG A 97 4.79 -3.37 -3.12
CA ARG A 97 4.11 -4.65 -3.11
C ARG A 97 3.61 -4.87 -1.72
N TRP A 98 2.50 -5.62 -1.55
CA TRP A 98 1.91 -5.85 -0.24
C TRP A 98 2.14 -7.24 0.24
N ILE A 99 2.34 -7.34 1.57
CA ILE A 99 2.56 -8.53 2.31
C ILE A 99 1.46 -8.63 3.34
N GLN A 100 0.69 -9.75 3.36
CA GLN A 100 -0.37 -10.03 4.34
C GLN A 100 0.34 -10.43 5.67
N PRO A 101 -0.07 -10.09 6.93
CA PRO A 101 0.76 -10.26 8.12
C PRO A 101 1.13 -11.69 8.49
N SER A 102 2.46 -11.91 8.70
CA SER A 102 3.09 -13.20 9.00
C SER A 102 3.33 -14.04 7.75
N ALA A 103 3.00 -13.52 6.52
CA ALA A 103 3.13 -14.16 5.22
C ALA A 103 2.34 -15.46 5.05
N SER A 104 0.98 -15.39 5.26
CA SER A 104 -0.05 -16.45 5.20
C SER A 104 -0.30 -17.13 6.54
N CYS A 105 0.71 -17.02 7.46
CA CYS A 105 0.83 -17.63 8.78
C CYS A 105 1.73 -18.88 8.74
N ASP A 106 2.35 -19.18 7.57
CA ASP A 106 3.33 -20.25 7.28
C ASP A 106 2.81 -21.69 7.30
N LYS A 107 2.09 -22.08 8.39
CA LYS A 107 1.56 -23.39 8.72
C LYS A 107 0.26 -23.75 8.02
N ILE A 108 -0.27 -22.83 7.18
CA ILE A 108 -1.49 -23.00 6.39
C ILE A 108 -1.07 -22.95 4.91
N LEU A 109 0.13 -23.50 4.58
CA LEU A 109 0.77 -23.58 3.27
C LEU A 109 0.17 -24.60 2.30
N VAL A 110 -1.19 -24.63 2.21
CA VAL A 110 -2.05 -25.51 1.41
C VAL A 110 -2.15 -26.90 2.07
N ILE A 111 -2.32 -26.89 3.42
CA ILE A 111 -2.46 -28.06 4.27
C ILE A 111 -3.76 -27.83 5.05
N PRO A 112 -4.73 -28.78 5.21
CA PRO A 112 -6.04 -28.52 5.81
C PRO A 112 -6.04 -28.39 7.33
N SER A 113 -5.41 -27.29 7.85
CA SER A 113 -5.26 -26.81 9.24
C SER A 113 -5.13 -27.80 10.41
N LYS A 114 -3.89 -28.32 10.67
CA LYS A 114 -3.58 -29.20 11.80
C LYS A 114 -3.16 -28.41 13.05
N VAL A 115 -3.72 -27.19 13.14
CA VAL A 115 -3.68 -26.18 14.16
C VAL A 115 -5.17 -25.83 14.27
N TRP A 116 -5.80 -26.07 15.44
CA TRP A 116 -7.24 -25.91 15.63
C TRP A 116 -7.49 -25.37 17.04
N GLN A 117 -8.51 -24.46 17.12
CA GLN A 117 -8.98 -23.69 18.26
C GLN A 117 -10.03 -24.37 19.14
N GLY A 118 -10.77 -25.38 18.59
CA GLY A 118 -11.92 -26.04 19.23
C GLY A 118 -13.16 -25.72 18.46
N GLN A 119 -13.40 -24.40 18.27
CA GLN A 119 -14.42 -23.72 17.46
C GLN A 119 -15.86 -23.75 17.97
N ALA A 120 -16.12 -22.93 19.03
CA ALA A 120 -17.41 -22.74 19.67
C ALA A 120 -17.68 -21.24 19.74
N PHE A 121 -18.45 -20.75 20.75
CA PHE A 121 -18.82 -19.35 20.94
C PHE A 121 -17.74 -18.55 21.69
N HIS A 122 -16.59 -18.33 21.00
CA HIS A 122 -15.42 -17.59 21.45
C HIS A 122 -14.89 -16.89 20.20
N LEU A 123 -14.29 -15.67 20.34
CA LEU A 123 -13.70 -14.90 19.25
C LEU A 123 -12.24 -14.59 19.56
N ASP A 124 -11.53 -15.61 20.12
CA ASP A 124 -10.10 -15.68 20.47
C ASP A 124 -9.58 -14.77 21.60
N ARG A 125 -9.75 -13.42 21.47
CA ARG A 125 -9.30 -12.40 22.41
C ARG A 125 -10.36 -12.06 23.47
N ARG A 126 -9.90 -11.71 24.70
CA ARG A 126 -10.75 -11.30 25.81
C ARG A 126 -9.79 -10.72 26.84
N LEU A 127 -10.30 -10.36 28.05
CA LEU A 127 -9.55 -9.83 29.20
C LEU A 127 -9.26 -8.34 29.10
N GLU A 128 -10.12 -7.51 29.74
CA GLU A 128 -10.01 -6.06 29.73
C GLU A 128 -10.29 -5.52 31.13
N ARG A 129 -9.82 -6.25 32.18
CA ARG A 129 -10.05 -5.85 33.57
C ARG A 129 -9.15 -6.60 34.56
N PRO A 130 -9.02 -7.94 34.65
CA PRO A 130 -8.19 -8.60 35.67
C PRO A 130 -6.80 -8.89 35.13
N HIS A 131 -6.53 -10.12 34.61
CA HIS A 131 -5.26 -10.58 34.04
C HIS A 131 -5.18 -10.17 32.57
N ARG A 132 -4.69 -8.91 32.39
CA ARG A 132 -4.55 -8.10 31.18
C ARG A 132 -5.66 -7.05 31.18
N ASP A 133 -5.33 -5.79 30.82
CA ASP A 133 -6.29 -4.68 30.71
C ASP A 133 -6.59 -4.44 29.23
N GLY A 1 12.63 35.84 5.45
CA GLY A 1 13.48 36.82 4.83
C GLY A 1 13.27 36.86 3.36
N SER A 2 12.73 35.76 2.79
CA SER A 2 12.42 35.59 1.37
C SER A 2 11.68 34.25 1.28
N PRO A 3 10.91 33.90 0.21
CA PRO A 3 10.12 32.67 0.10
C PRO A 3 10.89 31.37 -0.23
N GLU A 4 10.15 30.26 -0.50
CA GLU A 4 10.60 28.89 -0.85
C GLU A 4 10.74 27.97 0.37
N PHE A 5 10.90 26.63 0.13
CA PHE A 5 11.07 25.56 1.13
C PHE A 5 12.54 25.43 1.52
N ARG A 6 13.11 26.56 1.99
CA ARG A 6 14.49 26.78 2.41
C ARG A 6 14.72 26.46 3.87
N TRP A 7 13.63 26.45 4.69
CA TRP A 7 13.60 26.10 6.10
C TRP A 7 13.02 24.70 6.34
N THR A 8 13.01 24.22 7.61
CA THR A 8 12.52 22.91 8.04
C THR A 8 11.10 22.92 8.62
N LYS A 9 10.52 24.11 8.96
CA LYS A 9 9.22 24.28 9.67
C LYS A 9 7.99 23.64 9.04
N GLU A 10 8.00 23.48 7.68
CA GLU A 10 7.04 22.75 6.85
C GLU A 10 6.85 21.26 7.22
N GLU A 11 7.78 20.70 8.07
CA GLU A 11 7.70 19.43 8.80
C GLU A 11 6.57 19.38 9.83
N GLU A 12 6.13 20.54 10.44
CA GLU A 12 5.03 20.61 11.41
C GLU A 12 3.66 20.34 10.79
N GLU A 13 3.45 20.85 9.54
CA GLU A 13 2.30 20.65 8.66
C GLU A 13 2.02 19.18 8.26
N THR A 14 3.08 18.39 7.98
CA THR A 14 3.31 16.99 7.61
C THR A 14 3.20 16.02 8.73
N ARG A 15 3.43 16.46 10.00
CA ARG A 15 3.04 15.67 11.18
C ARG A 15 1.48 15.56 11.35
N GLN A 16 0.71 16.44 10.63
CA GLN A 16 -0.74 16.42 10.49
C GLN A 16 -1.19 15.92 9.11
N MET A 17 -2.14 14.98 9.14
CA MET A 17 -2.80 14.11 8.17
C MET A 17 -3.76 14.61 7.12
N TYR A 18 -4.51 15.67 7.40
CA TYR A 18 -5.70 16.21 6.74
C TYR A 18 -5.92 16.50 5.24
N ASP A 19 -4.92 16.57 4.34
CA ASP A 19 -5.12 16.96 2.92
C ASP A 19 -5.55 15.83 1.97
N MET A 20 -4.99 15.81 0.70
CA MET A 20 -5.23 14.91 -0.46
C MET A 20 -5.05 13.44 -0.17
N VAL A 21 -4.22 13.20 0.85
CA VAL A 21 -3.88 11.90 1.48
C VAL A 21 -5.01 11.20 2.19
N VAL A 22 -5.98 11.94 2.82
CA VAL A 22 -7.14 11.38 3.55
C VAL A 22 -8.05 10.43 2.74
N LYS A 23 -8.17 10.64 1.39
CA LYS A 23 -8.79 9.74 0.42
C LYS A 23 -7.97 8.49 0.05
N ILE A 24 -6.62 8.56 0.12
CA ILE A 24 -5.66 7.51 -0.25
C ILE A 24 -5.57 6.40 0.78
N ILE A 25 -5.69 6.66 2.10
CA ILE A 25 -5.71 5.64 3.19
C ILE A 25 -6.74 4.49 3.00
N ASP A 26 -7.89 4.84 2.32
CA ASP A 26 -8.90 3.91 1.81
C ASP A 26 -8.43 3.00 0.63
N VAL A 27 -7.39 3.37 -0.21
CA VAL A 27 -6.76 2.59 -1.28
C VAL A 27 -6.01 1.36 -0.75
N LEU A 28 -5.18 1.53 0.31
CA LEU A 28 -4.42 0.47 0.96
C LEU A 28 -5.18 -0.56 1.85
N ARG A 29 -5.97 -0.09 2.88
CA ARG A 29 -6.91 -0.75 3.83
C ARG A 29 -8.00 -1.61 3.21
N SER A 30 -8.37 -1.30 1.95
CA SER A 30 -9.44 -1.92 1.13
C SER A 30 -9.07 -3.27 0.57
N HIS A 31 -7.89 -3.37 -0.11
CA HIS A 31 -7.25 -4.57 -0.62
C HIS A 31 -6.91 -5.58 0.48
N ASN A 32 -6.48 -4.99 1.62
CA ASN A 32 -6.02 -5.44 2.90
C ASN A 32 -6.90 -6.37 3.72
N GLU A 33 -8.24 -6.23 3.56
CA GLU A 33 -9.28 -7.07 4.16
C GLU A 33 -9.30 -8.46 3.52
N ALA A 34 -9.27 -8.44 2.16
CA ALA A 34 -9.12 -9.57 1.25
C ALA A 34 -7.70 -10.15 1.23
N CYS A 35 -6.68 -9.26 1.39
CA CYS A 35 -5.25 -9.57 1.36
C CYS A 35 -4.70 -10.29 2.53
N GLN A 36 -5.24 -10.10 3.77
CA GLN A 36 -4.85 -10.82 4.99
C GLN A 36 -5.21 -12.30 4.95
N GLU A 37 -6.07 -12.72 3.97
CA GLU A 37 -6.53 -14.09 3.74
C GLU A 37 -5.45 -14.91 3.03
N ASN A 38 -4.69 -14.16 2.22
CA ASN A 38 -3.57 -14.49 1.39
C ASN A 38 -2.38 -13.84 2.08
N LYS A 39 -1.18 -13.94 1.48
CA LYS A 39 -0.10 -13.06 1.89
C LYS A 39 -0.10 -11.75 1.06
N ASP A 40 -0.43 -11.82 -0.26
CA ASP A 40 -0.36 -10.79 -1.24
C ASP A 40 -1.35 -10.98 -2.39
N LEU A 41 -2.54 -10.36 -2.49
CA LEU A 41 -3.22 -10.30 -3.81
C LEU A 41 -2.60 -9.31 -4.88
N GLN A 42 -1.72 -8.37 -4.43
CA GLN A 42 -0.80 -7.40 -5.03
C GLN A 42 0.69 -7.73 -5.13
N PRO A 43 1.31 -8.93 -5.40
CA PRO A 43 2.75 -9.25 -5.38
C PRO A 43 3.73 -8.19 -6.00
N TYR A 44 3.27 -7.31 -6.93
CA TYR A 44 3.93 -6.12 -7.47
C TYR A 44 2.84 -5.14 -7.95
N MET A 45 3.11 -3.81 -7.92
CA MET A 45 2.30 -2.66 -8.40
C MET A 45 3.25 -1.51 -8.81
N PRO A 46 3.07 -0.56 -9.77
CA PRO A 46 3.94 0.63 -9.90
C PRO A 46 3.58 1.73 -8.88
N ILE A 47 4.30 2.90 -8.84
CA ILE A 47 4.04 4.11 -8.03
C ILE A 47 2.69 4.73 -8.45
N PRO A 48 2.37 5.02 -9.76
CA PRO A 48 1.06 5.24 -10.32
C PRO A 48 -0.07 4.24 -10.04
N HIS A 49 0.06 2.98 -9.51
CA HIS A 49 -1.17 2.24 -9.06
C HIS A 49 -1.96 3.03 -7.97
N VAL A 50 -1.24 3.45 -6.90
CA VAL A 50 -1.69 4.40 -5.89
C VAL A 50 -1.58 5.85 -6.42
N ARG A 51 -0.49 6.27 -7.13
CA ARG A 51 -0.34 7.60 -7.74
C ARG A 51 -1.30 7.93 -8.90
N ASP A 52 -1.90 6.98 -9.67
CA ASP A 52 -3.14 7.15 -10.48
C ASP A 52 -4.47 7.07 -9.69
N SER A 53 -4.52 6.55 -8.42
CA SER A 53 -5.71 6.24 -7.61
C SER A 53 -6.43 7.38 -6.95
N LEU A 54 -5.81 8.57 -6.85
CA LEU A 54 -6.18 9.73 -6.09
C LEU A 54 -7.47 10.41 -6.58
N ILE A 55 -7.92 10.08 -7.81
CA ILE A 55 -9.08 10.59 -8.55
C ILE A 55 -9.51 9.37 -9.37
N GLN A 56 -10.70 9.33 -9.99
CA GLN A 56 -11.12 8.25 -10.90
C GLN A 56 -10.85 8.40 -12.41
N PRO A 57 -11.16 9.50 -13.15
CA PRO A 57 -11.14 9.53 -14.63
C PRO A 57 -9.79 10.00 -15.22
N HIS A 58 -9.89 10.92 -16.23
CA HIS A 58 -8.87 11.63 -16.99
C HIS A 58 -8.11 12.69 -16.20
N ASP A 59 -8.73 13.26 -15.14
CA ASP A 59 -8.23 14.22 -14.16
C ASP A 59 -7.41 13.57 -13.07
N ARG A 60 -7.09 12.24 -13.15
CA ARG A 60 -6.25 11.44 -12.26
C ARG A 60 -4.88 11.97 -12.00
N LYS A 61 -4.08 12.30 -13.05
CA LYS A 61 -2.77 12.92 -12.97
C LYS A 61 -2.66 14.26 -12.28
N LYS A 62 -3.79 15.01 -12.24
CA LYS A 62 -3.97 16.26 -11.52
C LYS A 62 -3.59 16.31 -10.03
N MET A 63 -3.73 15.18 -9.27
CA MET A 63 -3.21 15.13 -7.91
C MET A 63 -2.07 14.15 -7.79
N LYS A 64 -1.54 13.55 -8.92
CA LYS A 64 -0.32 12.73 -8.99
C LYS A 64 0.92 13.63 -8.83
N LYS A 65 0.82 14.87 -9.36
CA LYS A 65 1.88 15.91 -9.24
C LYS A 65 2.12 16.45 -7.79
N VAL A 66 1.00 16.65 -7.00
CA VAL A 66 0.97 16.96 -5.55
C VAL A 66 1.27 15.73 -4.71
N TRP A 67 0.93 14.48 -5.19
CA TRP A 67 1.21 13.17 -4.59
C TRP A 67 2.68 12.93 -4.22
N ASP A 68 3.59 13.48 -5.05
CA ASP A 68 5.04 13.58 -4.91
C ASP A 68 5.48 14.24 -3.57
N ARG A 69 4.78 15.34 -3.21
CA ARG A 69 4.75 16.03 -1.91
C ARG A 69 3.89 15.31 -0.84
N ALA A 70 2.62 14.89 -1.14
CA ALA A 70 1.66 14.18 -0.26
C ALA A 70 2.13 12.87 0.39
N VAL A 71 2.98 12.12 -0.38
CA VAL A 71 3.73 10.90 -0.04
C VAL A 71 4.71 11.10 1.11
N ASP A 72 5.32 12.32 1.26
CA ASP A 72 6.22 12.72 2.36
C ASP A 72 5.52 12.64 3.74
N PHE A 73 4.28 13.17 3.87
CA PHE A 73 3.38 12.96 5.02
C PHE A 73 2.65 11.60 5.08
N LEU A 74 1.90 11.14 4.02
CA LEU A 74 1.17 9.82 3.97
C LEU A 74 1.99 8.54 4.25
N ALA A 75 3.22 8.41 3.66
CA ALA A 75 4.15 7.31 3.86
C ALA A 75 4.70 7.09 5.28
N ALA A 76 4.54 8.05 6.23
CA ALA A 76 5.03 8.00 7.59
C ALA A 76 4.12 7.24 8.58
N ASN A 77 2.87 6.88 8.19
CA ASN A 77 1.98 6.16 9.11
C ASN A 77 1.16 5.12 8.38
N GLU A 78 0.24 5.54 7.49
CA GLU A 78 -0.67 4.66 6.76
C GLU A 78 -0.10 4.12 5.45
N SER A 79 0.65 3.00 5.53
CA SER A 79 1.22 2.28 4.41
C SER A 79 1.55 0.87 4.89
N ARG A 80 1.08 -0.17 4.14
CA ARG A 80 1.32 -1.59 4.43
C ARG A 80 1.84 -2.33 3.18
N VAL A 81 2.35 -1.53 2.19
CA VAL A 81 2.96 -1.91 0.94
C VAL A 81 4.45 -1.60 1.08
N ARG A 82 5.33 -2.42 0.47
CA ARG A 82 6.78 -2.34 0.57
C ARG A 82 7.31 -1.72 -0.70
N THR A 83 8.19 -0.69 -0.62
CA THR A 83 8.70 0.03 -1.78
C THR A 83 10.17 -0.35 -2.00
N GLU A 84 10.46 -0.99 -3.13
CA GLU A 84 11.79 -1.52 -3.40
C GLU A 84 12.07 -1.37 -4.85
N THR A 85 13.37 -1.28 -5.23
CA THR A 85 13.84 -1.28 -6.59
C THR A 85 14.00 -2.73 -7.08
N ARG A 86 13.12 -3.18 -8.01
CA ARG A 86 13.06 -4.52 -8.56
C ARG A 86 12.81 -4.39 -10.02
N ARG A 87 13.25 -5.40 -10.79
CA ARG A 87 13.16 -5.49 -12.24
C ARG A 87 11.92 -6.23 -12.73
N ILE A 88 11.02 -5.56 -13.50
CA ILE A 88 9.77 -6.12 -14.02
C ILE A 88 9.66 -5.75 -15.48
N GLY A 89 9.49 -6.77 -16.39
CA GLY A 89 9.43 -6.59 -17.88
C GLY A 89 10.76 -6.21 -18.50
N GLY A 90 11.85 -6.49 -17.75
CA GLY A 90 13.24 -6.09 -18.07
C GLY A 90 13.64 -4.70 -17.61
N ALA A 91 12.89 -4.04 -16.68
CA ALA A 91 13.21 -2.68 -16.26
C ALA A 91 12.98 -2.55 -14.75
N ASP A 92 13.93 -1.91 -14.01
CA ASP A 92 13.90 -1.70 -12.56
C ASP A 92 13.36 -0.32 -12.15
N PHE A 93 12.31 -0.30 -11.30
CA PHE A 93 11.66 0.90 -10.82
C PHE A 93 11.56 0.69 -9.34
N LEU A 94 11.13 1.73 -8.57
CA LEU A 94 10.74 1.61 -7.18
C LEU A 94 9.25 1.21 -7.28
N VAL A 95 8.92 -0.04 -6.91
CA VAL A 95 7.62 -0.67 -7.11
C VAL A 95 6.98 -0.76 -5.76
N TRP A 96 5.63 -0.57 -5.64
CA TRP A 96 5.00 -0.77 -4.31
C TRP A 96 4.35 -2.16 -4.43
N ARG A 97 4.57 -3.10 -3.46
CA ARG A 97 4.00 -4.43 -3.54
C ARG A 97 3.31 -4.68 -2.23
N TRP A 98 2.24 -5.53 -2.19
CA TRP A 98 1.54 -5.82 -0.92
C TRP A 98 2.17 -6.95 -0.11
N ILE A 99 2.33 -6.77 1.24
CA ILE A 99 2.72 -7.81 2.19
C ILE A 99 1.67 -7.84 3.31
N GLN A 100 0.90 -8.95 3.48
CA GLN A 100 -0.14 -9.04 4.51
C GLN A 100 0.01 -10.28 5.40
N PRO A 101 0.36 -10.22 6.72
CA PRO A 101 0.53 -11.36 7.63
C PRO A 101 -0.73 -12.14 8.06
N SER A 102 -0.50 -13.37 8.61
CA SER A 102 -1.37 -14.38 9.25
C SER A 102 -2.87 -14.14 9.50
N ALA A 103 -3.77 -14.64 8.59
CA ALA A 103 -5.25 -14.61 8.66
C ALA A 103 -5.89 -14.98 10.01
N SER A 104 -6.16 -13.94 10.84
CA SER A 104 -6.56 -14.12 12.24
C SER A 104 -7.20 -12.86 12.83
N CYS A 105 -6.76 -12.39 14.04
CA CYS A 105 -7.32 -11.27 14.81
C CYS A 105 -6.43 -10.02 14.76
N ASP A 106 -5.76 -9.84 13.60
CA ASP A 106 -4.85 -8.75 13.24
C ASP A 106 -5.53 -7.71 12.35
N LYS A 107 -6.87 -7.78 12.20
CA LYS A 107 -7.68 -6.91 11.35
C LYS A 107 -7.93 -5.51 11.91
N ILE A 108 -6.88 -4.67 11.75
CA ILE A 108 -6.62 -3.26 12.11
C ILE A 108 -5.47 -3.25 13.12
N LEU A 109 -4.33 -2.58 12.77
CA LEU A 109 -3.13 -2.51 13.60
C LEU A 109 -2.86 -1.08 14.08
N VAL A 110 -3.59 -0.66 15.14
CA VAL A 110 -3.45 0.64 15.82
C VAL A 110 -2.71 0.40 17.12
N ILE A 111 -1.50 1.00 17.23
CA ILE A 111 -0.56 0.89 18.33
C ILE A 111 -0.55 2.19 19.16
N PRO A 112 -0.33 2.19 20.50
CA PRO A 112 -0.35 3.40 21.34
C PRO A 112 0.97 4.20 21.28
N SER A 113 1.39 4.61 20.06
CA SER A 113 2.57 5.40 19.75
C SER A 113 2.54 5.65 18.25
N LYS A 114 3.65 6.23 17.71
CA LYS A 114 3.94 6.64 16.34
C LYS A 114 3.39 8.06 16.05
N VAL A 115 3.24 8.83 17.16
CA VAL A 115 2.67 10.17 17.31
C VAL A 115 3.59 11.33 16.97
N TRP A 116 4.92 11.18 17.24
CA TRP A 116 6.00 12.15 16.96
C TRP A 116 6.14 13.32 17.95
N GLN A 117 5.81 13.11 19.26
CA GLN A 117 5.90 14.05 20.37
C GLN A 117 7.29 14.05 21.01
N GLY A 118 8.32 14.46 20.22
CA GLY A 118 9.72 14.53 20.62
C GLY A 118 10.28 15.71 19.89
N GLN A 119 9.49 16.81 19.95
CA GLN A 119 9.64 18.08 19.28
C GLN A 119 10.21 19.16 20.19
N ALA A 120 9.65 19.37 21.41
CA ALA A 120 10.12 20.39 22.33
C ALA A 120 10.05 19.86 23.75
N PHE A 121 10.57 20.65 24.72
CA PHE A 121 10.75 20.33 26.14
C PHE A 121 9.49 20.39 27.01
N HIS A 122 8.52 19.50 26.70
CA HIS A 122 7.26 19.24 27.39
C HIS A 122 6.17 20.30 27.30
N LEU A 123 6.56 21.59 27.50
CA LEU A 123 5.75 22.81 27.52
C LEU A 123 5.08 23.03 28.88
N ASP A 124 5.86 22.90 29.98
CA ASP A 124 5.40 23.06 31.36
C ASP A 124 6.09 24.28 31.98
N ARG A 125 5.29 25.24 32.53
CA ARG A 125 5.75 26.50 33.11
C ARG A 125 6.05 26.38 34.61
N ARG A 126 4.99 26.21 35.44
CA ARG A 126 5.07 26.09 36.88
C ARG A 126 4.24 24.90 37.36
N LEU A 127 4.77 23.67 37.13
CA LEU A 127 4.24 22.37 37.59
C LEU A 127 2.92 21.84 37.04
N GLU A 128 1.79 22.58 37.24
CA GLU A 128 0.43 22.17 36.91
C GLU A 128 -0.04 22.71 35.56
N ARG A 129 -0.71 21.86 34.72
CA ARG A 129 -1.17 22.24 33.37
C ARG A 129 -2.64 22.68 33.25
N PRO A 130 -3.73 21.96 33.63
CA PRO A 130 -5.14 22.35 33.37
C PRO A 130 -5.68 23.43 34.35
N HIS A 131 -4.97 24.57 34.42
CA HIS A 131 -5.27 25.76 35.17
C HIS A 131 -4.99 26.90 34.21
N ARG A 132 -3.73 26.96 33.71
CA ARG A 132 -3.23 28.00 32.82
C ARG A 132 -3.18 27.55 31.37
N ASP A 133 -2.95 26.24 31.08
CA ASP A 133 -2.81 25.75 29.70
C ASP A 133 -3.66 24.50 29.49
N GLY A 1 1.16 16.15 28.49
CA GLY A 1 1.10 17.59 28.39
C GLY A 1 1.45 17.99 27.00
N SER A 2 1.38 17.00 26.08
CA SER A 2 1.68 17.02 24.63
C SER A 2 3.19 16.95 24.31
N PRO A 3 3.95 15.86 24.61
CA PRO A 3 5.40 15.80 24.39
C PRO A 3 5.77 15.35 22.97
N GLU A 4 7.09 15.44 22.64
CA GLU A 4 7.74 15.02 21.39
C GLU A 4 7.29 15.74 20.11
N PHE A 5 6.69 15.00 19.15
CA PHE A 5 6.17 15.51 17.89
C PHE A 5 4.68 15.22 17.83
N ARG A 6 4.01 15.04 19.00
CA ARG A 6 2.57 14.77 19.13
C ARG A 6 1.80 16.07 19.38
N TRP A 7 2.46 17.19 18.97
CA TRP A 7 2.05 18.57 18.97
C TRP A 7 1.57 18.96 17.55
N THR A 8 0.66 19.97 17.39
CA THR A 8 0.06 20.43 16.11
C THR A 8 1.02 21.14 15.16
N LYS A 9 2.14 21.65 15.74
CA LYS A 9 3.34 22.30 15.20
C LYS A 9 4.05 21.52 14.11
N GLU A 10 3.88 20.17 14.17
CA GLU A 10 4.23 19.14 13.20
C GLU A 10 3.60 19.37 11.81
N GLU A 11 2.60 20.29 11.68
CA GLU A 11 2.02 20.88 10.46
C GLU A 11 3.05 21.61 9.58
N GLU A 12 4.15 22.19 10.16
CA GLU A 12 5.28 22.80 9.45
C GLU A 12 6.10 21.74 8.68
N GLU A 13 6.38 20.59 9.36
CA GLU A 13 6.96 19.36 8.79
C GLU A 13 6.07 18.53 7.81
N THR A 14 4.78 18.28 8.16
CA THR A 14 3.74 17.50 7.49
C THR A 14 3.04 18.21 6.30
N ARG A 15 2.54 19.46 6.50
CA ARG A 15 1.85 20.35 5.55
C ARG A 15 0.37 20.04 5.23
N GLN A 16 -0.33 20.93 4.46
CA GLN A 16 -1.75 20.94 4.06
C GLN A 16 -2.29 19.79 3.16
N MET A 17 -1.71 18.57 3.29
CA MET A 17 -1.98 17.28 2.67
C MET A 17 -3.25 16.53 3.07
N TYR A 18 -3.70 16.64 4.36
CA TYR A 18 -4.72 15.86 5.09
C TYR A 18 -6.09 15.64 4.47
N ASP A 19 -6.52 16.45 3.46
CA ASP A 19 -7.75 16.26 2.69
C ASP A 19 -7.54 15.28 1.54
N MET A 20 -6.42 15.45 0.77
CA MET A 20 -5.94 14.69 -0.39
C MET A 20 -5.68 13.22 -0.15
N VAL A 21 -5.28 12.87 1.11
CA VAL A 21 -5.08 11.48 1.57
C VAL A 21 -6.37 10.71 1.82
N VAL A 22 -7.50 11.36 2.25
CA VAL A 22 -8.83 10.76 2.50
C VAL A 22 -9.42 9.92 1.34
N LYS A 23 -9.22 10.30 0.04
CA LYS A 23 -9.51 9.43 -1.12
C LYS A 23 -8.51 8.29 -1.37
N ILE A 24 -7.22 8.49 -0.98
CA ILE A 24 -6.14 7.51 -1.07
C ILE A 24 -6.19 6.46 0.02
N ILE A 25 -6.53 6.79 1.31
CA ILE A 25 -6.60 5.85 2.45
C ILE A 25 -7.48 4.60 2.22
N ASP A 26 -8.54 4.75 1.36
CA ASP A 26 -9.38 3.69 0.79
C ASP A 26 -8.65 2.70 -0.16
N VAL A 27 -7.48 3.07 -0.80
CA VAL A 27 -6.64 2.22 -1.67
C VAL A 27 -5.89 1.15 -0.86
N LEU A 28 -5.14 1.52 0.21
CA LEU A 28 -4.39 0.66 1.15
C LEU A 28 -5.27 -0.29 2.02
N ARG A 29 -6.31 0.25 2.73
CA ARG A 29 -7.38 -0.40 3.54
C ARG A 29 -8.21 -1.50 2.86
N SER A 30 -8.34 -1.43 1.52
CA SER A 30 -9.12 -2.33 0.63
C SER A 30 -8.46 -3.65 0.39
N HIS A 31 -7.15 -3.67 -0.02
CA HIS A 31 -6.26 -4.84 -0.20
C HIS A 31 -6.14 -5.69 1.08
N ASN A 32 -6.27 -4.95 2.21
CA ASN A 32 -6.22 -5.29 3.62
C ASN A 32 -7.25 -6.28 4.13
N GLU A 33 -8.46 -6.36 3.52
CA GLU A 33 -9.49 -7.34 3.80
C GLU A 33 -9.14 -8.75 3.29
N ALA A 34 -8.56 -8.80 2.08
CA ALA A 34 -7.94 -9.91 1.39
C ALA A 34 -6.57 -10.34 1.96
N CYS A 35 -5.84 -9.37 2.60
CA CYS A 35 -4.51 -9.48 3.18
C CYS A 35 -4.35 -10.40 4.39
N GLN A 36 -5.43 -10.50 5.20
CA GLN A 36 -5.61 -11.39 6.38
C GLN A 36 -5.64 -12.88 6.02
N GLU A 37 -5.73 -13.11 4.69
CA GLU A 37 -5.93 -14.41 4.06
C GLU A 37 -4.72 -14.71 3.23
N ASN A 38 -4.27 -13.73 2.42
CA ASN A 38 -3.14 -13.94 1.57
C ASN A 38 -2.21 -12.83 1.89
N LYS A 39 -0.92 -13.19 2.08
CA LYS A 39 0.25 -12.34 2.31
C LYS A 39 0.40 -11.26 1.29
N ASP A 40 0.25 -11.66 0.01
CA ASP A 40 0.29 -10.71 -1.07
C ASP A 40 -0.64 -11.14 -2.18
N LEU A 41 -1.95 -10.78 -2.06
CA LEU A 41 -3.01 -10.72 -3.07
C LEU A 41 -2.75 -9.69 -4.21
N GLN A 42 -2.02 -8.62 -3.81
CA GLN A 42 -1.33 -7.51 -4.39
C GLN A 42 0.15 -7.71 -4.52
N PRO A 43 0.82 -8.86 -4.89
CA PRO A 43 2.29 -9.14 -4.89
C PRO A 43 3.19 -8.00 -5.40
N TYR A 44 2.62 -7.06 -6.19
CA TYR A 44 3.19 -5.89 -6.84
C TYR A 44 2.07 -4.92 -7.24
N MET A 45 2.44 -3.62 -7.42
CA MET A 45 1.67 -2.43 -7.81
C MET A 45 2.68 -1.38 -8.34
N PRO A 46 2.50 -0.48 -9.35
CA PRO A 46 3.36 0.72 -9.55
C PRO A 46 3.09 1.84 -8.49
N ILE A 47 4.03 2.82 -8.28
CA ILE A 47 3.92 4.03 -7.39
C ILE A 47 2.69 4.91 -7.74
N PRO A 48 2.47 5.32 -9.00
CA PRO A 48 1.20 5.74 -9.59
C PRO A 48 -0.06 4.83 -9.42
N HIS A 49 -0.07 3.48 -9.05
CA HIS A 49 -1.34 2.69 -8.85
C HIS A 49 -2.31 3.34 -7.86
N VAL A 50 -1.75 3.72 -6.70
CA VAL A 50 -2.36 4.43 -5.58
C VAL A 50 -2.72 5.87 -6.00
N ARG A 51 -1.92 6.48 -6.93
CA ARG A 51 -2.33 7.65 -7.73
C ARG A 51 -3.53 7.41 -8.66
N ASP A 52 -3.74 6.27 -9.39
CA ASP A 52 -4.86 6.03 -10.36
C ASP A 52 -6.32 6.24 -9.83
N SER A 53 -6.37 6.35 -8.49
CA SER A 53 -7.38 6.63 -7.51
C SER A 53 -7.63 8.10 -7.11
N LEU A 54 -6.71 9.12 -7.37
CA LEU A 54 -6.81 10.50 -6.82
C LEU A 54 -7.99 11.24 -7.44
N ILE A 55 -8.10 11.00 -8.77
CA ILE A 55 -8.98 11.62 -9.78
C ILE A 55 -9.17 10.59 -10.90
N GLN A 56 -10.31 10.63 -11.68
CA GLN A 56 -10.65 9.74 -12.79
C GLN A 56 -10.26 10.03 -14.25
N PRO A 57 -10.46 11.21 -14.90
CA PRO A 57 -10.25 11.42 -16.35
C PRO A 57 -8.79 11.73 -16.71
N HIS A 58 -8.57 12.72 -17.62
CA HIS A 58 -7.31 13.28 -18.15
C HIS A 58 -6.45 14.00 -17.12
N ASP A 59 -7.08 14.56 -16.04
CA ASP A 59 -6.50 15.23 -14.90
C ASP A 59 -6.11 14.27 -13.79
N ARG A 60 -6.18 12.91 -13.99
CA ARG A 60 -5.88 11.82 -13.03
C ARG A 60 -4.59 11.96 -12.26
N LYS A 61 -3.48 12.36 -12.93
CA LYS A 61 -2.17 12.74 -12.41
C LYS A 61 -2.12 14.04 -11.65
N LYS A 62 -3.02 15.02 -11.89
CA LYS A 62 -2.98 16.35 -11.30
C LYS A 62 -2.92 16.50 -9.78
N MET A 63 -3.48 15.56 -8.99
CA MET A 63 -3.19 15.55 -7.56
C MET A 63 -2.16 14.47 -7.26
N LYS A 64 -1.57 13.69 -8.26
CA LYS A 64 -0.50 12.73 -8.04
C LYS A 64 0.78 13.39 -7.54
N LYS A 65 1.01 14.51 -8.20
CA LYS A 65 2.00 15.57 -7.99
C LYS A 65 2.03 16.12 -6.53
N VAL A 66 0.81 16.26 -5.89
CA VAL A 66 0.58 16.52 -4.45
C VAL A 66 0.80 15.26 -3.62
N TRP A 67 0.35 14.06 -4.10
CA TRP A 67 0.53 12.74 -3.49
C TRP A 67 1.99 12.38 -3.21
N ASP A 68 2.95 12.80 -4.09
CA ASP A 68 4.41 12.72 -3.92
C ASP A 68 4.94 13.40 -2.63
N ARG A 69 4.31 14.54 -2.25
CA ARG A 69 4.40 15.27 -0.99
C ARG A 69 3.57 14.62 0.13
N ALA A 70 2.24 14.34 -0.06
CA ALA A 70 1.31 13.71 0.89
C ALA A 70 1.73 12.33 1.46
N VAL A 71 2.47 11.58 0.57
CA VAL A 71 3.28 10.36 0.77
C VAL A 71 4.26 10.49 1.92
N ASP A 72 4.90 11.69 2.14
CA ASP A 72 5.84 11.97 3.22
C ASP A 72 5.18 11.86 4.61
N PHE A 73 3.99 12.50 4.85
CA PHE A 73 3.16 12.27 6.04
C PHE A 73 2.51 10.85 6.09
N LEU A 74 1.71 10.41 5.08
CA LEU A 74 1.01 9.09 5.11
C LEU A 74 1.92 7.84 5.15
N ALA A 75 3.04 7.80 4.38
CA ALA A 75 4.04 6.72 4.45
C ALA A 75 4.93 6.71 5.73
N ALA A 76 5.39 7.88 6.30
CA ALA A 76 6.15 7.94 7.55
C ALA A 76 5.29 7.69 8.78
N ASN A 77 3.98 8.06 8.71
CA ASN A 77 3.03 7.77 9.77
C ASN A 77 1.99 6.72 9.35
N GLU A 78 2.52 5.50 8.95
CA GLU A 78 1.85 4.23 8.63
C GLU A 78 2.06 3.71 7.20
N SER A 79 2.99 2.74 7.01
CA SER A 79 3.30 2.10 5.73
C SER A 79 3.54 0.60 5.91
N ARG A 80 2.59 -0.26 5.41
CA ARG A 80 2.69 -1.73 5.45
C ARG A 80 2.97 -2.32 4.06
N VAL A 81 3.04 -1.43 3.02
CA VAL A 81 3.43 -1.72 1.64
C VAL A 81 4.92 -1.38 1.51
N ARG A 82 5.75 -2.27 0.87
CA ARG A 82 7.20 -2.04 0.69
C ARG A 82 7.56 -1.57 -0.71
N THR A 83 8.71 -0.86 -0.88
CA THR A 83 9.26 -0.38 -2.16
C THR A 83 10.54 -1.12 -2.49
N GLU A 84 10.61 -1.76 -3.67
CA GLU A 84 11.76 -2.52 -4.06
C GLU A 84 11.95 -2.37 -5.54
N THR A 85 13.18 -2.70 -5.98
CA THR A 85 13.69 -2.74 -7.34
C THR A 85 13.25 -4.07 -7.99
N ARG A 86 12.32 -3.99 -8.99
CA ARG A 86 11.77 -5.15 -9.67
C ARG A 86 11.96 -4.92 -11.15
N ARG A 87 12.51 -5.92 -11.88
CA ARG A 87 12.77 -5.89 -13.32
C ARG A 87 11.56 -6.39 -14.11
N ILE A 88 10.89 -5.48 -14.85
CA ILE A 88 9.61 -5.73 -15.53
C ILE A 88 9.70 -5.14 -16.92
N GLY A 89 9.62 -6.02 -17.97
CA GLY A 89 9.80 -5.62 -19.41
C GLY A 89 11.23 -5.35 -19.78
N GLY A 90 12.18 -5.89 -18.96
CA GLY A 90 13.64 -5.67 -19.05
C GLY A 90 14.14 -4.43 -18.32
N ALA A 91 13.33 -3.78 -17.43
CA ALA A 91 13.74 -2.55 -16.76
C ALA A 91 13.30 -2.60 -15.30
N ASP A 92 14.19 -2.15 -14.37
CA ASP A 92 14.02 -2.10 -12.94
C ASP A 92 13.49 -0.74 -12.42
N PHE A 93 12.31 -0.73 -11.74
CA PHE A 93 11.67 0.48 -11.22
C PHE A 93 11.49 0.27 -9.73
N LEU A 94 10.99 1.32 -9.01
CA LEU A 94 10.65 1.22 -7.60
C LEU A 94 9.15 0.98 -7.60
N VAL A 95 8.72 -0.23 -7.21
CA VAL A 95 7.32 -0.65 -7.27
C VAL A 95 6.88 -0.88 -5.85
N TRP A 96 5.57 -0.69 -5.56
CA TRP A 96 5.08 -0.93 -4.18
C TRP A 96 4.34 -2.28 -4.10
N ARG A 97 4.50 -3.11 -3.03
CA ARG A 97 3.78 -4.38 -2.93
C ARG A 97 3.05 -4.49 -1.61
N TRP A 98 1.91 -5.24 -1.52
CA TRP A 98 1.22 -5.51 -0.25
C TRP A 98 1.74 -6.78 0.45
N ILE A 99 2.51 -6.71 1.58
CA ILE A 99 3.09 -7.90 2.24
C ILE A 99 2.58 -8.03 3.67
N GLN A 100 1.66 -9.02 3.92
CA GLN A 100 0.96 -9.23 5.19
C GLN A 100 1.29 -10.57 5.87
N PRO A 101 1.19 -10.77 7.20
CA PRO A 101 1.36 -12.07 7.87
C PRO A 101 0.28 -13.14 7.57
N SER A 102 0.63 -14.43 7.77
CA SER A 102 -0.20 -15.65 7.68
C SER A 102 -0.28 -16.25 6.28
N ALA A 103 0.73 -17.08 5.89
CA ALA A 103 0.83 -17.69 4.58
C ALA A 103 2.01 -18.65 4.65
N SER A 104 2.40 -19.32 3.52
CA SER A 104 3.55 -20.22 3.34
C SER A 104 3.24 -21.71 3.54
N CYS A 105 1.93 -22.12 3.62
CA CYS A 105 1.45 -23.49 3.85
C CYS A 105 1.55 -24.41 2.62
N ASP A 106 2.79 -24.73 2.20
CA ASP A 106 3.12 -25.58 1.06
C ASP A 106 4.29 -26.43 1.51
N LYS A 107 4.13 -27.79 1.48
CA LYS A 107 5.12 -28.82 1.84
C LYS A 107 5.36 -28.95 3.35
N ILE A 108 5.82 -27.83 3.97
CA ILE A 108 6.16 -27.60 5.37
C ILE A 108 7.63 -27.93 5.61
N LEU A 109 8.38 -27.04 6.31
CA LEU A 109 9.80 -27.11 6.63
C LEU A 109 10.15 -28.12 7.73
N VAL A 110 9.75 -29.40 7.49
CA VAL A 110 9.92 -30.58 8.35
C VAL A 110 11.34 -31.15 8.37
N ILE A 111 12.08 -30.98 7.25
CA ILE A 111 13.47 -31.35 7.06
C ILE A 111 14.30 -30.05 6.93
N PRO A 112 15.25 -29.69 7.83
CA PRO A 112 16.03 -28.43 7.75
C PRO A 112 17.21 -28.51 6.77
N SER A 113 17.50 -29.67 6.13
CA SER A 113 18.57 -29.86 5.16
C SER A 113 18.33 -31.23 4.55
N LYS A 114 18.65 -31.40 3.24
CA LYS A 114 18.44 -32.65 2.50
C LYS A 114 19.16 -32.51 1.18
N VAL A 115 18.94 -31.34 0.56
CA VAL A 115 19.49 -30.86 -0.69
C VAL A 115 19.47 -29.36 -0.47
N TRP A 116 20.17 -28.57 -1.32
CA TRP A 116 20.27 -27.13 -1.28
C TRP A 116 19.40 -26.49 -2.36
N GLN A 117 19.12 -25.18 -2.19
CA GLN A 117 18.34 -24.30 -3.05
C GLN A 117 19.22 -23.67 -4.15
N GLY A 118 18.67 -23.50 -5.38
CA GLY A 118 19.34 -22.78 -6.48
C GLY A 118 19.21 -23.50 -7.79
N GLN A 119 19.31 -24.86 -7.74
CA GLN A 119 19.29 -25.76 -8.88
C GLN A 119 17.88 -26.16 -9.34
N ALA A 120 17.25 -25.29 -10.18
CA ALA A 120 15.94 -25.40 -10.84
C ALA A 120 14.86 -24.46 -10.30
N PHE A 121 14.99 -23.92 -9.05
CA PHE A 121 14.03 -23.01 -8.42
C PHE A 121 14.18 -21.55 -8.94
N HIS A 122 13.64 -21.28 -10.15
CA HIS A 122 13.72 -20.00 -10.85
C HIS A 122 12.36 -19.31 -10.95
N LEU A 123 11.39 -19.73 -10.09
CA LEU A 123 10.00 -19.26 -9.96
C LEU A 123 9.06 -19.69 -11.09
N ASP A 124 8.47 -20.91 -10.99
CA ASP A 124 7.56 -21.51 -11.97
C ASP A 124 6.11 -20.98 -11.92
N ARG A 125 5.95 -19.66 -12.17
CA ARG A 125 4.67 -18.95 -12.21
C ARG A 125 4.41 -18.45 -13.64
N ARG A 126 5.32 -18.81 -14.59
CA ARG A 126 5.33 -18.43 -16.00
C ARG A 126 4.26 -19.10 -16.87
N LEU A 127 3.00 -18.60 -16.70
CA LEU A 127 1.73 -19.00 -17.30
C LEU A 127 1.11 -20.16 -16.55
N GLU A 128 1.03 -20.01 -15.19
CA GLU A 128 0.52 -20.97 -14.25
C GLU A 128 -1.01 -21.06 -14.22
N ARG A 129 -1.54 -22.04 -14.99
CA ARG A 129 -2.93 -22.46 -15.15
C ARG A 129 -3.94 -21.51 -15.82
N PRO A 130 -3.78 -21.01 -17.07
CA PRO A 130 -4.77 -20.17 -17.76
C PRO A 130 -5.83 -21.06 -18.44
N HIS A 131 -6.54 -21.93 -17.66
CA HIS A 131 -7.55 -22.92 -18.05
C HIS A 131 -7.01 -24.18 -18.76
N ARG A 132 -5.93 -24.03 -19.57
CA ARG A 132 -5.21 -25.05 -20.31
C ARG A 132 -3.95 -25.50 -19.57
N ASP A 133 -3.39 -26.67 -19.95
CA ASP A 133 -2.23 -27.31 -19.34
C ASP A 133 -0.89 -26.64 -19.60
N GLY A 1 11.93 31.12 -7.67
CA GLY A 1 13.22 31.47 -7.12
C GLY A 1 13.14 31.53 -5.63
N SER A 2 11.91 31.43 -5.07
CA SER A 2 11.59 31.48 -3.65
C SER A 2 10.94 30.17 -3.18
N PRO A 3 11.67 29.13 -2.66
CA PRO A 3 11.12 27.84 -2.21
C PRO A 3 10.45 27.89 -0.82
N GLU A 4 10.09 26.69 -0.26
CA GLU A 4 9.43 26.53 1.05
C GLU A 4 10.39 26.49 2.24
N PHE A 5 11.63 26.03 1.96
CA PHE A 5 12.78 25.77 2.85
C PHE A 5 12.81 24.32 3.28
N ARG A 6 11.59 23.82 3.60
CA ARG A 6 11.11 22.48 3.98
C ARG A 6 12.00 21.62 4.89
N TRP A 7 11.87 21.89 6.22
CA TRP A 7 12.70 21.40 7.30
C TRP A 7 11.82 20.76 8.39
N THR A 8 12.35 20.62 9.64
CA THR A 8 11.79 20.03 10.86
C THR A 8 10.45 20.53 11.40
N LYS A 9 9.93 21.70 10.94
CA LYS A 9 8.58 22.19 11.27
C LYS A 9 7.46 21.41 10.61
N GLU A 10 7.78 20.86 9.42
CA GLU A 10 6.94 19.97 8.57
C GLU A 10 6.43 18.68 9.25
N GLU A 11 7.04 18.36 10.43
CA GLU A 11 6.69 17.38 11.45
C GLU A 11 5.41 17.75 12.22
N GLU A 12 5.11 19.07 12.38
CA GLU A 12 3.90 19.62 13.03
C GLU A 12 2.69 19.46 12.10
N GLU A 13 2.91 19.69 10.78
CA GLU A 13 2.01 19.45 9.66
C GLU A 13 1.71 17.95 9.38
N THR A 14 2.71 17.03 9.55
CA THR A 14 2.70 15.56 9.39
C THR A 14 2.09 14.78 10.53
N ARG A 15 2.10 15.28 11.81
CA ARG A 15 1.38 14.64 12.93
C ARG A 15 -0.14 14.91 12.94
N GLN A 16 -0.69 15.16 11.71
CA GLN A 16 -2.06 15.37 11.34
C GLN A 16 -2.20 14.83 9.90
N MET A 17 -3.30 14.07 9.67
CA MET A 17 -3.78 13.31 8.50
C MET A 17 -4.28 13.96 7.23
N TYR A 18 -4.86 15.15 7.33
CA TYR A 18 -5.71 15.89 6.42
C TYR A 18 -5.52 16.15 4.90
N ASP A 19 -4.34 15.99 4.25
CA ASP A 19 -4.10 16.30 2.82
C ASP A 19 -4.66 15.24 1.83
N MET A 20 -4.06 15.10 0.61
CA MET A 20 -4.36 14.17 -0.51
C MET A 20 -4.37 12.68 -0.16
N VAL A 21 -3.65 12.40 0.94
CA VAL A 21 -3.55 11.11 1.68
C VAL A 21 -4.84 10.48 2.23
N VAL A 22 -5.88 11.25 2.69
CA VAL A 22 -7.15 10.73 3.26
C VAL A 22 -7.98 9.87 2.27
N LYS A 23 -7.94 10.25 0.98
CA LYS A 23 -8.56 9.61 -0.18
C LYS A 23 -7.87 8.33 -0.64
N ILE A 24 -6.51 8.35 -0.59
CA ILE A 24 -5.58 7.27 -0.90
C ILE A 24 -5.46 6.21 0.20
N ILE A 25 -5.55 6.51 1.53
CA ILE A 25 -5.59 5.52 2.66
C ILE A 25 -6.69 4.45 2.50
N ASP A 26 -7.82 4.79 1.83
CA ASP A 26 -8.88 3.86 1.41
C ASP A 26 -8.47 2.78 0.37
N VAL A 27 -7.41 3.02 -0.48
CA VAL A 27 -6.80 2.13 -1.50
C VAL A 27 -6.03 0.97 -0.83
N LEU A 28 -5.05 1.24 0.08
CA LEU A 28 -4.30 0.26 0.89
C LEU A 28 -5.10 -0.47 1.98
N ARG A 29 -5.85 0.25 2.88
CA ARG A 29 -6.75 -0.27 3.96
C ARG A 29 -7.80 -1.31 3.54
N SER A 30 -8.21 -1.28 2.25
CA SER A 30 -9.22 -2.11 1.56
C SER A 30 -8.74 -3.53 1.29
N HIS A 31 -7.53 -3.65 0.65
CA HIS A 31 -6.73 -4.83 0.36
C HIS A 31 -6.38 -5.51 1.67
N ASN A 32 -5.96 -4.66 2.66
CA ASN A 32 -5.58 -4.99 4.02
C ASN A 32 -6.59 -5.71 4.93
N GLU A 33 -7.93 -5.54 4.82
CA GLU A 33 -8.90 -6.39 5.52
C GLU A 33 -9.06 -7.81 5.00
N ALA A 34 -9.15 -7.93 3.65
CA ALA A 34 -9.24 -9.14 2.86
C ALA A 34 -7.95 -9.94 2.78
N CYS A 35 -6.80 -9.24 2.94
CA CYS A 35 -5.42 -9.73 2.87
C CYS A 35 -5.05 -10.85 3.78
N GLN A 36 -5.66 -10.87 5.01
CA GLN A 36 -5.47 -11.87 6.08
C GLN A 36 -5.91 -13.29 5.70
N GLU A 37 -6.63 -13.36 4.55
CA GLU A 37 -7.27 -14.52 3.96
C GLU A 37 -6.57 -15.08 2.73
N ASN A 38 -5.74 -14.26 2.05
CA ASN A 38 -5.15 -14.52 0.75
C ASN A 38 -3.66 -14.69 0.93
N LYS A 39 -2.92 -14.89 -0.20
CA LYS A 39 -1.48 -14.81 -0.18
C LYS A 39 -0.94 -13.36 -0.20
N ASP A 40 -1.02 -12.62 -1.33
CA ASP A 40 -0.71 -11.21 -1.53
C ASP A 40 -1.58 -10.72 -2.70
N LEU A 41 -2.85 -10.28 -2.44
CA LEU A 41 -4.01 -9.79 -3.22
C LEU A 41 -3.79 -8.82 -4.39
N GLN A 42 -2.88 -7.92 -4.04
CA GLN A 42 -2.17 -6.77 -4.57
C GLN A 42 -0.75 -7.14 -5.02
N PRO A 43 -0.32 -8.31 -5.64
CA PRO A 43 1.03 -8.92 -5.67
C PRO A 43 2.22 -7.98 -5.94
N TYR A 44 2.00 -6.91 -6.74
CA TYR A 44 2.85 -5.79 -7.04
C TYR A 44 1.92 -4.73 -7.63
N MET A 45 2.21 -3.43 -7.37
CA MET A 45 1.59 -2.24 -7.94
C MET A 45 2.70 -1.21 -8.29
N PRO A 46 2.66 -0.34 -9.35
CA PRO A 46 3.55 0.83 -9.54
C PRO A 46 3.25 1.96 -8.52
N ILE A 47 4.12 3.02 -8.40
CA ILE A 47 3.93 4.22 -7.55
C ILE A 47 2.64 5.02 -7.91
N PRO A 48 2.38 5.41 -9.18
CA PRO A 48 1.08 5.76 -9.76
C PRO A 48 -0.12 4.81 -9.57
N HIS A 49 -0.06 3.48 -9.20
CA HIS A 49 -1.27 2.60 -9.00
C HIS A 49 -2.29 3.17 -8.03
N VAL A 50 -1.77 3.64 -6.87
CA VAL A 50 -2.48 4.32 -5.79
C VAL A 50 -3.01 5.67 -6.26
N ARG A 51 -2.26 6.36 -7.18
CA ARG A 51 -2.76 7.48 -8.01
C ARG A 51 -3.87 7.09 -9.01
N ASP A 52 -3.94 5.89 -9.67
CA ASP A 52 -5.05 5.50 -10.61
C ASP A 52 -6.52 5.60 -10.06
N SER A 53 -6.57 5.73 -8.72
CA SER A 53 -7.66 6.01 -7.82
C SER A 53 -7.93 7.50 -7.48
N LEU A 54 -6.90 8.43 -7.51
CA LEU A 54 -6.96 9.79 -6.91
C LEU A 54 -7.91 10.70 -7.67
N ILE A 55 -7.97 10.43 -9.00
CA ILE A 55 -8.85 10.95 -10.05
C ILE A 55 -8.81 9.83 -11.12
N GLN A 56 -9.94 9.47 -11.78
CA GLN A 56 -10.05 8.42 -12.82
C GLN A 56 -9.88 8.67 -14.35
N PRO A 57 -10.30 9.78 -15.02
CA PRO A 57 -10.25 9.94 -16.50
C PRO A 57 -8.89 10.43 -17.04
N HIS A 58 -8.86 11.46 -17.94
CA HIS A 58 -7.69 12.11 -18.53
C HIS A 58 -6.95 13.06 -17.59
N ASP A 59 -7.71 13.62 -16.61
CA ASP A 59 -7.34 14.50 -15.51
C ASP A 59 -6.83 13.73 -14.31
N ARG A 60 -6.64 12.37 -14.43
CA ARG A 60 -6.19 11.39 -13.41
C ARG A 60 -5.00 11.81 -12.60
N LYS A 61 -3.93 12.17 -13.32
CA LYS A 61 -2.68 12.76 -12.90
C LYS A 61 -2.73 14.12 -12.22
N LYS A 62 -3.76 14.96 -12.43
CA LYS A 62 -3.89 16.30 -11.82
C LYS A 62 -3.76 16.48 -10.31
N MET A 63 -3.93 15.38 -9.51
CA MET A 63 -3.55 15.34 -8.09
C MET A 63 -2.42 14.34 -7.85
N LYS A 64 -1.79 13.70 -8.90
CA LYS A 64 -0.59 12.85 -8.79
C LYS A 64 0.65 13.69 -8.51
N LYS A 65 0.64 14.95 -9.03
CA LYS A 65 1.68 15.97 -8.82
C LYS A 65 1.83 16.44 -7.33
N VAL A 66 0.67 16.61 -6.62
CA VAL A 66 0.57 16.83 -5.16
C VAL A 66 0.78 15.53 -4.39
N TRP A 67 0.37 14.33 -4.95
CA TRP A 67 0.58 12.97 -4.41
C TRP A 67 2.07 12.66 -4.12
N ASP A 68 2.99 13.14 -5.01
CA ASP A 68 4.47 13.10 -4.92
C ASP A 68 5.05 13.79 -3.68
N ARG A 69 4.45 14.94 -3.27
CA ARG A 69 4.63 15.63 -2.00
C ARG A 69 3.85 14.97 -0.83
N ALA A 70 2.53 14.65 -0.99
CA ALA A 70 1.60 14.04 -0.03
C ALA A 70 1.98 12.65 0.49
N VAL A 71 2.64 11.81 -0.37
CA VAL A 71 3.24 10.49 -0.13
C VAL A 71 4.32 10.47 0.96
N ASP A 72 5.07 11.61 1.10
CA ASP A 72 6.05 11.95 2.16
C ASP A 72 5.36 12.08 3.56
N PHE A 73 4.17 12.76 3.62
CA PHE A 73 3.23 12.81 4.77
C PHE A 73 2.65 11.41 5.13
N LEU A 74 2.24 10.56 4.12
CA LEU A 74 1.80 9.15 4.32
C LEU A 74 2.90 8.20 4.87
N ALA A 75 4.14 8.12 4.27
CA ALA A 75 5.25 7.28 4.73
C ALA A 75 5.83 7.51 6.14
N ALA A 76 5.54 8.68 6.79
CA ALA A 76 5.93 9.02 8.16
C ALA A 76 4.88 8.59 9.18
N ASN A 77 3.70 8.14 8.67
CA ASN A 77 2.54 7.65 9.40
C ASN A 77 2.31 6.16 9.10
N GLU A 78 3.22 5.55 8.29
CA GLU A 78 3.33 4.12 7.94
C GLU A 78 2.30 3.50 6.98
N SER A 79 2.69 2.38 6.32
CA SER A 79 1.87 1.64 5.36
C SER A 79 2.54 0.30 5.12
N ARG A 80 1.78 -0.82 4.96
CA ARG A 80 2.29 -2.19 4.80
C ARG A 80 2.70 -2.55 3.35
N VAL A 81 2.73 -1.53 2.45
CA VAL A 81 3.16 -1.59 1.07
C VAL A 81 4.53 -0.90 1.09
N ARG A 82 5.63 -1.63 0.75
CA ARG A 82 7.02 -1.19 0.83
C ARG A 82 7.58 -0.94 -0.56
N THR A 83 8.53 0.04 -0.71
CA THR A 83 9.19 0.41 -1.96
C THR A 83 10.47 -0.38 -2.20
N GLU A 84 10.58 -1.09 -3.33
CA GLU A 84 11.69 -1.97 -3.64
C GLU A 84 12.10 -1.75 -5.08
N THR A 85 13.42 -1.92 -5.39
CA THR A 85 14.05 -1.86 -6.71
C THR A 85 13.84 -3.20 -7.41
N ARG A 86 13.00 -3.24 -8.47
CA ARG A 86 12.67 -4.47 -9.18
C ARG A 86 12.75 -4.20 -10.65
N ARG A 87 13.05 -5.26 -11.46
CA ARG A 87 13.17 -5.18 -12.91
C ARG A 87 11.80 -5.39 -13.54
N ILE A 88 11.24 -4.32 -14.20
CA ILE A 88 9.90 -4.33 -14.78
C ILE A 88 10.07 -4.02 -16.26
N GLY A 89 9.95 -5.05 -17.15
CA GLY A 89 10.10 -4.89 -18.65
C GLY A 89 11.52 -4.59 -19.10
N GLY A 90 12.51 -5.01 -18.29
CA GLY A 90 13.94 -4.74 -18.48
C GLY A 90 14.48 -3.50 -17.78
N ALA A 91 13.69 -2.77 -16.93
CA ALA A 91 14.16 -1.58 -16.27
C ALA A 91 13.92 -1.70 -14.76
N ASP A 92 14.90 -1.25 -13.92
CA ASP A 92 14.87 -1.24 -12.46
C ASP A 92 14.08 -0.02 -11.96
N PHE A 93 12.87 -0.24 -11.42
CA PHE A 93 11.96 0.80 -10.97
C PHE A 93 11.73 0.62 -9.49
N LEU A 94 11.15 1.68 -8.83
CA LEU A 94 10.78 1.65 -7.44
C LEU A 94 9.30 1.29 -7.48
N VAL A 95 8.99 0.05 -7.06
CA VAL A 95 7.68 -0.56 -7.20
C VAL A 95 7.18 -0.76 -5.80
N TRP A 96 5.85 -0.72 -5.60
CA TRP A 96 5.29 -0.96 -4.26
C TRP A 96 4.71 -2.40 -4.21
N ARG A 97 4.99 -3.23 -3.16
CA ARG A 97 4.36 -4.55 -3.03
C ARG A 97 4.27 -4.86 -1.56
N TRP A 98 3.32 -5.75 -1.17
CA TRP A 98 2.83 -5.87 0.19
C TRP A 98 2.85 -7.15 1.04
N ILE A 99 3.04 -6.92 2.37
CA ILE A 99 3.00 -7.90 3.44
C ILE A 99 1.69 -7.74 4.23
N GLN A 100 1.09 -8.91 4.55
CA GLN A 100 -0.22 -9.21 5.14
C GLN A 100 -0.07 -10.34 6.16
N PRO A 101 -0.93 -10.54 7.20
CA PRO A 101 -0.78 -11.59 8.23
C PRO A 101 -0.93 -13.07 7.79
N SER A 102 -0.38 -13.99 8.65
CA SER A 102 -0.46 -15.45 8.63
C SER A 102 0.63 -16.19 7.86
N ALA A 103 1.51 -15.44 7.13
CA ALA A 103 2.64 -15.80 6.30
C ALA A 103 3.76 -16.66 6.96
N SER A 104 3.53 -18.01 7.02
CA SER A 104 4.34 -19.06 7.66
C SER A 104 3.81 -19.30 9.08
N CYS A 105 2.55 -18.87 9.41
CA CYS A 105 1.86 -18.96 10.71
C CYS A 105 2.32 -17.89 11.69
N ASP A 106 3.67 -17.81 11.84
CA ASP A 106 4.51 -16.92 12.63
C ASP A 106 4.54 -17.22 14.12
N LYS A 107 4.27 -18.49 14.50
CA LYS A 107 4.25 -18.99 15.89
C LYS A 107 5.59 -19.58 16.34
N ILE A 108 6.25 -20.38 15.47
CA ILE A 108 7.49 -21.08 15.79
C ILE A 108 8.23 -21.31 14.49
N LEU A 109 9.49 -21.80 14.55
CA LEU A 109 10.28 -22.21 13.41
C LEU A 109 10.61 -23.68 13.65
N VAL A 110 10.45 -24.55 12.61
CA VAL A 110 10.64 -26.00 12.68
C VAL A 110 12.01 -26.44 12.13
N ILE A 111 13.05 -25.58 12.29
CA ILE A 111 14.43 -25.80 11.85
C ILE A 111 15.32 -25.90 13.10
N PRO A 112 15.78 -27.10 13.55
CA PRO A 112 16.64 -27.29 14.72
C PRO A 112 18.11 -27.01 14.40
N SER A 113 18.93 -28.02 14.06
CA SER A 113 20.34 -27.83 13.72
C SER A 113 20.69 -28.94 12.76
N LYS A 114 20.66 -30.17 13.33
CA LYS A 114 20.81 -31.45 12.67
C LYS A 114 19.53 -32.24 12.95
N VAL A 115 19.63 -33.59 13.06
CA VAL A 115 18.52 -34.51 13.29
C VAL A 115 18.15 -34.68 14.76
N TRP A 116 17.45 -33.64 15.30
CA TRP A 116 16.80 -33.49 16.60
C TRP A 116 17.71 -33.33 17.83
N GLN A 117 18.67 -32.37 17.76
CA GLN A 117 19.64 -32.04 18.80
C GLN A 117 19.32 -30.69 19.47
N GLY A 118 18.60 -30.75 20.64
CA GLY A 118 18.39 -29.61 21.55
C GLY A 118 17.11 -28.83 21.41
N GLN A 119 16.07 -29.38 20.74
CA GLN A 119 14.79 -28.71 20.52
C GLN A 119 13.65 -29.26 21.38
N ALA A 120 12.47 -28.60 21.27
CA ALA A 120 11.22 -28.97 21.92
C ALA A 120 10.22 -29.46 20.89
N PHE A 121 8.97 -29.78 21.32
CA PHE A 121 7.92 -30.26 20.45
C PHE A 121 6.59 -29.65 20.89
N HIS A 122 6.61 -28.31 21.14
CA HIS A 122 5.53 -27.41 21.58
C HIS A 122 4.47 -27.15 20.49
N LEU A 123 3.86 -28.26 20.04
CA LEU A 123 2.89 -28.40 18.99
C LEU A 123 2.08 -29.66 19.28
N ASP A 124 2.78 -30.77 19.70
CA ASP A 124 2.23 -32.06 20.15
C ASP A 124 1.64 -32.97 19.07
N ARG A 125 1.90 -32.66 17.77
CA ARG A 125 1.43 -33.34 16.57
C ARG A 125 2.11 -34.70 16.27
N ARG A 126 2.04 -35.61 17.27
CA ARG A 126 2.63 -36.94 17.28
C ARG A 126 1.61 -38.01 16.91
N LEU A 127 0.32 -37.76 17.26
CA LEU A 127 -0.86 -38.61 17.09
C LEU A 127 -0.95 -39.68 18.19
N GLU A 128 -0.67 -39.23 19.44
CA GLU A 128 -0.56 -39.98 20.67
C GLU A 128 -1.89 -40.34 21.33
N ARG A 129 -2.96 -39.52 21.11
CA ARG A 129 -4.28 -39.75 21.65
C ARG A 129 -5.17 -40.34 20.55
N PRO A 130 -6.03 -41.38 20.80
CA PRO A 130 -6.89 -42.02 19.80
C PRO A 130 -8.08 -41.12 19.36
N HIS A 131 -8.40 -40.06 20.16
CA HIS A 131 -9.43 -39.06 19.93
C HIS A 131 -8.99 -37.93 18.99
N ARG A 132 -7.76 -38.02 18.43
CA ARG A 132 -7.21 -37.09 17.46
C ARG A 132 -7.02 -37.75 16.10
N ASP A 133 -7.46 -39.04 15.95
CA ASP A 133 -7.35 -39.87 14.76
C ASP A 133 -8.63 -39.80 13.92
N GLY A 1 9.02 5.06 25.10
CA GLY A 1 8.76 3.69 25.48
C GLY A 1 7.99 3.01 24.40
N SER A 2 7.93 3.68 23.23
CA SER A 2 7.24 3.34 21.97
C SER A 2 5.72 3.61 22.00
N PRO A 3 5.21 4.86 22.06
CA PRO A 3 3.78 5.18 22.09
C PRO A 3 3.14 5.17 20.68
N GLU A 4 1.79 5.28 20.64
CA GLU A 4 0.96 5.25 19.44
C GLU A 4 0.75 6.62 18.79
N PHE A 5 0.55 7.67 19.63
CA PHE A 5 0.29 9.07 19.32
C PHE A 5 -1.02 9.36 18.59
N ARG A 6 -2.12 8.60 18.87
CA ARG A 6 -3.44 8.70 18.24
C ARG A 6 -4.30 9.90 18.69
N TRP A 7 -3.67 11.09 18.70
CA TRP A 7 -4.19 12.36 19.14
C TRP A 7 -4.19 13.43 18.04
N THR A 8 -4.92 14.58 18.28
CA THR A 8 -5.12 15.72 17.37
C THR A 8 -3.91 16.61 17.15
N LYS A 9 -2.89 16.45 18.02
CA LYS A 9 -1.55 17.02 18.03
C LYS A 9 -0.67 16.45 16.94
N GLU A 10 -0.97 15.19 16.47
CA GLU A 10 -0.34 14.42 15.38
C GLU A 10 -0.29 15.12 14.01
N GLU A 11 -1.07 16.23 13.86
CA GLU A 11 -1.06 17.21 12.78
C GLU A 11 0.26 17.97 12.63
N GLU A 12 1.03 18.24 13.75
CA GLU A 12 2.37 18.88 13.69
C GLU A 12 3.44 17.91 13.18
N GLU A 13 3.37 16.65 13.67
CA GLU A 13 4.12 15.45 13.28
C GLU A 13 3.94 15.02 11.81
N THR A 14 2.67 14.97 11.33
CA THR A 14 2.23 14.68 9.97
C THR A 14 2.37 15.83 8.97
N ARG A 15 1.91 17.06 9.33
CA ARG A 15 1.88 18.29 8.56
C ARG A 15 0.66 18.36 7.64
N GLN A 16 0.82 18.66 6.32
CA GLN A 16 -0.27 18.83 5.37
C GLN A 16 -0.79 17.54 4.73
N MET A 17 -0.98 16.45 5.54
CA MET A 17 -1.55 15.16 5.11
C MET A 17 -3.04 15.22 4.81
N TYR A 18 -3.75 16.05 5.62
CA TYR A 18 -5.18 16.36 5.72
C TYR A 18 -5.89 16.78 4.43
N ASP A 19 -5.12 17.17 3.38
CA ASP A 19 -5.55 17.49 2.02
C ASP A 19 -5.81 16.21 1.20
N MET A 20 -4.89 15.75 0.29
CA MET A 20 -5.00 14.57 -0.56
C MET A 20 -4.78 13.20 0.04
N VAL A 21 -4.05 12.99 1.15
CA VAL A 21 -3.81 11.60 1.64
C VAL A 21 -5.01 10.87 2.24
N VAL A 22 -5.95 11.59 2.90
CA VAL A 22 -7.17 11.07 3.57
C VAL A 22 -8.11 10.16 2.74
N LYS A 23 -8.28 10.33 1.39
CA LYS A 23 -8.98 9.38 0.52
C LYS A 23 -8.15 8.12 0.24
N ILE A 24 -6.86 8.33 -0.14
CA ILE A 24 -5.81 7.33 -0.45
C ILE A 24 -5.51 6.29 0.62
N ILE A 25 -5.56 6.62 1.94
CA ILE A 25 -5.45 5.67 3.07
C ILE A 25 -6.44 4.48 2.99
N ASP A 26 -7.63 4.72 2.36
CA ASP A 26 -8.64 3.73 2.01
C ASP A 26 -8.23 2.73 0.90
N VAL A 27 -7.32 3.03 -0.11
CA VAL A 27 -6.78 2.07 -1.10
C VAL A 27 -6.02 0.93 -0.46
N LEU A 28 -4.97 1.15 0.41
CA LEU A 28 -4.22 0.05 1.04
C LEU A 28 -4.98 -0.77 2.06
N ARG A 29 -5.63 -0.14 3.11
CA ARG A 29 -6.51 -0.69 4.19
C ARG A 29 -7.69 -1.56 3.75
N SER A 30 -8.18 -1.30 2.52
CA SER A 30 -9.31 -1.95 1.81
C SER A 30 -8.96 -3.29 1.22
N HIS A 31 -7.81 -3.39 0.47
CA HIS A 31 -7.24 -4.66 -0.03
C HIS A 31 -6.82 -5.56 1.16
N ASN A 32 -6.21 -4.88 2.18
CA ASN A 32 -5.75 -5.26 3.50
C ASN A 32 -6.76 -5.96 4.42
N GLU A 33 -8.06 -5.62 4.24
CA GLU A 33 -9.22 -6.23 4.88
C GLU A 33 -9.54 -7.63 4.37
N ALA A 34 -9.49 -7.83 3.02
CA ALA A 34 -9.61 -9.04 2.20
C ALA A 34 -8.43 -9.99 2.27
N CYS A 35 -7.29 -9.37 2.65
CA CYS A 35 -5.89 -9.79 2.76
C CYS A 35 -5.69 -10.92 3.70
N GLN A 36 -6.59 -10.94 4.72
CA GLN A 36 -6.83 -11.93 5.74
C GLN A 36 -7.06 -13.36 5.23
N GLU A 37 -7.28 -13.47 3.90
CA GLU A 37 -7.56 -14.69 3.17
C GLU A 37 -6.33 -15.27 2.52
N ASN A 38 -5.47 -14.36 2.02
CA ASN A 38 -4.53 -14.68 0.97
C ASN A 38 -3.13 -14.40 1.38
N LYS A 39 -2.17 -14.68 0.46
CA LYS A 39 -0.74 -14.48 0.69
C LYS A 39 -0.32 -13.05 0.39
N ASP A 40 -0.44 -12.64 -0.86
CA ASP A 40 -0.18 -11.33 -1.42
C ASP A 40 -1.22 -11.40 -2.56
N LEU A 41 -2.54 -11.05 -2.34
CA LEU A 41 -3.72 -11.12 -3.28
C LEU A 41 -3.60 -10.40 -4.62
N GLN A 42 -3.13 -9.15 -4.51
CA GLN A 42 -2.81 -8.06 -5.40
C GLN A 42 -1.32 -7.95 -5.64
N PRO A 43 -0.46 -9.02 -5.76
CA PRO A 43 0.90 -9.14 -5.26
C PRO A 43 1.84 -7.94 -5.39
N TYR A 44 1.84 -7.21 -6.53
CA TYR A 44 2.72 -6.17 -6.95
C TYR A 44 1.95 -5.06 -7.71
N MET A 45 2.24 -3.75 -7.44
CA MET A 45 1.69 -2.57 -8.12
C MET A 45 2.78 -1.47 -8.27
N PRO A 46 2.72 -0.47 -9.21
CA PRO A 46 3.63 0.68 -9.29
C PRO A 46 3.30 1.74 -8.20
N ILE A 47 4.17 2.78 -8.00
CA ILE A 47 3.95 3.90 -7.06
C ILE A 47 2.70 4.74 -7.43
N PRO A 48 2.51 5.23 -8.67
CA PRO A 48 1.27 5.76 -9.21
C PRO A 48 0.00 4.88 -9.19
N HIS A 49 -0.07 3.50 -9.03
CA HIS A 49 -1.35 2.70 -9.06
C HIS A 49 -2.34 3.11 -8.00
N VAL A 50 -1.80 3.21 -6.76
CA VAL A 50 -2.45 3.59 -5.49
C VAL A 50 -2.83 5.07 -5.53
N ARG A 51 -1.99 5.89 -6.22
CA ARG A 51 -2.32 7.21 -6.66
C ARG A 51 -3.37 7.21 -7.81
N ASP A 52 -3.41 6.32 -8.87
CA ASP A 52 -4.33 6.29 -10.05
C ASP A 52 -5.85 6.32 -9.77
N SER A 53 -6.14 6.08 -8.47
CA SER A 53 -7.29 6.13 -7.60
C SER A 53 -7.69 7.55 -7.14
N LEU A 54 -6.82 8.63 -7.24
CA LEU A 54 -7.01 9.99 -6.67
C LEU A 54 -8.17 10.68 -7.37
N ILE A 55 -8.35 10.28 -8.65
CA ILE A 55 -9.46 10.57 -9.59
C ILE A 55 -9.42 9.25 -10.35
N GLN A 56 -10.50 8.82 -11.05
CA GLN A 56 -10.59 7.61 -11.85
C GLN A 56 -10.20 7.70 -13.35
N PRO A 57 -10.69 8.65 -14.19
CA PRO A 57 -10.53 8.62 -15.67
C PRO A 57 -9.25 9.31 -16.19
N HIS A 58 -9.40 10.35 -17.07
CA HIS A 58 -8.39 11.17 -17.74
C HIS A 58 -7.68 12.23 -16.89
N ASP A 59 -8.32 12.79 -15.82
CA ASP A 59 -7.77 13.78 -14.89
C ASP A 59 -7.07 13.09 -13.75
N ARG A 60 -6.94 11.73 -13.74
CA ARG A 60 -6.29 10.88 -12.75
C ARG A 60 -4.90 11.26 -12.34
N LYS A 61 -4.06 11.79 -13.23
CA LYS A 61 -2.77 12.41 -12.97
C LYS A 61 -2.76 13.77 -12.32
N LYS A 62 -3.87 14.54 -12.45
CA LYS A 62 -4.04 15.90 -11.96
C LYS A 62 -3.78 16.21 -10.48
N MET A 63 -3.86 15.21 -9.56
CA MET A 63 -3.38 15.37 -8.18
C MET A 63 -2.17 14.48 -7.94
N LYS A 64 -1.66 13.66 -8.95
CA LYS A 64 -0.46 12.82 -8.84
C LYS A 64 0.81 13.67 -8.74
N LYS A 65 0.75 14.87 -9.37
CA LYS A 65 1.80 15.91 -9.30
C LYS A 65 2.01 16.53 -7.87
N VAL A 66 0.89 16.71 -7.09
CA VAL A 66 0.86 17.10 -5.66
C VAL A 66 1.21 15.93 -4.75
N TRP A 67 0.91 14.65 -5.16
CA TRP A 67 1.19 13.40 -4.41
C TRP A 67 2.63 13.25 -3.91
N ASP A 68 3.56 13.72 -4.77
CA ASP A 68 5.02 13.80 -4.69
C ASP A 68 5.48 14.54 -3.43
N ARG A 69 4.78 15.67 -3.13
CA ARG A 69 4.77 16.40 -1.86
C ARG A 69 3.93 15.76 -0.73
N ALA A 70 2.66 15.29 -0.99
CA ALA A 70 1.71 14.64 -0.07
C ALA A 70 2.20 13.32 0.59
N VAL A 71 3.07 12.55 -0.14
CA VAL A 71 3.85 11.36 0.23
C VAL A 71 4.79 11.59 1.38
N ASP A 72 5.38 12.82 1.53
CA ASP A 72 6.23 13.27 2.66
C ASP A 72 5.48 13.17 4.01
N PHE A 73 4.24 13.72 4.01
CA PHE A 73 3.22 13.68 5.05
C PHE A 73 2.60 12.29 5.28
N LEU A 74 2.18 11.50 4.24
CA LEU A 74 1.75 10.07 4.45
C LEU A 74 2.88 9.09 4.86
N ALA A 75 4.05 9.02 4.13
CA ALA A 75 5.18 8.13 4.39
C ALA A 75 5.84 8.18 5.77
N ALA A 76 5.72 9.33 6.51
CA ALA A 76 6.13 9.56 7.89
C ALA A 76 5.29 8.81 8.95
N ASN A 77 4.08 8.30 8.58
CA ASN A 77 3.18 7.53 9.44
C ASN A 77 3.18 6.03 9.09
N GLU A 78 3.96 5.60 8.05
CA GLU A 78 4.12 4.22 7.56
C GLU A 78 3.06 3.81 6.51
N SER A 79 2.84 2.50 6.26
CA SER A 79 1.88 1.95 5.30
C SER A 79 2.11 0.46 5.30
N ARG A 80 1.21 -0.31 4.67
CA ARG A 80 1.22 -1.77 4.62
C ARG A 80 1.89 -2.31 3.37
N VAL A 81 2.38 -1.46 2.43
CA VAL A 81 3.11 -1.89 1.24
C VAL A 81 4.60 -1.63 1.40
N ARG A 82 5.45 -2.52 0.82
CA ARG A 82 6.90 -2.52 0.93
C ARG A 82 7.47 -2.16 -0.44
N THR A 83 8.54 -1.35 -0.44
CA THR A 83 9.19 -0.80 -1.65
C THR A 83 10.44 -1.57 -2.00
N GLU A 84 10.47 -2.16 -3.21
CA GLU A 84 11.55 -3.02 -3.66
C GLU A 84 12.01 -2.54 -5.02
N THR A 85 13.34 -2.67 -5.31
CA THR A 85 14.03 -2.42 -6.58
C THR A 85 13.90 -3.69 -7.43
N ARG A 86 13.12 -3.62 -8.52
CA ARG A 86 12.87 -4.75 -9.39
C ARG A 86 12.93 -4.23 -10.80
N ARG A 87 13.43 -5.06 -11.76
CA ARG A 87 13.60 -4.73 -13.17
C ARG A 87 12.35 -5.00 -13.98
N ILE A 88 11.73 -3.97 -14.61
CA ILE A 88 10.55 -4.18 -15.49
C ILE A 88 10.70 -3.28 -16.69
N GLY A 89 10.44 -3.84 -17.92
CA GLY A 89 10.61 -3.14 -19.23
C GLY A 89 12.05 -2.82 -19.59
N GLY A 90 12.98 -3.51 -18.89
CA GLY A 90 14.42 -3.28 -18.95
C GLY A 90 14.95 -2.32 -17.90
N ALA A 91 14.14 -1.79 -16.92
CA ALA A 91 14.68 -0.81 -15.98
C ALA A 91 14.28 -1.14 -14.55
N ASP A 92 15.13 -0.78 -13.55
CA ASP A 92 15.01 -0.95 -12.10
C ASP A 92 14.13 0.15 -11.49
N PHE A 93 12.91 -0.20 -11.05
CA PHE A 93 11.92 0.69 -10.49
C PHE A 93 11.75 0.38 -9.02
N LEU A 94 11.20 1.37 -8.25
CA LEU A 94 10.82 1.21 -6.86
C LEU A 94 9.32 0.91 -6.96
N VAL A 95 8.94 -0.33 -6.66
CA VAL A 95 7.60 -0.83 -6.87
C VAL A 95 7.05 -1.14 -5.48
N TRP A 96 5.71 -1.01 -5.26
CA TRP A 96 5.12 -1.34 -3.93
C TRP A 96 4.46 -2.73 -4.13
N ARG A 97 4.71 -3.71 -3.25
CA ARG A 97 4.10 -5.04 -3.39
C ARG A 97 3.88 -5.41 -1.95
N TRP A 98 2.76 -6.04 -1.55
CA TRP A 98 2.58 -6.45 -0.17
C TRP A 98 2.24 -7.85 0.16
N ILE A 99 2.80 -8.30 1.31
CA ILE A 99 2.61 -9.49 2.08
C ILE A 99 1.34 -9.32 2.94
N GLN A 100 0.45 -10.33 3.10
CA GLN A 100 -0.87 -10.10 3.71
C GLN A 100 -1.08 -10.91 5.00
N PRO A 101 -1.33 -10.35 6.22
CA PRO A 101 -1.47 -11.14 7.45
C PRO A 101 -2.70 -12.05 7.56
N SER A 102 -2.44 -13.33 7.92
CA SER A 102 -3.40 -14.38 8.27
C SER A 102 -3.99 -15.18 7.10
N ALA A 103 -4.71 -16.28 7.45
CA ALA A 103 -5.35 -17.20 6.51
C ALA A 103 -6.69 -17.60 7.11
N SER A 104 -7.63 -16.63 7.24
CA SER A 104 -8.98 -16.74 7.85
C SER A 104 -8.99 -16.70 9.39
N CYS A 105 -7.90 -17.21 10.01
CA CYS A 105 -7.62 -17.30 11.43
C CYS A 105 -7.07 -15.97 12.02
N ASP A 106 -6.65 -16.00 13.31
CA ASP A 106 -6.16 -14.85 14.08
C ASP A 106 -4.64 -14.70 14.03
N LYS A 107 -4.10 -13.72 14.82
CA LYS A 107 -2.70 -13.32 14.96
C LYS A 107 -2.24 -12.46 13.79
N ILE A 108 -2.56 -11.13 13.82
CA ILE A 108 -2.29 -10.16 12.76
C ILE A 108 -0.86 -9.62 12.81
N LEU A 109 0.10 -10.53 12.53
CA LEU A 109 1.54 -10.28 12.46
C LEU A 109 1.90 -10.24 10.98
N VAL A 110 2.60 -9.17 10.55
CA VAL A 110 3.02 -8.88 9.17
C VAL A 110 4.05 -9.83 8.57
N ILE A 111 5.10 -10.22 9.35
CA ILE A 111 6.22 -11.11 8.97
C ILE A 111 7.18 -10.40 7.99
N PRO A 112 8.08 -9.49 8.42
CA PRO A 112 8.92 -8.70 7.51
C PRO A 112 10.20 -9.42 7.09
N SER A 113 10.72 -9.13 5.85
CA SER A 113 11.93 -9.70 5.26
C SER A 113 13.22 -9.02 5.72
N LYS A 114 13.13 -7.80 6.31
CA LYS A 114 14.20 -6.96 6.86
C LYS A 114 15.17 -6.33 5.85
N VAL A 115 15.69 -7.16 4.92
CA VAL A 115 16.64 -6.79 3.88
C VAL A 115 16.33 -7.70 2.71
N TRP A 116 16.72 -7.34 1.46
CA TRP A 116 16.48 -8.16 0.27
C TRP A 116 17.64 -9.11 0.00
N GLN A 117 17.80 -10.09 0.91
CA GLN A 117 18.81 -11.14 0.86
C GLN A 117 18.14 -12.48 1.17
N GLY A 118 16.98 -12.74 0.51
CA GLY A 118 16.20 -13.97 0.60
C GLY A 118 16.36 -14.83 -0.62
N GLN A 119 16.74 -14.22 -1.77
CA GLN A 119 16.98 -14.79 -3.08
C GLN A 119 18.44 -15.23 -3.27
N ALA A 120 18.70 -16.02 -4.33
CA ALA A 120 20.04 -16.50 -4.65
C ALA A 120 20.33 -16.23 -6.12
N PHE A 121 21.54 -15.70 -6.40
CA PHE A 121 22.04 -15.42 -7.74
C PHE A 121 23.45 -15.99 -7.73
N HIS A 122 23.96 -16.44 -8.91
CA HIS A 122 25.29 -17.02 -9.13
C HIS A 122 25.53 -18.42 -8.56
N LEU A 123 25.09 -18.67 -7.30
CA LEU A 123 25.22 -19.88 -6.47
C LEU A 123 24.45 -21.12 -6.95
N ASP A 124 24.66 -21.54 -8.22
CA ASP A 124 24.04 -22.67 -8.92
C ASP A 124 24.69 -24.00 -8.56
N ARG A 125 24.57 -24.36 -7.26
CA ARG A 125 25.08 -25.55 -6.61
C ARG A 125 23.96 -26.54 -6.34
N ARG A 126 22.76 -26.03 -5.92
CA ARG A 126 21.57 -26.80 -5.58
C ARG A 126 20.54 -26.83 -6.72
N LEU A 127 21.02 -26.56 -7.97
CA LEU A 127 20.27 -26.53 -9.20
C LEU A 127 21.32 -26.75 -10.28
N GLU A 128 20.94 -27.25 -11.47
CA GLU A 128 21.83 -27.52 -12.60
C GLU A 128 20.98 -27.41 -13.85
N ARG A 129 21.59 -27.50 -15.06
CA ARG A 129 20.90 -27.40 -16.34
C ARG A 129 21.31 -28.59 -17.21
N PRO A 130 20.52 -29.06 -18.22
CA PRO A 130 20.87 -30.19 -19.08
C PRO A 130 21.89 -29.81 -20.18
N HIS A 131 22.96 -30.60 -20.31
CA HIS A 131 24.03 -30.41 -21.28
C HIS A 131 24.44 -31.80 -21.69
N ARG A 132 24.13 -32.22 -22.95
CA ARG A 132 24.41 -33.53 -23.55
C ARG A 132 23.52 -34.68 -23.04
N ASP A 133 23.42 -34.86 -21.70
CA ASP A 133 22.61 -35.85 -21.00
C ASP A 133 21.75 -35.10 -20.00
N GLY A 1 15.78 4.95 22.93
CA GLY A 1 17.02 5.18 22.23
C GLY A 1 16.81 4.98 20.77
N SER A 2 15.53 4.87 20.36
CA SER A 2 15.06 4.67 19.00
C SER A 2 14.45 5.98 18.50
N PRO A 3 15.02 6.75 17.53
CA PRO A 3 14.52 8.06 17.07
C PRO A 3 13.14 8.09 16.41
N GLU A 4 13.03 7.21 15.41
CA GLU A 4 11.90 6.90 14.52
C GLU A 4 11.62 8.02 13.50
N PHE A 5 10.41 8.05 12.88
CA PHE A 5 9.94 9.09 11.96
C PHE A 5 8.98 10.02 12.72
N ARG A 6 8.90 9.81 14.06
CA ARG A 6 8.06 10.46 15.06
C ARG A 6 8.83 11.57 15.76
N TRP A 7 9.56 12.34 14.94
CA TRP A 7 10.50 13.40 15.29
C TRP A 7 9.95 14.81 15.02
N THR A 8 10.71 15.88 15.44
CA THR A 8 10.38 17.32 15.36
C THR A 8 10.34 17.88 13.93
N LYS A 9 11.07 17.25 12.99
CA LYS A 9 11.11 17.51 11.55
C LYS A 9 9.88 17.14 10.74
N GLU A 10 9.07 16.12 11.19
CA GLU A 10 7.75 15.73 10.68
C GLU A 10 6.69 16.86 10.64
N GLU A 11 6.97 17.97 11.39
CA GLU A 11 6.29 19.25 11.44
C GLU A 11 6.60 20.15 10.24
N GLU A 12 7.86 20.06 9.68
CA GLU A 12 8.33 20.80 8.51
C GLU A 12 7.75 20.23 7.21
N GLU A 13 7.64 18.89 7.17
CA GLU A 13 7.11 17.99 6.16
C GLU A 13 5.63 18.03 5.76
N THR A 14 4.76 18.05 6.78
CA THR A 14 3.31 17.94 6.90
C THR A 14 2.46 19.05 6.32
N ARG A 15 2.79 20.35 6.51
CA ARG A 15 2.14 21.62 6.10
C ARG A 15 0.72 21.64 5.47
N GLN A 16 0.52 21.04 4.27
CA GLN A 16 -0.75 20.95 3.55
C GLN A 16 -0.96 19.54 2.97
N MET A 17 -0.07 18.57 3.30
CA MET A 17 0.04 17.21 2.79
C MET A 17 -1.04 16.23 3.22
N TYR A 18 -1.55 16.34 4.47
CA TYR A 18 -2.55 15.52 5.16
C TYR A 18 -3.96 15.57 4.57
N ASP A 19 -4.26 16.63 3.75
CA ASP A 19 -5.54 16.93 3.12
C ASP A 19 -5.96 15.98 2.01
N MET A 20 -5.06 15.65 1.04
CA MET A 20 -5.25 14.70 -0.07
C MET A 20 -5.15 13.22 0.26
N VAL A 21 -4.39 12.83 1.32
CA VAL A 21 -4.17 11.41 1.75
C VAL A 21 -5.37 10.68 2.32
N VAL A 22 -6.32 11.37 3.01
CA VAL A 22 -7.53 10.80 3.63
C VAL A 22 -8.43 9.94 2.69
N LYS A 23 -8.55 10.28 1.38
CA LYS A 23 -9.16 9.45 0.32
C LYS A 23 -8.29 8.26 -0.15
N ILE A 24 -6.94 8.44 -0.14
CA ILE A 24 -5.91 7.47 -0.51
C ILE A 24 -5.66 6.41 0.53
N ILE A 25 -5.65 6.74 1.86
CA ILE A 25 -5.47 5.79 2.99
C ILE A 25 -6.44 4.60 2.99
N ASP A 26 -7.67 4.80 2.42
CA ASP A 26 -8.65 3.76 2.14
C ASP A 26 -8.25 2.74 1.06
N VAL A 27 -7.28 3.03 0.12
CA VAL A 27 -6.79 2.15 -0.96
C VAL A 27 -6.01 0.96 -0.40
N LEU A 28 -4.98 1.17 0.49
CA LEU A 28 -4.22 0.08 1.13
C LEU A 28 -5.00 -0.74 2.17
N ARG A 29 -5.69 -0.13 3.20
CA ARG A 29 -6.60 -0.81 4.18
C ARG A 29 -7.73 -1.69 3.56
N SER A 30 -8.18 -1.34 2.33
CA SER A 30 -9.24 -2.00 1.52
C SER A 30 -8.75 -3.28 0.90
N HIS A 31 -7.53 -3.26 0.26
CA HIS A 31 -6.83 -4.45 -0.23
C HIS A 31 -6.35 -5.32 0.91
N ASN A 32 -5.87 -4.71 2.03
CA ASN A 32 -5.37 -5.37 3.22
C ASN A 32 -6.39 -6.18 4.03
N GLU A 33 -7.70 -5.78 4.09
CA GLU A 33 -8.73 -6.49 4.86
C GLU A 33 -9.16 -7.85 4.33
N ALA A 34 -9.19 -8.09 3.01
CA ALA A 34 -9.27 -9.38 2.33
C ALA A 34 -8.00 -10.21 2.28
N CYS A 35 -6.84 -9.50 2.27
CA CYS A 35 -5.45 -9.92 2.16
C CYS A 35 -4.94 -10.91 3.20
N GLN A 36 -5.56 -10.87 4.41
CA GLN A 36 -5.49 -11.79 5.56
C GLN A 36 -5.75 -13.27 5.25
N GLU A 37 -6.29 -13.47 4.01
CA GLU A 37 -6.65 -14.73 3.37
C GLU A 37 -6.00 -14.94 1.99
N ASN A 38 -6.02 -13.92 1.08
CA ASN A 38 -5.46 -13.96 -0.27
C ASN A 38 -4.19 -13.11 -0.22
N LYS A 39 -3.07 -13.81 0.01
CA LYS A 39 -1.71 -13.49 0.46
C LYS A 39 -1.08 -12.11 0.22
N ASP A 40 -1.19 -11.64 -1.03
CA ASP A 40 -0.91 -10.32 -1.54
C ASP A 40 -1.84 -10.20 -2.73
N LEU A 41 -3.12 -9.77 -2.59
CA LEU A 41 -4.14 -9.79 -3.67
C LEU A 41 -3.95 -8.86 -4.88
N GLN A 42 -3.01 -7.91 -4.71
CA GLN A 42 -2.40 -6.97 -5.61
C GLN A 42 -0.99 -7.41 -6.07
N PRO A 43 -0.40 -8.61 -6.37
CA PRO A 43 1.00 -9.04 -6.09
C PRO A 43 2.21 -8.08 -6.23
N TYR A 44 2.12 -7.02 -7.07
CA TYR A 44 3.06 -5.92 -7.21
C TYR A 44 2.19 -4.79 -7.80
N MET A 45 2.35 -3.54 -7.31
CA MET A 45 1.64 -2.29 -7.66
C MET A 45 2.65 -1.21 -8.11
N PRO A 46 2.55 -0.39 -9.17
CA PRO A 46 3.50 0.73 -9.43
C PRO A 46 3.29 1.94 -8.49
N ILE A 47 4.22 2.97 -8.43
CA ILE A 47 4.08 4.26 -7.67
C ILE A 47 2.79 5.02 -8.07
N PRO A 48 2.49 5.19 -9.38
CA PRO A 48 1.19 5.43 -9.96
C PRO A 48 0.01 4.51 -9.61
N HIS A 49 0.02 3.27 -8.96
CA HIS A 49 -1.19 2.41 -8.68
C HIS A 49 -2.29 3.18 -7.98
N VAL A 50 -1.78 4.04 -7.08
CA VAL A 50 -2.47 5.01 -6.29
C VAL A 50 -3.05 6.17 -7.17
N ARG A 51 -2.35 6.55 -8.29
CA ARG A 51 -2.90 7.36 -9.43
C ARG A 51 -4.18 6.81 -10.08
N ASP A 52 -4.37 5.45 -10.10
CA ASP A 52 -5.63 4.84 -10.56
C ASP A 52 -6.81 5.02 -9.56
N SER A 53 -6.55 5.41 -8.28
CA SER A 53 -7.56 5.72 -7.28
C SER A 53 -7.97 7.17 -7.16
N LEU A 54 -6.96 8.13 -7.12
CA LEU A 54 -7.12 9.48 -6.55
C LEU A 54 -8.09 10.34 -7.35
N ILE A 55 -8.22 10.02 -8.65
CA ILE A 55 -9.24 10.50 -9.56
C ILE A 55 -9.38 9.32 -10.54
N GLN A 56 -10.54 9.19 -11.21
CA GLN A 56 -10.86 8.25 -12.30
C GLN A 56 -10.65 8.66 -13.78
N PRO A 57 -10.98 9.87 -14.31
CA PRO A 57 -11.04 10.14 -15.76
C PRO A 57 -9.70 10.60 -16.35
N HIS A 58 -9.72 11.69 -17.17
CA HIS A 58 -8.59 12.37 -17.81
C HIS A 58 -7.71 13.16 -16.84
N ASP A 59 -8.29 13.63 -15.71
CA ASP A 59 -7.66 14.38 -14.63
C ASP A 59 -7.00 13.48 -13.61
N ARG A 60 -7.00 12.12 -13.77
CA ARG A 60 -6.37 11.10 -12.93
C ARG A 60 -4.93 11.36 -12.49
N LYS A 61 -4.02 11.82 -13.39
CA LYS A 61 -2.68 12.31 -13.04
C LYS A 61 -2.60 13.65 -12.32
N LYS A 62 -3.60 14.56 -12.45
CA LYS A 62 -3.66 15.87 -11.79
C LYS A 62 -3.48 15.92 -10.26
N MET A 63 -3.90 14.86 -9.51
CA MET A 63 -3.60 14.78 -8.08
C MET A 63 -2.58 13.71 -7.78
N LYS A 64 -1.96 13.07 -8.83
CA LYS A 64 -0.77 12.22 -8.70
C LYS A 64 0.47 13.11 -8.40
N LYS A 65 0.47 14.34 -8.99
CA LYS A 65 1.43 15.44 -8.79
C LYS A 65 1.58 15.95 -7.33
N VAL A 66 0.45 16.24 -6.59
CA VAL A 66 0.40 16.56 -5.15
C VAL A 66 0.58 15.33 -4.30
N TRP A 67 0.12 14.14 -4.76
CA TRP A 67 0.34 12.83 -4.16
C TRP A 67 1.83 12.45 -4.02
N ASP A 68 2.70 12.84 -5.01
CA ASP A 68 4.18 12.72 -4.97
C ASP A 68 4.84 13.37 -3.74
N ARG A 69 4.32 14.58 -3.37
CA ARG A 69 4.57 15.32 -2.14
C ARG A 69 3.80 14.78 -0.92
N ALA A 70 2.46 14.49 -1.03
CA ALA A 70 1.57 13.89 -0.01
C ALA A 70 2.00 12.51 0.53
N VAL A 71 2.68 11.69 -0.34
CA VAL A 71 3.42 10.43 -0.09
C VAL A 71 4.48 10.57 1.01
N ASP A 72 5.18 11.75 1.08
CA ASP A 72 6.24 12.10 2.02
C ASP A 72 5.74 12.24 3.47
N PHE A 73 4.53 12.87 3.71
CA PHE A 73 3.75 12.86 4.96
C PHE A 73 3.25 11.42 5.33
N LEU A 74 2.52 10.69 4.40
CA LEU A 74 2.03 9.27 4.56
C LEU A 74 3.11 8.23 4.97
N ALA A 75 4.36 8.33 4.43
CA ALA A 75 5.51 7.49 4.82
C ALA A 75 6.09 7.69 6.26
N ALA A 76 5.72 8.76 7.02
CA ALA A 76 6.18 9.04 8.36
C ALA A 76 5.29 8.42 9.45
N ASN A 77 4.13 7.84 9.04
CA ASN A 77 3.14 7.21 9.93
C ASN A 77 2.90 5.75 9.55
N GLU A 78 3.76 5.22 8.63
CA GLU A 78 3.79 3.86 8.12
C GLU A 78 2.75 3.54 7.05
N SER A 79 3.21 2.83 6.00
CA SER A 79 2.43 2.40 4.85
C SER A 79 2.20 0.89 4.84
N ARG A 80 0.95 0.44 4.58
CA ARG A 80 0.51 -0.96 4.53
C ARG A 80 0.72 -1.66 3.16
N VAL A 81 1.83 -1.29 2.43
CA VAL A 81 2.42 -1.85 1.23
C VAL A 81 3.84 -1.32 1.36
N ARG A 82 4.90 -2.01 0.83
CA ARG A 82 6.31 -1.65 1.01
C ARG A 82 7.01 -1.38 -0.32
N THR A 83 8.00 -0.46 -0.30
CA THR A 83 8.82 -0.01 -1.44
C THR A 83 10.06 -0.85 -1.67
N GLU A 84 10.08 -1.63 -2.77
CA GLU A 84 11.18 -2.49 -3.15
C GLU A 84 11.77 -1.98 -4.45
N THR A 85 13.10 -2.20 -4.69
CA THR A 85 13.81 -1.88 -5.93
C THR A 85 13.80 -3.18 -6.75
N ARG A 86 13.05 -3.23 -7.87
CA ARG A 86 12.84 -4.48 -8.61
C ARG A 86 12.79 -4.15 -10.09
N ARG A 87 13.25 -5.08 -10.98
CA ARG A 87 13.29 -4.90 -12.43
C ARG A 87 11.92 -4.99 -13.13
N ILE A 88 11.43 -3.87 -13.74
CA ILE A 88 10.11 -3.77 -14.38
C ILE A 88 10.35 -3.42 -15.84
N GLY A 89 10.19 -4.38 -16.79
CA GLY A 89 10.40 -4.16 -18.27
C GLY A 89 11.83 -3.92 -18.69
N GLY A 90 12.78 -4.44 -17.87
CA GLY A 90 14.23 -4.25 -18.03
C GLY A 90 14.84 -3.09 -17.27
N ALA A 91 14.14 -2.42 -16.32
CA ALA A 91 14.70 -1.30 -15.59
C ALA A 91 14.29 -1.45 -14.13
N ASP A 92 15.22 -1.21 -13.17
CA ASP A 92 15.02 -1.34 -11.73
C ASP A 92 14.33 -0.11 -11.12
N PHE A 93 13.06 -0.24 -10.69
CA PHE A 93 12.25 0.87 -10.17
C PHE A 93 11.82 0.57 -8.75
N LEU A 94 11.26 1.61 -8.07
CA LEU A 94 10.70 1.56 -6.74
C LEU A 94 9.22 1.26 -6.93
N VAL A 95 8.80 0.04 -6.55
CA VAL A 95 7.49 -0.53 -6.82
C VAL A 95 6.91 -0.81 -5.45
N TRP A 96 5.56 -0.74 -5.27
CA TRP A 96 5.03 -1.08 -3.93
C TRP A 96 4.46 -2.51 -4.02
N ARG A 97 4.82 -3.45 -3.11
CA ARG A 97 4.25 -4.79 -3.09
C ARG A 97 4.11 -5.06 -1.62
N TRP A 98 3.22 -5.99 -1.22
CA TRP A 98 2.91 -6.31 0.18
C TRP A 98 2.99 -7.65 0.87
N ILE A 99 3.34 -7.58 2.18
CA ILE A 99 3.44 -8.67 3.10
C ILE A 99 2.15 -8.80 3.95
N GLN A 100 1.27 -9.81 3.71
CA GLN A 100 0.11 -10.06 4.57
C GLN A 100 0.30 -11.40 5.27
N PRO A 101 0.46 -11.54 6.62
CA PRO A 101 0.69 -12.82 7.30
C PRO A 101 -0.54 -13.72 7.41
N SER A 102 -0.28 -15.00 7.76
CA SER A 102 -1.15 -16.15 8.02
C SER A 102 -2.40 -16.00 8.92
N ALA A 103 -3.19 -14.90 8.79
CA ALA A 103 -4.34 -14.51 9.59
C ALA A 103 -5.63 -15.32 9.33
N SER A 104 -5.49 -16.65 9.52
CA SER A 104 -6.49 -17.72 9.40
C SER A 104 -7.08 -18.09 10.76
N CYS A 105 -6.52 -17.49 11.85
CA CYS A 105 -6.96 -17.65 13.23
C CYS A 105 -7.53 -16.32 13.73
N ASP A 106 -7.03 -15.18 13.18
CA ASP A 106 -7.44 -13.81 13.49
C ASP A 106 -7.86 -13.17 12.18
N LYS A 107 -8.83 -13.84 11.48
CA LYS A 107 -9.46 -13.50 10.22
C LYS A 107 -10.50 -12.39 10.33
N ILE A 108 -10.99 -11.88 9.16
CA ILE A 108 -11.98 -10.80 9.02
C ILE A 108 -13.42 -11.21 9.36
N LEU A 109 -13.81 -12.45 8.94
CA LEU A 109 -15.10 -13.15 9.13
C LEU A 109 -15.25 -14.24 8.09
N VAL A 110 -14.53 -14.12 6.94
CA VAL A 110 -14.52 -14.98 5.74
C VAL A 110 -15.55 -14.47 4.73
N ILE A 111 -15.04 -13.86 3.63
CA ILE A 111 -15.80 -13.27 2.52
C ILE A 111 -16.16 -14.37 1.50
N PRO A 112 -17.37 -14.47 0.89
CA PRO A 112 -17.69 -15.50 -0.12
C PRO A 112 -17.05 -15.22 -1.48
N SER A 113 -17.14 -16.17 -2.45
CA SER A 113 -16.61 -16.13 -3.83
C SER A 113 -15.24 -16.78 -3.97
N LYS A 114 -14.77 -17.53 -2.93
CA LYS A 114 -13.49 -18.22 -2.82
C LYS A 114 -13.38 -19.47 -3.70
N VAL A 115 -13.33 -19.18 -5.04
CA VAL A 115 -13.34 -19.97 -6.27
C VAL A 115 -14.72 -20.58 -6.61
N TRP A 116 -15.13 -20.51 -7.90
CA TRP A 116 -16.43 -20.99 -8.36
C TRP A 116 -16.25 -22.13 -9.35
N GLN A 117 -15.17 -22.01 -10.18
CA GLN A 117 -14.77 -22.88 -11.28
C GLN A 117 -15.26 -22.26 -12.59
N GLY A 118 -14.45 -22.37 -13.66
CA GLY A 118 -14.64 -21.71 -14.96
C GLY A 118 -14.10 -20.30 -14.96
N GLN A 119 -12.83 -20.12 -14.55
CA GLN A 119 -12.22 -18.82 -14.37
C GLN A 119 -10.70 -18.86 -14.54
N ALA A 120 -10.14 -17.91 -15.33
CA ALA A 120 -8.71 -17.71 -15.60
C ALA A 120 -8.07 -16.71 -14.63
N PHE A 121 -8.93 -16.14 -13.75
CA PHE A 121 -8.64 -15.23 -12.65
C PHE A 121 -9.02 -16.03 -11.40
N HIS A 122 -8.02 -16.42 -10.59
CA HIS A 122 -8.20 -17.26 -9.42
C HIS A 122 -8.22 -16.48 -8.09
N LEU A 123 -8.68 -17.13 -7.01
CA LEU A 123 -8.65 -16.65 -5.64
C LEU A 123 -8.14 -17.87 -4.88
N ASP A 124 -7.91 -17.81 -3.53
CA ASP A 124 -7.54 -18.99 -2.74
C ASP A 124 -8.79 -19.74 -2.25
N ARG A 125 -8.72 -21.10 -2.16
CA ARG A 125 -9.83 -21.98 -1.84
C ARG A 125 -10.04 -22.30 -0.35
N ARG A 126 -10.38 -21.25 0.43
CA ARG A 126 -10.71 -21.31 1.85
C ARG A 126 -12.17 -20.90 2.01
N LEU A 127 -13.01 -21.86 2.44
CA LEU A 127 -14.43 -21.67 2.74
C LEU A 127 -14.62 -22.36 4.07
N GLU A 128 -15.24 -21.70 5.09
CA GLU A 128 -15.44 -22.26 6.42
C GLU A 128 -16.79 -22.97 6.55
N ARG A 129 -16.75 -24.29 6.89
CA ARG A 129 -17.91 -25.15 7.04
C ARG A 129 -18.35 -25.28 8.51
N PRO A 130 -19.62 -25.01 8.93
CA PRO A 130 -20.10 -25.20 10.30
C PRO A 130 -20.52 -26.67 10.59
N HIS A 131 -20.33 -27.61 9.63
CA HIS A 131 -20.60 -29.04 9.70
C HIS A 131 -19.32 -29.78 9.36
N ARG A 132 -18.17 -29.29 9.90
CA ARG A 132 -16.82 -29.80 9.68
C ARG A 132 -16.47 -30.99 10.59
N ASP A 133 -16.45 -32.20 10.02
CA ASP A 133 -16.13 -33.45 10.69
C ASP A 133 -15.76 -34.39 9.56
N GLY A 1 -5.09 11.40 15.72
CA GLY A 1 -5.79 10.70 16.77
C GLY A 1 -5.49 11.31 18.11
N SER A 2 -4.30 11.94 18.23
CA SER A 2 -3.80 12.61 19.42
C SER A 2 -2.49 13.29 19.01
N PRO A 3 -2.05 14.47 19.54
CA PRO A 3 -0.82 15.16 19.13
C PRO A 3 0.46 14.62 19.82
N GLU A 4 1.65 15.20 19.48
CA GLU A 4 2.94 14.81 20.04
C GLU A 4 3.97 15.95 19.95
N PHE A 5 4.59 16.15 18.76
CA PHE A 5 5.58 17.16 18.38
C PHE A 5 6.95 17.04 19.05
N ARG A 6 7.75 16.05 18.56
CA ARG A 6 9.06 15.67 19.11
C ARG A 6 10.19 15.82 18.11
N TRP A 7 9.85 16.28 16.90
CA TRP A 7 10.71 16.53 15.75
C TRP A 7 10.42 17.98 15.28
N THR A 8 11.24 18.59 14.38
CA THR A 8 11.01 19.98 13.95
C THR A 8 10.38 20.31 12.59
N LYS A 9 11.08 19.93 11.51
CA LYS A 9 10.80 20.16 10.10
C LYS A 9 9.71 19.42 9.45
N GLU A 10 9.45 18.19 9.94
CA GLU A 10 8.39 17.32 9.41
C GLU A 10 6.93 17.85 9.53
N GLU A 11 6.78 18.95 10.34
CA GLU A 11 5.69 19.88 10.57
C GLU A 11 5.31 20.70 9.34
N GLU A 12 6.28 20.97 8.42
CA GLU A 12 6.09 21.67 7.14
C GLU A 12 5.42 20.79 6.07
N GLU A 13 5.89 19.52 5.96
CA GLU A 13 5.48 18.43 5.11
C GLU A 13 4.05 17.86 5.23
N THR A 14 3.64 17.63 6.49
CA THR A 14 2.43 17.07 7.07
C THR A 14 1.14 17.88 6.79
N ARG A 15 1.23 19.23 6.61
CA ARG A 15 0.09 20.13 6.38
C ARG A 15 -0.44 20.17 4.94
N GLN A 16 -1.79 20.34 4.77
CA GLN A 16 -2.58 20.36 3.52
C GLN A 16 -2.96 18.96 3.01
N MET A 17 -2.09 17.96 3.34
CA MET A 17 -2.06 16.50 3.18
C MET A 17 -3.35 15.80 3.64
N TYR A 18 -3.94 16.36 4.73
CA TYR A 18 -5.21 16.11 5.42
C TYR A 18 -6.49 16.11 4.56
N ASP A 19 -6.43 16.68 3.33
CA ASP A 19 -7.49 16.60 2.32
C ASP A 19 -7.17 15.46 1.33
N MET A 20 -6.04 15.62 0.57
CA MET A 20 -5.49 14.75 -0.49
C MET A 20 -5.20 13.30 -0.15
N VAL A 21 -4.70 13.00 1.08
CA VAL A 21 -4.49 11.60 1.54
C VAL A 21 -5.76 10.86 1.88
N VAL A 22 -6.83 11.55 2.35
CA VAL A 22 -8.14 10.97 2.74
C VAL A 22 -8.80 10.07 1.66
N LYS A 23 -8.71 10.38 0.33
CA LYS A 23 -9.09 9.44 -0.75
C LYS A 23 -8.11 8.28 -1.01
N ILE A 24 -6.78 8.48 -0.80
CA ILE A 24 -5.74 7.45 -0.87
C ILE A 24 -5.67 6.53 0.33
N ILE A 25 -5.91 6.95 1.60
CA ILE A 25 -5.87 6.08 2.81
C ILE A 25 -6.75 4.82 2.75
N ASP A 26 -7.90 4.89 2.00
CA ASP A 26 -8.78 3.78 1.67
C ASP A 26 -8.20 2.78 0.64
N VAL A 27 -7.23 3.21 -0.24
CA VAL A 27 -6.55 2.50 -1.33
C VAL A 27 -5.70 1.31 -0.86
N LEU A 28 -4.84 1.48 0.19
CA LEU A 28 -4.06 0.41 0.84
C LEU A 28 -4.87 -0.59 1.70
N ARG A 29 -5.72 -0.14 2.69
CA ARG A 29 -6.62 -0.98 3.57
C ARG A 29 -7.61 -1.94 2.85
N SER A 30 -8.02 -1.54 1.63
CA SER A 30 -8.93 -2.15 0.65
C SER A 30 -8.34 -3.39 0.05
N HIS A 31 -7.04 -3.34 -0.37
CA HIS A 31 -6.27 -4.51 -0.75
C HIS A 31 -5.93 -5.34 0.49
N ASN A 32 -5.67 -4.72 1.69
CA ASN A 32 -5.32 -5.40 2.93
C ASN A 32 -6.39 -6.24 3.57
N GLU A 33 -7.64 -5.70 3.73
CA GLU A 33 -8.82 -6.36 4.31
C GLU A 33 -9.21 -7.66 3.61
N ALA A 34 -8.99 -7.64 2.28
CA ALA A 34 -8.91 -8.74 1.34
C ALA A 34 -7.64 -9.60 1.35
N CYS A 35 -6.43 -8.99 1.49
CA CYS A 35 -5.10 -9.64 1.43
C CYS A 35 -4.72 -10.49 2.61
N GLN A 36 -5.23 -10.12 3.82
CA GLN A 36 -5.17 -10.75 5.15
C GLN A 36 -5.85 -12.11 5.24
N GLU A 37 -6.60 -12.37 4.16
CA GLU A 37 -7.43 -13.52 3.79
C GLU A 37 -6.86 -14.32 2.63
N ASN A 38 -5.84 -13.80 1.92
CA ASN A 38 -5.33 -14.28 0.66
C ASN A 38 -3.82 -14.36 0.81
N LYS A 39 -3.17 -14.75 -0.29
CA LYS A 39 -1.75 -14.99 -0.46
C LYS A 39 -0.71 -13.88 -0.29
N ASP A 40 -0.86 -12.86 0.57
CA ASP A 40 -1.26 -11.45 0.28
C ASP A 40 -1.22 -10.92 -1.16
N LEU A 41 -2.47 -10.77 -1.74
CA LEU A 41 -2.96 -10.47 -3.12
C LEU A 41 -2.30 -9.38 -3.97
N GLN A 42 -1.34 -8.72 -3.31
CA GLN A 42 -0.41 -7.69 -3.66
C GLN A 42 0.96 -8.19 -4.21
N PRO A 43 1.31 -9.27 -5.00
CA PRO A 43 2.68 -9.59 -5.44
C PRO A 43 3.58 -8.44 -5.97
N TYR A 44 2.96 -7.38 -6.58
CA TYR A 44 3.47 -6.09 -7.04
C TYR A 44 2.28 -5.19 -7.39
N MET A 45 2.49 -3.85 -7.38
CA MET A 45 1.63 -2.74 -7.83
C MET A 45 2.61 -1.60 -8.19
N PRO A 46 2.39 -0.67 -9.16
CA PRO A 46 3.25 0.52 -9.38
C PRO A 46 2.95 1.66 -8.37
N ILE A 47 3.85 2.69 -8.27
CA ILE A 47 3.70 3.93 -7.44
C ILE A 47 2.44 4.75 -7.80
N PRO A 48 2.18 5.11 -9.08
CA PRO A 48 0.89 5.49 -9.65
C PRO A 48 -0.34 4.58 -9.47
N HIS A 49 -0.34 3.24 -9.10
CA HIS A 49 -1.59 2.42 -8.89
C HIS A 49 -2.52 3.06 -7.86
N VAL A 50 -1.89 3.49 -6.73
CA VAL A 50 -2.52 4.23 -5.63
C VAL A 50 -3.04 5.60 -6.09
N ARG A 51 -2.32 6.23 -7.08
CA ARG A 51 -2.84 7.34 -7.89
C ARG A 51 -3.96 7.01 -8.91
N ASP A 52 -4.10 5.78 -9.52
CA ASP A 52 -5.22 5.41 -10.42
C ASP A 52 -6.65 5.58 -9.82
N SER A 53 -6.69 5.74 -8.48
CA SER A 53 -7.71 6.11 -7.53
C SER A 53 -7.91 7.58 -7.14
N LEU A 54 -6.86 8.51 -7.20
CA LEU A 54 -6.92 9.85 -6.55
C LEU A 54 -7.92 10.76 -7.26
N ILE A 55 -8.05 10.49 -8.57
CA ILE A 55 -9.03 11.00 -9.50
C ILE A 55 -9.06 9.86 -10.53
N GLN A 56 -10.22 9.61 -11.20
CA GLN A 56 -10.39 8.63 -12.29
C GLN A 56 -10.17 9.06 -13.76
N PRO A 57 -10.51 10.26 -14.32
CA PRO A 57 -10.51 10.54 -15.75
C PRO A 57 -9.16 11.03 -16.28
N HIS A 58 -9.14 12.13 -17.09
CA HIS A 58 -8.00 12.83 -17.66
C HIS A 58 -7.18 13.63 -16.65
N ASP A 59 -7.82 14.09 -15.53
CA ASP A 59 -7.26 14.84 -14.43
C ASP A 59 -6.66 13.95 -13.36
N ARG A 60 -6.60 12.60 -13.53
CA ARG A 60 -6.03 11.56 -12.64
C ARG A 60 -4.67 11.86 -12.07
N LYS A 61 -3.70 12.28 -12.89
CA LYS A 61 -2.40 12.76 -12.54
C LYS A 61 -2.31 14.12 -11.84
N LYS A 62 -3.31 15.01 -12.01
CA LYS A 62 -3.37 16.33 -11.38
C LYS A 62 -3.26 16.44 -9.84
N MET A 63 -3.57 15.34 -9.10
CA MET A 63 -3.27 15.28 -7.68
C MET A 63 -2.23 14.21 -7.39
N LYS A 64 -1.61 13.57 -8.44
CA LYS A 64 -0.45 12.67 -8.33
C LYS A 64 0.84 13.46 -8.01
N LYS A 65 0.97 14.69 -8.59
CA LYS A 65 2.09 15.62 -8.37
C LYS A 65 2.27 16.07 -6.89
N VAL A 66 1.14 16.36 -6.18
CA VAL A 66 1.05 16.60 -4.72
C VAL A 66 1.15 15.30 -3.93
N TRP A 67 0.65 14.13 -4.46
CA TRP A 67 0.78 12.79 -3.85
C TRP A 67 2.24 12.35 -3.63
N ASP A 68 3.15 12.71 -4.57
CA ASP A 68 4.62 12.55 -4.50
C ASP A 68 5.27 13.22 -3.28
N ARG A 69 4.72 14.39 -2.86
CA ARG A 69 4.94 15.07 -1.60
C ARG A 69 4.15 14.45 -0.42
N ALA A 70 2.78 14.29 -0.52
CA ALA A 70 1.83 13.77 0.49
C ALA A 70 2.09 12.35 1.03
N VAL A 71 2.65 11.47 0.14
CA VAL A 71 3.19 10.13 0.39
C VAL A 71 4.32 10.09 1.41
N ASP A 72 5.13 11.20 1.50
CA ASP A 72 6.21 11.45 2.47
C ASP A 72 5.67 11.60 3.92
N PHE A 73 4.61 12.43 4.21
CA PHE A 73 3.92 12.40 5.52
C PHE A 73 3.13 11.07 5.79
N LEU A 74 2.31 10.51 4.81
CA LEU A 74 1.59 9.20 4.94
C LEU A 74 2.47 8.00 5.36
N ALA A 75 3.71 7.87 4.79
CA ALA A 75 4.73 6.89 5.16
C ALA A 75 5.31 6.95 6.60
N ALA A 76 5.05 8.04 7.39
CA ALA A 76 5.40 8.25 8.80
C ALA A 76 4.22 7.92 9.72
N ASN A 77 2.99 7.90 9.14
CA ASN A 77 1.69 7.66 9.77
C ASN A 77 1.24 6.21 9.60
N GLU A 78 1.17 5.72 8.33
CA GLU A 78 0.72 4.38 7.99
C GLU A 78 1.73 3.75 7.07
N SER A 79 2.93 3.36 7.62
CA SER A 79 4.03 2.75 6.86
C SER A 79 3.82 1.26 6.56
N ARG A 80 2.78 0.97 5.74
CA ARG A 80 2.34 -0.35 5.31
C ARG A 80 3.07 -0.80 4.05
N VAL A 81 2.68 -0.43 2.80
CA VAL A 81 3.31 -1.03 1.60
C VAL A 81 4.81 -0.68 1.37
N ARG A 82 5.64 -1.72 1.02
CA ARG A 82 7.08 -1.65 0.93
C ARG A 82 7.55 -1.45 -0.51
N THR A 83 8.60 -0.60 -0.71
CA THR A 83 9.19 -0.20 -2.00
C THR A 83 10.42 -1.02 -2.33
N GLU A 84 10.43 -1.69 -3.50
CA GLU A 84 11.56 -2.48 -3.94
C GLU A 84 11.97 -2.04 -5.32
N THR A 85 13.27 -2.21 -5.68
CA THR A 85 13.83 -1.92 -6.99
C THR A 85 13.87 -3.24 -7.74
N ARG A 86 13.03 -3.39 -8.80
CA ARG A 86 12.86 -4.68 -9.47
C ARG A 86 12.62 -4.40 -10.94
N ARG A 87 13.13 -5.29 -11.85
CA ARG A 87 13.08 -5.19 -13.30
C ARG A 87 11.82 -5.76 -13.95
N ILE A 88 11.05 -4.94 -14.72
CA ILE A 88 9.81 -5.34 -15.39
C ILE A 88 9.85 -4.78 -16.81
N GLY A 89 9.74 -5.67 -17.86
CA GLY A 89 9.82 -5.29 -19.30
C GLY A 89 11.20 -4.87 -19.76
N GLY A 90 12.23 -5.30 -18.98
CA GLY A 90 13.64 -4.90 -19.15
C GLY A 90 14.04 -3.62 -18.44
N ALA A 91 13.23 -3.06 -17.50
CA ALA A 91 13.56 -1.80 -16.84
C ALA A 91 13.18 -1.90 -15.37
N ASP A 92 14.07 -1.43 -14.46
CA ASP A 92 13.98 -1.46 -13.03
C ASP A 92 13.44 -0.16 -12.41
N PHE A 93 12.33 -0.22 -11.62
CA PHE A 93 11.70 0.94 -11.04
C PHE A 93 11.52 0.63 -9.57
N LEU A 94 11.00 1.63 -8.80
CA LEU A 94 10.63 1.47 -7.41
C LEU A 94 9.15 1.11 -7.46
N VAL A 95 8.81 -0.15 -7.13
CA VAL A 95 7.46 -0.70 -7.24
C VAL A 95 7.08 -1.02 -5.80
N TRP A 96 5.78 -0.89 -5.47
CA TRP A 96 5.26 -1.10 -4.11
C TRP A 96 4.62 -2.50 -4.05
N ARG A 97 4.93 -3.38 -3.05
CA ARG A 97 4.42 -4.74 -2.95
C ARG A 97 4.04 -4.98 -1.52
N TRP A 98 3.13 -5.95 -1.24
CA TRP A 98 2.63 -6.16 0.13
C TRP A 98 2.78 -7.48 0.85
N ILE A 99 3.00 -7.35 2.19
CA ILE A 99 3.23 -8.36 3.18
C ILE A 99 2.22 -8.21 4.32
N GLN A 100 1.18 -9.11 4.40
CA GLN A 100 0.14 -9.14 5.44
C GLN A 100 0.35 -10.36 6.32
N PRO A 101 0.94 -10.27 7.56
CA PRO A 101 1.07 -11.39 8.51
C PRO A 101 -0.26 -11.88 9.08
N SER A 102 -0.50 -13.22 9.05
CA SER A 102 -1.67 -13.93 9.57
C SER A 102 -2.65 -14.30 8.47
N ALA A 103 -3.76 -14.96 8.88
CA ALA A 103 -4.86 -15.45 8.09
C ALA A 103 -6.09 -15.03 8.88
N SER A 104 -6.36 -13.69 8.91
CA SER A 104 -7.34 -12.99 9.75
C SER A 104 -7.00 -13.07 11.25
N CYS A 105 -7.99 -13.39 12.13
CA CYS A 105 -7.82 -13.43 13.56
C CYS A 105 -8.82 -14.44 14.10
N ASP A 106 -10.12 -14.08 14.04
CA ASP A 106 -11.26 -14.90 14.41
C ASP A 106 -12.04 -15.11 13.13
N LYS A 107 -11.58 -16.09 12.29
CA LYS A 107 -12.16 -16.42 10.99
C LYS A 107 -13.26 -17.47 11.11
N ILE A 108 -13.09 -18.42 12.07
CA ILE A 108 -13.92 -19.59 12.41
C ILE A 108 -13.93 -20.70 11.36
N LEU A 109 -14.58 -20.45 10.21
CA LEU A 109 -14.69 -21.29 9.04
C LEU A 109 -15.33 -20.41 7.99
N VAL A 110 -14.72 -20.27 6.79
CA VAL A 110 -15.20 -19.43 5.70
C VAL A 110 -15.87 -20.28 4.63
N ILE A 111 -17.20 -20.46 4.79
CA ILE A 111 -18.11 -21.19 3.93
C ILE A 111 -18.86 -20.19 3.04
N PRO A 112 -18.61 -20.04 1.70
CA PRO A 112 -19.25 -19.00 0.86
C PRO A 112 -20.67 -19.35 0.38
N SER A 113 -21.55 -19.74 1.33
CA SER A 113 -22.94 -20.16 1.14
C SER A 113 -23.87 -19.05 1.63
N LYS A 114 -24.20 -18.08 0.72
CA LYS A 114 -25.02 -16.88 0.93
C LYS A 114 -24.10 -15.68 1.10
N VAL A 115 -22.98 -15.88 1.85
CA VAL A 115 -21.89 -14.96 2.11
C VAL A 115 -20.77 -15.25 1.11
N TRP A 116 -21.07 -15.03 -0.20
CA TRP A 116 -20.23 -15.26 -1.37
C TRP A 116 -18.96 -14.40 -1.44
N GLN A 117 -17.95 -14.80 -0.60
CA GLN A 117 -16.61 -14.23 -0.41
C GLN A 117 -16.60 -12.91 0.36
N GLY A 118 -17.45 -11.94 -0.06
CA GLY A 118 -17.67 -10.61 0.52
C GLY A 118 -16.63 -9.59 0.18
N GLN A 119 -16.07 -9.65 -1.06
CA GLN A 119 -14.96 -8.83 -1.55
C GLN A 119 -15.38 -7.46 -2.10
N ALA A 120 -16.04 -6.61 -1.27
CA ALA A 120 -16.51 -5.29 -1.64
C ALA A 120 -16.75 -4.48 -0.37
N PHE A 121 -17.46 -3.33 -0.48
CA PHE A 121 -17.81 -2.44 0.63
C PHE A 121 -19.10 -1.71 0.26
N HIS A 122 -19.55 -0.76 1.11
CA HIS A 122 -20.74 0.05 0.88
C HIS A 122 -20.53 1.35 1.65
N LEU A 123 -21.55 2.24 1.70
CA LEU A 123 -21.47 3.52 2.39
C LEU A 123 -22.85 3.87 2.95
N ASP A 124 -23.04 5.12 3.43
CA ASP A 124 -24.30 5.64 3.96
C ASP A 124 -24.54 6.99 3.33
N ARG A 125 -25.83 7.41 3.17
CA ARG A 125 -26.26 8.66 2.55
C ARG A 125 -26.24 9.85 3.51
N ARG A 126 -25.02 10.21 4.00
CA ARG A 126 -24.75 11.27 4.98
C ARG A 126 -24.83 12.70 4.42
N LEU A 127 -26.02 13.08 3.91
CA LEU A 127 -26.36 14.35 3.27
C LEU A 127 -26.68 15.49 4.24
N GLU A 128 -25.75 15.75 5.20
CA GLU A 128 -25.81 16.81 6.21
C GLU A 128 -24.84 17.95 5.83
N ARG A 129 -24.11 17.75 4.72
CA ARG A 129 -23.14 18.65 4.11
C ARG A 129 -23.68 19.06 2.74
N PRO A 130 -23.74 20.35 2.30
CA PRO A 130 -24.28 20.75 1.01
C PRO A 130 -23.33 20.48 -0.17
N HIS A 131 -23.10 19.18 -0.53
CA HIS A 131 -22.28 18.74 -1.67
C HIS A 131 -23.09 18.66 -2.95
N ARG A 132 -24.43 18.45 -2.81
CA ARG A 132 -25.46 18.36 -3.84
C ARG A 132 -25.43 17.09 -4.69
N ASP A 133 -24.30 16.85 -5.40
CA ASP A 133 -24.06 15.72 -6.28
C ASP A 133 -22.57 15.45 -6.31
N GLY A 1 16.58 28.90 28.95
CA GLY A 1 17.82 28.22 28.63
C GLY A 1 17.86 27.85 27.18
N SER A 2 16.69 27.89 26.51
CA SER A 2 16.47 27.60 25.10
C SER A 2 15.01 27.94 24.83
N PRO A 3 14.55 28.27 23.59
CA PRO A 3 13.17 28.69 23.31
C PRO A 3 12.15 27.53 23.20
N GLU A 4 10.87 27.87 22.88
CA GLU A 4 9.78 26.91 22.68
C GLU A 4 9.37 26.89 21.22
N PHE A 5 8.80 25.75 20.76
CA PHE A 5 8.42 25.51 19.37
C PHE A 5 6.93 25.21 19.28
N ARG A 6 6.09 25.96 20.04
CA ARG A 6 4.63 25.88 20.11
C ARG A 6 3.96 26.71 19.00
N TRP A 7 4.66 26.78 17.85
CA TRP A 7 4.41 27.53 16.65
C TRP A 7 3.84 26.66 15.52
N THR A 8 3.45 27.29 14.37
CA THR A 8 2.91 26.64 13.17
C THR A 8 3.96 25.92 12.33
N LYS A 9 5.29 26.16 12.55
CA LYS A 9 6.43 25.55 11.87
C LYS A 9 6.58 24.05 12.05
N GLU A 10 6.03 23.50 13.17
CA GLU A 10 5.82 22.05 13.43
C GLU A 10 4.98 21.29 12.36
N GLU A 11 4.22 22.04 11.48
CA GLU A 11 3.54 21.64 10.25
C GLU A 11 4.52 21.32 9.13
N GLU A 12 5.76 21.91 9.10
CA GLU A 12 6.84 21.65 8.13
C GLU A 12 7.24 20.17 8.04
N GLU A 13 7.34 19.52 9.23
CA GLU A 13 7.49 18.08 9.47
C GLU A 13 6.34 17.16 8.99
N THR A 14 5.08 17.69 8.92
CA THR A 14 3.86 17.07 8.46
C THR A 14 3.78 17.08 6.94
N ARG A 15 3.96 18.31 6.39
CA ARG A 15 3.81 18.76 5.01
C ARG A 15 2.35 19.11 4.67
N GLN A 16 1.44 19.15 5.68
CA GLN A 16 0.00 19.43 5.64
C GLN A 16 -0.76 18.13 5.36
N MET A 17 -1.04 17.40 6.47
CA MET A 17 -1.59 16.06 6.54
C MET A 17 -3.04 15.72 6.18
N TYR A 18 -3.97 16.64 6.51
CA TYR A 18 -5.42 16.48 6.58
C TYR A 18 -6.27 16.27 5.34
N ASP A 19 -5.81 16.73 4.13
CA ASP A 19 -6.63 16.72 2.92
C ASP A 19 -6.55 15.49 2.01
N MET A 20 -5.69 15.57 0.94
CA MET A 20 -5.56 14.66 -0.21
C MET A 20 -5.29 13.17 0.01
N VAL A 21 -4.67 12.81 1.16
CA VAL A 21 -4.44 11.39 1.59
C VAL A 21 -5.70 10.62 1.95
N VAL A 22 -6.74 11.31 2.51
CA VAL A 22 -8.03 10.79 3.01
C VAL A 22 -8.80 9.89 2.01
N LYS A 23 -8.75 10.20 0.69
CA LYS A 23 -9.19 9.33 -0.42
C LYS A 23 -8.26 8.14 -0.74
N ILE A 24 -6.92 8.27 -0.50
CA ILE A 24 -5.86 7.26 -0.65
C ILE A 24 -5.82 6.25 0.49
N ILE A 25 -6.03 6.65 1.78
CA ILE A 25 -6.08 5.79 2.99
C ILE A 25 -7.09 4.62 2.90
N ASP A 26 -8.19 4.85 2.11
CA ASP A 26 -9.19 3.89 1.65
C ASP A 26 -8.66 2.81 0.67
N VAL A 27 -7.68 3.11 -0.27
CA VAL A 27 -7.03 2.15 -1.19
C VAL A 27 -6.21 1.10 -0.42
N LEU A 28 -5.36 1.56 0.56
CA LEU A 28 -4.56 0.71 1.45
C LEU A 28 -5.39 -0.12 2.43
N ARG A 29 -6.35 0.41 3.24
CA ARG A 29 -7.25 -0.38 4.14
C ARG A 29 -8.12 -1.50 3.51
N SER A 30 -8.46 -1.31 2.22
CA SER A 30 -9.28 -2.12 1.31
C SER A 30 -8.52 -3.34 0.80
N HIS A 31 -7.30 -3.11 0.24
CA HIS A 31 -6.33 -4.12 -0.14
C HIS A 31 -5.78 -4.89 1.07
N ASN A 32 -5.68 -4.18 2.24
CA ASN A 32 -5.28 -4.69 3.55
C ASN A 32 -6.28 -5.57 4.32
N GLU A 33 -7.63 -5.35 4.28
CA GLU A 33 -8.63 -6.25 4.88
C GLU A 33 -8.80 -7.59 4.14
N ALA A 34 -8.63 -7.49 2.80
CA ALA A 34 -8.55 -8.50 1.76
C ALA A 34 -7.24 -9.31 1.78
N CYS A 35 -6.16 -8.69 2.35
CA CYS A 35 -4.79 -9.18 2.48
C CYS A 35 -4.58 -10.43 3.28
N GLN A 36 -5.28 -10.52 4.46
CA GLN A 36 -5.30 -11.62 5.43
C GLN A 36 -5.85 -12.93 4.89
N GLU A 37 -6.47 -12.83 3.70
CA GLU A 37 -7.14 -13.90 2.99
C GLU A 37 -6.27 -14.43 1.88
N ASN A 38 -5.25 -13.66 1.44
CA ASN A 38 -4.51 -13.95 0.24
C ASN A 38 -3.06 -14.00 0.57
N LYS A 39 -2.24 -14.32 -0.46
CA LYS A 39 -0.80 -14.38 -0.37
C LYS A 39 -0.18 -13.01 -0.63
N ASP A 40 -0.42 -12.48 -1.83
CA ASP A 40 -0.12 -11.14 -2.25
C ASP A 40 -1.14 -10.78 -3.33
N LEU A 41 -2.37 -10.25 -2.99
CA LEU A 41 -3.41 -9.78 -3.93
C LEU A 41 -3.02 -8.57 -4.80
N GLN A 42 -2.13 -7.71 -4.28
CA GLN A 42 -1.43 -6.55 -4.79
C GLN A 42 0.03 -6.90 -5.19
N PRO A 43 0.42 -8.10 -5.82
CA PRO A 43 1.75 -8.76 -5.92
C PRO A 43 2.93 -7.82 -6.26
N TYR A 44 2.65 -6.76 -7.05
CA TYR A 44 3.42 -5.63 -7.47
C TYR A 44 2.37 -4.63 -7.93
N MET A 45 2.67 -3.31 -7.79
CA MET A 45 1.86 -2.16 -8.19
C MET A 45 2.88 -1.06 -8.64
N PRO A 46 2.89 -0.23 -9.71
CA PRO A 46 3.90 0.85 -9.89
C PRO A 46 3.64 2.05 -8.94
N ILE A 47 4.52 3.10 -8.88
CA ILE A 47 4.35 4.33 -8.06
C ILE A 47 3.04 5.05 -8.41
N PRO A 48 2.69 5.36 -9.68
CA PRO A 48 1.36 5.61 -10.18
C PRO A 48 0.24 4.62 -9.86
N HIS A 49 0.29 3.33 -9.37
CA HIS A 49 -0.99 2.66 -8.93
C HIS A 49 -1.63 3.45 -7.77
N VAL A 50 -0.82 3.79 -6.74
CA VAL A 50 -1.22 4.69 -5.66
C VAL A 50 -1.22 6.17 -6.12
N ARG A 51 -0.30 6.64 -7.04
CA ARG A 51 -0.36 7.98 -7.66
C ARG A 51 -1.51 8.17 -8.69
N ASP A 52 -2.01 7.18 -9.48
CA ASP A 52 -3.22 7.25 -10.31
C ASP A 52 -4.49 7.12 -9.46
N SER A 53 -4.48 6.37 -8.32
CA SER A 53 -5.61 6.04 -7.46
C SER A 53 -6.46 7.15 -6.85
N LEU A 54 -5.96 8.40 -6.80
CA LEU A 54 -6.66 9.60 -6.36
C LEU A 54 -7.77 9.99 -7.35
N ILE A 55 -7.64 9.56 -8.63
CA ILE A 55 -8.58 9.82 -9.75
C ILE A 55 -8.46 8.76 -10.87
N GLN A 56 -9.54 8.09 -11.29
CA GLN A 56 -9.56 7.08 -12.37
C GLN A 56 -9.38 7.46 -13.88
N PRO A 57 -10.04 8.45 -14.53
CA PRO A 57 -10.03 8.67 -16.00
C PRO A 57 -8.83 9.48 -16.58
N HIS A 58 -9.12 10.57 -17.35
CA HIS A 58 -8.20 11.48 -18.05
C HIS A 58 -7.48 12.51 -17.18
N ASP A 59 -8.09 12.91 -16.03
CA ASP A 59 -7.66 13.85 -15.02
C ASP A 59 -6.90 13.13 -13.92
N ARG A 60 -6.59 11.81 -14.10
CA ARG A 60 -5.96 10.85 -13.20
C ARG A 60 -4.75 11.33 -12.45
N LYS A 61 -3.79 11.90 -13.19
CA LYS A 61 -2.60 12.55 -12.73
C LYS A 61 -2.77 13.89 -12.05
N LYS A 62 -3.84 14.66 -12.31
CA LYS A 62 -4.08 15.98 -11.72
C LYS A 62 -4.07 16.15 -10.19
N MET A 63 -4.23 15.08 -9.39
CA MET A 63 -3.94 15.15 -7.96
C MET A 63 -2.75 14.26 -7.63
N LYS A 64 -2.02 13.64 -8.62
CA LYS A 64 -0.79 12.84 -8.42
C LYS A 64 0.38 13.73 -8.05
N LYS A 65 0.39 14.95 -8.65
CA LYS A 65 1.35 16.05 -8.42
C LYS A 65 1.40 16.56 -6.94
N VAL A 66 0.21 16.71 -6.28
CA VAL A 66 0.02 16.99 -4.84
C VAL A 66 0.25 15.76 -3.98
N TRP A 67 -0.04 14.53 -4.46
CA TRP A 67 0.26 13.25 -3.79
C TRP A 67 1.75 13.03 -3.53
N ASP A 68 2.65 13.52 -4.44
CA ASP A 68 4.11 13.61 -4.24
C ASP A 68 4.53 14.40 -2.97
N ARG A 69 3.80 15.50 -2.66
CA ARG A 69 3.78 16.32 -1.45
C ARG A 69 3.05 15.68 -0.25
N ALA A 70 1.80 15.13 -0.46
CA ALA A 70 0.94 14.41 0.50
C ALA A 70 1.56 13.12 1.08
N VAL A 71 2.42 12.45 0.24
CA VAL A 71 3.37 11.35 0.52
C VAL A 71 4.35 11.69 1.64
N ASP A 72 4.77 13.00 1.78
CA ASP A 72 5.64 13.53 2.82
C ASP A 72 4.99 13.51 4.23
N PHE A 73 3.62 13.64 4.33
CA PHE A 73 2.88 13.19 5.53
C PHE A 73 2.71 11.64 5.60
N LEU A 74 2.06 10.94 4.60
CA LEU A 74 1.73 9.47 4.71
C LEU A 74 2.90 8.51 4.93
N ALA A 75 4.08 8.76 4.27
CA ALA A 75 5.33 8.04 4.47
C ALA A 75 5.97 8.12 5.87
N ALA A 76 5.52 9.04 6.78
CA ALA A 76 5.98 9.17 8.17
C ALA A 76 5.23 8.27 9.18
N ASN A 77 4.05 7.71 8.83
CA ASN A 77 3.25 6.89 9.73
C ASN A 77 2.35 5.95 8.93
N GLU A 78 2.59 4.62 9.03
CA GLU A 78 1.89 3.50 8.39
C GLU A 78 2.51 3.07 7.07
N SER A 79 3.40 2.04 7.12
CA SER A 79 4.11 1.42 6.01
C SER A 79 3.44 0.12 5.57
N ARG A 80 2.13 0.20 5.25
CA ARG A 80 1.25 -0.92 4.87
C ARG A 80 1.33 -1.36 3.42
N VAL A 81 2.33 -0.87 2.65
CA VAL A 81 2.71 -1.26 1.29
C VAL A 81 4.18 -0.86 1.24
N ARG A 82 5.09 -1.72 0.66
CA ARG A 82 6.54 -1.52 0.72
C ARG A 82 7.18 -1.25 -0.63
N THR A 83 8.36 -0.57 -0.60
CA THR A 83 9.14 -0.16 -1.77
C THR A 83 10.32 -1.09 -2.01
N GLU A 84 10.34 -1.77 -3.16
CA GLU A 84 11.41 -2.66 -3.55
C GLU A 84 11.97 -2.17 -4.86
N THR A 85 13.29 -2.40 -5.12
CA THR A 85 13.94 -2.14 -6.41
C THR A 85 13.86 -3.48 -7.13
N ARG A 86 13.03 -3.62 -8.19
CA ARG A 86 12.76 -4.94 -8.74
C ARG A 86 12.47 -4.86 -10.22
N ARG A 87 12.86 -5.92 -11.00
CA ARG A 87 12.66 -6.06 -12.44
C ARG A 87 11.24 -6.53 -12.80
N ILE A 88 10.46 -5.69 -13.52
CA ILE A 88 9.07 -5.94 -13.90
C ILE A 88 8.91 -5.49 -15.34
N GLY A 89 8.54 -6.44 -16.26
CA GLY A 89 8.42 -6.21 -17.73
C GLY A 89 9.75 -5.99 -18.43
N GLY A 90 10.84 -6.48 -17.78
CA GLY A 90 12.25 -6.26 -18.20
C GLY A 90 12.89 -4.98 -17.70
N ALA A 91 12.26 -4.23 -16.73
CA ALA A 91 12.79 -2.96 -16.26
C ALA A 91 12.73 -2.90 -14.73
N ASP A 92 13.79 -2.33 -14.08
CA ASP A 92 14.05 -2.20 -12.65
C ASP A 92 13.59 -0.83 -12.10
N PHE A 93 12.52 -0.79 -11.27
CA PHE A 93 11.97 0.44 -10.71
C PHE A 93 11.84 0.28 -9.20
N LEU A 94 11.43 1.39 -8.51
CA LEU A 94 10.97 1.40 -7.13
C LEU A 94 9.47 1.17 -7.26
N VAL A 95 9.02 -0.02 -6.83
CA VAL A 95 7.68 -0.54 -7.07
C VAL A 95 7.06 -0.65 -5.70
N TRP A 96 5.73 -0.33 -5.57
CA TRP A 96 5.09 -0.45 -4.24
C TRP A 96 4.30 -1.78 -4.34
N ARG A 97 4.44 -2.75 -3.38
CA ARG A 97 3.81 -4.07 -3.51
C ARG A 97 3.39 -4.51 -2.14
N TRP A 98 2.60 -5.63 -1.96
CA TRP A 98 2.26 -6.09 -0.62
C TRP A 98 2.62 -7.50 -0.19
N ILE A 99 2.97 -7.56 1.13
CA ILE A 99 3.45 -8.63 1.97
C ILE A 99 2.30 -8.83 2.94
N GLN A 100 1.57 -9.96 2.90
CA GLN A 100 0.34 -10.07 3.69
C GLN A 100 0.24 -11.46 4.34
N PRO A 101 0.62 -11.66 5.64
CA PRO A 101 0.60 -12.95 6.34
C PRO A 101 -0.79 -13.54 6.65
N SER A 102 -0.83 -14.88 6.96
CA SER A 102 -2.00 -15.66 7.38
C SER A 102 -2.91 -16.06 6.21
N ALA A 103 -2.29 -16.43 5.06
CA ALA A 103 -2.84 -16.72 3.74
C ALA A 103 -3.65 -18.02 3.62
N SER A 104 -4.83 -18.05 4.27
CA SER A 104 -5.74 -19.19 4.29
C SER A 104 -7.15 -18.71 4.63
N CYS A 105 -7.41 -18.55 5.96
CA CYS A 105 -8.67 -18.25 6.67
C CYS A 105 -9.09 -19.47 7.50
N ASP A 106 -8.37 -20.62 7.32
CA ASP A 106 -8.55 -21.91 8.00
C ASP A 106 -9.81 -22.72 7.64
N LYS A 107 -11.01 -22.09 7.80
CA LYS A 107 -12.36 -22.62 7.60
C LYS A 107 -12.75 -22.92 6.14
N ILE A 108 -11.93 -23.74 5.43
CA ILE A 108 -12.01 -24.17 4.03
C ILE A 108 -11.54 -23.04 3.11
N LEU A 109 -12.50 -22.18 2.67
CA LEU A 109 -12.25 -21.00 1.86
C LEU A 109 -13.63 -20.40 1.77
N VAL A 110 -13.94 -19.30 2.51
CA VAL A 110 -15.29 -18.72 2.57
C VAL A 110 -15.52 -17.66 1.47
N ILE A 111 -15.35 -18.11 0.20
CA ILE A 111 -15.50 -17.35 -1.03
C ILE A 111 -15.78 -18.45 -2.08
N PRO A 112 -16.68 -18.35 -3.09
CA PRO A 112 -17.03 -19.44 -4.01
C PRO A 112 -16.00 -19.63 -5.14
N SER A 113 -14.75 -19.96 -4.75
CA SER A 113 -13.60 -20.21 -5.61
C SER A 113 -13.05 -21.59 -5.28
N LYS A 114 -13.96 -22.55 -4.97
CA LYS A 114 -13.72 -23.92 -4.56
C LYS A 114 -13.93 -24.91 -5.71
N VAL A 115 -14.31 -24.37 -6.91
CA VAL A 115 -14.64 -25.03 -8.16
C VAL A 115 -13.43 -25.04 -9.11
N TRP A 116 -12.25 -25.31 -8.50
CA TRP A 116 -10.94 -25.44 -9.13
C TRP A 116 -10.62 -26.91 -9.44
N GLN A 117 -9.34 -27.34 -9.29
CA GLN A 117 -8.91 -28.71 -9.51
C GLN A 117 -8.01 -29.09 -8.37
N GLY A 118 -7.97 -30.40 -8.06
CA GLY A 118 -7.11 -30.95 -7.01
C GLY A 118 -7.68 -32.25 -6.51
N GLN A 119 -8.97 -32.21 -6.12
CA GLN A 119 -9.78 -33.30 -5.60
C GLN A 119 -10.99 -32.52 -5.11
N ALA A 120 -11.58 -32.94 -3.96
CA ALA A 120 -12.63 -32.28 -3.21
C ALA A 120 -11.99 -31.25 -2.28
N PHE A 121 -11.65 -30.09 -2.90
CA PHE A 121 -10.95 -28.92 -2.39
C PHE A 121 -9.42 -29.07 -2.50
N HIS A 122 -8.86 -30.16 -1.91
CA HIS A 122 -7.44 -30.44 -1.90
C HIS A 122 -7.24 -31.92 -1.60
N LEU A 123 -5.99 -32.40 -1.71
CA LEU A 123 -5.52 -33.75 -1.46
C LEU A 123 -4.57 -33.80 -0.24
N ASP A 124 -3.71 -34.83 -0.14
CA ASP A 124 -2.76 -35.01 0.95
C ASP A 124 -1.58 -35.79 0.38
N ARG A 125 -0.39 -35.63 1.03
CA ARG A 125 0.89 -36.26 0.70
C ARG A 125 1.64 -35.56 -0.43
N ARG A 126 1.82 -36.24 -1.58
CA ARG A 126 2.52 -35.78 -2.76
C ARG A 126 2.23 -36.85 -3.79
N LEU A 127 2.29 -36.53 -5.10
CA LEU A 127 2.11 -37.48 -6.19
C LEU A 127 3.43 -37.73 -6.91
N GLU A 128 3.77 -39.04 -7.12
CA GLU A 128 4.96 -39.50 -7.82
C GLU A 128 4.73 -39.65 -9.32
N ARG A 129 3.45 -39.62 -9.76
CA ARG A 129 2.97 -39.79 -11.13
C ARG A 129 3.23 -38.64 -12.12
N PRO A 130 2.91 -37.33 -11.93
CA PRO A 130 3.11 -36.26 -12.91
C PRO A 130 4.57 -35.76 -12.98
N HIS A 131 5.50 -36.60 -13.50
CA HIS A 131 6.93 -36.34 -13.68
C HIS A 131 7.23 -35.58 -14.98
N ARG A 132 6.63 -34.36 -15.12
CA ARG A 132 6.75 -33.49 -16.28
C ARG A 132 7.87 -32.47 -16.09
N ASP A 133 9.09 -32.85 -16.54
CA ASP A 133 10.29 -32.03 -16.43
C ASP A 133 11.16 -32.23 -17.65
N GLY A 1 5.55 23.04 34.78
CA GLY A 1 4.57 22.45 35.65
C GLY A 1 4.10 21.16 35.05
N SER A 2 4.75 20.78 33.94
CA SER A 2 4.49 19.58 33.15
C SER A 2 5.80 19.26 32.44
N PRO A 3 6.27 18.01 32.25
CA PRO A 3 7.50 17.67 31.51
C PRO A 3 7.30 17.80 30.00
N GLU A 4 8.41 18.12 29.30
CA GLU A 4 8.63 18.33 27.86
C GLU A 4 7.72 19.32 27.09
N PHE A 5 6.38 19.21 27.30
CA PHE A 5 5.27 19.94 26.70
C PHE A 5 4.99 19.45 25.27
N ARG A 6 4.93 18.11 25.13
CA ARG A 6 4.81 17.33 23.92
C ARG A 6 3.40 16.96 23.51
N TRP A 7 2.42 17.68 24.08
CA TRP A 7 0.97 17.68 23.97
C TRP A 7 0.33 17.38 22.61
N THR A 8 0.17 18.41 21.76
CA THR A 8 -0.40 18.37 20.43
C THR A 8 0.70 18.35 19.39
N LYS A 9 1.97 18.63 19.78
CA LYS A 9 3.19 18.70 18.96
C LYS A 9 3.53 17.51 18.09
N GLU A 10 3.11 16.27 18.47
CA GLU A 10 3.17 15.01 17.72
C GLU A 10 2.49 15.03 16.32
N GLU A 11 1.60 16.04 16.06
CA GLU A 11 0.98 16.47 14.81
C GLU A 11 1.97 17.08 13.83
N GLU A 12 3.08 17.73 14.33
CA GLU A 12 4.18 18.34 13.56
C GLU A 12 4.95 17.32 12.72
N GLU A 13 5.08 16.07 13.24
CA GLU A 13 5.52 14.87 12.53
C GLU A 13 4.59 14.38 11.38
N THR A 14 3.24 14.58 11.53
CA THR A 14 2.16 14.29 10.59
C THR A 14 2.02 15.34 9.50
N ARG A 15 1.92 16.63 9.91
CA ARG A 15 1.72 17.84 9.14
C ARG A 15 0.30 18.01 8.56
N GLN A 16 0.12 17.96 7.20
CA GLN A 16 -1.16 18.24 6.54
C GLN A 16 -1.73 17.07 5.75
N MET A 17 -1.98 15.89 6.39
CA MET A 17 -2.55 14.67 5.80
C MET A 17 -4.02 14.80 5.40
N TYR A 18 -4.75 15.59 6.22
CA TYR A 18 -6.16 15.95 6.29
C TYR A 18 -6.81 16.51 5.01
N ASP A 19 -5.97 16.97 4.03
CA ASP A 19 -6.37 17.45 2.70
C ASP A 19 -6.56 16.32 1.67
N MET A 20 -5.57 16.01 0.77
CA MET A 20 -5.63 15.00 -0.29
C MET A 20 -5.50 13.57 0.14
N VAL A 21 -4.76 13.24 1.24
CA VAL A 21 -4.53 11.79 1.63
C VAL A 21 -5.74 10.94 1.93
N VAL A 22 -6.83 11.53 2.49
CA VAL A 22 -8.11 10.90 2.84
C VAL A 22 -8.78 10.07 1.71
N LYS A 23 -8.69 10.50 0.42
CA LYS A 23 -9.10 9.73 -0.77
C LYS A 23 -8.15 8.58 -1.17
N ILE A 24 -6.84 8.62 -0.79
CA ILE A 24 -5.84 7.56 -1.04
C ILE A 24 -5.94 6.35 -0.12
N ILE A 25 -6.23 6.52 1.21
CA ILE A 25 -6.36 5.48 2.25
C ILE A 25 -7.37 4.36 1.89
N ASP A 26 -8.41 4.77 1.10
CA ASP A 26 -9.41 3.95 0.41
C ASP A 26 -8.85 3.00 -0.66
N VAL A 27 -7.71 3.31 -1.36
CA VAL A 27 -7.02 2.36 -2.25
C VAL A 27 -6.28 1.26 -1.49
N LEU A 28 -5.39 1.60 -0.51
CA LEU A 28 -4.62 0.69 0.34
C LEU A 28 -5.41 -0.30 1.21
N ARG A 29 -6.44 0.15 1.99
CA ARG A 29 -7.36 -0.70 2.78
C ARG A 29 -8.09 -1.82 2.01
N SER A 30 -8.31 -1.62 0.69
CA SER A 30 -9.01 -2.44 -0.32
C SER A 30 -8.27 -3.71 -0.65
N HIS A 31 -6.94 -3.55 -0.90
CA HIS A 31 -5.93 -4.56 -1.03
C HIS A 31 -5.80 -5.31 0.29
N ASN A 32 -5.92 -4.60 1.45
CA ASN A 32 -5.80 -5.10 2.83
C ASN A 32 -6.94 -5.95 3.33
N GLU A 33 -8.22 -5.61 2.97
CA GLU A 33 -9.46 -6.34 3.24
C GLU A 33 -9.40 -7.81 2.80
N ALA A 34 -9.03 -8.02 1.53
CA ALA A 34 -8.64 -9.30 0.97
C ALA A 34 -7.26 -9.84 1.35
N CYS A 35 -6.29 -8.94 1.70
CA CYS A 35 -4.89 -9.26 2.05
C CYS A 35 -4.71 -9.85 3.44
N GLN A 36 -5.59 -9.52 4.45
CA GLN A 36 -5.70 -10.12 5.80
C GLN A 36 -5.98 -11.64 5.83
N GLU A 37 -6.32 -12.13 4.63
CA GLU A 37 -6.74 -13.47 4.25
C GLU A 37 -5.71 -14.16 3.39
N ASN A 38 -4.95 -13.40 2.59
CA ASN A 38 -4.04 -13.81 1.56
C ASN A 38 -2.65 -13.55 2.04
N LYS A 39 -1.68 -13.87 1.19
CA LYS A 39 -0.29 -13.57 1.45
C LYS A 39 0.08 -12.16 0.99
N ASP A 40 -0.13 -11.90 -0.32
CA ASP A 40 0.00 -10.68 -1.09
C ASP A 40 -0.91 -10.65 -2.32
N LEU A 41 -2.21 -10.21 -2.34
CA LEU A 41 -3.01 -10.15 -3.61
C LEU A 41 -2.68 -9.05 -4.65
N GLN A 42 -1.92 -8.03 -4.18
CA GLN A 42 -1.20 -6.94 -4.82
C GLN A 42 0.26 -7.32 -4.93
N PRO A 43 0.81 -8.56 -5.24
CA PRO A 43 2.22 -9.00 -5.16
C PRO A 43 3.26 -7.98 -5.65
N TYR A 44 2.84 -7.01 -6.54
CA TYR A 44 3.61 -5.95 -7.17
C TYR A 44 2.58 -5.00 -7.79
N MET A 45 2.82 -3.66 -7.78
CA MET A 45 1.97 -2.61 -8.37
C MET A 45 2.92 -1.47 -8.85
N PRO A 46 2.88 -0.64 -9.92
CA PRO A 46 3.83 0.49 -10.13
C PRO A 46 3.60 1.63 -9.11
N ILE A 47 4.52 2.66 -8.97
CA ILE A 47 4.38 3.81 -8.03
C ILE A 47 3.08 4.62 -8.31
N PRO A 48 2.77 5.05 -9.56
CA PRO A 48 1.45 5.37 -10.04
C PRO A 48 0.31 4.39 -9.86
N HIS A 49 0.32 3.05 -9.51
CA HIS A 49 -1.00 2.33 -9.24
C HIS A 49 -1.80 3.04 -8.15
N VAL A 50 -1.11 3.33 -7.03
CA VAL A 50 -1.57 4.15 -5.92
C VAL A 50 -1.50 5.65 -6.27
N ARG A 51 -0.40 6.20 -6.93
CA ARG A 51 -0.36 7.58 -7.44
C ARG A 51 -1.37 7.93 -8.58
N ASP A 52 -1.83 7.03 -9.48
CA ASP A 52 -2.96 7.22 -10.41
C ASP A 52 -4.35 7.08 -9.78
N SER A 53 -4.44 6.54 -8.54
CA SER A 53 -5.61 6.10 -7.81
C SER A 53 -6.36 7.10 -6.97
N LEU A 54 -5.76 8.27 -6.66
CA LEU A 54 -6.27 9.33 -5.79
C LEU A 54 -7.52 10.03 -6.34
N ILE A 55 -7.66 9.89 -7.68
CA ILE A 55 -8.70 10.35 -8.57
C ILE A 55 -8.56 9.34 -9.68
N GLN A 56 -9.62 8.67 -10.15
CA GLN A 56 -9.55 7.58 -11.12
C GLN A 56 -9.51 7.85 -12.65
N PRO A 57 -10.13 8.83 -13.33
CA PRO A 57 -10.17 8.95 -14.80
C PRO A 57 -8.96 9.71 -15.41
N HIS A 58 -9.23 10.74 -16.26
CA HIS A 58 -8.30 11.62 -16.99
C HIS A 58 -7.63 12.71 -16.14
N ASP A 59 -8.29 13.14 -15.04
CA ASP A 59 -7.98 14.09 -13.99
C ASP A 59 -7.20 13.43 -12.89
N ARG A 60 -6.77 12.14 -13.09
CA ARG A 60 -6.02 11.30 -12.18
C ARG A 60 -4.73 11.88 -11.66
N LYS A 61 -3.75 12.19 -12.55
CA LYS A 61 -2.44 12.74 -12.26
C LYS A 61 -2.41 14.10 -11.58
N LYS A 62 -3.47 14.90 -11.76
CA LYS A 62 -3.72 16.18 -11.10
C LYS A 62 -3.63 16.23 -9.56
N MET A 63 -3.82 15.11 -8.79
CA MET A 63 -3.40 15.09 -7.38
C MET A 63 -2.29 14.10 -7.11
N LYS A 64 -1.65 13.47 -8.15
CA LYS A 64 -0.45 12.63 -8.03
C LYS A 64 0.76 13.50 -7.70
N LYS A 65 0.76 14.74 -8.29
CA LYS A 65 1.80 15.76 -8.03
C LYS A 65 1.86 16.29 -6.55
N VAL A 66 0.68 16.50 -5.88
CA VAL A 66 0.53 16.83 -4.45
C VAL A 66 0.73 15.60 -3.57
N TRP A 67 0.38 14.38 -4.05
CA TRP A 67 0.63 13.08 -3.41
C TRP A 67 2.11 12.77 -3.13
N ASP A 68 3.04 13.29 -3.99
CA ASP A 68 4.51 13.25 -3.85
C ASP A 68 5.00 13.86 -2.50
N ARG A 69 4.44 15.05 -2.15
CA ARG A 69 4.53 15.75 -0.87
C ARG A 69 3.61 15.16 0.22
N ALA A 70 2.29 14.92 -0.06
CA ALA A 70 1.25 14.33 0.79
C ALA A 70 1.58 12.96 1.43
N VAL A 71 2.42 12.15 0.71
CA VAL A 71 3.14 10.92 1.12
C VAL A 71 3.95 11.08 2.41
N ASP A 72 4.60 12.27 2.63
CA ASP A 72 5.34 12.69 3.84
C ASP A 72 4.46 12.71 5.11
N PHE A 73 3.21 13.20 4.94
CA PHE A 73 2.10 13.20 5.87
C PHE A 73 1.49 11.80 6.11
N LEU A 74 1.11 11.00 5.05
CA LEU A 74 0.67 9.59 5.27
C LEU A 74 1.77 8.62 5.78
N ALA A 75 2.99 8.53 5.15
CA ALA A 75 4.11 7.68 5.58
C ALA A 75 4.68 7.89 7.00
N ALA A 76 4.30 9.01 7.69
CA ALA A 76 4.61 9.36 9.06
C ALA A 76 3.85 8.51 10.10
N ASN A 77 2.74 7.84 9.69
CA ASN A 77 1.99 6.91 10.54
C ASN A 77 1.37 5.72 9.80
N GLU A 78 1.15 5.79 8.45
CA GLU A 78 0.50 4.73 7.70
C GLU A 78 1.11 4.54 6.31
N SER A 79 1.78 3.39 6.11
CA SER A 79 2.33 2.89 4.85
C SER A 79 2.98 1.56 5.19
N ARG A 80 2.50 0.44 4.59
CA ARG A 80 2.96 -0.93 4.86
C ARG A 80 3.41 -1.62 3.56
N VAL A 81 3.32 -0.88 2.42
CA VAL A 81 3.84 -1.24 1.11
C VAL A 81 5.34 -0.88 0.99
N ARG A 82 6.17 -1.80 0.42
CA ARG A 82 7.61 -1.63 0.29
C ARG A 82 7.97 -1.28 -1.13
N THR A 83 9.05 -0.49 -1.32
CA THR A 83 9.64 -0.12 -2.60
C THR A 83 10.80 -1.06 -2.84
N GLU A 84 10.67 -1.90 -3.87
CA GLU A 84 11.64 -2.91 -4.24
C GLU A 84 12.11 -2.59 -5.63
N THR A 85 13.41 -2.83 -5.95
CA THR A 85 13.97 -2.65 -7.29
C THR A 85 13.90 -4.04 -7.93
N ARG A 86 13.01 -4.24 -8.93
CA ARG A 86 12.71 -5.56 -9.46
C ARG A 86 12.39 -5.38 -10.93
N ARG A 87 12.72 -6.41 -11.76
CA ARG A 87 12.58 -6.45 -13.21
C ARG A 87 11.19 -6.90 -13.70
N ILE A 88 10.45 -6.06 -14.46
CA ILE A 88 9.13 -6.37 -14.99
C ILE A 88 9.07 -5.90 -16.43
N GLY A 89 8.72 -6.82 -17.39
CA GLY A 89 8.67 -6.56 -18.86
C GLY A 89 10.02 -6.28 -19.49
N GLY A 90 11.10 -6.73 -18.80
CA GLY A 90 12.51 -6.46 -19.15
C GLY A 90 13.10 -5.22 -18.51
N ALA A 91 12.39 -4.48 -17.59
CA ALA A 91 12.91 -3.25 -17.03
C ALA A 91 12.77 -3.26 -15.51
N ASP A 92 13.82 -2.79 -14.77
CA ASP A 92 13.90 -2.70 -13.32
C ASP A 92 13.50 -1.31 -12.80
N PHE A 93 12.41 -1.22 -12.01
CA PHE A 93 11.90 0.04 -11.48
C PHE A 93 11.85 -0.14 -9.99
N LEU A 94 11.49 0.97 -9.26
CA LEU A 94 11.09 0.94 -7.86
C LEU A 94 9.57 0.71 -7.97
N VAL A 95 9.16 -0.51 -7.56
CA VAL A 95 7.80 -1.04 -7.68
C VAL A 95 7.31 -1.05 -6.24
N TRP A 96 6.04 -0.61 -6.01
CA TRP A 96 5.54 -0.53 -4.62
C TRP A 96 4.63 -1.77 -4.49
N ARG A 97 4.77 -2.64 -3.45
CA ARG A 97 4.06 -3.92 -3.44
C ARG A 97 3.47 -4.14 -2.07
N TRP A 98 2.24 -4.74 -1.94
CA TRP A 98 1.57 -4.93 -0.64
C TRP A 98 1.93 -6.24 0.07
N ILE A 99 2.50 -6.17 1.30
CA ILE A 99 2.87 -7.29 2.15
C ILE A 99 1.90 -7.36 3.35
N GLN A 100 1.59 -8.60 3.81
CA GLN A 100 0.64 -8.91 4.87
C GLN A 100 1.06 -10.08 5.78
N PRO A 101 1.55 -9.87 7.04
CA PRO A 101 1.96 -10.93 7.96
C PRO A 101 0.83 -11.83 8.45
N SER A 102 1.08 -13.15 8.51
CA SER A 102 0.17 -14.20 8.98
C SER A 102 -0.78 -14.68 7.88
N ALA A 103 -2.10 -14.57 8.13
CA ALA A 103 -3.20 -14.85 7.22
C ALA A 103 -3.44 -16.34 6.89
N SER A 104 -4.21 -16.66 5.81
CA SER A 104 -4.49 -18.02 5.35
C SER A 104 -3.68 -18.40 4.11
N CYS A 105 -2.82 -17.45 3.63
CA CYS A 105 -1.92 -17.51 2.47
C CYS A 105 -2.59 -17.47 1.10
N ASP A 106 -3.48 -18.45 0.81
CA ASP A 106 -4.25 -18.66 -0.43
C ASP A 106 -3.45 -19.28 -1.58
N LYS A 107 -4.04 -20.31 -2.24
CA LYS A 107 -3.44 -21.01 -3.37
C LYS A 107 -4.12 -20.59 -4.67
N ILE A 108 -3.32 -20.45 -5.76
CA ILE A 108 -3.76 -20.09 -7.10
C ILE A 108 -4.42 -21.24 -7.88
N LEU A 109 -5.76 -21.41 -7.66
CA LEU A 109 -6.64 -22.41 -8.26
C LEU A 109 -7.34 -21.90 -9.54
N VAL A 110 -6.97 -20.65 -9.95
CA VAL A 110 -7.45 -19.86 -11.08
C VAL A 110 -8.75 -19.14 -10.71
N ILE A 111 -8.63 -17.98 -10.03
CA ILE A 111 -9.71 -17.13 -9.56
C ILE A 111 -9.86 -15.94 -10.51
N PRO A 112 -11.08 -15.42 -10.90
CA PRO A 112 -11.27 -14.29 -11.81
C PRO A 112 -10.75 -12.96 -11.28
N SER A 113 -9.51 -12.60 -11.67
CA SER A 113 -8.80 -11.40 -11.26
C SER A 113 -7.61 -11.23 -12.17
N LYS A 114 -6.44 -11.91 -11.90
CA LYS A 114 -5.20 -11.92 -12.71
C LYS A 114 -4.37 -10.63 -12.72
N VAL A 115 -5.03 -9.47 -12.94
CA VAL A 115 -4.44 -8.13 -12.91
C VAL A 115 -5.11 -7.32 -11.81
N TRP A 116 -5.90 -8.05 -10.95
CA TRP A 116 -6.65 -7.63 -9.77
C TRP A 116 -7.78 -6.62 -9.99
N GLN A 117 -7.43 -5.42 -10.54
CA GLN A 117 -8.28 -4.29 -10.86
C GLN A 117 -8.97 -4.31 -12.23
N GLY A 118 -8.53 -5.18 -13.18
CA GLY A 118 -9.19 -5.39 -14.49
C GLY A 118 -8.77 -4.52 -15.65
N GLN A 119 -8.40 -3.24 -15.41
CA GLN A 119 -7.99 -2.26 -16.42
C GLN A 119 -6.55 -2.44 -16.89
N ALA A 120 -5.59 -2.45 -15.93
CA ALA A 120 -4.17 -2.68 -16.10
C ALA A 120 -3.35 -1.58 -16.79
N PHE A 121 -3.59 -1.40 -18.12
CA PHE A 121 -2.90 -0.46 -18.97
C PHE A 121 -3.94 0.19 -19.89
N HIS A 122 -4.34 1.44 -19.55
CA HIS A 122 -5.29 2.28 -20.27
C HIS A 122 -4.52 3.19 -21.22
N LEU A 123 -4.34 2.76 -22.50
CA LEU A 123 -3.55 3.43 -23.53
C LEU A 123 -4.31 4.45 -24.40
N ASP A 124 -3.55 5.11 -25.31
CA ASP A 124 -4.04 6.08 -26.27
C ASP A 124 -3.50 5.68 -27.63
N ARG A 125 -4.20 6.07 -28.73
CA ARG A 125 -3.88 5.84 -30.14
C ARG A 125 -4.04 4.41 -30.65
N ARG A 126 -3.41 3.42 -29.94
CA ARG A 126 -3.39 1.98 -30.20
C ARG A 126 -2.39 1.60 -31.28
N LEU A 127 -1.15 2.11 -31.15
CA LEU A 127 -0.01 1.99 -32.03
C LEU A 127 0.85 0.75 -31.83
N GLU A 128 0.72 0.02 -30.69
CA GLU A 128 1.46 -1.19 -30.32
C GLU A 128 0.88 -2.48 -30.90
N ARG A 129 0.56 -2.44 -32.21
CA ARG A 129 -0.04 -3.49 -33.03
C ARG A 129 0.69 -3.43 -34.38
N PRO A 130 0.79 -4.50 -35.19
CA PRO A 130 1.59 -4.56 -36.44
C PRO A 130 0.94 -3.84 -37.65
N HIS A 131 0.83 -2.49 -37.56
CA HIS A 131 0.30 -1.60 -38.59
C HIS A 131 1.41 -0.70 -39.12
N ARG A 132 1.80 0.34 -38.34
CA ARG A 132 2.82 1.33 -38.67
C ARG A 132 4.22 0.89 -38.24
N ASP A 133 4.88 0.07 -39.09
CA ASP A 133 6.20 -0.51 -38.88
C ASP A 133 7.21 0.17 -39.78
N GLY A 1 28.14 24.41 12.06
CA GLY A 1 28.27 25.83 11.85
C GLY A 1 26.99 26.53 12.17
N SER A 2 25.90 25.75 12.31
CA SER A 2 24.55 26.20 12.63
C SER A 2 23.71 24.94 12.84
N PRO A 3 22.56 24.94 13.59
CA PRO A 3 21.76 23.73 13.87
C PRO A 3 20.84 23.28 12.71
N GLU A 4 19.97 22.28 12.97
CA GLU A 4 19.01 21.74 11.99
C GLU A 4 17.58 22.00 12.42
N PHE A 5 16.65 21.96 11.44
CA PHE A 5 15.23 22.24 11.60
C PHE A 5 14.41 21.01 11.19
N ARG A 6 15.02 19.81 11.34
CA ARG A 6 14.51 18.49 10.97
C ARG A 6 13.96 17.73 12.17
N TRP A 7 13.90 18.43 13.33
CA TRP A 7 13.49 17.96 14.64
C TRP A 7 11.98 18.02 14.90
N THR A 8 11.53 18.84 15.90
CA THR A 8 10.17 19.06 16.39
C THR A 8 9.34 19.98 15.54
N LYS A 9 10.02 20.71 14.62
CA LYS A 9 9.53 21.56 13.56
C LYS A 9 8.88 20.76 12.44
N GLU A 10 9.32 19.47 12.25
CA GLU A 10 8.82 18.47 11.30
C GLU A 10 7.30 18.15 11.38
N GLU A 11 6.67 18.59 12.50
CA GLU A 11 5.27 18.67 12.88
C GLU A 11 4.47 19.67 12.06
N GLU A 12 5.09 20.76 11.53
CA GLU A 12 4.43 21.78 10.71
C GLU A 12 4.12 21.31 9.28
N GLU A 13 4.97 20.42 8.74
CA GLU A 13 4.93 19.78 7.44
C GLU A 13 3.74 18.85 7.10
N THR A 14 3.42 17.95 8.04
CA THR A 14 2.45 16.87 8.14
C THR A 14 0.98 17.31 8.11
N ARG A 15 0.67 18.56 8.59
CA ARG A 15 -0.67 19.17 8.56
C ARG A 15 -1.10 19.76 7.20
N GLN A 16 -0.40 19.28 6.15
CA GLN A 16 -0.54 19.51 4.74
C GLN A 16 -1.07 18.23 4.07
N MET A 17 -1.10 17.07 4.80
CA MET A 17 -1.61 15.76 4.36
C MET A 17 -3.10 15.69 4.19
N TYR A 18 -3.83 16.35 5.14
CA TYR A 18 -5.27 16.38 5.39
C TYR A 18 -6.20 16.73 4.23
N ASP A 19 -5.65 17.33 3.14
CA ASP A 19 -6.31 17.63 1.88
C ASP A 19 -6.33 16.40 0.94
N MET A 20 -5.24 16.16 0.15
CA MET A 20 -5.09 15.09 -0.85
C MET A 20 -4.80 13.68 -0.41
N VAL A 21 -4.17 13.45 0.78
CA VAL A 21 -3.77 12.07 1.18
C VAL A 21 -4.92 11.20 1.63
N VAL A 22 -5.95 11.82 2.27
CA VAL A 22 -7.15 11.19 2.86
C VAL A 22 -7.93 10.23 1.94
N LYS A 23 -7.99 10.49 0.59
CA LYS A 23 -8.49 9.53 -0.43
C LYS A 23 -7.54 8.36 -0.74
N ILE A 24 -6.20 8.54 -0.58
CA ILE A 24 -5.16 7.53 -0.81
C ILE A 24 -5.05 6.49 0.30
N ILE A 25 -5.20 6.84 1.60
CA ILE A 25 -5.15 5.91 2.76
C ILE A 25 -6.12 4.72 2.68
N ASP A 26 -7.27 4.95 1.99
CA ASP A 26 -8.29 4.00 1.57
C ASP A 26 -7.82 2.97 0.51
N VAL A 27 -6.69 3.17 -0.26
CA VAL A 27 -6.11 2.17 -1.19
C VAL A 27 -5.47 0.99 -0.43
N LEU A 28 -4.65 1.23 0.64
CA LEU A 28 -3.99 0.17 1.42
C LEU A 28 -4.85 -0.67 2.36
N ARG A 29 -5.65 -0.07 3.30
CA ARG A 29 -6.64 -0.64 4.24
C ARG A 29 -7.76 -1.49 3.62
N SER A 30 -8.09 -1.20 2.35
CA SER A 30 -9.20 -1.78 1.56
C SER A 30 -8.93 -3.17 1.05
N HIS A 31 -7.74 -3.42 0.43
CA HIS A 31 -7.32 -4.75 0.01
C HIS A 31 -6.92 -5.62 1.24
N ASN A 32 -6.39 -4.93 2.31
CA ASN A 32 -5.95 -5.32 3.63
C ASN A 32 -6.94 -6.11 4.47
N GLU A 33 -8.26 -5.83 4.35
CA GLU A 33 -9.34 -6.62 4.95
C GLU A 33 -9.61 -7.97 4.27
N ALA A 34 -9.50 -8.05 2.93
CA ALA A 34 -9.52 -9.23 2.07
C ALA A 34 -8.28 -10.06 2.12
N CYS A 35 -7.15 -9.40 2.48
CA CYS A 35 -5.79 -9.92 2.51
C CYS A 35 -5.55 -11.13 3.36
N GLN A 36 -6.32 -11.25 4.49
CA GLN A 36 -6.32 -12.31 5.49
C GLN A 36 -6.46 -13.76 5.01
N GLU A 37 -6.85 -13.86 3.72
CA GLU A 37 -7.21 -15.04 2.95
C GLU A 37 -6.23 -15.36 1.83
N ASN A 38 -5.37 -14.42 1.43
CA ASN A 38 -4.56 -14.62 0.26
C ASN A 38 -3.15 -14.46 0.69
N LYS A 39 -2.21 -15.10 -0.05
CA LYS A 39 -0.77 -15.02 0.21
C LYS A 39 -0.18 -13.64 -0.05
N ASP A 40 -0.38 -13.14 -1.29
CA ASP A 40 -0.13 -11.81 -1.74
C ASP A 40 -1.16 -11.55 -2.82
N LEU A 41 -2.40 -11.04 -2.52
CA LEU A 41 -3.46 -10.65 -3.47
C LEU A 41 -3.09 -9.48 -4.41
N GLN A 42 -2.22 -8.58 -3.92
CA GLN A 42 -1.46 -7.50 -4.51
C GLN A 42 -0.07 -7.95 -4.99
N PRO A 43 0.33 -9.14 -5.61
CA PRO A 43 1.70 -9.71 -5.76
C PRO A 43 2.79 -8.67 -6.13
N TYR A 44 2.40 -7.64 -6.94
CA TYR A 44 3.10 -6.39 -7.12
C TYR A 44 2.00 -5.38 -7.56
N MET A 45 2.26 -4.06 -7.39
CA MET A 45 1.50 -2.90 -7.88
C MET A 45 2.55 -1.83 -8.24
N PRO A 46 2.44 -0.96 -9.28
CA PRO A 46 3.31 0.22 -9.47
C PRO A 46 2.89 1.38 -8.54
N ILE A 47 3.59 2.55 -8.56
CA ILE A 47 3.18 3.76 -7.82
C ILE A 47 1.85 4.34 -8.37
N PRO A 48 1.65 4.64 -9.68
CA PRO A 48 0.38 4.92 -10.34
C PRO A 48 -0.83 4.01 -10.17
N HIS A 49 -0.75 2.73 -9.71
CA HIS A 49 -1.93 1.89 -9.32
C HIS A 49 -2.70 2.54 -8.16
N VAL A 50 -1.94 2.96 -7.11
CA VAL A 50 -2.42 3.78 -5.97
C VAL A 50 -2.65 5.23 -6.38
N ARG A 51 -1.83 5.78 -7.33
CA ARG A 51 -2.13 7.05 -7.99
C ARG A 51 -3.37 7.04 -8.88
N ASP A 52 -3.78 5.93 -9.56
CA ASP A 52 -5.05 5.78 -10.35
C ASP A 52 -6.37 6.01 -9.55
N SER A 53 -6.27 6.03 -8.20
CA SER A 53 -7.32 6.22 -7.22
C SER A 53 -7.60 7.66 -6.76
N LEU A 54 -6.61 8.62 -6.86
CA LEU A 54 -6.70 9.96 -6.25
C LEU A 54 -7.73 10.87 -6.93
N ILE A 55 -8.03 10.54 -8.22
CA ILE A 55 -9.05 11.14 -9.11
C ILE A 55 -9.39 10.05 -10.17
N GLN A 56 -10.64 10.03 -10.73
CA GLN A 56 -11.19 9.08 -11.71
C GLN A 56 -11.13 9.32 -13.26
N PRO A 57 -11.57 10.43 -13.89
CA PRO A 57 -11.71 10.57 -15.36
C PRO A 57 -10.41 10.99 -16.08
N HIS A 58 -10.44 12.12 -16.84
CA HIS A 58 -9.36 12.77 -17.59
C HIS A 58 -8.37 13.54 -16.71
N ASP A 59 -8.83 14.05 -15.53
CA ASP A 59 -8.09 14.79 -14.52
C ASP A 59 -7.46 13.84 -13.53
N ARG A 60 -7.51 12.49 -13.75
CA ARG A 60 -7.02 11.38 -12.89
C ARG A 60 -5.64 11.52 -12.33
N LYS A 61 -4.70 11.98 -13.17
CA LYS A 61 -3.34 12.40 -12.91
C LYS A 61 -3.14 13.70 -12.18
N LYS A 62 -4.09 14.66 -12.21
CA LYS A 62 -4.00 15.98 -11.59
C LYS A 62 -3.65 16.08 -10.08
N MET A 63 -3.81 15.03 -9.25
CA MET A 63 -3.21 15.00 -7.91
C MET A 63 -2.15 13.90 -7.83
N LYS A 64 -1.76 13.20 -8.97
CA LYS A 64 -0.67 12.21 -9.04
C LYS A 64 0.68 12.91 -8.94
N LYS A 65 0.78 14.12 -9.58
CA LYS A 65 1.96 15.01 -9.55
C LYS A 65 2.27 15.59 -8.14
N VAL A 66 1.17 15.84 -7.36
CA VAL A 66 1.06 16.31 -5.99
C VAL A 66 1.40 15.20 -5.00
N TRP A 67 1.09 13.92 -5.33
CA TRP A 67 1.34 12.70 -4.56
C TRP A 67 2.81 12.49 -4.17
N ASP A 68 3.78 12.84 -5.06
CA ASP A 68 5.23 12.86 -4.89
C ASP A 68 5.69 13.73 -3.69
N ARG A 69 5.00 14.89 -3.51
CA ARG A 69 5.04 15.76 -2.34
C ARG A 69 4.19 15.21 -1.18
N ALA A 70 2.88 14.90 -1.40
CA ALA A 70 1.90 14.35 -0.44
C ALA A 70 2.28 13.08 0.33
N VAL A 71 3.10 12.19 -0.33
CA VAL A 71 3.85 10.99 0.11
C VAL A 71 4.70 11.25 1.33
N ASP A 72 5.42 12.43 1.37
CA ASP A 72 6.31 12.94 2.43
C ASP A 72 5.66 12.99 3.82
N PHE A 73 4.37 13.42 3.86
CA PHE A 73 3.52 13.45 5.05
C PHE A 73 3.09 12.07 5.57
N LEU A 74 2.40 11.20 4.74
CA LEU A 74 2.02 9.79 5.05
C LEU A 74 3.18 8.83 5.33
N ALA A 75 4.22 8.79 4.44
CA ALA A 75 5.40 7.95 4.55
C ALA A 75 6.35 8.22 5.74
N ALA A 76 6.20 9.38 6.47
CA ALA A 76 6.90 9.68 7.70
C ALA A 76 6.27 9.04 8.96
N ASN A 77 5.23 8.16 8.78
CA ASN A 77 4.54 7.40 9.82
C ASN A 77 4.94 5.92 9.71
N GLU A 78 4.22 5.14 8.86
CA GLU A 78 4.44 3.73 8.54
C GLU A 78 3.47 3.50 7.41
N SER A 79 3.56 2.38 6.65
CA SER A 79 2.65 2.15 5.52
C SER A 79 2.43 0.65 5.35
N ARG A 80 1.15 0.21 5.20
CA ARG A 80 0.67 -1.18 5.09
C ARG A 80 0.87 -1.83 3.70
N VAL A 81 1.93 -1.41 2.95
CA VAL A 81 2.33 -1.84 1.62
C VAL A 81 3.83 -1.49 1.59
N ARG A 82 4.74 -2.38 1.11
CA ARG A 82 6.20 -2.21 1.18
C ARG A 82 6.84 -1.89 -0.17
N THR A 83 7.79 -0.90 -0.21
CA THR A 83 8.51 -0.38 -1.38
C THR A 83 9.83 -1.08 -1.66
N GLU A 84 10.02 -1.64 -2.88
CA GLU A 84 11.21 -2.34 -3.27
C GLU A 84 11.74 -1.70 -4.54
N THR A 85 13.08 -1.76 -4.77
CA THR A 85 13.77 -1.40 -6.01
C THR A 85 13.80 -2.70 -6.83
N ARG A 86 13.03 -2.76 -7.94
CA ARG A 86 12.88 -4.02 -8.69
C ARG A 86 12.89 -3.70 -10.15
N ARG A 87 13.55 -4.56 -10.99
CA ARG A 87 13.74 -4.37 -12.41
C ARG A 87 12.63 -5.00 -13.27
N ILE A 88 11.89 -4.20 -14.05
CA ILE A 88 10.79 -4.64 -14.91
C ILE A 88 10.93 -3.97 -16.26
N GLY A 89 10.98 -4.76 -17.37
CA GLY A 89 11.22 -4.28 -18.77
C GLY A 89 12.62 -3.75 -19.01
N GLY A 90 13.57 -4.17 -18.13
CA GLY A 90 14.96 -3.69 -18.07
C GLY A 90 15.16 -2.42 -17.25
N ALA A 91 14.19 -1.96 -16.42
CA ALA A 91 14.30 -0.73 -15.67
C ALA A 91 13.85 -0.94 -14.22
N ASP A 92 14.63 -0.42 -13.24
CA ASP A 92 14.48 -0.51 -11.81
C ASP A 92 13.72 0.69 -11.23
N PHE A 93 12.51 0.47 -10.66
CA PHE A 93 11.66 1.52 -10.10
C PHE A 93 11.41 1.18 -8.65
N LEU A 94 10.70 2.09 -7.92
CA LEU A 94 10.22 1.83 -6.56
C LEU A 94 8.80 1.32 -6.78
N VAL A 95 8.61 0.01 -6.54
CA VAL A 95 7.39 -0.72 -6.83
C VAL A 95 6.88 -1.12 -5.46
N TRP A 96 5.55 -1.12 -5.27
CA TRP A 96 5.00 -1.51 -3.95
C TRP A 96 4.47 -2.96 -4.07
N ARG A 97 4.46 -3.78 -2.99
CA ARG A 97 3.88 -5.12 -3.02
C ARG A 97 3.60 -5.46 -1.59
N TRP A 98 2.60 -6.32 -1.25
CA TRP A 98 2.32 -6.68 0.17
C TRP A 98 2.30 -8.08 0.75
N ILE A 99 2.71 -8.13 2.05
CA ILE A 99 2.77 -9.20 3.02
C ILE A 99 1.40 -9.28 3.70
N GLN A 100 0.62 -10.36 3.44
CA GLN A 100 -0.77 -10.51 3.90
C GLN A 100 -0.86 -11.65 4.95
N PRO A 101 -1.13 -11.48 6.27
CA PRO A 101 -1.18 -12.57 7.26
C PRO A 101 -2.30 -13.61 7.12
N SER A 102 -1.97 -14.92 7.14
CA SER A 102 -2.87 -16.09 7.09
C SER A 102 -3.18 -16.61 5.68
N ALA A 103 -3.23 -17.97 5.60
CA ALA A 103 -3.61 -18.76 4.45
C ALA A 103 -5.09 -19.17 4.59
N SER A 104 -5.62 -20.02 3.68
CA SER A 104 -7.00 -20.51 3.70
C SER A 104 -7.04 -21.94 4.27
N CYS A 105 -7.45 -22.93 3.44
CA CYS A 105 -7.47 -24.35 3.76
C CYS A 105 -6.19 -24.95 3.21
N ASP A 106 -6.20 -25.43 1.94
CA ASP A 106 -5.05 -25.96 1.24
C ASP A 106 -4.90 -25.17 -0.05
N LYS A 107 -4.61 -23.85 0.05
CA LYS A 107 -4.47 -22.97 -1.11
C LYS A 107 -3.00 -22.63 -1.31
N ILE A 108 -2.57 -22.56 -2.60
CA ILE A 108 -1.24 -22.13 -3.04
C ILE A 108 -1.30 -20.67 -3.48
N LEU A 109 -1.91 -20.38 -4.66
CA LEU A 109 -2.17 -19.08 -5.24
C LEU A 109 -3.41 -19.31 -6.07
N VAL A 110 -4.37 -18.32 -6.16
CA VAL A 110 -5.64 -18.45 -6.87
C VAL A 110 -5.59 -18.12 -8.38
N ILE A 111 -4.39 -17.73 -8.88
CA ILE A 111 -4.14 -17.45 -10.30
C ILE A 111 -3.03 -18.39 -10.82
N PRO A 112 -3.33 -19.58 -11.42
CA PRO A 112 -2.32 -20.56 -11.87
C PRO A 112 -1.69 -20.20 -13.22
N SER A 113 -0.93 -19.09 -13.29
CA SER A 113 -0.20 -18.63 -14.46
C SER A 113 1.22 -18.37 -14.01
N LYS A 114 2.23 -18.94 -14.75
CA LYS A 114 3.65 -18.86 -14.45
C LYS A 114 4.34 -18.29 -15.68
N VAL A 115 3.85 -17.11 -16.15
CA VAL A 115 4.23 -16.38 -17.36
C VAL A 115 5.62 -15.73 -17.42
N TRP A 116 6.67 -16.53 -17.13
CA TRP A 116 8.08 -16.16 -17.08
C TRP A 116 8.79 -16.46 -18.42
N GLN A 117 8.13 -17.24 -19.30
CA GLN A 117 8.59 -17.61 -20.63
C GLN A 117 7.46 -17.16 -21.58
N GLY A 118 7.65 -17.28 -22.94
CA GLY A 118 6.58 -17.00 -23.92
C GLY A 118 5.58 -18.14 -24.08
N GLN A 119 4.27 -17.88 -23.84
CA GLN A 119 3.17 -18.86 -23.84
C GLN A 119 2.71 -19.39 -25.21
N ALA A 120 3.64 -20.02 -25.98
CA ALA A 120 3.43 -20.61 -27.30
C ALA A 120 2.73 -21.97 -27.28
N PHE A 121 1.56 -22.02 -26.59
CA PHE A 121 0.61 -23.12 -26.39
C PHE A 121 1.15 -24.38 -25.72
N HIS A 122 1.90 -25.20 -26.49
CA HIS A 122 2.51 -26.45 -26.06
C HIS A 122 3.67 -26.74 -27.00
N LEU A 123 4.58 -25.74 -27.14
CA LEU A 123 5.80 -25.69 -27.95
C LEU A 123 5.57 -25.34 -29.42
N ASP A 124 4.67 -24.35 -29.72
CA ASP A 124 4.34 -23.93 -31.08
C ASP A 124 5.33 -22.92 -31.65
N ARG A 125 6.54 -23.40 -32.07
CA ARG A 125 7.63 -22.67 -32.71
C ARG A 125 8.41 -21.69 -31.82
N ARG A 126 7.67 -20.77 -31.15
CA ARG A 126 8.11 -19.71 -30.25
C ARG A 126 8.43 -20.16 -28.80
N LEU A 127 8.78 -21.45 -28.63
CA LEU A 127 9.26 -22.01 -27.38
C LEU A 127 9.99 -23.32 -27.69
N GLU A 128 10.57 -23.46 -28.92
CA GLU A 128 11.33 -24.64 -29.34
C GLU A 128 12.80 -24.27 -29.40
N ARG A 129 13.57 -24.61 -28.34
CA ARG A 129 14.99 -24.31 -28.19
C ARG A 129 15.90 -25.50 -28.54
N PRO A 130 16.06 -26.66 -27.83
CA PRO A 130 16.95 -27.77 -28.24
C PRO A 130 16.33 -28.64 -29.35
N HIS A 131 16.04 -28.02 -30.51
CA HIS A 131 15.30 -28.56 -31.64
C HIS A 131 16.14 -29.20 -32.74
N ARG A 132 17.44 -28.83 -32.84
CA ARG A 132 18.45 -29.30 -33.79
C ARG A 132 18.28 -28.79 -35.23
N ASP A 133 17.15 -29.14 -35.88
CA ASP A 133 16.84 -28.79 -37.27
C ASP A 133 15.48 -28.09 -37.30
N GLY A 1 17.32 8.29 21.83
CA GLY A 1 15.94 7.92 22.06
C GLY A 1 15.28 9.00 22.85
N SER A 2 15.95 10.16 22.98
CA SER A 2 15.51 11.34 23.70
C SER A 2 15.21 12.47 22.70
N PRO A 3 13.95 12.82 22.37
CA PRO A 3 13.63 13.94 21.49
C PRO A 3 13.56 15.29 22.25
N GLU A 4 13.28 16.37 21.50
CA GLU A 4 13.11 17.74 21.99
C GLU A 4 11.66 18.13 21.73
N PHE A 5 11.37 19.44 21.46
CA PHE A 5 10.05 19.95 21.08
C PHE A 5 9.88 19.77 19.56
N ARG A 6 9.80 18.49 19.11
CA ARG A 6 9.79 18.04 17.73
C ARG A 6 8.40 17.74 17.18
N TRP A 7 7.36 18.01 18.01
CA TRP A 7 5.92 17.86 17.88
C TRP A 7 5.22 18.11 16.53
N THR A 8 4.93 19.40 16.21
CA THR A 8 4.30 19.87 14.99
C THR A 8 5.33 20.43 14.01
N LYS A 9 6.62 20.66 14.46
CA LYS A 9 7.79 21.26 13.77
C LYS A 9 8.13 20.70 12.39
N GLU A 10 7.79 19.40 12.19
CA GLU A 10 7.72 18.59 10.98
C GLU A 10 6.83 19.15 9.86
N GLU A 11 5.99 20.19 10.16
CA GLU A 11 4.84 20.80 9.47
C GLU A 11 4.99 21.12 8.00
N GLU A 12 6.24 21.44 7.51
CA GLU A 12 6.57 21.64 6.10
C GLU A 12 6.38 20.37 5.24
N GLU A 13 6.70 19.18 5.83
CA GLU A 13 6.52 17.84 5.26
C GLU A 13 5.09 17.32 4.98
N THR A 14 4.21 17.50 5.97
CA THR A 14 2.82 17.17 6.19
C THR A 14 1.95 18.18 5.41
N ARG A 15 2.19 19.51 5.64
CA ARG A 15 1.64 20.71 5.00
C ARG A 15 0.16 20.75 4.62
N GLN A 16 -0.12 20.25 3.40
CA GLN A 16 -1.41 20.22 2.74
C GLN A 16 -1.94 18.79 2.54
N MET A 17 -1.22 17.71 3.00
CA MET A 17 -1.59 16.28 2.96
C MET A 17 -2.93 15.95 3.59
N TYR A 18 -3.28 16.75 4.66
CA TYR A 18 -4.47 16.76 5.53
C TYR A 18 -5.81 16.81 4.76
N ASP A 19 -5.80 17.18 3.45
CA ASP A 19 -6.90 17.01 2.50
C ASP A 19 -6.75 15.65 1.77
N MET A 20 -5.87 15.59 0.72
CA MET A 20 -5.60 14.49 -0.23
C MET A 20 -5.21 13.12 0.29
N VAL A 21 -4.59 13.04 1.50
CA VAL A 21 -4.30 11.75 2.17
C VAL A 21 -5.51 11.09 2.79
N VAL A 22 -6.51 11.85 3.34
CA VAL A 22 -7.73 11.33 4.00
C VAL A 22 -8.58 10.34 3.19
N LYS A 23 -8.89 10.59 1.89
CA LYS A 23 -9.52 9.63 0.97
C LYS A 23 -8.63 8.50 0.45
N ILE A 24 -7.27 8.72 0.38
CA ILE A 24 -6.27 7.75 -0.10
C ILE A 24 -5.97 6.65 0.92
N ILE A 25 -5.86 6.96 2.26
CA ILE A 25 -5.62 5.99 3.38
C ILE A 25 -6.61 4.82 3.43
N ASP A 26 -7.86 5.07 2.95
CA ASP A 26 -8.92 4.11 2.67
C ASP A 26 -8.61 3.12 1.53
N VAL A 27 -7.62 3.38 0.61
CA VAL A 27 -7.10 2.45 -0.42
C VAL A 27 -6.30 1.31 0.24
N LEU A 28 -5.31 1.64 1.14
CA LEU A 28 -4.45 0.69 1.84
C LEU A 28 -5.15 -0.14 2.93
N ARG A 29 -5.87 0.45 3.91
CA ARG A 29 -6.67 -0.21 4.97
C ARG A 29 -7.74 -1.20 4.51
N SER A 30 -8.30 -0.98 3.29
CA SER A 30 -9.32 -1.76 2.57
C SER A 30 -8.80 -3.02 1.88
N HIS A 31 -7.73 -2.84 1.04
CA HIS A 31 -6.89 -3.79 0.32
C HIS A 31 -6.27 -4.81 1.27
N ASN A 32 -5.87 -4.32 2.48
CA ASN A 32 -5.23 -5.08 3.55
C ASN A 32 -6.07 -6.16 4.23
N GLU A 33 -7.41 -5.93 4.50
CA GLU A 33 -8.36 -6.89 5.10
C GLU A 33 -8.73 -8.02 4.15
N ALA A 34 -8.79 -7.62 2.86
CA ALA A 34 -8.97 -8.43 1.67
C ALA A 34 -7.74 -9.26 1.29
N CYS A 35 -6.51 -8.78 1.68
CA CYS A 35 -5.21 -9.39 1.36
C CYS A 35 -4.87 -10.63 2.15
N GLN A 36 -5.29 -10.72 3.44
CA GLN A 36 -5.13 -11.83 4.39
C GLN A 36 -5.91 -13.09 4.03
N GLU A 37 -6.84 -12.94 3.06
CA GLU A 37 -7.70 -13.98 2.48
C GLU A 37 -7.03 -14.64 1.28
N ASN A 38 -6.06 -13.90 0.70
CA ASN A 38 -5.27 -14.19 -0.45
C ASN A 38 -3.87 -14.44 0.03
N LYS A 39 -2.95 -14.68 -0.95
CA LYS A 39 -1.51 -14.86 -0.78
C LYS A 39 -0.87 -13.53 -0.42
N ASP A 40 -0.93 -12.59 -1.35
CA ASP A 40 -0.72 -11.18 -1.19
C ASP A 40 -1.65 -10.86 -2.34
N LEU A 41 -2.74 -10.08 -2.25
CA LEU A 41 -3.63 -9.87 -3.43
C LEU A 41 -3.04 -9.09 -4.62
N GLN A 42 -2.04 -8.21 -4.33
CA GLN A 42 -1.23 -7.30 -5.08
C GLN A 42 0.20 -7.59 -5.49
N PRO A 43 0.81 -8.75 -5.90
CA PRO A 43 2.26 -9.10 -5.88
C PRO A 43 3.31 -8.00 -6.23
N TYR A 44 2.94 -6.96 -7.03
CA TYR A 44 3.58 -5.67 -7.18
C TYR A 44 2.47 -4.70 -7.67
N MET A 45 2.67 -3.37 -7.42
CA MET A 45 1.81 -2.22 -7.79
C MET A 45 2.73 -1.01 -8.06
N PRO A 46 2.68 -0.17 -9.12
CA PRO A 46 3.62 0.97 -9.30
C PRO A 46 3.38 2.13 -8.29
N ILE A 47 4.29 3.15 -8.14
CA ILE A 47 4.10 4.39 -7.33
C ILE A 47 2.82 5.18 -7.77
N PRO A 48 2.59 5.36 -9.09
CA PRO A 48 1.31 5.55 -9.73
C PRO A 48 0.14 4.57 -9.44
N HIS A 49 0.17 3.32 -8.82
CA HIS A 49 -1.08 2.49 -8.57
C HIS A 49 -2.16 3.27 -7.83
N VAL A 50 -1.69 4.12 -6.88
CA VAL A 50 -2.42 5.09 -6.09
C VAL A 50 -2.96 6.26 -6.99
N ARG A 51 -2.23 6.65 -8.10
CA ARG A 51 -2.75 7.42 -9.27
C ARG A 51 -4.03 6.82 -9.90
N ASP A 52 -4.19 5.46 -9.94
CA ASP A 52 -5.47 4.85 -10.33
C ASP A 52 -6.63 5.02 -9.29
N SER A 53 -6.32 5.44 -8.02
CA SER A 53 -7.27 5.73 -6.96
C SER A 53 -7.74 7.18 -6.84
N LEU A 54 -6.78 8.16 -6.92
CA LEU A 54 -6.97 9.57 -6.55
C LEU A 54 -7.91 10.33 -7.49
N ILE A 55 -7.97 9.90 -8.77
CA ILE A 55 -8.86 10.38 -9.84
C ILE A 55 -8.99 9.22 -10.85
N GLN A 56 -10.15 9.06 -11.55
CA GLN A 56 -10.48 8.03 -12.55
C GLN A 56 -10.18 8.26 -14.07
N PRO A 57 -10.53 9.37 -14.77
CA PRO A 57 -10.44 9.51 -16.24
C PRO A 57 -9.04 9.92 -16.75
N HIS A 58 -8.98 10.82 -17.77
CA HIS A 58 -7.83 11.45 -18.43
C HIS A 58 -7.00 12.38 -17.53
N ASP A 59 -7.66 12.97 -16.50
CA ASP A 59 -7.14 13.82 -15.45
C ASP A 59 -6.59 13.02 -14.27
N ARG A 60 -6.47 11.65 -14.34
CA ARG A 60 -6.01 10.71 -13.31
C ARG A 60 -4.73 11.10 -12.60
N LYS A 61 -3.73 11.60 -13.38
CA LYS A 61 -2.47 12.18 -12.94
C LYS A 61 -2.53 13.53 -12.23
N LYS A 62 -3.58 14.35 -12.45
CA LYS A 62 -3.75 15.68 -11.86
C LYS A 62 -3.66 15.86 -10.34
N MET A 63 -3.90 14.80 -9.53
CA MET A 63 -3.59 14.81 -8.09
C MET A 63 -2.51 13.79 -7.77
N LYS A 64 -1.84 13.13 -8.79
CA LYS A 64 -0.65 12.30 -8.61
C LYS A 64 0.56 13.21 -8.29
N LYS A 65 0.59 14.42 -8.94
CA LYS A 65 1.57 15.51 -8.74
C LYS A 65 1.68 16.05 -7.29
N VAL A 66 0.52 16.36 -6.62
CA VAL A 66 0.43 16.73 -5.18
C VAL A 66 0.55 15.51 -4.28
N TRP A 67 0.07 14.31 -4.72
CA TRP A 67 0.16 13.04 -4.02
C TRP A 67 1.62 12.60 -3.76
N ASP A 68 2.56 12.94 -4.70
CA ASP A 68 4.02 12.76 -4.60
C ASP A 68 4.65 13.50 -3.41
N ARG A 69 4.10 14.69 -3.06
CA ARG A 69 4.29 15.41 -1.80
C ARG A 69 3.44 14.84 -0.63
N ALA A 70 2.08 14.69 -0.78
CA ALA A 70 1.09 14.20 0.20
C ALA A 70 1.39 12.81 0.81
N VAL A 71 2.01 11.92 -0.02
CA VAL A 71 2.61 10.62 0.28
C VAL A 71 3.76 10.68 1.26
N ASP A 72 4.55 11.82 1.30
CA ASP A 72 5.68 12.09 2.20
C ASP A 72 5.32 11.96 3.69
N PHE A 73 4.17 12.53 4.19
CA PHE A 73 3.71 12.21 5.57
C PHE A 73 3.26 10.70 5.78
N LEU A 74 2.37 10.16 4.88
CA LEU A 74 1.84 8.76 4.81
C LEU A 74 2.93 7.68 4.77
N ALA A 75 3.92 7.77 3.84
CA ALA A 75 5.09 6.91 3.77
C ALA A 75 6.15 7.05 4.89
N ALA A 76 6.36 8.26 5.51
CA ALA A 76 7.32 8.48 6.59
C ALA A 76 6.92 7.98 7.98
N ASN A 77 5.67 7.46 8.16
CA ASN A 77 5.17 6.89 9.41
C ASN A 77 5.14 5.37 9.38
N GLU A 78 5.42 4.75 8.19
CA GLU A 78 5.46 3.32 7.92
C GLU A 78 4.10 2.69 7.61
N SER A 79 3.87 2.45 6.30
CA SER A 79 2.70 1.79 5.71
C SER A 79 2.87 0.29 5.56
N ARG A 80 1.77 -0.50 5.31
CA ARG A 80 1.84 -1.95 5.14
C ARG A 80 2.26 -2.43 3.74
N VAL A 81 2.25 -1.52 2.73
CA VAL A 81 2.77 -1.67 1.37
C VAL A 81 4.25 -1.20 1.42
N ARG A 82 5.22 -2.04 0.97
CA ARG A 82 6.67 -1.84 1.08
C ARG A 82 7.19 -1.34 -0.24
N THR A 83 8.36 -0.63 -0.26
CA THR A 83 9.07 -0.20 -1.47
C THR A 83 10.11 -1.25 -1.82
N GLU A 84 10.03 -1.86 -3.01
CA GLU A 84 10.95 -2.90 -3.44
C GLU A 84 11.61 -2.43 -4.73
N THR A 85 12.92 -2.72 -4.95
CA THR A 85 13.64 -2.38 -6.17
C THR A 85 13.65 -3.62 -7.06
N ARG A 86 12.91 -3.60 -8.20
CA ARG A 86 12.72 -4.76 -9.04
C ARG A 86 12.74 -4.28 -10.48
N ARG A 87 13.27 -5.12 -11.42
CA ARG A 87 13.36 -4.90 -12.86
C ARG A 87 12.09 -5.31 -13.59
N ILE A 88 11.43 -4.40 -14.35
CA ILE A 88 10.21 -4.65 -15.11
C ILE A 88 10.38 -4.01 -16.46
N GLY A 89 10.26 -4.81 -17.58
CA GLY A 89 10.42 -4.34 -18.99
C GLY A 89 11.79 -3.84 -19.36
N GLY A 90 12.82 -4.32 -18.62
CA GLY A 90 14.21 -3.86 -18.73
C GLY A 90 14.62 -2.74 -17.77
N ALA A 91 13.74 -2.24 -16.86
CA ALA A 91 14.12 -1.12 -16.01
C ALA A 91 13.72 -1.40 -14.57
N ASP A 92 14.63 -1.08 -13.60
CA ASP A 92 14.50 -1.28 -12.17
C ASP A 92 13.97 -0.02 -11.46
N PHE A 93 12.80 -0.09 -10.80
CA PHE A 93 12.15 1.03 -10.15
C PHE A 93 11.88 0.63 -8.72
N LEU A 94 11.44 1.62 -7.90
CA LEU A 94 10.92 1.40 -6.55
C LEU A 94 9.42 1.23 -6.77
N VAL A 95 8.93 -0.01 -6.58
CA VAL A 95 7.56 -0.44 -6.78
C VAL A 95 7.00 -0.51 -5.37
N TRP A 96 5.68 -0.39 -5.19
CA TRP A 96 5.14 -0.75 -3.84
C TRP A 96 4.56 -2.17 -4.00
N ARG A 97 4.57 -3.03 -2.96
CA ARG A 97 3.93 -4.35 -3.06
C ARG A 97 3.56 -4.67 -1.66
N TRP A 98 2.53 -5.52 -1.39
CA TRP A 98 2.16 -5.83 0.00
C TRP A 98 2.09 -7.17 0.66
N ILE A 99 2.43 -7.17 1.98
CA ILE A 99 2.36 -8.27 2.93
C ILE A 99 1.08 -8.10 3.76
N GLN A 100 0.51 -9.22 4.25
CA GLN A 100 -0.78 -9.36 4.91
C GLN A 100 -0.71 -10.28 6.14
N PRO A 101 -1.60 -10.13 7.16
CA PRO A 101 -1.78 -11.05 8.28
C PRO A 101 -2.25 -12.49 7.96
N SER A 102 -2.04 -13.43 8.92
CA SER A 102 -2.50 -14.83 8.94
C SER A 102 -1.66 -15.82 8.12
N ALA A 103 -2.08 -17.11 8.07
CA ALA A 103 -1.40 -18.20 7.39
C ALA A 103 -2.37 -18.93 6.47
N SER A 104 -3.06 -18.12 5.62
CA SER A 104 -4.13 -18.48 4.70
C SER A 104 -3.69 -19.24 3.45
N CYS A 105 -2.66 -18.70 2.75
CA CYS A 105 -2.01 -19.35 1.60
C CYS A 105 -0.53 -19.47 1.96
N ASP A 106 0.18 -20.48 1.38
CA ASP A 106 1.58 -20.85 1.66
C ASP A 106 2.65 -19.89 1.10
N LYS A 107 2.63 -18.63 1.57
CA LYS A 107 3.56 -17.54 1.24
C LYS A 107 4.78 -17.57 2.14
N ILE A 108 4.60 -18.11 3.40
CA ILE A 108 5.58 -18.31 4.47
C ILE A 108 5.97 -17.01 5.19
N LEU A 109 6.39 -16.02 4.37
CA LEU A 109 6.88 -14.69 4.66
C LEU A 109 8.34 -14.71 5.05
N VAL A 110 9.19 -15.12 4.07
CA VAL A 110 10.64 -15.26 4.17
C VAL A 110 11.37 -13.91 4.17
N ILE A 111 10.75 -12.87 3.51
CA ILE A 111 11.14 -11.48 3.33
C ILE A 111 12.10 -11.30 2.14
N PRO A 112 11.79 -10.54 1.05
CA PRO A 112 12.65 -10.37 -0.13
C PRO A 112 13.78 -9.36 0.12
N SER A 113 14.77 -9.71 0.95
CA SER A 113 15.92 -8.87 1.29
C SER A 113 16.75 -9.74 2.19
N LYS A 114 17.97 -9.30 2.62
CA LYS A 114 18.86 -9.95 3.59
C LYS A 114 19.60 -11.22 3.14
N VAL A 115 18.87 -12.13 2.45
CA VAL A 115 19.28 -13.43 1.92
C VAL A 115 20.02 -13.36 0.59
N TRP A 116 20.88 -14.39 0.33
CA TRP A 116 21.69 -14.60 -0.85
C TRP A 116 20.88 -15.25 -1.99
N GLN A 117 20.73 -14.57 -3.15
CA GLN A 117 19.92 -15.07 -4.26
C GLN A 117 20.57 -14.68 -5.57
N GLY A 118 20.24 -15.46 -6.65
CA GLY A 118 20.78 -15.37 -8.01
C GLY A 118 22.05 -16.16 -8.20
N GLN A 119 23.14 -15.70 -7.54
CA GLN A 119 24.49 -16.24 -7.53
C GLN A 119 24.68 -17.41 -6.55
N ALA A 120 23.95 -18.51 -6.86
CA ALA A 120 23.92 -19.75 -6.09
C ALA A 120 23.22 -20.85 -6.89
N PHE A 121 22.04 -20.52 -7.49
CA PHE A 121 21.10 -21.36 -8.25
C PHE A 121 20.00 -21.92 -7.33
N HIS A 122 18.71 -21.85 -7.78
CA HIS A 122 17.53 -22.34 -7.05
C HIS A 122 16.97 -23.60 -7.68
N LEU A 123 17.85 -24.48 -8.22
CA LEU A 123 17.53 -25.74 -8.91
C LEU A 123 17.13 -26.90 -7.98
N ASP A 124 16.02 -26.64 -7.26
CA ASP A 124 15.34 -27.47 -6.28
C ASP A 124 13.92 -26.95 -6.26
N ARG A 125 13.77 -25.59 -6.18
CA ARG A 125 12.52 -24.85 -6.20
C ARG A 125 12.46 -24.03 -7.47
N ARG A 126 12.49 -24.70 -8.65
CA ARG A 126 12.37 -24.11 -9.98
C ARG A 126 11.17 -24.84 -10.55
N LEU A 127 9.97 -24.17 -10.53
CA LEU A 127 8.64 -24.67 -10.87
C LEU A 127 7.98 -25.24 -9.61
N GLU A 128 8.74 -26.00 -8.78
CA GLU A 128 8.33 -26.60 -7.51
C GLU A 128 8.35 -25.58 -6.35
N ARG A 129 7.61 -24.47 -6.55
CA ARG A 129 7.39 -23.38 -5.61
C ARG A 129 5.97 -23.54 -5.05
N PRO A 130 5.64 -23.07 -3.83
CA PRO A 130 4.35 -23.30 -3.18
C PRO A 130 3.22 -22.43 -3.76
N HIS A 131 2.39 -22.99 -4.67
CA HIS A 131 1.25 -22.35 -5.31
C HIS A 131 -0.06 -22.89 -4.70
N ARG A 132 -1.18 -22.94 -5.48
CA ARG A 132 -2.49 -23.37 -5.02
C ARG A 132 -2.92 -24.66 -5.72
N ASP A 133 -2.18 -25.77 -5.48
CA ASP A 133 -2.41 -27.09 -6.06
C ASP A 133 -3.06 -28.00 -5.01
N GLY A 1 24.04 22.98 15.41
CA GLY A 1 23.81 21.56 15.43
C GLY A 1 22.58 21.27 14.62
N SER A 2 22.11 20.01 14.62
CA SER A 2 20.91 19.57 13.89
C SER A 2 20.56 18.17 14.42
N PRO A 3 19.37 17.82 14.95
CA PRO A 3 19.04 16.50 15.51
C PRO A 3 18.70 15.41 14.46
N GLU A 4 18.35 14.19 14.95
CA GLU A 4 18.08 12.96 14.21
C GLU A 4 16.75 12.85 13.44
N PHE A 5 15.75 13.66 13.86
CA PHE A 5 14.36 13.74 13.37
C PHE A 5 13.43 12.93 14.29
N ARG A 6 14.00 12.38 15.39
CA ARG A 6 13.38 11.61 16.47
C ARG A 6 12.84 12.52 17.59
N TRP A 7 12.49 13.75 17.15
CA TRP A 7 11.97 14.89 17.85
C TRP A 7 10.44 14.91 17.85
N THR A 8 9.82 15.85 18.60
CA THR A 8 8.36 15.96 18.74
C THR A 8 7.67 16.66 17.57
N LYS A 9 8.47 17.35 16.71
CA LYS A 9 8.06 18.07 15.51
C LYS A 9 7.53 17.22 14.39
N GLU A 10 7.95 15.93 14.31
CA GLU A 10 7.43 14.88 13.41
C GLU A 10 5.90 14.61 13.51
N GLU A 11 5.25 15.12 14.59
CA GLU A 11 3.82 15.24 14.82
C GLU A 11 3.14 16.34 14.00
N GLU A 12 3.88 17.44 13.64
CA GLU A 12 3.41 18.57 12.83
C GLU A 12 3.18 18.20 11.35
N GLU A 13 3.99 17.23 10.85
CA GLU A 13 4.00 16.58 9.57
C GLU A 13 2.73 15.87 9.07
N THR A 14 2.15 15.08 9.97
CA THR A 14 0.99 14.20 9.88
C THR A 14 -0.34 14.94 9.79
N ARG A 15 -0.41 16.17 10.38
CA ARG A 15 -1.55 17.11 10.38
C ARG A 15 -1.93 17.67 8.99
N GLN A 16 -1.00 17.50 8.02
CA GLN A 16 -1.09 17.87 6.61
C GLN A 16 -1.58 16.71 5.74
N MET A 17 -1.69 15.46 6.29
CA MET A 17 -2.08 14.21 5.64
C MET A 17 -3.51 14.16 5.12
N TYR A 18 -4.49 14.50 5.99
CA TYR A 18 -5.93 14.36 5.90
C TYR A 18 -6.70 14.86 4.67
N ASP A 19 -6.07 15.71 3.80
CA ASP A 19 -6.61 16.15 2.50
C ASP A 19 -6.32 15.09 1.41
N MET A 20 -5.25 15.27 0.57
CA MET A 20 -4.82 14.39 -0.54
C MET A 20 -4.47 12.95 -0.24
N VAL A 21 -4.06 12.62 1.00
CA VAL A 21 -3.93 11.21 1.41
C VAL A 21 -5.26 10.51 1.66
N VAL A 22 -6.32 11.20 2.20
CA VAL A 22 -7.59 10.59 2.65
C VAL A 22 -8.36 9.70 1.68
N LYS A 23 -8.41 10.00 0.34
CA LYS A 23 -8.94 9.09 -0.70
C LYS A 23 -8.02 7.90 -1.04
N ILE A 24 -6.69 8.11 -0.95
CA ILE A 24 -5.60 7.16 -1.17
C ILE A 24 -5.47 6.10 -0.08
N ILE A 25 -5.72 6.37 1.23
CA ILE A 25 -5.69 5.34 2.29
C ILE A 25 -6.69 4.19 2.09
N ASP A 26 -7.84 4.49 1.43
CA ASP A 26 -8.89 3.57 0.95
C ASP A 26 -8.41 2.53 -0.08
N VAL A 27 -7.48 2.91 -1.01
CA VAL A 27 -6.76 2.12 -2.02
C VAL A 27 -5.89 1.02 -1.35
N LEU A 28 -5.10 1.41 -0.31
CA LEU A 28 -4.30 0.53 0.55
C LEU A 28 -5.05 -0.38 1.56
N ARG A 29 -5.95 0.15 2.45
CA ARG A 29 -6.81 -0.61 3.40
C ARG A 29 -7.78 -1.63 2.80
N SER A 30 -8.20 -1.40 1.52
CA SER A 30 -9.21 -2.15 0.74
C SER A 30 -8.73 -3.50 0.32
N HIS A 31 -7.50 -3.61 -0.28
CA HIS A 31 -6.89 -4.88 -0.66
C HIS A 31 -6.50 -5.71 0.58
N ASN A 32 -6.11 -5.01 1.68
CA ASN A 32 -5.77 -5.48 3.02
C ASN A 32 -6.78 -6.31 3.82
N GLU A 33 -8.11 -6.14 3.63
CA GLU A 33 -9.18 -6.94 4.23
C GLU A 33 -9.20 -8.39 3.69
N ALA A 34 -9.08 -8.51 2.36
CA ALA A 34 -8.79 -9.72 1.61
C ALA A 34 -7.34 -10.21 1.70
N CYS A 35 -6.35 -9.29 1.94
CA CYS A 35 -4.90 -9.55 2.07
C CYS A 35 -4.52 -10.25 3.35
N GLN A 36 -5.26 -10.03 4.48
CA GLN A 36 -5.22 -10.72 5.78
C GLN A 36 -5.48 -12.23 5.72
N GLU A 37 -5.91 -12.66 4.52
CA GLU A 37 -6.43 -13.97 4.16
C GLU A 37 -5.64 -14.57 3.02
N ASN A 38 -5.37 -13.76 1.99
CA ASN A 38 -4.67 -14.13 0.76
C ASN A 38 -3.38 -13.32 0.78
N LYS A 39 -2.29 -14.04 1.10
CA LYS A 39 -0.90 -13.71 1.51
C LYS A 39 -0.28 -12.41 1.07
N ASP A 40 -0.35 -12.17 -0.22
CA ASP A 40 0.00 -10.94 -0.86
C ASP A 40 -0.93 -11.02 -2.04
N LEU A 41 -2.24 -10.62 -1.96
CA LEU A 41 -3.11 -10.53 -3.16
C LEU A 41 -2.77 -9.34 -4.09
N GLN A 42 -2.01 -8.39 -3.51
CA GLN A 42 -1.27 -7.24 -3.88
C GLN A 42 0.21 -7.58 -4.11
N PRO A 43 0.76 -8.73 -4.68
CA PRO A 43 2.18 -9.17 -4.64
C PRO A 43 3.17 -8.10 -5.15
N TYR A 44 2.69 -7.18 -6.03
CA TYR A 44 3.28 -5.98 -6.57
C TYR A 44 2.13 -5.14 -7.18
N MET A 45 2.24 -3.78 -7.13
CA MET A 45 1.40 -2.76 -7.78
C MET A 45 2.34 -1.58 -8.14
N PRO A 46 2.19 -0.73 -9.21
CA PRO A 46 3.05 0.44 -9.49
C PRO A 46 2.71 1.63 -8.54
N ILE A 47 3.53 2.72 -8.48
CA ILE A 47 3.27 3.95 -7.69
C ILE A 47 1.98 4.66 -8.15
N PRO A 48 1.72 4.86 -9.48
CA PRO A 48 0.44 5.08 -10.12
C PRO A 48 -0.74 4.15 -9.84
N HIS A 49 -0.71 2.91 -9.24
CA HIS A 49 -2.00 2.24 -8.81
C HIS A 49 -2.76 3.12 -7.81
N VAL A 50 -1.99 3.64 -6.85
CA VAL A 50 -2.37 4.66 -5.88
C VAL A 50 -2.39 6.05 -6.54
N ARG A 51 -1.31 6.51 -7.27
CA ARG A 51 -1.30 7.77 -8.06
C ARG A 51 -2.28 7.92 -9.25
N ASP A 52 -2.74 6.89 -10.01
CA ASP A 52 -3.78 7.04 -11.06
C ASP A 52 -5.24 7.12 -10.55
N SER A 53 -5.49 6.75 -9.27
CA SER A 53 -6.78 6.55 -8.60
C SER A 53 -7.42 7.71 -7.89
N LEU A 54 -6.65 8.79 -7.59
CA LEU A 54 -7.03 9.99 -6.82
C LEU A 54 -8.10 10.81 -7.57
N ILE A 55 -8.12 10.64 -8.91
CA ILE A 55 -9.08 11.19 -9.85
C ILE A 55 -9.13 10.10 -10.94
N GLN A 56 -10.30 9.97 -11.60
CA GLN A 56 -10.64 9.13 -12.73
C GLN A 56 -10.48 9.70 -14.17
N PRO A 57 -10.83 10.96 -14.58
CA PRO A 57 -10.92 11.40 -15.99
C PRO A 57 -9.60 11.94 -16.55
N HIS A 58 -9.63 13.11 -17.24
CA HIS A 58 -8.52 13.85 -17.83
C HIS A 58 -7.60 14.53 -16.80
N ASP A 59 -8.13 14.90 -15.60
CA ASP A 59 -7.44 15.53 -14.50
C ASP A 59 -6.76 14.52 -13.60
N ARG A 60 -6.79 13.18 -13.92
CA ARG A 60 -6.19 12.05 -13.21
C ARG A 60 -4.76 12.22 -12.79
N LYS A 61 -3.81 12.71 -13.64
CA LYS A 61 -2.45 13.07 -13.22
C LYS A 61 -2.29 14.31 -12.36
N LYS A 62 -3.22 15.29 -12.40
CA LYS A 62 -3.17 16.53 -11.63
C LYS A 62 -2.97 16.47 -10.11
N MET A 63 -3.44 15.42 -9.41
CA MET A 63 -3.11 15.26 -7.99
C MET A 63 -2.17 14.08 -7.77
N LYS A 64 -1.63 13.44 -8.86
CA LYS A 64 -0.58 12.42 -8.84
C LYS A 64 0.78 13.07 -8.50
N LYS A 65 0.97 14.31 -9.05
CA LYS A 65 2.11 15.21 -8.84
C LYS A 65 2.31 15.71 -7.38
N VAL A 66 1.18 16.09 -6.68
CA VAL A 66 1.08 16.44 -5.25
C VAL A 66 1.23 15.22 -4.35
N TRP A 67 0.81 14.00 -4.83
CA TRP A 67 0.99 12.71 -4.16
C TRP A 67 2.44 12.39 -3.70
N ASP A 68 3.48 12.78 -4.50
CA ASP A 68 4.93 12.74 -4.17
C ASP A 68 5.29 13.47 -2.85
N ARG A 69 4.67 14.67 -2.66
CA ARG A 69 4.68 15.46 -1.43
C ARG A 69 3.73 14.92 -0.34
N ALA A 70 2.45 14.58 -0.67
CA ALA A 70 1.42 14.02 0.22
C ALA A 70 1.78 12.72 0.95
N VAL A 71 2.61 11.86 0.28
CA VAL A 71 3.24 10.62 0.75
C VAL A 71 4.14 10.81 1.96
N ASP A 72 4.83 11.99 2.12
CA ASP A 72 5.67 12.40 3.25
C ASP A 72 4.91 12.39 4.59
N PHE A 73 3.65 12.92 4.57
CA PHE A 73 2.63 12.94 5.61
C PHE A 73 2.03 11.54 5.91
N LEU A 74 1.61 10.71 4.90
CA LEU A 74 1.18 9.29 5.08
C LEU A 74 2.29 8.32 5.56
N ALA A 75 3.46 8.25 4.86
CA ALA A 75 4.59 7.36 5.12
C ALA A 75 5.42 7.58 6.39
N ALA A 76 5.38 8.79 7.03
CA ALA A 76 6.07 9.12 8.27
C ALA A 76 5.33 8.67 9.53
N ASN A 77 4.21 7.91 9.39
CA ASN A 77 3.40 7.37 10.47
C ASN A 77 2.94 5.95 10.09
N GLU A 78 2.53 5.73 8.81
CA GLU A 78 2.00 4.46 8.33
C GLU A 78 3.00 3.71 7.42
N SER A 79 2.55 3.31 6.21
CA SER A 79 3.21 2.54 5.14
C SER A 79 2.42 1.28 4.83
N ARG A 80 2.87 0.11 5.37
CA ARG A 80 2.42 -1.27 5.09
C ARG A 80 2.99 -1.72 3.76
N VAL A 81 2.57 -1.10 2.64
CA VAL A 81 3.05 -1.37 1.28
C VAL A 81 4.44 -0.65 1.12
N ARG A 82 5.54 -1.44 0.85
CA ARG A 82 6.96 -1.13 0.81
C ARG A 82 7.46 -0.76 -0.58
N THR A 83 8.29 0.31 -0.70
CA THR A 83 8.90 0.83 -1.92
C THR A 83 10.20 0.12 -2.24
N GLU A 84 10.25 -0.66 -3.33
CA GLU A 84 11.40 -1.49 -3.64
C GLU A 84 11.73 -1.42 -5.11
N THR A 85 13.05 -1.45 -5.47
CA THR A 85 13.54 -1.47 -6.84
C THR A 85 13.66 -2.94 -7.30
N ARG A 86 12.78 -3.36 -8.24
CA ARG A 86 12.70 -4.72 -8.75
C ARG A 86 12.50 -4.60 -10.24
N ARG A 87 12.82 -5.70 -10.97
CA ARG A 87 12.75 -5.77 -12.42
C ARG A 87 11.40 -6.24 -12.96
N ILE A 88 10.65 -5.37 -13.68
CA ILE A 88 9.32 -5.70 -14.22
C ILE A 88 9.20 -5.13 -15.62
N GLY A 89 8.89 -6.02 -16.62
CA GLY A 89 8.86 -5.69 -18.08
C GLY A 89 10.24 -5.53 -18.67
N GLY A 90 11.25 -6.09 -17.95
CA GLY A 90 12.69 -5.94 -18.23
C GLY A 90 13.32 -4.67 -17.68
N ALA A 91 12.67 -3.93 -16.73
CA ALA A 91 13.18 -2.67 -16.23
C ALA A 91 13.01 -2.56 -14.72
N ASP A 92 13.99 -1.90 -14.02
CA ASP A 92 14.08 -1.65 -12.60
C ASP A 92 13.32 -0.38 -12.21
N PHE A 93 12.16 -0.55 -11.54
CA PHE A 93 11.27 0.52 -11.14
C PHE A 93 11.12 0.44 -9.65
N LEU A 94 10.76 1.59 -8.99
CA LEU A 94 10.43 1.63 -7.58
C LEU A 94 8.94 1.31 -7.57
N VAL A 95 8.60 0.11 -7.09
CA VAL A 95 7.29 -0.51 -7.22
C VAL A 95 6.84 -0.68 -5.79
N TRP A 96 5.52 -0.60 -5.54
CA TRP A 96 5.02 -0.70 -4.15
C TRP A 96 4.44 -2.11 -3.95
N ARG A 97 4.83 -2.87 -2.89
CA ARG A 97 4.28 -4.19 -2.71
C ARG A 97 4.09 -4.49 -1.24
N TRP A 98 3.07 -5.32 -0.88
CA TRP A 98 2.77 -5.76 0.45
C TRP A 98 2.76 -7.26 0.59
N ILE A 99 3.21 -7.67 1.79
CA ILE A 99 3.50 -8.95 2.30
C ILE A 99 2.68 -9.14 3.59
N GLN A 100 1.59 -9.97 3.58
CA GLN A 100 0.76 -10.21 4.75
C GLN A 100 1.30 -11.42 5.56
N PRO A 101 1.64 -11.39 6.88
CA PRO A 101 2.14 -12.58 7.61
C PRO A 101 1.13 -13.70 7.91
N SER A 102 1.50 -14.96 7.56
CA SER A 102 0.81 -16.22 7.80
C SER A 102 -0.46 -16.52 7.00
N ALA A 103 -1.34 -15.50 6.68
CA ALA A 103 -2.57 -15.57 5.87
C ALA A 103 -3.73 -16.36 6.47
N SER A 104 -3.43 -17.62 6.83
CA SER A 104 -4.26 -18.65 7.42
C SER A 104 -4.26 -18.61 8.96
N CYS A 105 -4.02 -17.43 9.58
CA CYS A 105 -4.01 -17.14 11.01
C CYS A 105 -5.39 -16.84 11.59
N ASP A 106 -6.27 -16.15 10.82
CA ASP A 106 -7.65 -15.72 11.11
C ASP A 106 -7.70 -14.47 11.97
N LYS A 107 -7.17 -13.34 11.41
CA LYS A 107 -6.95 -12.07 12.06
C LYS A 107 -8.18 -11.17 12.22
N ILE A 108 -9.10 -11.17 11.20
CA ILE A 108 -10.34 -10.38 11.09
C ILE A 108 -11.34 -10.43 12.27
N LEU A 109 -11.88 -11.63 12.60
CA LEU A 109 -12.79 -11.89 13.70
C LEU A 109 -12.90 -13.41 13.76
N VAL A 110 -12.70 -14.07 14.94
CA VAL A 110 -12.73 -15.53 15.12
C VAL A 110 -14.15 -16.10 15.33
N ILE A 111 -15.13 -15.20 15.36
CA ILE A 111 -16.55 -15.45 15.50
C ILE A 111 -17.20 -14.84 14.24
N PRO A 112 -17.63 -15.61 13.21
CA PRO A 112 -18.28 -15.07 12.01
C PRO A 112 -19.82 -15.01 12.14
N SER A 113 -20.43 -15.41 13.29
CA SER A 113 -21.86 -15.49 13.60
C SER A 113 -22.51 -16.83 13.23
N LYS A 114 -22.32 -17.28 11.97
CA LYS A 114 -22.85 -18.50 11.40
C LYS A 114 -21.96 -18.84 10.22
N VAL A 115 -22.27 -19.94 9.49
CA VAL A 115 -21.54 -20.40 8.31
C VAL A 115 -22.48 -20.29 7.10
N TRP A 116 -22.11 -19.44 6.10
CA TRP A 116 -22.88 -19.13 4.89
C TRP A 116 -22.76 -20.20 3.80
N GLN A 117 -23.19 -21.45 4.13
CA GLN A 117 -23.21 -22.64 3.28
C GLN A 117 -21.85 -23.33 3.10
N GLY A 118 -20.76 -22.56 2.85
CA GLY A 118 -19.41 -23.11 2.75
C GLY A 118 -18.30 -22.08 2.70
N GLN A 119 -18.40 -21.12 1.74
CA GLN A 119 -17.37 -20.13 1.43
C GLN A 119 -17.77 -18.66 1.64
N ALA A 120 -17.52 -17.75 0.66
CA ALA A 120 -17.76 -16.32 0.73
C ALA A 120 -18.89 -15.84 -0.19
N PHE A 121 -18.57 -15.28 -1.38
CA PHE A 121 -19.55 -14.67 -2.29
C PHE A 121 -20.09 -15.57 -3.41
N HIS A 122 -21.36 -15.32 -3.83
CA HIS A 122 -22.08 -15.98 -4.91
C HIS A 122 -22.88 -14.94 -5.69
N LEU A 123 -22.26 -13.78 -6.00
CA LEU A 123 -22.88 -12.65 -6.73
C LEU A 123 -22.41 -12.64 -8.18
N ASP A 124 -21.12 -12.29 -8.42
CA ASP A 124 -20.50 -12.24 -9.75
C ASP A 124 -19.50 -13.37 -9.89
N ARG A 125 -19.93 -14.60 -9.53
CA ARG A 125 -19.12 -15.81 -9.57
C ARG A 125 -19.95 -16.92 -10.16
N ARG A 126 -19.42 -17.56 -11.23
CA ARG A 126 -20.01 -18.67 -11.96
C ARG A 126 -18.86 -19.58 -12.36
N LEU A 127 -19.15 -20.80 -12.90
CA LEU A 127 -18.15 -21.77 -13.35
C LEU A 127 -17.90 -21.67 -14.86
N GLU A 128 -17.53 -20.45 -15.29
CA GLU A 128 -17.19 -20.03 -16.64
C GLU A 128 -16.27 -18.85 -16.37
N ARG A 129 -15.59 -18.30 -17.41
CA ARG A 129 -14.68 -17.17 -17.31
C ARG A 129 -15.37 -15.94 -17.92
N PRO A 130 -15.10 -14.66 -17.54
CA PRO A 130 -15.80 -13.46 -18.04
C PRO A 130 -15.37 -13.04 -19.46
N HIS A 131 -15.73 -13.84 -20.49
CA HIS A 131 -15.45 -13.58 -21.88
C HIS A 131 -16.36 -14.51 -22.66
N ARG A 132 -16.42 -14.35 -24.02
CA ARG A 132 -17.22 -15.13 -24.95
C ARG A 132 -16.46 -16.35 -25.48
N ASP A 133 -16.05 -17.25 -24.56
CA ASP A 133 -15.30 -18.45 -24.86
C ASP A 133 -15.63 -19.47 -23.78
N GLY A 1 20.88 7.83 18.59
CA GLY A 1 22.04 7.49 17.81
C GLY A 1 22.17 8.44 16.65
N SER A 2 21.17 9.32 16.47
CA SER A 2 21.06 10.34 15.45
C SER A 2 19.79 11.11 15.80
N PRO A 3 19.55 12.38 15.40
CA PRO A 3 18.38 13.17 15.80
C PRO A 3 17.11 12.87 14.99
N GLU A 4 15.96 13.41 15.45
CA GLU A 4 14.61 13.25 14.90
C GLU A 4 14.24 14.28 13.83
N PHE A 5 14.70 15.55 14.03
CA PHE A 5 14.50 16.74 13.20
C PHE A 5 13.10 17.37 13.34
N ARG A 6 12.59 17.44 14.60
CA ARG A 6 11.28 17.95 14.97
C ARG A 6 11.33 19.42 15.39
N TRP A 7 11.54 20.23 14.37
CA TRP A 7 11.66 21.67 14.35
C TRP A 7 10.31 22.38 14.13
N THR A 8 10.23 23.44 13.27
CA THR A 8 9.00 24.18 12.98
C THR A 8 8.39 23.73 11.65
N LYS A 9 9.21 23.51 10.58
CA LYS A 9 8.77 23.14 9.22
C LYS A 9 8.24 21.75 8.94
N GLU A 10 8.63 20.67 9.68
CA GLU A 10 8.10 19.30 9.56
C GLU A 10 6.55 19.12 9.69
N GLU A 11 5.90 20.19 10.24
CA GLU A 11 4.50 20.53 10.42
C GLU A 11 3.84 21.06 9.14
N GLU A 12 4.63 21.70 8.23
CA GLU A 12 4.19 22.23 6.93
C GLU A 12 3.89 21.12 5.92
N GLU A 13 4.72 20.04 5.92
CA GLU A 13 4.67 18.83 5.15
C GLU A 13 3.44 17.90 5.25
N THR A 14 3.01 17.66 6.50
CA THR A 14 1.89 16.94 7.09
C THR A 14 0.56 17.69 6.80
N ARG A 15 0.62 19.04 6.65
CA ARG A 15 -0.46 19.98 6.34
C ARG A 15 -0.64 20.11 4.81
N GLN A 16 -1.92 20.13 4.32
CA GLN A 16 -2.36 20.15 2.92
C GLN A 16 -2.84 18.75 2.53
N MET A 17 -2.16 17.73 3.13
CA MET A 17 -2.27 16.27 3.04
C MET A 17 -3.57 15.63 3.54
N TYR A 18 -4.17 16.19 4.65
CA TYR A 18 -5.39 15.85 5.39
C TYR A 18 -6.69 15.71 4.59
N ASP A 19 -6.74 16.24 3.35
CA ASP A 19 -7.82 16.12 2.39
C ASP A 19 -7.43 15.14 1.28
N MET A 20 -6.37 15.44 0.47
CA MET A 20 -5.84 14.70 -0.69
C MET A 20 -5.44 13.23 -0.48
N VAL A 21 -4.95 12.86 0.74
CA VAL A 21 -4.74 11.43 1.12
C VAL A 21 -6.01 10.67 1.44
N VAL A 22 -7.09 11.32 1.99
CA VAL A 22 -8.37 10.70 2.38
C VAL A 22 -9.09 9.87 1.30
N LYS A 23 -9.02 10.24 0.00
CA LYS A 23 -9.41 9.37 -1.13
C LYS A 23 -8.41 8.26 -1.47
N ILE A 24 -7.11 8.42 -1.11
CA ILE A 24 -6.04 7.42 -1.28
C ILE A 24 -6.10 6.31 -0.29
N ILE A 25 -6.41 6.58 1.03
CA ILE A 25 -6.44 5.60 2.15
C ILE A 25 -7.32 4.36 1.89
N ASP A 26 -8.38 4.56 1.05
CA ASP A 26 -9.23 3.55 0.42
C ASP A 26 -8.51 2.54 -0.52
N VAL A 27 -7.40 2.90 -1.26
CA VAL A 27 -6.57 2.03 -2.15
C VAL A 27 -5.79 0.99 -1.35
N LEU A 28 -5.02 1.41 -0.30
CA LEU A 28 -4.25 0.59 0.65
C LEU A 28 -5.17 -0.26 1.56
N ARG A 29 -6.20 0.30 2.28
CA ARG A 29 -7.17 -0.44 3.15
C ARG A 29 -7.94 -1.63 2.52
N SER A 30 -8.17 -1.54 1.20
CA SER A 30 -8.96 -2.42 0.31
C SER A 30 -8.22 -3.70 0.01
N HIS A 31 -6.92 -3.58 -0.45
CA HIS A 31 -5.98 -4.68 -0.55
C HIS A 31 -5.53 -5.13 0.84
N ASN A 32 -5.46 -4.26 1.89
CA ASN A 32 -5.16 -4.64 3.30
C ASN A 32 -6.19 -5.52 4.00
N GLU A 33 -7.54 -5.25 3.88
CA GLU A 33 -8.61 -6.03 4.52
C GLU A 33 -8.74 -7.45 3.97
N ALA A 34 -8.51 -7.56 2.65
CA ALA A 34 -8.31 -8.76 1.86
C ALA A 34 -6.95 -9.46 2.02
N CYS A 35 -5.86 -8.72 2.38
CA CYS A 35 -4.45 -9.18 2.47
C CYS A 35 -4.14 -9.97 3.72
N GLN A 36 -4.85 -9.68 4.84
CA GLN A 36 -4.83 -10.45 6.10
C GLN A 36 -5.30 -11.91 5.97
N GLU A 37 -5.91 -12.21 4.80
CA GLU A 37 -6.47 -13.45 4.31
C GLU A 37 -5.65 -13.98 3.12
N ASN A 38 -5.29 -13.12 2.14
CA ASN A 38 -4.48 -13.43 0.96
C ASN A 38 -3.18 -12.73 1.11
N LYS A 39 -2.13 -13.54 1.31
CA LYS A 39 -0.72 -13.31 1.63
C LYS A 39 -0.10 -12.01 1.14
N ASP A 40 -0.34 -11.77 -0.15
CA ASP A 40 -0.28 -10.57 -0.92
C ASP A 40 -1.26 -10.75 -2.09
N LEU A 41 -2.62 -10.47 -2.04
CA LEU A 41 -3.50 -10.51 -3.25
C LEU A 41 -3.19 -9.54 -4.41
N GLN A 42 -2.43 -8.49 -4.04
CA GLN A 42 -1.77 -7.35 -4.60
C GLN A 42 -0.25 -7.59 -4.80
N PRO A 43 0.32 -8.79 -5.20
CA PRO A 43 1.73 -9.28 -5.04
C PRO A 43 2.83 -8.29 -5.46
N TYR A 44 2.52 -7.34 -6.39
CA TYR A 44 3.28 -6.23 -6.87
C TYR A 44 2.22 -5.29 -7.49
N MET A 45 2.55 -3.98 -7.58
CA MET A 45 1.80 -2.87 -8.18
C MET A 45 2.81 -1.77 -8.58
N PRO A 46 2.64 -0.88 -9.60
CA PRO A 46 3.52 0.28 -9.82
C PRO A 46 3.16 1.39 -8.80
N ILE A 47 3.87 2.55 -8.79
CA ILE A 47 3.57 3.73 -7.95
C ILE A 47 2.19 4.32 -8.35
N PRO A 48 1.87 4.60 -9.63
CA PRO A 48 0.55 4.83 -10.21
C PRO A 48 -0.63 3.86 -9.97
N HIS A 49 -0.58 2.57 -9.48
CA HIS A 49 -1.84 1.80 -9.15
C HIS A 49 -2.70 2.53 -8.11
N VAL A 50 -1.96 2.94 -7.07
CA VAL A 50 -2.28 3.81 -5.96
C VAL A 50 -2.28 5.29 -6.41
N ARG A 51 -1.20 5.79 -7.09
CA ARG A 51 -1.01 7.16 -7.58
C ARG A 51 -1.82 7.59 -8.81
N ASP A 52 -2.37 6.70 -9.68
CA ASP A 52 -3.42 7.06 -10.69
C ASP A 52 -4.85 7.20 -10.11
N SER A 53 -5.11 6.71 -8.86
CA SER A 53 -6.44 6.47 -8.30
C SER A 53 -7.17 7.62 -7.65
N LEU A 54 -6.42 8.70 -7.34
CA LEU A 54 -6.78 9.86 -6.54
C LEU A 54 -7.84 10.76 -7.19
N ILE A 55 -8.06 10.58 -8.52
CA ILE A 55 -9.10 11.19 -9.33
C ILE A 55 -9.37 10.15 -10.42
N GLN A 56 -10.58 10.17 -11.03
CA GLN A 56 -11.05 9.34 -12.14
C GLN A 56 -10.83 9.86 -13.59
N PRO A 57 -11.10 11.13 -14.01
CA PRO A 57 -11.16 11.56 -15.41
C PRO A 57 -9.82 12.05 -15.97
N HIS A 58 -9.86 13.17 -16.75
CA HIS A 58 -8.77 13.96 -17.36
C HIS A 58 -7.80 14.60 -16.35
N ASP A 59 -8.26 14.90 -15.12
CA ASP A 59 -7.52 15.49 -14.02
C ASP A 59 -6.86 14.44 -13.15
N ARG A 60 -6.93 13.12 -13.47
CA ARG A 60 -6.32 11.96 -12.77
C ARG A 60 -4.88 12.13 -12.36
N LYS A 61 -3.93 12.62 -13.19
CA LYS A 61 -2.58 13.00 -12.75
C LYS A 61 -2.43 14.24 -11.87
N LYS A 62 -3.36 15.22 -11.92
CA LYS A 62 -3.34 16.46 -11.13
C LYS A 62 -3.21 16.36 -9.60
N MET A 63 -3.51 15.19 -8.96
CA MET A 63 -3.21 14.96 -7.55
C MET A 63 -2.19 13.86 -7.36
N LYS A 64 -1.61 13.27 -8.47
CA LYS A 64 -0.49 12.30 -8.48
C LYS A 64 0.80 13.02 -8.13
N LYS A 65 0.94 14.28 -8.62
CA LYS A 65 2.08 15.17 -8.33
C LYS A 65 2.24 15.60 -6.83
N VAL A 66 1.11 15.94 -6.12
CA VAL A 66 1.01 16.23 -4.67
C VAL A 66 1.15 14.95 -3.86
N TRP A 67 0.72 13.76 -4.38
CA TRP A 67 0.90 12.45 -3.74
C TRP A 67 2.35 12.11 -3.33
N ASP A 68 3.40 12.54 -4.10
CA ASP A 68 4.84 12.47 -3.79
C ASP A 68 5.24 13.18 -2.47
N ARG A 69 4.63 14.37 -2.21
CA ARG A 69 4.67 15.15 -0.96
C ARG A 69 3.78 14.55 0.15
N ALA A 70 2.53 14.12 -0.17
CA ALA A 70 1.54 13.50 0.72
C ALA A 70 1.93 12.10 1.25
N VAL A 71 2.70 11.32 0.42
CA VAL A 71 3.43 10.06 0.70
C VAL A 71 4.34 10.17 1.90
N ASP A 72 5.09 11.30 2.05
CA ASP A 72 5.99 11.63 3.16
C ASP A 72 5.30 11.66 4.55
N PHE A 73 4.12 12.36 4.70
CA PHE A 73 3.29 12.20 5.91
C PHE A 73 2.52 10.84 5.98
N LEU A 74 1.82 10.33 4.91
CA LEU A 74 1.10 9.01 4.99
C LEU A 74 1.98 7.77 5.21
N ALA A 75 3.13 7.59 4.49
CA ALA A 75 4.10 6.52 4.69
C ALA A 75 4.89 6.51 6.03
N ALA A 76 4.84 7.61 6.82
CA ALA A 76 5.37 7.78 8.17
C ALA A 76 4.29 7.56 9.24
N ASN A 77 3.08 7.10 8.82
CA ASN A 77 1.91 6.84 9.64
C ASN A 77 1.38 5.43 9.29
N GLU A 78 1.25 5.11 7.98
CA GLU A 78 0.85 3.79 7.46
C GLU A 78 2.04 3.09 6.82
N SER A 79 3.13 2.94 7.61
CA SER A 79 4.43 2.36 7.29
C SER A 79 4.47 0.83 7.27
N ARG A 80 3.48 0.18 6.61
CA ARG A 80 3.32 -1.26 6.57
C ARG A 80 3.64 -1.83 5.21
N VAL A 81 3.40 -1.11 4.07
CA VAL A 81 3.81 -1.54 2.71
C VAL A 81 5.34 -1.46 2.47
N ARG A 82 5.87 -2.07 1.37
CA ARG A 82 7.29 -1.99 1.05
C ARG A 82 7.56 -1.56 -0.39
N THR A 83 8.65 -0.78 -0.62
CA THR A 83 9.12 -0.27 -1.92
C THR A 83 10.40 -1.01 -2.28
N GLU A 84 10.45 -1.66 -3.46
CA GLU A 84 11.60 -2.45 -3.87
C GLU A 84 12.05 -1.98 -5.24
N THR A 85 13.36 -2.10 -5.58
CA THR A 85 13.86 -1.80 -6.93
C THR A 85 13.94 -3.16 -7.63
N ARG A 86 13.04 -3.41 -8.62
CA ARG A 86 12.84 -4.72 -9.20
C ARG A 86 12.69 -4.52 -10.69
N ARG A 87 13.19 -5.48 -11.52
CA ARG A 87 13.15 -5.48 -12.98
C ARG A 87 11.84 -6.07 -13.54
N ILE A 88 11.06 -5.29 -14.33
CA ILE A 88 9.79 -5.73 -14.93
C ILE A 88 9.79 -5.29 -16.38
N GLY A 89 9.66 -6.26 -17.33
CA GLY A 89 9.68 -6.03 -18.81
C GLY A 89 10.98 -5.51 -19.36
N GLY A 90 12.10 -5.80 -18.63
CA GLY A 90 13.44 -5.28 -18.94
C GLY A 90 13.83 -4.01 -18.22
N ALA A 91 12.98 -3.42 -17.32
CA ALA A 91 13.30 -2.15 -16.71
C ALA A 91 13.09 -2.23 -15.20
N ASP A 92 14.02 -1.64 -14.39
CA ASP A 92 14.02 -1.59 -12.94
C ASP A 92 13.43 -0.28 -12.41
N PHE A 93 12.33 -0.33 -11.62
CA PHE A 93 11.65 0.84 -11.10
C PHE A 93 11.55 0.61 -9.62
N LEU A 94 11.01 1.63 -8.88
CA LEU A 94 10.60 1.42 -7.50
C LEU A 94 9.13 0.97 -7.65
N VAL A 95 8.93 -0.34 -7.36
CA VAL A 95 7.67 -1.06 -7.47
C VAL A 95 7.22 -1.16 -6.05
N TRP A 96 5.90 -0.95 -5.80
CA TRP A 96 5.39 -1.13 -4.42
C TRP A 96 4.71 -2.49 -4.43
N ARG A 97 4.55 -3.09 -3.23
CA ARG A 97 3.84 -4.33 -3.15
C ARG A 97 3.34 -4.38 -1.72
N TRP A 98 2.07 -4.87 -1.49
CA TRP A 98 1.42 -4.94 -0.17
C TRP A 98 1.41 -6.38 0.35
N ILE A 99 2.06 -6.58 1.53
CA ILE A 99 2.29 -7.81 2.26
C ILE A 99 1.61 -7.74 3.62
N GLN A 100 1.13 -8.91 4.11
CA GLN A 100 0.53 -9.06 5.43
C GLN A 100 1.03 -10.36 6.04
N PRO A 101 1.99 -10.42 7.01
CA PRO A 101 2.54 -11.67 7.54
C PRO A 101 1.57 -12.54 8.35
N SER A 102 1.72 -13.88 8.24
CA SER A 102 1.03 -14.92 8.98
C SER A 102 -0.39 -15.31 8.53
N ALA A 103 -0.78 -15.08 7.24
CA ALA A 103 -2.10 -15.38 6.69
C ALA A 103 -2.45 -16.86 6.43
N SER A 104 -2.48 -17.69 7.53
CA SER A 104 -2.85 -19.10 7.64
C SER A 104 -1.70 -20.09 7.62
N CYS A 105 -0.89 -20.07 6.52
CA CYS A 105 0.20 -20.98 6.13
C CYS A 105 1.24 -21.46 7.17
N ASP A 106 2.02 -20.55 7.78
CA ASP A 106 3.08 -20.89 8.75
C ASP A 106 3.19 -19.75 9.73
N LYS A 107 3.61 -20.09 10.99
CA LYS A 107 3.87 -19.24 12.15
C LYS A 107 2.85 -19.46 13.26
N ILE A 108 3.23 -20.22 14.33
CA ILE A 108 2.43 -20.51 15.52
C ILE A 108 2.52 -19.35 16.51
N LEU A 109 1.60 -18.36 16.36
CA LEU A 109 1.52 -17.18 17.19
C LEU A 109 0.87 -17.41 18.55
N VAL A 110 1.72 -17.81 19.54
CA VAL A 110 1.45 -17.93 20.97
C VAL A 110 2.23 -16.80 21.66
N ILE A 111 2.83 -15.92 20.82
CA ILE A 111 3.62 -14.75 21.12
C ILE A 111 2.79 -13.55 20.67
N PRO A 112 2.38 -12.55 21.48
CA PRO A 112 1.56 -11.41 21.04
C PRO A 112 2.37 -10.28 20.37
N SER A 113 1.70 -9.35 19.65
CA SER A 113 2.33 -8.18 19.03
C SER A 113 1.35 -7.01 19.02
N LYS A 114 0.53 -6.89 17.96
CA LYS A 114 -0.47 -5.85 17.78
C LYS A 114 -1.82 -6.50 17.53
N VAL A 115 -2.84 -6.17 18.36
CA VAL A 115 -4.20 -6.72 18.32
C VAL A 115 -5.20 -5.87 17.53
N TRP A 116 -5.01 -4.52 17.48
CA TRP A 116 -5.84 -3.52 16.79
C TRP A 116 -7.27 -3.36 17.34
N GLN A 117 -7.42 -3.49 18.69
CA GLN A 117 -8.66 -3.57 19.49
C GLN A 117 -9.17 -5.01 19.49
N GLY A 118 -9.36 -5.53 18.25
CA GLY A 118 -9.69 -6.89 17.91
C GLY A 118 -9.69 -6.93 16.41
N GLN A 119 -9.58 -8.13 15.81
CA GLN A 119 -9.55 -8.43 14.36
C GLN A 119 -10.96 -8.62 13.78
N ALA A 120 -11.87 -7.66 14.12
CA ALA A 120 -13.31 -7.68 13.85
C ALA A 120 -14.03 -8.64 14.82
N PHE A 121 -13.66 -8.50 16.13
CA PHE A 121 -14.08 -9.30 17.29
C PHE A 121 -13.41 -10.67 17.29
N HIS A 122 -14.17 -11.73 16.88
CA HIS A 122 -13.70 -13.11 16.73
C HIS A 122 -13.34 -13.45 15.28
N LEU A 123 -13.80 -12.59 14.32
CA LEU A 123 -13.74 -12.71 12.86
C LEU A 123 -14.86 -13.60 12.33
N ASP A 124 -15.72 -13.08 11.42
CA ASP A 124 -16.88 -13.79 10.90
C ASP A 124 -16.63 -14.40 9.51
N ARG A 125 -17.04 -15.67 9.33
CA ARG A 125 -16.93 -16.44 8.09
C ARG A 125 -18.13 -17.38 8.09
N ARG A 126 -18.60 -17.85 6.91
CA ARG A 126 -19.75 -18.73 6.75
C ARG A 126 -19.38 -20.20 6.58
N LEU A 127 -18.08 -20.50 6.30
CA LEU A 127 -17.46 -21.80 6.06
C LEU A 127 -17.91 -22.58 4.81
N GLU A 128 -19.24 -22.79 4.65
CA GLU A 128 -19.94 -23.55 3.60
C GLU A 128 -19.95 -25.05 3.90
N ARG A 129 -18.74 -25.63 4.13
CA ARG A 129 -18.44 -27.01 4.48
C ARG A 129 -18.27 -27.08 6.01
N PRO A 130 -19.04 -27.85 6.81
CA PRO A 130 -19.09 -27.74 8.28
C PRO A 130 -17.83 -28.20 9.03
N HIS A 131 -17.13 -27.20 9.62
CA HIS A 131 -15.95 -27.28 10.45
C HIS A 131 -16.29 -26.41 11.63
N ARG A 132 -17.41 -26.74 12.31
CA ARG A 132 -18.05 -25.98 13.39
C ARG A 132 -17.39 -26.13 14.76
N ASP A 133 -16.12 -25.63 14.87
CA ASP A 133 -15.24 -25.62 16.04
C ASP A 133 -14.63 -26.99 16.34
N GLY A 1 24.04 17.80 9.69
CA GLY A 1 24.69 17.60 10.97
C GLY A 1 23.64 17.36 12.00
N SER A 2 22.37 17.56 11.59
CA SER A 2 21.13 17.37 12.36
C SER A 2 19.97 17.73 11.44
N PRO A 3 19.48 16.87 10.50
CA PRO A 3 18.38 17.19 9.59
C PRO A 3 16.97 17.04 10.22
N GLU A 4 15.92 17.28 9.39
CA GLU A 4 14.47 17.16 9.68
C GLU A 4 13.84 18.37 10.39
N PHE A 5 12.49 18.46 10.33
CA PHE A 5 11.69 19.50 10.96
C PHE A 5 10.55 18.84 11.69
N ARG A 6 10.86 18.01 12.73
CA ARG A 6 9.88 17.30 13.56
C ARG A 6 9.37 18.17 14.73
N TRP A 7 9.00 19.40 14.34
CA TRP A 7 8.57 20.53 15.13
C TRP A 7 7.06 20.80 14.98
N THR A 8 6.48 21.64 15.87
CA THR A 8 5.06 22.03 15.98
C THR A 8 4.47 22.81 14.81
N LYS A 9 5.34 23.42 13.99
CA LYS A 9 5.12 24.19 12.77
C LYS A 9 4.67 23.34 11.60
N GLU A 10 5.06 22.02 11.63
CA GLU A 10 4.73 20.94 10.69
C GLU A 10 3.22 20.71 10.46
N GLU A 11 2.36 21.30 11.33
CA GLU A 11 0.92 21.46 11.23
C GLU A 11 0.48 22.31 10.03
N GLU A 12 1.32 23.30 9.59
CA GLU A 12 1.11 24.13 8.37
C GLU A 12 1.33 23.32 7.09
N GLU A 13 2.33 22.40 7.13
CA GLU A 13 2.64 21.38 6.13
C GLU A 13 1.65 20.20 6.04
N THR A 14 1.24 19.59 7.18
CA THR A 14 0.34 18.44 7.33
C THR A 14 -1.16 18.68 7.18
N ARG A 15 -1.77 19.65 7.92
CA ARG A 15 -3.23 19.88 8.04
C ARG A 15 -3.97 20.43 6.82
N GLN A 16 -3.95 19.62 5.75
CA GLN A 16 -4.58 19.84 4.46
C GLN A 16 -4.56 18.50 3.73
N MET A 17 -3.39 17.83 3.78
CA MET A 17 -2.96 16.56 3.19
C MET A 17 -3.73 15.32 3.56
N TYR A 18 -4.24 15.19 4.81
CA TYR A 18 -5.14 14.09 5.23
C TYR A 18 -6.49 14.04 4.52
N ASP A 19 -6.95 15.15 3.87
CA ASP A 19 -8.13 15.20 2.99
C ASP A 19 -7.89 14.51 1.64
N MET A 20 -6.76 14.85 0.92
CA MET A 20 -6.34 14.23 -0.36
C MET A 20 -5.81 12.82 -0.20
N VAL A 21 -5.19 12.56 0.98
CA VAL A 21 -4.67 11.25 1.39
C VAL A 21 -5.75 10.25 1.80
N VAL A 22 -6.92 10.71 2.39
CA VAL A 22 -8.07 9.88 2.83
C VAL A 22 -8.64 8.91 1.79
N LYS A 23 -8.62 9.27 0.46
CA LYS A 23 -8.91 8.32 -0.63
C LYS A 23 -7.78 7.29 -0.92
N ILE A 24 -6.50 7.69 -0.73
CA ILE A 24 -5.29 6.88 -0.88
C ILE A 24 -5.05 5.91 0.28
N ILE A 25 -5.25 6.35 1.57
CA ILE A 25 -5.22 5.49 2.78
C ILE A 25 -6.34 4.46 2.79
N ASP A 26 -7.50 4.83 2.15
CA ASP A 26 -8.60 3.92 1.81
C ASP A 26 -8.23 2.94 0.68
N VAL A 27 -7.59 3.39 -0.45
CA VAL A 27 -7.03 2.59 -1.56
C VAL A 27 -5.95 1.59 -1.07
N LEU A 28 -4.93 2.15 -0.35
CA LEU A 28 -3.70 1.54 0.17
C LEU A 28 -3.85 0.58 1.30
N ARG A 29 -4.59 0.88 2.40
CA ARG A 29 -4.88 -0.03 3.51
C ARG A 29 -5.81 -1.23 3.19
N SER A 30 -6.72 -1.11 2.20
CA SER A 30 -7.79 -2.03 1.79
C SER A 30 -7.29 -3.25 1.03
N HIS A 31 -6.45 -3.09 -0.06
CA HIS A 31 -5.85 -4.20 -0.82
C HIS A 31 -4.89 -5.04 0.04
N ASN A 32 -4.26 -4.33 0.98
CA ASN A 32 -3.38 -4.73 2.05
C ASN A 32 -4.15 -5.48 3.18
N GLU A 33 -5.41 -5.08 3.54
CA GLU A 33 -6.32 -5.76 4.49
C GLU A 33 -6.85 -7.06 3.90
N ALA A 34 -7.19 -7.04 2.59
CA ALA A 34 -7.63 -8.18 1.79
C ALA A 34 -6.54 -9.22 1.60
N CYS A 35 -5.26 -8.76 1.66
CA CYS A 35 -4.01 -9.50 1.60
C CYS A 35 -3.82 -10.58 2.68
N GLN A 36 -4.30 -10.41 3.96
CA GLN A 36 -4.18 -11.43 5.04
C GLN A 36 -5.14 -12.62 4.89
N GLU A 37 -6.12 -12.44 3.99
CA GLU A 37 -7.14 -13.43 3.59
C GLU A 37 -6.71 -14.18 2.32
N ASN A 38 -5.79 -13.55 1.58
CA ASN A 38 -5.24 -13.83 0.27
C ASN A 38 -3.78 -14.12 0.53
N LYS A 39 -2.97 -14.36 -0.54
CA LYS A 39 -1.52 -14.48 -0.40
C LYS A 39 -0.92 -13.08 -0.56
N ASP A 40 -0.91 -12.50 -1.76
CA ASP A 40 -0.68 -11.09 -1.97
C ASP A 40 -1.49 -10.88 -3.26
N LEU A 41 -2.82 -10.57 -3.22
CA LEU A 41 -3.76 -10.43 -4.34
C LEU A 41 -3.41 -9.45 -5.48
N GLN A 42 -2.57 -8.47 -5.10
CA GLN A 42 -1.94 -7.35 -5.76
C GLN A 42 -0.52 -7.62 -6.25
N PRO A 43 0.10 -8.74 -6.78
CA PRO A 43 1.49 -9.21 -6.50
C PRO A 43 2.63 -8.20 -6.39
N TYR A 44 2.61 -7.11 -7.20
CA TYR A 44 3.35 -5.89 -7.03
C TYR A 44 2.52 -4.93 -7.91
N MET A 45 2.26 -3.70 -7.44
CA MET A 45 1.55 -2.60 -8.09
C MET A 45 2.56 -1.50 -8.52
N PRO A 46 2.42 -0.58 -9.51
CA PRO A 46 3.36 0.55 -9.70
C PRO A 46 3.16 1.67 -8.63
N ILE A 47 4.05 2.71 -8.57
CA ILE A 47 3.95 3.90 -7.67
C ILE A 47 2.64 4.70 -7.98
N PRO A 48 2.32 5.04 -9.24
CA PRO A 48 1.01 5.33 -9.76
C PRO A 48 -0.18 4.37 -9.49
N HIS A 49 -0.19 3.05 -9.03
CA HIS A 49 -1.49 2.31 -8.80
C HIS A 49 -2.45 3.04 -7.85
N VAL A 50 -1.87 3.45 -6.70
CA VAL A 50 -2.53 4.24 -5.68
C VAL A 50 -2.63 5.71 -6.09
N ARG A 51 -1.54 6.26 -6.72
CA ARG A 51 -1.31 7.59 -7.25
C ARG A 51 -2.00 7.95 -8.61
N ASP A 52 -2.41 7.04 -9.52
CA ASP A 52 -3.36 7.26 -10.65
C ASP A 52 -4.84 7.30 -10.26
N SER A 53 -5.18 6.83 -9.01
CA SER A 53 -6.51 6.54 -8.45
C SER A 53 -7.21 7.65 -7.71
N LEU A 54 -6.47 8.73 -7.32
CA LEU A 54 -6.82 9.86 -6.46
C LEU A 54 -7.89 10.74 -7.13
N ILE A 55 -7.95 10.57 -8.46
CA ILE A 55 -8.91 11.03 -9.47
C ILE A 55 -8.70 9.97 -10.57
N GLN A 56 -9.74 9.39 -11.19
CA GLN A 56 -9.60 8.33 -12.19
C GLN A 56 -9.40 8.67 -13.70
N PRO A 57 -9.99 9.68 -14.38
CA PRO A 57 -9.91 9.85 -15.85
C PRO A 57 -8.66 10.62 -16.30
N HIS A 58 -8.82 11.73 -17.09
CA HIS A 58 -7.81 12.64 -17.64
C HIS A 58 -7.18 13.64 -16.67
N ASP A 59 -7.93 14.04 -15.61
CA ASP A 59 -7.61 14.94 -14.50
C ASP A 59 -6.93 14.20 -13.38
N ARG A 60 -6.60 12.89 -13.61
CA ARG A 60 -5.92 11.94 -12.72
C ARG A 60 -4.63 12.45 -12.12
N LYS A 61 -3.65 12.80 -12.97
CA LYS A 61 -2.32 13.29 -12.63
C LYS A 61 -2.23 14.56 -11.82
N LYS A 62 -3.27 15.42 -11.92
CA LYS A 62 -3.47 16.64 -11.15
C LYS A 62 -3.36 16.53 -9.60
N MET A 63 -3.65 15.33 -9.01
CA MET A 63 -3.39 15.03 -7.61
C MET A 63 -2.27 13.99 -7.40
N LYS A 64 -1.64 13.39 -8.46
CA LYS A 64 -0.44 12.50 -8.47
C LYS A 64 0.82 13.33 -8.18
N LYS A 65 0.84 14.59 -8.73
CA LYS A 65 1.86 15.62 -8.46
C LYS A 65 1.79 16.17 -7.02
N VAL A 66 0.56 16.14 -6.44
CA VAL A 66 0.19 16.47 -5.05
C VAL A 66 0.61 15.36 -4.09
N TRP A 67 0.61 14.07 -4.53
CA TRP A 67 1.02 12.85 -3.82
C TRP A 67 2.43 12.93 -3.20
N ASP A 68 3.37 13.54 -3.95
CA ASP A 68 4.77 13.90 -3.62
C ASP A 68 4.90 14.75 -2.35
N ARG A 69 3.95 15.72 -2.19
CA ARG A 69 3.64 16.52 -1.02
C ARG A 69 2.80 15.73 0.02
N ALA A 70 1.63 15.11 -0.36
CA ALA A 70 0.73 14.28 0.48
C ALA A 70 1.35 13.12 1.28
N VAL A 71 2.42 12.50 0.68
CA VAL A 71 3.39 11.53 1.23
C VAL A 71 4.11 12.01 2.49
N ASP A 72 4.40 13.36 2.61
CA ASP A 72 5.03 14.05 3.75
C ASP A 72 4.24 13.91 5.05
N PHE A 73 2.87 14.08 5.05
CA PHE A 73 1.99 13.69 6.17
C PHE A 73 1.76 12.15 6.31
N LEU A 74 1.47 11.37 5.21
CA LEU A 74 1.24 9.89 5.20
C LEU A 74 2.37 9.05 5.83
N ALA A 75 3.68 9.35 5.53
CA ALA A 75 4.85 8.74 6.14
C ALA A 75 5.08 8.94 7.66
N ALA A 76 4.33 9.87 8.34
CA ALA A 76 4.46 10.16 9.77
C ALA A 76 3.62 9.27 10.71
N ASN A 77 2.49 8.68 10.25
CA ASN A 77 1.59 7.91 11.12
C ASN A 77 1.09 6.64 10.42
N GLU A 78 1.96 6.01 9.60
CA GLU A 78 1.60 4.81 8.85
C GLU A 78 2.87 4.05 8.49
N SER A 79 2.73 2.74 8.21
CA SER A 79 3.81 1.86 7.76
C SER A 79 3.16 0.63 7.19
N ARG A 80 2.57 0.77 5.97
CA ARG A 80 1.93 -0.31 5.21
C ARG A 80 2.79 -0.62 4.01
N VAL A 81 2.35 -0.54 2.70
CA VAL A 81 3.13 -1.16 1.59
C VAL A 81 4.52 -0.63 1.22
N ARG A 82 5.39 -1.59 0.82
CA ARG A 82 6.83 -1.47 0.69
C ARG A 82 7.28 -1.32 -0.75
N THR A 83 8.44 -0.67 -0.94
CA THR A 83 9.07 -0.36 -2.23
C THR A 83 10.21 -1.32 -2.50
N GLU A 84 10.17 -2.02 -3.65
CA GLU A 84 11.15 -3.03 -3.98
C GLU A 84 11.48 -2.86 -5.45
N THR A 85 12.72 -3.27 -5.85
CA THR A 85 13.27 -3.28 -7.20
C THR A 85 12.90 -4.61 -7.85
N ARG A 86 12.01 -4.61 -8.88
CA ARG A 86 11.57 -5.83 -9.54
C ARG A 86 11.69 -5.64 -11.04
N ARG A 87 12.05 -6.72 -11.80
CA ARG A 87 12.24 -6.71 -13.25
C ARG A 87 10.95 -7.02 -14.02
N ILE A 88 10.46 -6.07 -14.85
CA ILE A 88 9.23 -6.23 -15.65
C ILE A 88 9.52 -5.73 -17.04
N GLY A 89 9.35 -6.60 -18.08
CA GLY A 89 9.66 -6.32 -19.53
C GLY A 89 11.13 -6.12 -19.81
N GLY A 90 11.99 -6.66 -18.92
CA GLY A 90 13.45 -6.46 -18.91
C GLY A 90 13.92 -5.21 -18.15
N ALA A 91 13.05 -4.50 -17.39
CA ALA A 91 13.41 -3.27 -16.72
C ALA A 91 13.07 -3.32 -15.22
N ASP A 92 13.98 -2.80 -14.36
CA ASP A 92 13.95 -2.74 -12.89
C ASP A 92 13.38 -1.40 -12.42
N PHE A 93 12.15 -1.40 -11.85
CA PHE A 93 11.50 -0.19 -11.36
C PHE A 93 11.26 -0.40 -9.89
N LEU A 94 10.87 0.70 -9.18
CA LEU A 94 10.53 0.66 -7.77
C LEU A 94 9.01 0.48 -7.74
N VAL A 95 8.55 -0.70 -7.31
CA VAL A 95 7.15 -1.08 -7.34
C VAL A 95 6.68 -1.27 -5.91
N TRP A 96 5.37 -1.09 -5.66
CA TRP A 96 4.84 -1.24 -4.27
C TRP A 96 4.16 -2.61 -4.09
N ARG A 97 4.44 -3.41 -3.01
CA ARG A 97 3.72 -4.65 -2.77
C ARG A 97 3.58 -4.97 -1.30
N TRP A 98 2.73 -5.99 -0.97
CA TRP A 98 2.37 -6.36 0.39
C TRP A 98 2.63 -7.76 0.96
N ILE A 99 2.97 -7.75 2.28
CA ILE A 99 3.41 -8.78 3.18
C ILE A 99 2.34 -8.83 4.27
N GLN A 100 1.67 -9.96 4.45
CA GLN A 100 0.45 -10.09 5.24
C GLN A 100 0.75 -10.68 6.62
N PRO A 101 0.47 -10.01 7.78
CA PRO A 101 0.69 -10.54 9.14
C PRO A 101 -0.12 -11.79 9.45
N SER A 102 0.39 -12.69 10.32
CA SER A 102 -0.30 -13.91 10.77
C SER A 102 -0.20 -15.10 9.82
N ALA A 103 -0.48 -14.88 8.49
CA ALA A 103 -0.40 -15.80 7.36
C ALA A 103 1.05 -16.17 7.00
N SER A 104 1.90 -15.19 6.58
CA SER A 104 3.34 -15.40 6.30
C SER A 104 4.20 -15.25 7.55
N CYS A 105 3.57 -15.11 8.75
CA CYS A 105 4.20 -15.04 10.06
C CYS A 105 3.82 -16.28 10.86
N ASP A 106 3.50 -17.40 10.15
CA ASP A 106 3.17 -18.71 10.70
C ASP A 106 4.30 -19.63 10.27
N LYS A 107 5.00 -20.27 11.25
CA LYS A 107 6.10 -21.21 11.08
C LYS A 107 7.47 -20.55 10.81
N ILE A 108 7.55 -19.19 10.83
CA ILE A 108 8.76 -18.41 10.63
C ILE A 108 9.45 -18.13 11.97
N LEU A 109 10.75 -17.72 11.93
CA LEU A 109 11.57 -17.43 13.10
C LEU A 109 11.40 -16.01 13.62
N VAL A 110 11.56 -15.02 12.69
CA VAL A 110 11.60 -13.57 12.88
C VAL A 110 13.00 -13.19 13.35
N ILE A 111 13.32 -13.47 14.63
CA ILE A 111 14.61 -13.31 15.26
C ILE A 111 14.53 -14.07 16.59
N PRO A 112 15.49 -14.89 17.08
CA PRO A 112 15.35 -15.67 18.31
C PRO A 112 15.68 -14.87 19.60
N SER A 113 16.10 -13.58 19.50
CA SER A 113 16.44 -12.67 20.59
C SER A 113 15.22 -11.93 21.11
N LYS A 114 14.24 -12.68 21.68
CA LYS A 114 13.00 -12.18 22.25
C LYS A 114 13.07 -12.41 23.75
N VAL A 115 13.47 -11.36 24.51
CA VAL A 115 13.67 -11.37 25.96
C VAL A 115 12.39 -11.38 26.83
N TRP A 116 11.83 -12.60 27.03
CA TRP A 116 10.65 -12.89 27.86
C TRP A 116 11.01 -13.23 29.31
N GLN A 117 12.34 -13.38 29.57
CA GLN A 117 13.00 -13.84 30.80
C GLN A 117 12.68 -13.13 32.12
N GLY A 118 12.27 -13.92 33.14
CA GLY A 118 11.95 -13.45 34.49
C GLY A 118 10.60 -13.96 34.95
N GLN A 119 9.60 -13.99 34.04
CA GLN A 119 8.23 -14.40 34.32
C GLN A 119 7.77 -15.58 33.46
N ALA A 120 7.52 -16.75 34.10
CA ALA A 120 6.99 -17.97 33.49
C ALA A 120 5.53 -18.20 33.86
N PHE A 121 4.67 -17.21 33.47
CA PHE A 121 3.21 -17.15 33.58
C PHE A 121 2.56 -17.38 34.95
N HIS A 122 2.01 -18.59 35.22
CA HIS A 122 1.37 -18.94 36.49
C HIS A 122 1.54 -20.41 36.82
N LEU A 123 2.73 -21.00 36.54
CA LEU A 123 3.05 -22.41 36.82
C LEU A 123 4.16 -22.49 37.85
N ASP A 124 5.44 -22.61 37.40
CA ASP A 124 6.64 -22.66 38.24
C ASP A 124 7.47 -21.42 37.93
N ARG A 125 7.80 -20.63 38.97
CA ARG A 125 8.54 -19.38 38.91
C ARG A 125 9.36 -19.39 40.19
N ARG A 126 10.36 -18.46 40.32
CA ARG A 126 11.19 -18.26 41.51
C ARG A 126 12.17 -19.37 41.85
N LEU A 127 11.84 -20.28 42.81
CA LEU A 127 12.71 -21.39 43.22
C LEU A 127 11.82 -22.57 43.57
N GLU A 128 11.38 -23.34 42.52
CA GLU A 128 10.50 -24.52 42.53
C GLU A 128 9.04 -24.25 42.88
N ARG A 129 8.83 -23.58 44.04
CA ARG A 129 7.57 -23.11 44.60
C ARG A 129 7.44 -21.63 44.23
N PRO A 130 6.31 -21.10 43.71
CA PRO A 130 6.11 -19.67 43.42
C PRO A 130 5.83 -18.91 44.72
N HIS A 131 4.57 -18.87 45.19
CA HIS A 131 4.09 -18.30 46.44
C HIS A 131 2.93 -19.24 46.77
N ARG A 132 2.54 -19.36 48.06
CA ARG A 132 1.48 -20.24 48.53
C ARG A 132 1.07 -19.69 49.89
N ASP A 133 -0.15 -19.99 50.39
CA ASP A 133 -0.64 -19.52 51.67
C ASP A 133 -1.73 -20.49 52.11
#